data_6UM6
#
_entry.id   6UM6
#
loop_
_entity.id
_entity.type
_entity.pdbx_description
1 polymer 'CH848 10.17DT gp120'
2 polymer 'CH848 10.17DT gp41'
3 polymer 'DH270.6 Heavy chain'
4 polymer 'DH270.6 Light chain'
5 branched alpha-D-mannopyranose-(1-6)-beta-D-mannopyranose-(1-4)-2-acetamido-2-deoxy-beta-D-glucopyranose-(1-4)-2-acetamido-2-deoxy-beta-D-glucopyranose
6 branched 2-acetamido-2-deoxy-beta-D-glucopyranose-(1-6)-2-acetamido-2-deoxy-beta-D-glucopyranose
7 branched beta-D-mannopyranose-(1-4)-2-acetamido-2-deoxy-beta-D-glucopyranose-(1-4)-2-acetamido-2-deoxy-beta-D-glucopyranose
8 branched 2-acetamido-2-deoxy-beta-D-glucopyranose-(1-4)-2-acetamido-2-deoxy-beta-D-glucopyranose
9 branched alpha-D-mannopyranose-(1-3)-beta-D-mannopyranose-(1-4)-2-acetamido-2-deoxy-beta-D-glucopyranose-(1-4)-2-acetamido-2-deoxy-beta-D-glucopyranose
10 non-polymer 2-acetamido-2-deoxy-beta-D-glucopyranose
#
loop_
_entity_poly.entity_id
_entity_poly.type
_entity_poly.pdbx_seq_one_letter_code
_entity_poly.pdbx_strand_id
1 'polypeptide(L)'
;AENLWVTVYYGVPVWKEAKTTLFCASDARAYEKEVHNVWATHACVPTDPSPQELVLGNVTENFNMWKNDMVDQMHEDIIS
LWDQSLKPCVKLTPLCVTLICSDATVKTGTVEEMKNCSFNTTTEIRDKEKKEYALFYKPDIVPLSETNNTSEYRLINCNT
SACTQACPKVTFEPIPIHYCAPAGYAILKCNDETFNGTGPCSNVSTVQCTHGIRPVVSTQLLLNGSLAEKEIVIRSENLT
NNAKIIIVHLHTPVEIVCTRPNNNTRKSVRIGPGQTFYATGDIIGDIKQAHCNISEEKWNDTLQKVGIELQKHFPNKTIK
YNQSAGGDMEITTHSFNCGGEFFYCNTSNLFNGTYNGTYISTNSSANSTSTITLQCRIKQIINMWQGVGRCMYAPPIAGN
ITCRSNITGLLLTRDGGTNSNETETFRPAGGDMRDNWRSELYKYKVVKIEPLGVAPTRCKRRV
;
A,E,I
2 'polypeptide(L)'
;VGRRRRRRAVGIGAVFLGFLGAAGSTMGAASMTLTVQARNLLSGIVQQQSNLLRAPEAQQHLLKLTVWGIKQLQARVLAV
ERYLRDQQLLGIWGCSGKLICCTNVPWNSSWSNRNLSEIWDNMTWLQWDKEISNYTQIIYGLLEESQNQQEKNEQDLLAL
D
;
B,F,J
3 'polypeptide(L)'
;QVQLVQSGAQMKNPGASVKVSCAPSGYTFTDFYIHWLRQAPGQGLQWMGWMNPQTGRTNTARNFQGRVTMTRDTSIGTAY
MELRSLTSDDTAIYYCTTGGWISLYYDSSYYPNFDHWGQGTLLTVSGASTKGPSVFPLAPSSKSTSGGTAALGCLVKDYF
PEPVTVSWNSGALTSGVHTFPAVLQSSGLYSLSSVVTVPSSSLGTQTYICNVNHKPSNTKVDKRVEPKSCDKHHHHHH
;
C,G,K
4 'polypeptide(L)'
;QSALTQPASVSGSPGQSITISCTGTKYDVGSHDLVSWYQQYPGKVPKYMIYEVNKRPSGVSNRFSGSKSGNTASLTISGL
RAEDEADYYCCSFGGSATVVCGGGTKVTVLGQPKGAPSVTLFPPSSEELQANKATLVCLISDFYPGAVTVAWKADSSPVK
AGVETTTPSKQSNNKYAASSYLSLTPEQWKSHRSYSCQVTHEGSTVEKTVAPTECS
;
D,H,L
#
loop_
_chem_comp.id
_chem_comp.type
_chem_comp.name
_chem_comp.formula
BMA D-saccharide, beta linking beta-D-mannopyranose 'C6 H12 O6'
MAN D-saccharide, alpha linking alpha-D-mannopyranose 'C6 H12 O6'
NAG D-saccharide, beta linking 2-acetamido-2-deoxy-beta-D-glucopyranose 'C8 H15 N O6'
#
# COMPACT_ATOMS: atom_id res chain seq x y z
CA GLU A 2 12.70 -68.31 -10.12
C GLU A 2 11.68 -67.33 -9.58
N ASN A 3 11.62 -67.28 -8.26
CA ASN A 3 10.76 -66.35 -7.55
C ASN A 3 11.22 -64.92 -7.75
N LEU A 4 10.28 -64.03 -8.04
CA LEU A 4 10.65 -62.65 -8.26
C LEU A 4 10.48 -61.83 -7.02
N TRP A 5 11.46 -60.95 -6.86
CA TRP A 5 11.64 -60.04 -5.75
C TRP A 5 11.65 -58.61 -6.28
N VAL A 6 11.05 -57.69 -5.52
CA VAL A 6 10.94 -56.28 -5.95
C VAL A 6 12.02 -55.38 -5.40
N THR A 7 12.46 -54.49 -6.28
CA THR A 7 13.43 -53.50 -5.96
C THR A 7 12.85 -52.14 -6.29
N VAL A 8 13.37 -51.13 -5.62
CA VAL A 8 12.92 -49.76 -5.88
C VAL A 8 14.01 -48.98 -6.54
N TYR A 9 13.64 -48.22 -7.55
CA TYR A 9 14.58 -47.38 -8.28
C TYR A 9 14.38 -45.89 -8.14
N TYR A 10 15.25 -45.26 -7.38
CA TYR A 10 15.12 -43.85 -7.15
C TYR A 10 15.72 -43.03 -8.27
N GLY A 11 15.00 -42.01 -8.71
CA GLY A 11 15.54 -41.15 -9.75
C GLY A 11 15.31 -41.61 -11.20
N VAL A 12 14.27 -42.36 -11.46
CA VAL A 12 13.98 -42.78 -12.83
C VAL A 12 13.51 -41.59 -13.68
N PRO A 13 13.92 -41.49 -14.95
CA PRO A 13 13.65 -40.41 -15.90
C PRO A 13 12.29 -40.41 -16.54
N VAL A 14 11.25 -40.19 -15.76
CA VAL A 14 9.90 -40.14 -16.32
C VAL A 14 9.21 -38.86 -15.95
N TRP A 15 8.12 -38.54 -16.61
CA TRP A 15 7.46 -37.29 -16.30
C TRP A 15 5.97 -37.31 -16.44
N LYS A 16 5.38 -36.29 -15.87
CA LYS A 16 3.96 -36.02 -15.89
C LYS A 16 3.71 -34.54 -16.15
N GLU A 17 2.55 -34.21 -16.65
CA GLU A 17 2.20 -32.83 -16.95
C GLU A 17 2.26 -31.97 -15.71
N ALA A 18 2.85 -30.77 -15.82
CA ALA A 18 2.94 -29.89 -14.67
C ALA A 18 1.93 -28.78 -14.72
N LYS A 19 1.61 -28.26 -13.55
CA LYS A 19 0.78 -27.08 -13.48
C LYS A 19 1.42 -26.11 -12.50
N THR A 20 2.40 -25.39 -12.99
CA THR A 20 3.31 -24.56 -12.18
C THR A 20 3.50 -23.23 -12.84
N THR A 21 4.43 -22.43 -12.33
CA THR A 21 4.72 -21.13 -12.91
C THR A 21 6.17 -20.97 -13.30
N LEU A 22 6.41 -20.07 -14.24
CA LEU A 22 7.77 -19.75 -14.68
C LEU A 22 8.14 -18.34 -14.24
N PHE A 23 9.42 -18.00 -14.36
CA PHE A 23 9.86 -16.68 -13.94
C PHE A 23 11.07 -16.06 -14.67
N CYS A 24 11.24 -14.73 -14.49
CA CYS A 24 12.38 -13.99 -14.99
C CYS A 24 13.65 -14.45 -14.29
N ALA A 25 14.75 -14.79 -14.98
CA ALA A 25 15.11 -14.89 -16.41
C ALA A 25 15.06 -13.66 -17.31
N SER A 26 15.43 -12.51 -16.80
CA SER A 26 15.50 -11.38 -17.71
C SER A 26 16.83 -11.56 -18.45
N ASP A 27 17.10 -10.77 -19.49
CA ASP A 27 18.27 -11.10 -20.33
C ASP A 27 19.66 -10.67 -19.88
N ALA A 28 19.77 -9.98 -18.76
CA ALA A 28 21.05 -9.50 -18.25
C ALA A 28 21.83 -8.60 -19.23
N ARG A 29 21.14 -7.93 -20.15
CA ARG A 29 21.77 -7.02 -21.09
C ARG A 29 21.03 -5.71 -21.07
N ALA A 30 19.76 -5.78 -20.67
CA ALA A 30 18.91 -4.62 -20.53
C ALA A 30 19.20 -3.89 -19.21
N TYR A 31 20.13 -4.44 -18.44
CA TYR A 31 20.53 -3.93 -17.15
C TYR A 31 21.70 -2.97 -17.21
N GLU A 32 21.43 -1.80 -16.66
CA GLU A 32 22.28 -0.64 -16.56
C GLU A 32 21.72 0.18 -15.41
N LYS A 33 22.37 1.26 -14.99
CA LYS A 33 21.78 2.03 -13.87
C LYS A 33 20.33 2.42 -14.11
N GLU A 34 20.01 2.83 -15.34
CA GLU A 34 18.68 3.28 -15.72
C GLU A 34 17.65 2.19 -15.81
N VAL A 35 18.01 0.96 -15.47
CA VAL A 35 17.06 -0.13 -15.51
C VAL A 35 15.89 0.14 -14.59
N HIS A 36 16.09 0.96 -13.54
CA HIS A 36 15.02 1.27 -12.61
C HIS A 36 13.92 2.10 -13.27
N ASN A 37 14.25 2.66 -14.43
CA ASN A 37 13.33 3.42 -15.24
C ASN A 37 12.83 2.58 -16.41
N VAL A 38 13.08 1.27 -16.40
CA VAL A 38 12.66 0.43 -17.52
C VAL A 38 11.55 -0.51 -17.13
N TRP A 39 10.45 -0.36 -17.83
CA TRP A 39 9.30 -1.15 -17.53
C TRP A 39 9.54 -2.61 -17.77
N ALA A 40 9.12 -3.40 -16.79
CA ALA A 40 9.22 -4.84 -16.75
C ALA A 40 10.65 -5.33 -16.80
N THR A 41 11.61 -4.48 -16.49
CA THR A 41 12.97 -4.97 -16.36
C THR A 41 13.40 -4.73 -14.94
N HIS A 42 13.09 -3.56 -14.38
CA HIS A 42 13.47 -3.28 -13.01
C HIS A 42 13.10 -4.40 -12.06
N ALA A 43 11.86 -4.85 -12.19
CA ALA A 43 11.25 -5.89 -11.39
C ALA A 43 11.89 -7.28 -11.51
N CYS A 44 12.58 -7.54 -12.61
CA CYS A 44 13.09 -8.85 -12.92
C CYS A 44 14.54 -9.14 -12.54
N VAL A 45 14.80 -10.43 -12.36
CA VAL A 45 16.13 -10.94 -12.08
C VAL A 45 16.85 -11.33 -13.36
N PRO A 46 18.07 -10.82 -13.61
CA PRO A 46 18.91 -11.15 -14.75
C PRO A 46 19.49 -12.53 -14.65
N THR A 47 19.50 -13.26 -15.76
CA THR A 47 20.16 -14.56 -15.80
C THR A 47 20.92 -14.73 -17.11
N ASP A 48 21.82 -15.71 -17.16
CA ASP A 48 22.57 -16.05 -18.35
C ASP A 48 22.76 -17.56 -18.70
N PRO A 49 21.70 -18.40 -18.69
CA PRO A 49 21.77 -19.85 -18.92
C PRO A 49 22.09 -20.21 -20.35
N SER A 50 22.73 -21.36 -20.52
CA SER A 50 23.01 -21.92 -21.82
C SER A 50 21.82 -22.73 -22.37
N PRO A 51 21.74 -22.95 -23.70
CA PRO A 51 20.87 -23.88 -24.42
C PRO A 51 21.13 -25.34 -24.03
N GLN A 52 20.11 -26.16 -24.16
CA GLN A 52 20.21 -27.59 -23.86
C GLN A 52 20.49 -28.46 -25.08
N GLU A 53 21.31 -29.46 -24.84
CA GLU A 53 21.75 -30.45 -25.82
C GLU A 53 20.70 -31.46 -26.26
N LEU A 54 19.85 -31.88 -25.34
CA LEU A 54 18.82 -32.85 -25.65
C LEU A 54 17.78 -32.23 -26.55
N VAL A 55 17.23 -32.93 -27.57
CA VAL A 55 17.43 -34.28 -28.05
C VAL A 55 17.09 -35.32 -27.04
N LEU A 56 15.83 -35.72 -27.05
CA LEU A 56 15.39 -36.75 -26.14
C LEU A 56 15.37 -38.12 -26.84
N GLY A 57 16.16 -38.25 -27.89
CA GLY A 57 16.31 -39.54 -28.53
C GLY A 57 15.04 -40.10 -29.15
N ASN A 58 14.63 -41.24 -28.61
CA ASN A 58 13.48 -41.99 -29.10
C ASN A 58 12.17 -41.59 -28.45
N VAL A 59 12.19 -40.57 -27.64
CA VAL A 59 11.00 -40.06 -26.99
C VAL A 59 10.16 -39.17 -27.86
N THR A 60 8.86 -39.42 -27.86
CA THR A 60 7.92 -38.59 -28.57
C THR A 60 6.92 -38.11 -27.53
N GLU A 61 6.20 -37.01 -27.80
CA GLU A 61 5.20 -36.51 -26.84
C GLU A 61 4.10 -35.67 -27.47
N ASN A 62 2.95 -35.64 -26.81
CA ASN A 62 1.78 -34.87 -27.22
C ASN A 62 1.69 -33.44 -26.68
N PHE A 63 1.62 -32.52 -27.62
CA PHE A 63 1.52 -31.10 -27.36
C PHE A 63 0.14 -30.57 -27.75
N ASN A 64 -0.29 -29.47 -27.13
CA ASN A 64 -1.55 -28.82 -27.49
C ASN A 64 -1.58 -27.36 -27.12
N MET A 65 -1.32 -26.52 -28.09
CA MET A 65 -1.23 -25.09 -27.91
C MET A 65 -2.43 -24.46 -27.26
N TRP A 66 -3.63 -24.92 -27.56
CA TRP A 66 -4.77 -24.20 -27.04
C TRP A 66 -5.16 -24.62 -25.65
N LYS A 67 -4.36 -25.49 -25.06
CA LYS A 67 -4.58 -25.92 -23.70
C LYS A 67 -3.42 -25.51 -22.84
N ASN A 68 -2.50 -24.72 -23.37
CA ASN A 68 -1.37 -24.43 -22.53
C ASN A 68 -1.65 -23.23 -21.65
N ASP A 69 -2.01 -23.52 -20.41
CA ASP A 69 -2.38 -22.55 -19.38
C ASP A 69 -1.30 -21.51 -19.13
N MET A 70 -0.08 -21.78 -19.54
CA MET A 70 1.04 -20.88 -19.29
C MET A 70 0.72 -19.47 -19.79
N VAL A 71 -0.03 -19.38 -20.88
CA VAL A 71 -0.30 -18.09 -21.47
C VAL A 71 -1.03 -17.20 -20.49
N ASP A 72 -1.79 -17.78 -19.57
CA ASP A 72 -2.61 -17.00 -18.67
C ASP A 72 -1.78 -16.45 -17.56
N GLN A 73 -0.63 -17.11 -17.41
CA GLN A 73 0.14 -16.62 -16.33
C GLN A 73 0.70 -15.35 -16.90
N MET A 74 1.12 -15.50 -18.17
CA MET A 74 1.79 -14.41 -18.82
C MET A 74 0.87 -13.21 -18.92
N HIS A 75 -0.40 -13.47 -19.21
CA HIS A 75 -1.39 -12.43 -19.40
C HIS A 75 -1.59 -11.72 -18.10
N GLU A 76 -1.82 -12.48 -17.06
CA GLU A 76 -2.14 -11.86 -15.80
C GLU A 76 -1.00 -10.99 -15.26
N ASP A 77 0.24 -11.45 -15.43
CA ASP A 77 1.36 -10.67 -14.93
C ASP A 77 1.49 -9.35 -15.63
N ILE A 78 1.25 -9.32 -16.94
CA ILE A 78 1.40 -8.10 -17.70
C ILE A 78 0.40 -7.05 -17.29
N ILE A 79 -0.77 -7.61 -16.98
CA ILE A 79 -1.75 -6.64 -16.57
C ILE A 79 -1.25 -6.08 -15.25
N SER A 80 -0.85 -6.95 -14.32
CA SER A 80 -0.51 -6.46 -13.00
C SER A 80 0.80 -5.69 -12.93
N LEU A 81 1.75 -5.96 -13.84
CA LEU A 81 3.05 -5.33 -13.77
C LEU A 81 2.89 -3.91 -14.25
N TRP A 82 2.11 -3.78 -15.30
CA TRP A 82 1.86 -2.51 -15.91
C TRP A 82 1.25 -1.58 -14.93
N ASP A 83 0.20 -2.04 -14.29
CA ASP A 83 -0.52 -1.23 -13.36
C ASP A 83 0.39 -0.82 -12.20
N GLN A 84 1.14 -1.77 -11.64
CA GLN A 84 1.94 -1.43 -10.49
C GLN A 84 2.99 -0.37 -10.77
N SER A 85 3.58 -0.42 -11.96
CA SER A 85 4.63 0.52 -12.32
C SER A 85 4.16 1.96 -12.44
N LEU A 86 2.85 2.17 -12.52
CA LEU A 86 2.31 3.50 -12.69
C LEU A 86 1.64 4.05 -11.46
N LYS A 87 1.79 3.41 -10.32
CA LYS A 87 1.09 3.97 -9.19
C LYS A 87 1.64 5.28 -8.62
N PRO A 88 2.94 5.46 -8.39
CA PRO A 88 3.47 6.59 -7.63
C PRO A 88 3.66 7.86 -8.45
N CYS A 89 2.66 8.28 -9.19
CA CYS A 89 2.83 9.47 -10.01
C CYS A 89 1.55 9.97 -10.68
N VAL A 90 1.66 11.14 -11.30
CA VAL A 90 0.68 11.76 -12.22
C VAL A 90 -0.80 11.56 -12.08
N LYS A 91 -1.38 11.82 -10.92
CA LYS A 91 -2.82 11.71 -10.86
C LYS A 91 -3.37 12.91 -11.59
N LEU A 92 -4.33 12.71 -12.48
CA LEU A 92 -4.86 13.81 -13.29
C LEU A 92 -6.20 14.36 -12.85
N THR A 93 -6.67 14.01 -11.68
CA THR A 93 -7.97 14.52 -11.26
C THR A 93 -8.17 16.04 -11.44
N PRO A 94 -7.22 16.93 -11.08
CA PRO A 94 -7.37 18.37 -11.14
C PRO A 94 -7.64 18.90 -12.54
N LEU A 95 -7.38 18.10 -13.56
CA LEU A 95 -7.51 18.50 -14.94
C LEU A 95 -8.96 18.65 -15.37
N CYS A 96 -9.87 17.94 -14.69
CA CYS A 96 -11.26 17.89 -15.16
C CYS A 96 -12.10 19.11 -14.80
N VAL A 97 -11.85 20.18 -15.54
CA VAL A 97 -12.51 21.46 -15.41
C VAL A 97 -13.05 21.85 -16.76
N THR A 98 -13.93 22.84 -16.82
CA THR A 98 -14.47 23.21 -18.10
C THR A 98 -13.35 23.72 -18.96
N LEU A 99 -13.28 23.23 -20.16
CA LEU A 99 -12.27 23.65 -21.09
C LEU A 99 -12.86 24.56 -22.14
N ILE A 100 -12.13 25.61 -22.49
CA ILE A 100 -12.61 26.53 -23.52
C ILE A 100 -11.76 26.46 -24.76
N CYS A 101 -12.37 26.28 -25.93
CA CYS A 101 -11.47 26.23 -27.09
C CYS A 101 -12.03 26.66 -28.42
N SER A 102 -11.12 26.76 -29.39
CA SER A 102 -11.44 27.12 -30.76
C SER A 102 -10.63 26.35 -31.81
N ASP A 103 -11.18 26.36 -33.03
CA ASP A 103 -10.72 25.66 -34.24
C ASP A 103 -9.29 25.93 -34.66
N ALA A 104 -8.59 24.88 -35.17
CA ALA A 104 -7.20 25.05 -35.62
C ALA A 104 -6.99 26.17 -36.64
N THR A 105 -7.39 25.98 -37.90
CA THR A 105 -7.54 26.43 -39.28
C THR A 105 -8.83 25.94 -39.93
N VAL A 106 -9.26 24.80 -39.44
CA VAL A 106 -10.32 23.90 -39.89
C VAL A 106 -9.74 23.08 -41.07
N LYS A 107 -10.20 23.31 -42.29
CA LYS A 107 -9.68 22.66 -43.48
C LYS A 107 -9.59 21.13 -43.33
N THR A 108 -8.38 20.55 -43.39
CA THR A 108 -8.21 19.10 -43.34
C THR A 108 -8.81 18.56 -42.04
N GLY A 109 -9.62 17.51 -42.11
CA GLY A 109 -10.23 17.01 -40.87
C GLY A 109 -9.22 16.65 -39.77
N THR A 110 -8.04 16.21 -40.16
CA THR A 110 -7.02 15.79 -39.20
C THR A 110 -6.22 16.95 -38.61
N VAL A 111 -6.45 18.18 -39.10
CA VAL A 111 -5.73 19.34 -38.60
C VAL A 111 -6.71 20.16 -37.78
N GLU A 112 -7.98 20.23 -38.24
CA GLU A 112 -9.07 20.99 -37.61
C GLU A 112 -9.10 20.72 -36.14
N GLU A 113 -8.82 19.46 -35.82
CA GLU A 113 -8.81 18.94 -34.48
C GLU A 113 -7.85 19.68 -33.53
N MET A 114 -6.76 20.27 -34.01
CA MET A 114 -5.82 20.91 -33.10
C MET A 114 -6.38 22.16 -32.47
N LYS A 115 -7.20 21.98 -31.43
CA LYS A 115 -7.94 23.04 -30.73
C LYS A 115 -7.02 23.88 -29.81
N ASN A 116 -7.13 25.21 -29.87
CA ASN A 116 -6.33 26.04 -28.95
C ASN A 116 -7.16 25.92 -27.69
N CYS A 117 -6.67 25.33 -26.61
CA CYS A 117 -7.50 25.12 -25.42
C CYS A 117 -7.08 25.91 -24.17
N SER A 118 -7.97 26.73 -23.58
CA SER A 118 -7.63 27.43 -22.35
C SER A 118 -8.41 26.92 -21.15
N PHE A 119 -7.79 27.10 -20.00
CA PHE A 119 -8.37 26.75 -18.72
C PHE A 119 -7.79 27.57 -17.59
N ASN A 120 -8.48 27.53 -16.45
CA ASN A 120 -8.12 28.24 -15.18
C ASN A 120 -7.62 27.20 -14.17
N THR A 121 -6.34 27.19 -13.78
CA THR A 121 -5.99 26.17 -12.80
C THR A 121 -5.12 26.57 -11.63
N THR A 122 -5.06 25.64 -10.68
CA THR A 122 -4.34 25.77 -9.43
C THR A 122 -2.85 26.03 -9.56
N THR A 123 -2.40 27.07 -8.91
CA THR A 123 -1.00 27.47 -8.91
C THR A 123 -0.35 26.90 -7.67
N GLU A 124 0.95 27.16 -7.49
CA GLU A 124 1.66 26.60 -6.35
C GLU A 124 0.94 26.92 -5.05
N ILE A 125 0.35 28.09 -4.98
CA ILE A 125 -0.39 28.47 -3.81
C ILE A 125 -1.82 28.13 -4.16
N ARG A 126 -2.46 27.33 -3.30
CA ARG A 126 -3.79 26.82 -3.56
C ARG A 126 -4.83 27.90 -3.79
N ASP A 127 -4.64 29.04 -3.19
CA ASP A 127 -5.54 30.18 -3.26
C ASP A 127 -5.68 30.80 -4.64
N LYS A 128 -4.68 30.60 -5.50
CA LYS A 128 -4.70 31.26 -6.78
C LYS A 128 -4.83 30.34 -7.96
N GLU A 129 -5.43 30.88 -9.02
CA GLU A 129 -5.58 30.18 -10.28
C GLU A 129 -4.95 30.95 -11.41
N LYS A 130 -4.33 30.22 -12.31
CA LYS A 130 -3.75 30.79 -13.49
C LYS A 130 -4.49 30.38 -14.73
N LYS A 131 -4.68 31.35 -15.61
CA LYS A 131 -5.24 31.09 -16.92
C LYS A 131 -4.11 30.60 -17.80
N GLU A 132 -4.28 29.44 -18.40
CA GLU A 132 -3.21 28.83 -19.18
C GLU A 132 -3.77 28.08 -20.39
N TYR A 133 -2.89 27.53 -21.24
CA TYR A 133 -3.38 26.83 -22.42
C TYR A 133 -2.48 25.72 -22.94
N ALA A 134 -3.07 24.83 -23.72
CA ALA A 134 -2.34 23.75 -24.38
C ALA A 134 -3.07 23.22 -25.60
N LEU A 135 -2.37 22.47 -26.44
CA LEU A 135 -3.05 21.89 -27.59
C LEU A 135 -3.50 20.48 -27.32
N PHE A 136 -4.72 20.21 -27.76
CA PHE A 136 -5.32 18.89 -27.69
C PHE A 136 -6.02 18.66 -28.98
N TYR A 137 -6.26 17.41 -29.39
CA TYR A 137 -6.94 17.29 -30.66
C TYR A 137 -7.92 16.14 -30.89
N LYS A 138 -7.65 14.96 -30.42
CA LYS A 138 -8.65 13.94 -30.62
C LYS A 138 -9.74 14.23 -29.65
N PRO A 139 -10.98 13.80 -29.90
CA PRO A 139 -12.10 14.00 -29.05
C PRO A 139 -12.04 13.13 -27.80
N ASP A 140 -11.04 13.47 -27.01
CA ASP A 140 -10.70 13.05 -25.69
C ASP A 140 -11.25 14.30 -25.02
N ILE A 141 -11.39 15.33 -25.88
CA ILE A 141 -12.01 16.59 -25.55
C ILE A 141 -13.41 16.48 -26.13
N VAL A 142 -14.38 16.46 -25.26
CA VAL A 142 -15.75 16.20 -25.62
C VAL A 142 -16.64 17.42 -25.40
N PRO A 143 -17.50 17.81 -26.34
CA PRO A 143 -18.39 18.95 -26.17
C PRO A 143 -19.06 18.74 -24.85
N LEU A 144 -19.16 19.80 -24.09
CA LEU A 144 -19.73 19.67 -22.78
C LEU A 144 -21.15 19.19 -22.84
N SER A 145 -21.50 18.28 -21.94
CA SER A 145 -22.85 17.80 -21.91
C SER A 145 -23.77 18.96 -21.69
N GLU A 146 -24.88 18.92 -22.38
CA GLU A 146 -25.95 19.89 -22.30
C GLU A 146 -25.58 21.31 -22.75
N THR A 147 -24.53 21.47 -23.56
CA THR A 147 -24.29 22.83 -24.04
C THR A 147 -24.86 22.90 -25.43
N ASN A 148 -24.74 24.05 -26.06
CA ASN A 148 -25.28 24.21 -27.41
C ASN A 148 -24.28 24.79 -28.39
N ASN A 149 -23.39 23.94 -28.88
CA ASN A 149 -22.35 24.33 -29.83
C ASN A 149 -21.53 25.50 -29.32
N THR A 150 -21.16 25.45 -28.06
CA THR A 150 -20.38 26.50 -27.45
C THR A 150 -18.95 26.06 -27.33
N SER A 151 -18.14 26.95 -26.79
CA SER A 151 -16.71 26.79 -26.66
C SER A 151 -16.33 25.87 -25.50
N GLU A 152 -17.33 25.47 -24.71
CA GLU A 152 -17.17 24.65 -23.52
C GLU A 152 -17.13 23.15 -23.80
N TYR A 153 -16.07 22.52 -23.30
CA TYR A 153 -15.76 21.11 -23.43
C TYR A 153 -15.38 20.47 -22.11
N ARG A 154 -15.43 19.15 -22.08
CA ARG A 154 -14.99 18.39 -20.95
C ARG A 154 -14.02 17.32 -21.35
N LEU A 155 -13.36 16.74 -20.38
CA LEU A 155 -12.51 15.63 -20.68
C LEU A 155 -13.38 14.39 -20.81
N ILE A 156 -13.01 13.51 -21.75
CA ILE A 156 -13.66 12.24 -21.97
C ILE A 156 -13.83 11.35 -20.77
N ASN A 157 -12.87 11.35 -19.85
CA ASN A 157 -13.01 10.52 -18.67
C ASN A 157 -13.59 11.19 -17.46
N CYS A 158 -14.46 12.18 -17.65
CA CYS A 158 -15.25 12.66 -16.46
C CYS A 158 -16.59 11.99 -16.24
N ASN A 159 -16.96 11.03 -17.05
CA ASN A 159 -18.19 10.33 -16.69
C ASN A 159 -17.82 8.87 -16.55
N THR A 160 -16.57 8.57 -16.12
CA THR A 160 -15.92 7.24 -16.06
C THR A 160 -15.07 7.11 -14.77
N SER A 161 -13.74 7.33 -14.74
CA SER A 161 -13.01 7.24 -13.51
C SER A 161 -11.80 8.08 -13.75
N ALA A 162 -11.12 8.43 -12.67
CA ALA A 162 -9.90 9.23 -12.72
C ALA A 162 -8.79 8.51 -13.44
N CYS A 163 -8.01 9.28 -14.17
CA CYS A 163 -6.92 8.75 -14.95
C CYS A 163 -5.58 9.27 -14.47
N THR A 164 -4.53 8.62 -14.94
CA THR A 164 -3.16 9.05 -14.72
C THR A 164 -2.47 9.35 -16.02
N GLN A 165 -1.28 9.97 -15.98
CA GLN A 165 -0.53 10.12 -17.25
C GLN A 165 0.50 9.01 -17.36
N ALA A 166 1.74 9.29 -17.01
CA ALA A 166 2.73 8.25 -16.91
C ALA A 166 3.85 8.75 -16.05
N CYS A 167 4.55 7.87 -15.38
CA CYS A 167 5.72 8.39 -14.72
C CYS A 167 6.60 8.71 -15.95
N PRO A 168 7.04 9.96 -16.15
CA PRO A 168 7.74 10.45 -17.33
C PRO A 168 9.09 9.83 -17.58
N LYS A 169 9.63 9.26 -16.55
CA LYS A 169 10.93 8.63 -16.59
C LYS A 169 10.91 7.23 -17.17
N VAL A 170 9.75 6.59 -17.25
CA VAL A 170 9.74 5.19 -17.61
C VAL A 170 9.74 4.89 -19.10
N THR A 171 10.63 3.99 -19.45
CA THR A 171 10.83 3.47 -20.77
C THR A 171 9.97 2.26 -21.01
N PHE A 172 9.27 2.27 -22.13
CA PHE A 172 8.46 1.13 -22.47
C PHE A 172 8.96 0.50 -23.74
N GLU A 173 9.78 -0.50 -23.60
CA GLU A 173 10.40 -1.17 -24.72
C GLU A 173 10.45 -2.64 -24.37
N PRO A 174 9.89 -3.53 -25.18
CA PRO A 174 9.93 -4.96 -24.96
C PRO A 174 11.33 -5.53 -24.84
N ILE A 175 11.55 -6.30 -23.78
CA ILE A 175 12.79 -7.00 -23.48
C ILE A 175 12.41 -8.46 -23.40
N PRO A 176 13.07 -9.38 -24.09
CA PRO A 176 12.70 -10.76 -24.06
C PRO A 176 12.95 -11.38 -22.72
N ILE A 177 12.01 -12.17 -22.25
CA ILE A 177 12.22 -12.90 -21.01
C ILE A 177 12.33 -14.37 -21.32
N HIS A 178 13.44 -14.96 -20.93
CA HIS A 178 13.77 -16.34 -21.25
C HIS A 178 13.28 -17.20 -20.12
N TYR A 179 11.98 -17.29 -19.98
CA TYR A 179 11.41 -17.91 -18.78
C TYR A 179 11.99 -19.25 -18.39
N CYS A 180 12.35 -19.37 -17.11
CA CYS A 180 12.95 -20.59 -16.60
C CYS A 180 12.04 -21.35 -15.64
N ALA A 181 12.23 -22.67 -15.64
CA ALA A 181 11.53 -23.57 -14.73
C ALA A 181 12.15 -23.59 -13.33
N PRO A 182 11.34 -23.75 -12.26
CA PRO A 182 11.75 -24.02 -10.90
C PRO A 182 12.35 -25.40 -10.78
N ALA A 183 13.11 -25.66 -9.74
CA ALA A 183 13.64 -27.00 -9.58
C ALA A 183 12.48 -27.97 -9.50
N GLY A 184 12.67 -29.14 -10.09
CA GLY A 184 11.65 -30.18 -10.08
C GLY A 184 10.84 -30.16 -11.36
N TYR A 185 11.00 -29.12 -12.14
CA TYR A 185 10.30 -28.96 -13.40
C TYR A 185 11.26 -28.85 -14.55
N ALA A 186 10.75 -29.16 -15.73
CA ALA A 186 11.51 -29.09 -16.96
C ALA A 186 10.60 -28.68 -18.09
N ILE A 187 11.18 -28.12 -19.12
CA ILE A 187 10.40 -27.65 -20.23
C ILE A 187 10.75 -28.43 -21.49
N LEU A 188 9.75 -28.87 -22.22
CA LEU A 188 10.00 -29.59 -23.45
C LEU A 188 9.56 -28.76 -24.65
N LYS A 189 10.24 -28.88 -25.78
CA LYS A 189 9.75 -28.17 -26.97
C LYS A 189 9.74 -29.00 -28.23
N CYS A 190 8.86 -28.60 -29.14
CA CYS A 190 8.79 -29.22 -30.45
C CYS A 190 9.78 -28.58 -31.42
N ASN A 191 10.56 -29.41 -32.09
CA ASN A 191 11.48 -28.91 -33.10
C ASN A 191 10.92 -29.24 -34.47
N ASP A 192 9.69 -29.75 -34.48
CA ASP A 192 9.03 -30.16 -35.70
C ASP A 192 8.34 -29.11 -36.55
N GLU A 193 8.51 -29.29 -37.84
CA GLU A 193 7.87 -28.52 -38.89
C GLU A 193 6.52 -29.19 -39.09
N THR A 194 5.67 -28.68 -39.98
CA THR A 194 4.29 -29.22 -40.20
C THR A 194 3.32 -28.96 -39.06
N PHE A 195 3.70 -29.36 -37.82
CA PHE A 195 2.97 -29.30 -36.54
C PHE A 195 1.70 -28.43 -36.59
N ASN A 196 0.50 -28.99 -36.44
CA ASN A 196 -0.78 -28.24 -36.52
C ASN A 196 -1.07 -27.30 -35.36
N GLY A 197 -0.39 -27.40 -34.24
CA GLY A 197 -0.64 -26.63 -33.02
C GLY A 197 -0.86 -27.68 -31.93
N THR A 198 -1.29 -28.89 -32.34
CA THR A 198 -1.44 -30.07 -31.47
C THR A 198 -0.78 -31.33 -32.09
N GLY A 199 -0.63 -32.38 -31.25
CA GLY A 199 -0.20 -33.70 -31.68
C GLY A 199 1.16 -34.21 -31.17
N PRO A 200 1.53 -35.43 -31.59
CA PRO A 200 2.69 -36.22 -31.20
C PRO A 200 3.99 -35.81 -31.82
N CYS A 201 4.58 -34.75 -31.33
CA CYS A 201 5.82 -34.24 -31.90
C CYS A 201 6.87 -35.33 -31.75
N SER A 202 7.69 -35.54 -32.77
CA SER A 202 8.68 -36.60 -32.71
C SER A 202 10.07 -36.04 -32.55
N ASN A 203 10.25 -34.78 -32.88
CA ASN A 203 11.56 -34.19 -32.72
C ASN A 203 11.41 -33.35 -31.47
N VAL A 204 11.80 -33.89 -30.33
CA VAL A 204 11.57 -33.19 -29.09
C VAL A 204 12.88 -32.91 -28.36
N SER A 205 12.97 -31.69 -27.86
CA SER A 205 14.15 -31.23 -27.14
C SER A 205 13.84 -30.69 -25.76
N THR A 206 14.86 -30.71 -24.89
CA THR A 206 14.62 -30.20 -23.56
C THR A 206 14.92 -28.76 -23.57
N VAL A 207 14.34 -28.08 -22.62
CA VAL A 207 14.54 -26.69 -22.40
C VAL A 207 14.77 -26.37 -20.90
N GLN A 208 15.79 -25.58 -20.61
CA GLN A 208 15.99 -25.17 -19.23
C GLN A 208 15.19 -23.90 -19.01
N CYS A 209 15.30 -23.04 -20.02
CA CYS A 209 14.72 -21.72 -20.09
C CYS A 209 14.21 -21.56 -21.50
N THR A 210 13.06 -20.91 -21.68
CA THR A 210 12.51 -20.78 -23.01
C THR A 210 13.29 -19.75 -23.74
N HIS A 211 13.14 -19.74 -25.05
CA HIS A 211 13.86 -18.75 -25.76
C HIS A 211 13.12 -17.50 -25.40
N GLY A 212 13.81 -16.43 -25.14
CA GLY A 212 13.07 -15.27 -24.71
C GLY A 212 12.22 -14.68 -25.78
N ILE A 213 11.07 -14.20 -25.33
CA ILE A 213 10.10 -13.55 -26.17
C ILE A 213 9.81 -12.15 -25.72
N ARG A 214 9.87 -11.22 -26.66
CA ARG A 214 9.59 -9.82 -26.40
C ARG A 214 8.09 -9.65 -26.48
N PRO A 215 7.41 -9.17 -25.43
CA PRO A 215 5.99 -8.99 -25.46
C PRO A 215 5.70 -7.83 -26.36
N VAL A 216 4.60 -7.87 -27.06
CA VAL A 216 4.19 -6.76 -27.89
C VAL A 216 2.72 -6.56 -27.70
N VAL A 217 2.28 -5.33 -27.65
CA VAL A 217 0.86 -5.13 -27.67
C VAL A 217 0.47 -4.68 -29.03
N SER A 218 -0.33 -5.49 -29.69
CA SER A 218 -0.74 -5.19 -31.04
C SER A 218 -1.97 -6.00 -31.41
N THR A 219 -2.54 -5.65 -32.52
CA THR A 219 -3.67 -6.39 -33.05
C THR A 219 -3.48 -6.61 -34.51
N GLN A 220 -4.38 -7.34 -35.10
CA GLN A 220 -4.31 -7.63 -36.51
C GLN A 220 -2.90 -8.12 -36.88
N LEU A 221 -2.14 -7.34 -37.63
CA LEU A 221 -0.78 -7.73 -38.03
C LEU A 221 0.18 -7.64 -36.83
N LEU A 222 0.90 -8.72 -36.55
CA LEU A 222 1.81 -8.73 -35.40
C LEU A 222 3.26 -8.46 -35.77
N LEU A 223 3.93 -7.51 -35.07
CA LEU A 223 5.33 -7.09 -35.32
C LEU A 223 6.30 -7.65 -34.27
N ASN A 224 7.58 -7.64 -34.66
CA ASN A 224 8.83 -8.02 -33.96
C ASN A 224 8.84 -9.42 -33.40
N GLY A 225 8.24 -10.42 -34.05
CA GLY A 225 8.13 -11.86 -33.77
C GLY A 225 9.13 -12.66 -34.59
N SER A 226 9.13 -13.99 -34.40
CA SER A 226 10.01 -14.86 -35.18
C SER A 226 9.37 -15.22 -36.52
N LEU A 227 10.18 -15.76 -37.41
CA LEU A 227 9.73 -16.21 -38.72
C LEU A 227 9.63 -17.71 -38.80
N ALA A 228 8.75 -18.19 -39.67
CA ALA A 228 8.64 -19.62 -39.89
C ALA A 228 9.98 -20.04 -40.48
N GLU A 229 10.48 -21.22 -40.18
CA GLU A 229 11.77 -21.61 -40.74
C GLU A 229 11.71 -22.02 -42.21
N LYS A 230 10.68 -22.75 -42.60
CA LYS A 230 10.67 -23.30 -43.95
C LYS A 230 9.52 -22.87 -44.82
N GLU A 231 8.34 -22.76 -44.25
CA GLU A 231 7.16 -22.49 -45.04
C GLU A 231 6.09 -21.86 -44.18
N ILE A 232 5.17 -21.19 -44.82
CA ILE A 232 4.06 -20.57 -44.14
C ILE A 232 3.23 -21.60 -43.41
N VAL A 233 2.93 -21.30 -42.17
CA VAL A 233 2.12 -22.18 -41.37
C VAL A 233 0.79 -21.58 -41.06
N ILE A 234 -0.26 -22.28 -41.42
CA ILE A 234 -1.58 -21.81 -41.11
C ILE A 234 -2.13 -22.64 -40.00
N ARG A 235 -2.47 -22.00 -38.90
CA ARG A 235 -2.89 -22.71 -37.72
C ARG A 235 -4.24 -22.23 -37.15
N SER A 236 -5.07 -23.18 -36.73
CA SER A 236 -6.38 -22.88 -36.14
C SER A 236 -6.86 -23.98 -35.26
N GLU A 237 -7.52 -23.59 -34.18
CA GLU A 237 -8.09 -24.54 -33.23
C GLU A 237 -9.11 -25.44 -33.92
N ASN A 238 -9.87 -24.83 -34.82
CA ASN A 238 -10.90 -25.59 -35.53
C ASN A 238 -11.10 -24.81 -36.82
N LEU A 239 -10.71 -25.33 -38.00
CA LEU A 239 -10.87 -24.68 -39.29
C LEU A 239 -12.31 -24.48 -39.72
N THR A 240 -13.20 -25.29 -39.18
CA THR A 240 -14.59 -25.27 -39.58
C THR A 240 -15.44 -24.46 -38.62
N ASN A 241 -14.82 -23.88 -37.60
CA ASN A 241 -15.56 -23.13 -36.62
C ASN A 241 -15.39 -21.64 -36.90
N ASN A 242 -16.47 -21.00 -37.33
CA ASN A 242 -16.42 -19.60 -37.70
C ASN A 242 -15.99 -18.66 -36.56
N ALA A 243 -16.09 -19.12 -35.32
CA ALA A 243 -15.74 -18.32 -34.16
C ALA A 243 -14.25 -18.33 -33.84
N LYS A 244 -13.46 -19.11 -34.56
CA LYS A 244 -12.05 -19.21 -34.26
C LYS A 244 -11.18 -18.31 -35.13
N ILE A 245 -10.01 -17.99 -34.62
CA ILE A 245 -9.06 -17.13 -35.30
C ILE A 245 -7.91 -17.94 -35.84
N ILE A 246 -7.59 -17.67 -37.09
CA ILE A 246 -6.54 -18.33 -37.80
C ILE A 246 -5.24 -17.59 -37.58
N ILE A 247 -4.23 -18.33 -37.19
CA ILE A 247 -2.94 -17.78 -36.91
C ILE A 247 -2.01 -18.12 -38.04
N VAL A 248 -1.36 -17.13 -38.63
CA VAL A 248 -0.45 -17.45 -39.71
C VAL A 248 0.96 -16.98 -39.49
N HIS A 249 1.89 -17.92 -39.63
CA HIS A 249 3.31 -17.63 -39.50
C HIS A 249 3.90 -17.51 -40.87
N LEU A 250 4.37 -16.34 -41.21
CA LEU A 250 4.93 -16.15 -42.52
C LEU A 250 6.39 -16.55 -42.56
N HIS A 251 6.81 -17.03 -43.72
CA HIS A 251 8.18 -17.46 -43.97
C HIS A 251 9.18 -16.33 -44.11
N THR A 252 8.85 -15.33 -44.90
CA THR A 252 9.80 -14.29 -45.18
C THR A 252 9.35 -13.00 -44.50
N PRO A 253 10.27 -12.09 -44.16
CA PRO A 253 9.97 -10.81 -43.57
C PRO A 253 9.44 -9.82 -44.59
N VAL A 254 8.70 -8.87 -44.09
CA VAL A 254 8.21 -7.71 -44.80
C VAL A 254 8.61 -6.48 -44.01
N GLU A 255 8.98 -5.39 -44.66
CA GLU A 255 9.37 -4.23 -43.85
C GLU A 255 8.33 -3.13 -43.85
N ILE A 256 8.05 -2.60 -42.67
CA ILE A 256 7.13 -1.48 -42.52
C ILE A 256 7.83 -0.27 -41.97
N VAL A 257 7.61 0.91 -42.60
CA VAL A 257 8.19 2.22 -42.22
C VAL A 257 7.06 3.19 -41.83
N CYS A 258 6.95 3.60 -40.55
CA CYS A 258 5.93 4.57 -40.14
C CYS A 258 6.54 5.86 -39.63
N THR A 259 5.76 6.94 -39.72
CA THR A 259 6.24 8.22 -39.22
C THR A 259 5.18 9.28 -38.91
N ARG A 260 5.61 10.21 -38.06
CA ARG A 260 4.82 11.37 -37.70
C ARG A 260 5.66 12.62 -38.01
N PRO A 261 5.60 13.14 -39.24
CA PRO A 261 6.58 14.01 -39.87
C PRO A 261 6.80 15.41 -39.29
N ASN A 262 5.76 15.94 -38.63
CA ASN A 262 5.60 17.33 -38.07
C ASN A 262 6.54 17.73 -36.91
N ASN A 263 7.33 18.79 -37.06
CA ASN A 263 8.21 19.29 -35.96
C ASN A 263 7.28 19.78 -34.83
N ASN A 264 7.21 19.07 -33.72
CA ASN A 264 6.37 19.30 -32.50
C ASN A 264 7.15 19.90 -31.32
N THR A 265 6.47 20.62 -30.40
CA THR A 265 7.15 21.19 -29.24
C THR A 265 6.46 20.69 -27.99
N ARG A 266 7.08 20.89 -26.84
CA ARG A 266 6.46 20.45 -25.59
C ARG A 266 6.50 21.52 -24.54
N LYS A 267 5.44 21.57 -23.73
CA LYS A 267 5.41 22.47 -22.59
C LYS A 267 4.86 21.73 -21.40
N SER A 268 5.06 22.30 -20.22
CA SER A 268 4.49 21.68 -19.06
C SER A 268 3.92 22.69 -18.13
N VAL A 269 2.96 22.25 -17.36
CA VAL A 269 2.29 23.07 -16.38
C VAL A 269 2.30 22.47 -15.01
N ARG A 270 2.75 23.22 -14.03
CA ARG A 270 2.72 22.71 -12.67
C ARG A 270 1.32 22.86 -12.16
N ILE A 271 0.75 21.78 -11.62
CA ILE A 271 -0.60 21.89 -11.10
C ILE A 271 -0.57 21.65 -9.62
N GLY A 272 -0.83 22.71 -8.87
CA GLY A 272 -0.71 22.62 -7.42
C GLY A 272 0.76 22.27 -7.08
N PRO A 273 1.04 21.46 -6.03
CA PRO A 273 2.36 21.04 -5.57
C PRO A 273 2.96 19.90 -6.38
N GLY A 274 4.28 19.77 -6.37
CA GLY A 274 4.88 18.58 -6.92
C GLY A 274 4.71 18.36 -8.41
N GLN A 275 3.68 17.62 -8.73
CA GLN A 275 3.47 17.07 -10.04
C GLN A 275 3.17 18.06 -11.15
N THR A 276 3.89 17.89 -12.27
CA THR A 276 3.61 18.67 -13.44
C THR A 276 2.86 17.82 -14.44
N PHE A 277 2.15 18.49 -15.32
CA PHE A 277 1.41 17.87 -16.39
C PHE A 277 2.01 18.19 -17.72
N TYR A 278 2.10 17.23 -18.60
CA TYR A 278 2.67 17.56 -19.91
C TYR A 278 1.65 17.52 -21.02
N ALA A 279 1.82 18.44 -21.96
CA ALA A 279 0.97 18.50 -23.14
C ALA A 279 1.70 19.19 -24.29
N THR A 280 1.18 18.98 -25.49
CA THR A 280 1.76 19.59 -26.67
C THR A 280 1.69 21.11 -26.57
N GLY A 281 2.80 21.74 -26.90
CA GLY A 281 2.95 23.19 -26.85
C GLY A 281 2.45 23.84 -28.12
N ASP A 282 3.09 23.47 -29.21
CA ASP A 282 2.81 23.96 -30.53
C ASP A 282 3.27 22.98 -31.56
N ILE A 283 2.94 23.31 -32.80
CA ILE A 283 3.36 22.61 -33.98
C ILE A 283 3.61 23.72 -34.96
N ILE A 284 4.90 24.09 -35.14
CA ILE A 284 5.49 25.32 -35.80
C ILE A 284 5.04 25.67 -37.23
N GLY A 285 3.96 25.15 -37.78
CA GLY A 285 3.53 25.73 -39.07
C GLY A 285 2.99 24.78 -40.15
N ASP A 286 3.55 23.60 -40.30
CA ASP A 286 3.11 22.73 -41.37
C ASP A 286 2.00 21.78 -40.90
N ILE A 287 1.51 20.94 -41.80
CA ILE A 287 0.45 20.00 -41.45
C ILE A 287 0.84 18.55 -41.65
N LYS A 288 0.64 17.81 -40.60
CA LYS A 288 0.89 16.40 -40.50
C LYS A 288 -0.16 15.46 -41.06
N GLN A 289 0.31 14.26 -41.38
CA GLN A 289 -0.49 13.07 -41.67
C GLN A 289 0.24 11.86 -41.13
N ALA A 290 -0.34 11.16 -40.18
CA ALA A 290 0.35 9.98 -39.69
C ALA A 290 0.23 8.93 -40.76
N HIS A 291 1.31 8.23 -41.04
CA HIS A 291 1.16 7.18 -42.04
C HIS A 291 2.18 6.08 -41.98
N CYS A 292 1.88 4.95 -42.67
CA CYS A 292 2.64 3.68 -42.77
C CYS A 292 2.77 3.23 -44.24
N ASN A 293 3.99 3.19 -44.80
CA ASN A 293 4.24 2.83 -46.21
C ASN A 293 4.73 1.39 -46.24
N ILE A 294 4.08 0.52 -46.99
CA ILE A 294 4.48 -0.92 -47.08
C ILE A 294 4.68 -1.24 -48.57
N SER A 295 5.72 -1.99 -48.99
CA SER A 295 5.91 -2.35 -50.38
C SER A 295 4.72 -3.19 -50.82
N GLU A 296 4.13 -2.88 -51.98
CA GLU A 296 3.03 -3.67 -52.53
C GLU A 296 3.47 -5.01 -53.10
N GLU A 297 4.66 -4.92 -53.67
CA GLU A 297 5.23 -6.11 -54.28
C GLU A 297 5.21 -7.32 -53.34
N LYS A 298 5.60 -6.98 -52.13
CA LYS A 298 5.94 -8.02 -51.21
C LYS A 298 4.64 -8.49 -50.66
N TRP A 299 3.71 -7.56 -50.60
CA TRP A 299 2.42 -7.78 -50.00
C TRP A 299 1.62 -8.72 -50.85
N ASN A 300 1.71 -8.55 -52.17
CA ASN A 300 0.88 -9.35 -53.06
C ASN A 300 1.45 -10.73 -53.08
N ASP A 301 2.78 -10.78 -52.95
CA ASP A 301 3.44 -12.06 -53.01
C ASP A 301 2.98 -12.89 -51.82
N THR A 302 2.89 -12.23 -50.67
CA THR A 302 2.49 -12.86 -49.45
C THR A 302 1.07 -13.32 -49.51
N LEU A 303 0.15 -12.47 -49.93
CA LEU A 303 -1.22 -12.90 -49.86
C LEU A 303 -1.44 -14.12 -50.73
N GLN A 304 -0.84 -14.17 -51.92
CA GLN A 304 -1.09 -15.35 -52.73
C GLN A 304 -0.43 -16.57 -52.11
N LYS A 305 0.78 -16.45 -51.55
CA LYS A 305 1.37 -17.63 -50.93
C LYS A 305 0.51 -18.16 -49.81
N VAL A 306 -0.11 -17.27 -49.05
CA VAL A 306 -0.99 -17.71 -47.99
C VAL A 306 -2.16 -18.41 -48.62
N GLY A 307 -2.74 -17.82 -49.67
CA GLY A 307 -3.89 -18.41 -50.33
C GLY A 307 -3.61 -19.81 -50.83
N ILE A 308 -2.40 -20.06 -51.30
CA ILE A 308 -2.02 -21.38 -51.78
C ILE A 308 -2.07 -22.37 -50.66
N GLU A 309 -1.50 -22.02 -49.54
CA GLU A 309 -1.51 -22.96 -48.44
C GLU A 309 -2.94 -23.10 -47.87
N LEU A 310 -3.67 -22.00 -47.83
CA LEU A 310 -5.00 -21.99 -47.23
C LEU A 310 -5.94 -22.91 -48.03
N GLN A 311 -5.74 -22.93 -49.35
CA GLN A 311 -6.42 -23.76 -50.33
C GLN A 311 -6.44 -25.22 -49.94
N LYS A 312 -5.48 -25.66 -49.14
CA LYS A 312 -5.43 -27.07 -48.77
C LYS A 312 -6.63 -27.46 -47.93
N HIS A 313 -7.14 -26.52 -47.12
CA HIS A 313 -8.22 -26.81 -46.21
C HIS A 313 -9.53 -26.32 -46.77
N PHE A 314 -9.42 -25.42 -47.72
CA PHE A 314 -10.54 -24.85 -48.42
C PHE A 314 -10.33 -25.02 -49.93
N PRO A 315 -10.34 -26.26 -50.47
CA PRO A 315 -10.08 -26.63 -51.84
C PRO A 315 -11.17 -26.21 -52.79
N ASN A 316 -10.77 -25.98 -54.05
CA ASN A 316 -11.58 -25.60 -55.24
C ASN A 316 -12.40 -24.33 -55.02
N LYS A 317 -11.84 -23.35 -54.30
CA LYS A 317 -12.53 -22.12 -53.99
C LYS A 317 -11.61 -20.90 -54.11
N THR A 318 -12.22 -19.78 -54.47
CA THR A 318 -11.56 -18.48 -54.62
C THR A 318 -11.35 -17.83 -53.26
N ILE A 319 -10.22 -17.18 -53.08
CA ILE A 319 -10.01 -16.49 -51.82
C ILE A 319 -10.12 -15.00 -51.90
N LYS A 320 -11.09 -14.51 -51.17
CA LYS A 320 -11.44 -13.11 -51.15
C LYS A 320 -11.11 -12.50 -49.84
N TYR A 321 -10.71 -11.22 -49.84
CA TYR A 321 -10.36 -10.49 -48.60
C TYR A 321 -11.32 -9.29 -48.57
N ASN A 322 -11.63 -8.85 -47.37
CA ASN A 322 -12.62 -7.80 -47.11
C ASN A 322 -12.14 -6.98 -45.90
N GLN A 323 -12.94 -6.06 -45.40
CA GLN A 323 -12.52 -5.15 -44.32
C GLN A 323 -13.08 -5.74 -43.00
N SER A 324 -12.83 -5.08 -41.86
CA SER A 324 -13.29 -5.52 -40.56
C SER A 324 -14.77 -5.25 -40.47
N ALA A 325 -15.38 -5.82 -39.43
CA ALA A 325 -16.81 -5.71 -39.17
C ALA A 325 -17.28 -4.28 -38.90
N GLY A 326 -16.39 -3.42 -38.42
CA GLY A 326 -16.75 -2.06 -38.06
C GLY A 326 -16.84 -1.89 -36.55
N GLY A 327 -16.68 -0.65 -36.10
CA GLY A 327 -16.67 -0.32 -34.68
C GLY A 327 -15.68 0.80 -34.41
N ASP A 328 -15.39 1.01 -33.13
CA ASP A 328 -14.48 2.03 -32.64
C ASP A 328 -13.08 1.73 -33.15
N MET A 329 -12.20 2.73 -33.23
CA MET A 329 -10.87 2.43 -33.78
C MET A 329 -10.14 1.33 -33.02
N GLU A 330 -10.37 1.25 -31.71
CA GLU A 330 -9.75 0.23 -30.87
C GLU A 330 -10.11 -1.20 -31.31
N ILE A 331 -11.19 -1.32 -32.05
CA ILE A 331 -11.74 -2.56 -32.53
C ILE A 331 -11.29 -2.84 -33.95
N THR A 332 -11.35 -1.82 -34.81
CA THR A 332 -11.09 -1.99 -36.23
C THR A 332 -9.71 -1.65 -36.79
N THR A 333 -8.93 -0.85 -36.11
CA THR A 333 -7.66 -0.46 -36.70
C THR A 333 -6.49 -1.24 -36.20
N HIS A 334 -5.40 -1.11 -36.93
CA HIS A 334 -4.15 -1.70 -36.53
C HIS A 334 -3.59 -0.86 -35.42
N SER A 335 -2.97 -1.48 -34.42
CA SER A 335 -2.43 -0.71 -33.32
C SER A 335 -0.94 -0.83 -33.10
N PHE A 336 -0.30 0.33 -32.99
CA PHE A 336 1.15 0.40 -32.78
C PHE A 336 1.42 1.26 -31.58
N ASN A 337 2.55 1.00 -30.94
CA ASN A 337 3.03 1.81 -29.85
C ASN A 337 4.40 2.39 -30.21
N CYS A 338 4.62 2.65 -31.49
CA CYS A 338 5.93 3.10 -31.93
C CYS A 338 6.35 4.39 -31.27
N GLY A 339 7.54 4.38 -30.70
CA GLY A 339 8.09 5.57 -30.09
C GLY A 339 7.46 5.85 -28.75
N GLY A 340 6.56 4.99 -28.30
CA GLY A 340 5.82 5.22 -27.10
C GLY A 340 4.49 5.93 -27.42
N GLU A 341 4.28 6.32 -28.67
CA GLU A 341 3.05 7.00 -29.04
C GLU A 341 2.05 5.93 -29.43
N PHE A 342 0.76 6.20 -29.29
CA PHE A 342 -0.22 5.21 -29.70
C PHE A 342 -0.99 5.55 -30.93
N PHE A 343 -0.77 4.71 -31.92
CA PHE A 343 -1.33 4.86 -33.25
C PHE A 343 -2.44 3.93 -33.51
N TYR A 344 -3.39 4.42 -34.26
CA TYR A 344 -4.48 3.65 -34.80
C TYR A 344 -4.40 3.75 -36.31
N CYS A 345 -4.18 2.63 -37.03
CA CYS A 345 -4.00 2.68 -38.50
C CYS A 345 -5.05 1.90 -39.31
N ASN A 346 -5.94 2.62 -39.99
CA ASN A 346 -7.04 2.08 -40.81
C ASN A 346 -6.46 1.10 -41.80
N THR A 347 -6.96 -0.13 -41.88
CA THR A 347 -6.40 -1.16 -42.77
C THR A 347 -6.71 -0.83 -44.24
N SER A 348 -7.79 -0.08 -44.50
CA SER A 348 -8.23 0.39 -45.83
C SER A 348 -7.05 0.88 -46.68
N ASN A 349 -6.65 0.25 -47.79
CA ASN A 349 -7.25 -0.84 -48.61
C ASN A 349 -6.25 -1.99 -48.67
N LEU A 350 -5.60 -2.34 -47.54
CA LEU A 350 -4.64 -3.43 -47.49
C LEU A 350 -5.24 -4.77 -47.90
N PHE A 351 -6.53 -4.95 -47.57
CA PHE A 351 -7.30 -6.20 -47.81
C PHE A 351 -8.42 -5.93 -48.80
N ASN A 352 -8.11 -5.16 -49.85
CA ASN A 352 -9.00 -4.82 -50.99
C ASN A 352 -8.55 -5.67 -52.16
N GLY A 353 -8.92 -6.94 -52.14
CA GLY A 353 -8.52 -7.87 -53.21
C GLY A 353 -9.06 -9.27 -53.02
N THR A 354 -8.75 -10.09 -54.02
CA THR A 354 -9.13 -11.48 -54.11
C THR A 354 -8.25 -12.14 -55.10
N TYR A 355 -8.03 -13.41 -54.89
CA TYR A 355 -7.23 -14.12 -55.83
C TYR A 355 -7.90 -15.35 -56.37
N ASN A 356 -7.92 -15.39 -57.71
CA ASN A 356 -8.44 -16.49 -58.50
C ASN A 356 -7.66 -17.68 -58.06
N GLY A 357 -8.35 -18.79 -57.81
CA GLY A 357 -7.71 -19.97 -57.29
C GLY A 357 -6.77 -20.72 -58.22
N THR A 358 -5.72 -20.00 -58.62
CA THR A 358 -4.66 -20.42 -59.49
C THR A 358 -3.44 -20.01 -58.71
N TYR A 359 -3.64 -18.93 -57.95
CA TYR A 359 -2.62 -18.25 -57.17
C TYR A 359 -1.29 -18.24 -57.89
N ILE A 360 -1.27 -17.74 -59.10
CA ILE A 360 -0.06 -17.86 -59.86
C ILE A 360 0.99 -16.92 -59.33
N SER A 361 2.13 -17.49 -58.98
CA SER A 361 3.23 -16.73 -58.41
C SER A 361 4.04 -16.03 -59.50
N THR A 362 3.39 -15.10 -60.17
CA THR A 362 4.03 -14.36 -61.23
C THR A 362 4.26 -12.92 -60.85
N ASN A 363 5.50 -12.50 -61.05
CA ASN A 363 5.95 -11.16 -60.77
C ASN A 363 7.16 -10.91 -61.65
N SER A 364 7.74 -9.74 -61.58
CA SER A 364 8.93 -9.46 -62.39
C SER A 364 9.85 -8.42 -61.79
N SER A 365 11.10 -8.42 -62.26
CA SER A 365 12.10 -7.44 -61.88
C SER A 365 11.68 -6.08 -62.41
N ALA A 366 11.88 -5.04 -61.62
CA ALA A 366 11.53 -3.69 -62.04
C ALA A 366 12.27 -2.69 -61.18
N ASN A 367 12.26 -1.44 -61.63
CA ASN A 367 12.84 -0.35 -60.84
C ASN A 367 11.77 0.32 -59.98
N SER A 368 10.58 -0.28 -59.94
CA SER A 368 9.46 0.17 -59.14
C SER A 368 9.68 0.07 -57.67
N THR A 369 9.27 1.10 -56.96
CA THR A 369 9.30 1.15 -55.51
C THR A 369 7.89 1.35 -54.98
N SER A 370 6.91 0.99 -55.80
CA SER A 370 5.50 1.22 -55.46
C SER A 370 5.09 0.60 -54.15
N THR A 371 4.36 1.38 -53.34
CA THR A 371 3.91 1.02 -52.01
C THR A 371 2.43 1.28 -51.82
N ILE A 372 1.92 0.75 -50.74
CA ILE A 372 0.59 1.01 -50.26
C ILE A 372 0.75 1.88 -49.03
N THR A 373 0.01 2.98 -48.97
CA THR A 373 0.16 3.84 -47.82
C THR A 373 -1.11 3.82 -47.02
N LEU A 374 -0.98 3.53 -45.75
CA LEU A 374 -2.13 3.56 -44.88
C LEU A 374 -2.06 4.83 -44.09
N GLN A 375 -3.21 5.35 -43.69
CA GLN A 375 -3.20 6.55 -42.86
C GLN A 375 -3.56 6.21 -41.44
N CYS A 376 -3.06 7.02 -40.53
CA CYS A 376 -3.29 6.76 -39.14
C CYS A 376 -3.82 7.91 -38.33
N ARG A 377 -4.25 7.61 -37.12
CA ARG A 377 -4.76 8.57 -36.19
C ARG A 377 -4.05 8.37 -34.88
N ILE A 378 -3.78 9.44 -34.14
CA ILE A 378 -3.09 9.27 -32.86
C ILE A 378 -3.93 9.75 -31.71
N LYS A 379 -4.07 8.92 -30.69
CA LYS A 379 -4.88 9.30 -29.53
C LYS A 379 -4.04 9.70 -28.36
N GLN A 380 -4.64 10.40 -27.40
CA GLN A 380 -3.89 10.77 -26.23
C GLN A 380 -4.30 9.94 -25.05
N ILE A 381 -5.59 9.61 -24.94
CA ILE A 381 -6.01 8.79 -23.82
C ILE A 381 -6.48 7.45 -24.27
N ILE A 382 -5.93 6.41 -23.68
CA ILE A 382 -6.31 5.07 -24.06
C ILE A 382 -6.71 4.18 -22.91
N ASN A 383 -7.50 3.16 -23.23
CA ASN A 383 -7.91 2.14 -22.27
C ASN A 383 -6.99 0.96 -22.48
N MET A 384 -5.96 0.90 -21.66
CA MET A 384 -4.91 -0.07 -21.85
C MET A 384 -5.44 -1.46 -21.61
N TRP A 385 -5.49 -2.25 -22.66
CA TRP A 385 -5.99 -3.62 -22.57
C TRP A 385 -7.39 -3.67 -21.99
N GLN A 386 -8.23 -2.71 -22.37
CA GLN A 386 -9.62 -2.60 -21.94
C GLN A 386 -9.69 -2.18 -20.48
N GLY A 387 -8.56 -1.77 -19.94
CA GLY A 387 -8.43 -1.23 -18.62
C GLY A 387 -8.98 0.17 -18.53
N VAL A 388 -10.29 0.27 -18.62
CA VAL A 388 -10.93 1.58 -18.49
C VAL A 388 -10.57 2.15 -17.12
N GLY A 389 -10.55 1.29 -16.11
CA GLY A 389 -10.19 1.69 -14.76
C GLY A 389 -8.69 1.90 -14.59
N ARG A 390 -7.93 1.68 -15.66
CA ARG A 390 -6.51 1.84 -15.69
C ARG A 390 -6.19 2.82 -16.80
N CYS A 391 -7.14 3.68 -17.17
CA CYS A 391 -6.95 4.64 -18.25
C CYS A 391 -5.72 5.49 -18.02
N MET A 392 -5.04 5.77 -19.12
CA MET A 392 -3.92 6.66 -19.06
C MET A 392 -3.72 7.58 -20.26
N TYR A 393 -3.21 8.76 -19.95
CA TYR A 393 -2.86 9.80 -20.88
C TYR A 393 -1.41 9.74 -21.26
N ALA A 394 -1.15 9.77 -22.54
CA ALA A 394 0.20 9.71 -23.03
C ALA A 394 0.99 10.96 -22.69
N PRO A 395 2.29 10.87 -22.46
CA PRO A 395 3.16 12.01 -22.42
C PRO A 395 3.35 12.37 -23.87
N PRO A 396 3.49 13.62 -24.23
CA PRO A 396 3.90 14.07 -25.54
C PRO A 396 5.37 13.85 -25.76
N ILE A 397 5.77 13.65 -26.99
CA ILE A 397 7.18 13.52 -27.35
C ILE A 397 7.58 14.55 -28.39
N ALA A 398 8.66 15.24 -28.12
CA ALA A 398 9.22 16.28 -28.97
C ALA A 398 10.02 15.78 -30.19
N GLY A 399 9.48 15.93 -31.44
CA GLY A 399 10.10 15.18 -32.61
C GLY A 399 9.43 14.89 -33.92
N ASN A 400 10.28 14.34 -34.78
CA ASN A 400 9.95 13.91 -36.12
C ASN A 400 10.17 12.44 -35.80
N ILE A 401 9.10 11.78 -35.31
CA ILE A 401 9.05 10.36 -34.88
C ILE A 401 9.01 9.42 -36.10
N THR A 402 9.90 8.43 -36.21
CA THR A 402 9.87 7.46 -37.29
C THR A 402 9.82 6.09 -36.67
N CYS A 403 9.37 5.08 -37.41
CA CYS A 403 9.43 3.72 -36.89
C CYS A 403 9.52 2.61 -37.93
N ARG A 404 10.49 1.74 -37.72
CA ARG A 404 10.72 0.53 -38.52
C ARG A 404 9.98 -0.54 -37.71
N SER A 405 10.02 -1.71 -38.36
CA SER A 405 9.68 -3.04 -37.78
C SER A 405 10.02 -4.15 -38.81
N ASN A 406 10.54 -5.32 -38.43
CA ASN A 406 10.65 -6.51 -39.31
C ASN A 406 9.36 -7.28 -39.05
N ILE A 407 8.45 -7.34 -40.02
CA ILE A 407 7.09 -7.93 -39.88
C ILE A 407 6.77 -9.15 -40.79
N THR A 408 5.65 -9.94 -40.65
CA THR A 408 4.55 -9.80 -39.72
C THR A 408 3.97 -11.15 -39.37
N GLY A 409 3.27 -11.23 -38.26
CA GLY A 409 2.41 -12.39 -38.00
C GLY A 409 0.98 -11.99 -38.38
N LEU A 410 0.14 -12.93 -38.85
CA LEU A 410 -1.22 -12.49 -39.17
C LEU A 410 -2.28 -13.10 -38.27
N LEU A 411 -3.30 -12.31 -37.99
CA LEU A 411 -4.49 -12.77 -37.27
C LEU A 411 -5.68 -12.58 -38.16
N LEU A 412 -6.27 -13.70 -38.58
CA LEU A 412 -7.35 -13.65 -39.55
C LEU A 412 -8.61 -14.39 -39.15
N THR A 413 -9.73 -13.95 -39.66
CA THR A 413 -10.97 -14.70 -39.48
C THR A 413 -11.58 -15.06 -40.83
N ARG A 414 -12.69 -15.79 -40.79
CA ARG A 414 -13.37 -16.27 -42.00
C ARG A 414 -14.85 -15.96 -42.04
N ASP A 415 -15.34 -15.64 -43.23
CA ASP A 415 -16.71 -15.32 -43.49
C ASP A 415 -17.21 -15.93 -44.83
N GLY A 416 -18.47 -15.67 -45.14
CA GLY A 416 -19.15 -16.16 -46.34
C GLY A 416 -20.36 -16.98 -45.92
N GLY A 417 -21.49 -16.73 -46.57
CA GLY A 417 -22.74 -17.39 -46.24
C GLY A 417 -23.09 -18.56 -47.14
N THR A 418 -24.39 -18.89 -47.17
CA THR A 418 -24.90 -20.03 -47.93
C THR A 418 -25.02 -19.69 -49.39
N ASN A 419 -24.81 -18.42 -49.69
CA ASN A 419 -24.84 -17.86 -51.00
C ASN A 419 -23.49 -17.83 -51.69
N SER A 420 -22.49 -18.49 -51.11
CA SER A 420 -21.21 -18.56 -51.77
C SER A 420 -20.77 -20.01 -51.86
N ASN A 421 -19.87 -20.44 -50.99
CA ASN A 421 -19.31 -21.78 -51.00
C ASN A 421 -18.65 -22.13 -52.33
N GLU A 422 -18.01 -21.14 -52.93
CA GLU A 422 -17.29 -21.25 -54.20
C GLU A 422 -16.03 -20.44 -54.03
N THR A 423 -16.11 -19.71 -52.95
CA THR A 423 -15.19 -18.72 -52.52
C THR A 423 -15.48 -18.55 -51.07
N GLU A 424 -14.48 -18.10 -50.35
CA GLU A 424 -14.55 -17.76 -48.94
C GLU A 424 -13.89 -16.42 -48.71
N THR A 425 -14.36 -15.68 -47.71
CA THR A 425 -13.84 -14.35 -47.43
C THR A 425 -13.08 -14.29 -46.14
N PHE A 426 -11.91 -13.72 -46.21
CA PHE A 426 -11.09 -13.61 -45.03
C PHE A 426 -11.00 -12.17 -44.62
N ARG A 427 -11.18 -11.92 -43.33
CA ARG A 427 -11.23 -10.55 -42.82
C ARG A 427 -10.13 -10.51 -41.77
N PRO A 428 -9.44 -9.23 -41.32
CA PRO A 428 -8.57 -8.95 -40.21
C PRO A 428 -9.29 -9.28 -38.92
N ALA A 429 -8.54 -9.76 -37.96
CA ALA A 429 -9.09 -10.13 -36.68
C ALA A 429 -8.09 -9.88 -35.56
N GLY A 430 -8.56 -9.88 -34.32
CA GLY A 430 -7.65 -9.68 -33.19
C GLY A 430 -8.39 -9.18 -31.95
N GLY A 431 -7.61 -8.75 -30.96
CA GLY A 431 -8.17 -8.24 -29.69
C GLY A 431 -7.82 -9.05 -28.44
N ASP A 432 -7.43 -10.31 -28.60
CA ASP A 432 -7.07 -11.08 -27.40
C ASP A 432 -5.56 -11.22 -27.25
N MET A 433 -5.05 -10.60 -26.20
CA MET A 433 -3.64 -10.53 -25.90
C MET A 433 -3.07 -11.93 -25.77
N ARG A 434 -3.93 -12.88 -25.40
CA ARG A 434 -3.51 -14.23 -25.22
C ARG A 434 -2.96 -14.81 -26.50
N ASP A 435 -3.53 -14.44 -27.63
CA ASP A 435 -3.09 -15.07 -28.85
C ASP A 435 -1.83 -14.42 -29.27
N ASN A 436 -1.68 -13.15 -28.92
CA ASN A 436 -0.46 -12.49 -29.32
C ASN A 436 0.75 -13.24 -28.76
N TRP A 437 0.63 -13.78 -27.54
CA TRP A 437 1.79 -14.52 -27.06
C TRP A 437 1.70 -15.96 -27.46
N ARG A 438 0.48 -16.53 -27.51
CA ARG A 438 0.25 -17.94 -27.79
C ARG A 438 1.01 -18.33 -29.04
N SER A 439 0.96 -17.41 -30.00
CA SER A 439 1.61 -17.50 -31.27
C SER A 439 3.02 -18.06 -31.16
N GLU A 440 3.80 -17.65 -30.16
CA GLU A 440 5.16 -18.17 -30.06
C GLU A 440 5.34 -19.09 -28.87
N LEU A 441 4.53 -18.89 -27.83
CA LEU A 441 4.70 -19.64 -26.60
C LEU A 441 4.48 -21.13 -26.81
N TYR A 442 3.60 -21.47 -27.76
CA TYR A 442 3.21 -22.82 -28.09
C TYR A 442 4.32 -23.81 -28.23
N LYS A 443 5.53 -23.34 -28.50
CA LYS A 443 6.61 -24.26 -28.71
C LYS A 443 6.93 -25.08 -27.49
N TYR A 444 6.56 -24.60 -26.31
CA TYR A 444 6.94 -25.24 -25.08
C TYR A 444 5.84 -25.89 -24.26
N LYS A 445 6.19 -26.98 -23.58
CA LYS A 445 5.32 -27.68 -22.63
C LYS A 445 6.06 -27.84 -21.31
N VAL A 446 5.37 -27.66 -20.19
CA VAL A 446 6.07 -27.78 -18.94
C VAL A 446 5.70 -29.06 -18.23
N VAL A 447 6.72 -29.79 -17.81
CA VAL A 447 6.53 -31.08 -17.19
C VAL A 447 7.24 -31.17 -15.85
N LYS A 448 6.79 -32.12 -15.06
CA LYS A 448 7.34 -32.38 -13.74
C LYS A 448 8.15 -33.66 -13.77
N ILE A 449 9.29 -33.63 -13.13
CA ILE A 449 10.09 -34.84 -13.05
C ILE A 449 9.57 -35.66 -11.92
N GLU A 450 9.23 -36.92 -12.18
CA GLU A 450 8.72 -37.77 -11.14
C GLU A 450 9.69 -38.90 -10.78
N PRO A 451 10.54 -38.74 -9.78
CA PRO A 451 11.52 -39.71 -9.40
C PRO A 451 10.85 -40.82 -8.63
N LEU A 452 11.54 -41.94 -8.56
CA LEU A 452 11.23 -43.11 -7.79
C LEU A 452 10.18 -44.05 -8.35
N GLY A 453 10.67 -45.12 -8.95
CA GLY A 453 9.84 -46.10 -9.62
C GLY A 453 10.18 -47.50 -9.10
N VAL A 454 9.57 -48.51 -9.68
CA VAL A 454 9.73 -49.86 -9.19
C VAL A 454 9.81 -50.84 -10.33
N ALA A 455 10.57 -51.89 -10.14
CA ALA A 455 10.68 -52.93 -11.14
C ALA A 455 11.07 -54.24 -10.45
N PRO A 456 10.72 -55.40 -11.00
CA PRO A 456 11.18 -56.68 -10.56
C PRO A 456 12.58 -56.92 -11.00
N THR A 457 13.29 -57.72 -10.23
CA THR A 457 14.64 -58.11 -10.59
C THR A 457 14.93 -59.56 -10.23
N ARG A 458 14.35 -60.04 -9.14
CA ARG A 458 14.53 -61.45 -8.76
C ARG A 458 15.68 -61.61 -7.78
N CYS A 459 16.49 -60.59 -7.67
CA CYS A 459 17.64 -60.59 -6.78
C CYS A 459 17.16 -60.34 -5.37
N LYS A 460 17.90 -60.76 -4.36
CA LYS A 460 17.34 -60.62 -3.02
C LYS A 460 18.40 -60.14 -2.03
N ARG A 461 17.97 -59.43 -1.00
CA ARG A 461 18.89 -59.01 0.04
C ARG A 461 19.08 -60.01 1.16
N ARG A 462 20.35 -60.29 1.43
CA ARG A 462 20.71 -61.11 2.56
C ARG A 462 20.64 -60.28 3.80
N VAL A 463 19.99 -60.80 4.81
CA VAL A 463 19.85 -60.12 6.08
C VAL A 463 19.30 -61.06 7.13
N ALA B 9 26.49 -37.32 -25.84
CA ALA B 9 26.78 -36.43 -26.96
C ALA B 9 26.71 -34.91 -26.64
N VAL B 10 25.88 -34.33 -25.71
CA VAL B 10 24.86 -34.77 -24.69
C VAL B 10 25.52 -35.32 -23.39
N GLY B 11 25.65 -36.64 -23.26
CA GLY B 11 26.29 -37.25 -22.11
C GLY B 11 25.44 -37.09 -20.86
N ILE B 12 26.01 -37.43 -19.71
CA ILE B 12 25.29 -37.33 -18.45
C ILE B 12 24.88 -35.91 -18.14
N GLY B 13 25.75 -34.95 -18.40
CA GLY B 13 25.37 -33.60 -18.08
C GLY B 13 24.05 -33.27 -18.76
N ALA B 14 23.99 -33.33 -20.08
CA ALA B 14 22.72 -32.97 -20.69
C ALA B 14 21.55 -33.88 -20.28
N VAL B 15 21.81 -35.19 -20.16
CA VAL B 15 20.75 -36.15 -19.85
C VAL B 15 20.13 -35.98 -18.48
N PHE B 16 20.99 -35.80 -17.47
CA PHE B 16 20.58 -35.67 -16.07
C PHE B 16 20.81 -34.32 -15.38
N LEU B 17 21.74 -33.46 -15.88
CA LEU B 17 21.79 -32.08 -15.36
C LEU B 17 20.51 -31.48 -15.95
N GLY B 18 20.31 -31.84 -17.21
CA GLY B 18 19.13 -31.49 -17.98
C GLY B 18 18.23 -32.65 -17.63
N PHE B 19 17.07 -32.83 -18.22
CA PHE B 19 16.30 -33.95 -17.69
C PHE B 19 15.64 -34.81 -18.73
N LEU B 20 15.50 -36.03 -18.23
CA LEU B 20 14.77 -37.09 -18.93
C LEU B 20 15.47 -37.56 -20.21
N GLY B 21 16.75 -37.26 -20.37
CA GLY B 21 17.44 -37.68 -21.60
C GLY B 21 17.50 -39.18 -21.82
N ALA B 22 17.59 -39.94 -20.74
CA ALA B 22 17.72 -41.37 -20.81
C ALA B 22 16.41 -42.05 -21.02
N ALA B 23 15.32 -41.30 -21.05
CA ALA B 23 14.04 -41.95 -21.20
C ALA B 23 14.03 -42.77 -22.50
N GLY B 24 14.78 -42.35 -23.52
CA GLY B 24 14.78 -43.08 -24.79
C GLY B 24 15.85 -44.20 -24.91
N SER B 25 16.58 -44.47 -23.82
CA SER B 25 17.71 -45.44 -23.83
C SER B 25 17.40 -46.81 -23.22
N THR B 26 16.15 -47.00 -22.82
CA THR B 26 15.55 -48.16 -22.14
C THR B 26 16.09 -48.28 -20.73
N MET B 27 15.31 -48.90 -19.86
CA MET B 27 15.66 -48.86 -18.45
C MET B 27 16.95 -49.52 -18.02
N GLY B 28 17.43 -50.51 -18.72
CA GLY B 28 18.71 -51.09 -18.35
C GLY B 28 19.83 -50.05 -18.35
N ALA B 29 19.71 -49.02 -19.18
CA ALA B 29 20.72 -47.97 -19.30
C ALA B 29 20.92 -47.23 -17.99
N ALA B 30 19.84 -47.14 -17.23
CA ALA B 30 19.71 -46.36 -16.02
C ALA B 30 20.68 -46.81 -14.96
N SER B 31 21.04 -48.09 -15.00
CA SER B 31 21.86 -48.66 -13.96
C SER B 31 23.22 -48.00 -13.86
N MET B 32 23.64 -47.32 -14.92
CA MET B 32 24.93 -46.69 -14.93
C MET B 32 24.85 -45.18 -14.73
N THR B 33 23.65 -44.64 -14.63
CA THR B 33 23.56 -43.19 -14.63
C THR B 33 22.68 -42.47 -13.62
N LEU B 34 21.76 -43.16 -12.96
CA LEU B 34 20.83 -42.39 -12.12
C LEU B 34 21.43 -41.83 -10.84
N THR B 35 22.24 -40.81 -11.00
CA THR B 35 22.97 -40.19 -9.92
C THR B 35 22.69 -38.70 -9.96
N VAL B 36 23.23 -38.09 -10.99
CA VAL B 36 23.12 -36.68 -11.26
C VAL B 36 21.67 -36.26 -11.32
N GLN B 37 20.82 -37.13 -11.82
CA GLN B 37 19.44 -36.73 -11.90
C GLN B 37 18.97 -36.19 -10.58
N ALA B 38 19.35 -36.83 -9.48
CA ALA B 38 18.83 -36.40 -8.21
C ALA B 38 19.44 -35.10 -7.76
N ARG B 39 20.74 -34.93 -7.98
CA ARG B 39 21.35 -33.73 -7.38
C ARG B 39 20.88 -32.48 -8.05
N ASN B 40 20.58 -32.55 -9.34
CA ASN B 40 20.21 -31.33 -10.01
C ASN B 40 18.74 -30.99 -9.89
N LEU B 41 17.99 -31.77 -9.13
CA LEU B 41 16.60 -31.46 -8.87
C LEU B 41 16.46 -30.75 -7.54
N LEU B 42 17.58 -30.54 -6.84
CA LEU B 42 17.57 -29.92 -5.52
C LEU B 42 18.23 -28.55 -5.55
N SER B 43 18.39 -28.02 -6.74
CA SER B 43 19.01 -26.72 -6.91
C SER B 43 18.08 -25.63 -6.45
N GLY B 44 18.64 -24.44 -6.23
CA GLY B 44 18.65 -23.04 -5.86
C GLY B 44 20.00 -22.42 -6.17
N THR B 66 7.90 -6.46 -5.55
CA THR B 66 7.99 -6.88 -4.16
C THR B 66 7.21 -8.15 -3.95
N VAL B 67 6.00 -8.16 -4.49
CA VAL B 67 5.05 -9.26 -4.35
C VAL B 67 5.57 -10.55 -4.98
N TRP B 68 6.50 -10.43 -5.92
CA TRP B 68 7.10 -11.58 -6.54
C TRP B 68 7.92 -12.35 -5.53
N GLY B 69 8.24 -11.73 -4.40
CA GLY B 69 8.99 -12.37 -3.35
C GLY B 69 8.19 -13.56 -2.85
N ILE B 70 6.86 -13.44 -2.82
CA ILE B 70 6.05 -14.53 -2.36
C ILE B 70 6.10 -15.60 -3.39
N LYS B 71 5.93 -15.22 -4.65
CA LYS B 71 5.98 -16.26 -5.65
C LYS B 71 7.26 -17.07 -5.58
N GLN B 72 8.39 -16.38 -5.41
CA GLN B 72 9.65 -17.08 -5.35
C GLN B 72 9.81 -17.88 -4.09
N LEU B 73 9.37 -17.35 -2.96
CA LEU B 73 9.50 -18.11 -1.75
C LEU B 73 8.66 -19.35 -1.80
N GLN B 74 7.46 -19.27 -2.36
CA GLN B 74 6.63 -20.44 -2.40
C GLN B 74 7.27 -21.51 -3.23
N ALA B 75 7.84 -21.14 -4.36
CA ALA B 75 8.46 -22.12 -5.20
C ALA B 75 9.60 -22.84 -4.49
N ARG B 76 10.41 -22.07 -3.77
CA ARG B 76 11.54 -22.65 -3.10
C ARG B 76 11.11 -23.60 -2.01
N VAL B 77 10.12 -23.19 -1.24
CA VAL B 77 9.66 -24.01 -0.16
C VAL B 77 9.06 -25.28 -0.66
N LEU B 78 8.25 -25.19 -1.70
CA LEU B 78 7.61 -26.37 -2.20
C LEU B 78 8.61 -27.35 -2.75
N ALA B 79 9.65 -26.86 -3.42
CA ALA B 79 10.63 -27.79 -3.92
C ALA B 79 11.27 -28.55 -2.78
N VAL B 80 11.54 -27.84 -1.68
CA VAL B 80 12.12 -28.49 -0.54
C VAL B 80 11.15 -29.49 0.06
N GLU B 81 9.90 -29.10 0.19
CA GLU B 81 8.96 -30.03 0.77
C GLU B 81 8.86 -31.30 -0.03
N ARG B 82 8.84 -31.18 -1.35
CA ARG B 82 8.70 -32.38 -2.15
C ARG B 82 9.88 -33.29 -1.92
N TYR B 83 11.06 -32.71 -1.93
CA TYR B 83 12.24 -33.48 -1.72
C TYR B 83 12.19 -34.23 -0.42
N LEU B 84 11.88 -33.51 0.64
CA LEU B 84 11.91 -34.14 1.93
C LEU B 84 10.86 -35.21 2.07
N ARG B 85 9.68 -35.00 1.50
CA ARG B 85 8.67 -36.03 1.65
C ARG B 85 9.12 -37.31 0.98
N ASP B 86 9.76 -37.21 -0.18
CA ASP B 86 10.23 -38.42 -0.81
C ASP B 86 11.29 -39.08 0.03
N GLN B 87 12.15 -38.29 0.67
CA GLN B 87 13.18 -38.89 1.49
C GLN B 87 12.57 -39.63 2.64
N GLN B 88 11.46 -39.13 3.15
CA GLN B 88 10.82 -39.77 4.27
C GLN B 88 10.36 -41.16 3.88
N LEU B 89 9.76 -41.32 2.70
CA LEU B 89 9.32 -42.66 2.32
C LEU B 89 10.49 -43.56 2.07
N LEU B 90 11.54 -43.03 1.48
CA LEU B 90 12.67 -43.87 1.21
C LEU B 90 13.23 -44.37 2.50
N GLY B 91 13.27 -43.51 3.51
CA GLY B 91 13.78 -43.90 4.80
C GLY B 91 12.92 -45.02 5.37
N ILE B 92 11.62 -44.83 5.37
CA ILE B 92 10.70 -45.78 5.96
C ILE B 92 10.81 -47.16 5.38
N TRP B 93 10.91 -47.25 4.09
CA TRP B 93 10.97 -48.55 3.46
C TRP B 93 12.33 -49.20 3.47
N GLY B 94 13.37 -48.48 3.86
CA GLY B 94 14.71 -48.97 3.71
C GLY B 94 15.04 -48.74 2.23
N CYS B 95 16.27 -48.99 1.78
CA CYS B 95 17.42 -49.45 2.55
C CYS B 95 18.41 -48.34 2.98
N SER B 96 18.46 -47.10 2.43
CA SER B 96 17.74 -46.49 1.32
C SER B 96 18.74 -45.63 0.60
N GLY B 97 19.91 -45.55 1.20
CA GLY B 97 20.96 -44.67 0.69
C GLY B 97 21.62 -45.18 -0.57
N LYS B 98 21.26 -46.38 -1.01
CA LYS B 98 21.88 -46.96 -2.18
C LYS B 98 21.14 -46.62 -3.48
N LEU B 99 19.99 -45.99 -3.36
CA LEU B 99 19.08 -45.64 -4.48
C LEU B 99 18.44 -46.83 -5.18
N ILE B 100 19.08 -47.99 -5.13
CA ILE B 100 18.51 -49.20 -5.64
C ILE B 100 18.52 -50.23 -4.52
N CYS B 101 17.34 -50.62 -4.07
CA CYS B 101 17.29 -51.47 -2.91
C CYS B 101 16.44 -52.71 -3.08
N CYS B 102 16.86 -53.81 -2.47
CA CYS B 102 16.01 -54.98 -2.40
C CYS B 102 15.27 -54.94 -1.09
N THR B 103 13.96 -55.13 -1.15
CA THR B 103 13.13 -55.08 0.05
C THR B 103 12.59 -56.40 0.55
N ASN B 104 13.01 -57.48 -0.10
CA ASN B 104 12.64 -58.83 0.25
C ASN B 104 11.15 -59.09 0.35
N VAL B 105 10.45 -58.58 -0.63
CA VAL B 105 9.03 -58.78 -0.81
C VAL B 105 8.90 -59.44 -2.18
N PRO B 106 8.20 -60.57 -2.30
CA PRO B 106 8.00 -61.29 -3.54
C PRO B 106 6.99 -60.57 -4.38
N TRP B 107 7.00 -60.82 -5.68
CA TRP B 107 5.95 -60.30 -6.55
C TRP B 107 4.67 -61.11 -6.56
N ASN B 108 3.54 -60.41 -6.60
CA ASN B 108 2.25 -61.05 -6.79
C ASN B 108 2.22 -61.49 -8.22
N SER B 109 1.73 -62.69 -8.48
CA SER B 109 1.68 -63.21 -9.83
C SER B 109 0.84 -62.39 -10.79
N SER B 110 -0.08 -61.56 -10.28
CA SER B 110 -0.94 -60.74 -11.12
C SER B 110 -0.16 -59.66 -11.83
N TRP B 111 1.08 -59.43 -11.39
CA TRP B 111 1.96 -58.43 -11.91
C TRP B 111 3.08 -59.04 -12.77
N SER B 112 2.98 -60.34 -13.08
CA SER B 112 4.04 -61.05 -13.83
C SER B 112 3.63 -61.44 -15.25
N ASN B 113 3.11 -60.48 -15.98
CA ASN B 113 2.65 -60.68 -17.33
C ASN B 113 3.71 -60.38 -18.39
N ARG B 114 4.93 -60.11 -17.96
CA ARG B 114 6.03 -59.84 -18.86
C ARG B 114 7.29 -60.55 -18.42
N ASN B 115 8.18 -60.81 -19.36
CA ASN B 115 9.46 -61.40 -19.03
C ASN B 115 10.40 -60.35 -18.46
N LEU B 116 11.30 -60.77 -17.61
CA LEU B 116 12.25 -59.81 -17.07
C LEU B 116 13.13 -59.20 -18.14
N SER B 117 13.48 -59.97 -19.16
CA SER B 117 14.36 -59.43 -20.18
C SER B 117 13.63 -58.38 -20.99
N GLU B 118 12.33 -58.57 -21.14
CA GLU B 118 11.54 -57.61 -21.87
C GLU B 118 11.51 -56.30 -21.11
N ILE B 119 11.35 -56.41 -19.79
CA ILE B 119 11.29 -55.25 -18.94
C ILE B 119 12.58 -54.48 -18.96
N TRP B 120 13.69 -55.15 -18.76
CA TRP B 120 14.94 -54.43 -18.69
C TRP B 120 15.60 -54.02 -20.00
N ASP B 121 15.44 -54.81 -21.05
CA ASP B 121 16.09 -54.45 -22.28
C ASP B 121 15.25 -53.68 -23.29
N ASN B 122 13.92 -53.92 -23.32
CA ASN B 122 13.11 -53.27 -24.34
C ASN B 122 12.31 -52.10 -23.78
N MET B 123 11.81 -52.24 -22.58
CA MET B 123 10.94 -51.20 -22.06
C MET B 123 11.68 -50.03 -21.47
N THR B 124 11.02 -48.89 -21.53
CA THR B 124 11.49 -47.68 -20.92
C THR B 124 10.76 -47.51 -19.62
N TRP B 125 11.22 -46.56 -18.81
CA TRP B 125 10.58 -46.26 -17.55
C TRP B 125 9.31 -45.51 -17.79
N LEU B 126 9.32 -44.92 -18.98
CA LEU B 126 8.21 -44.10 -19.28
C LEU B 126 7.13 -45.11 -19.54
N GLN B 127 7.49 -46.11 -20.35
CA GLN B 127 6.50 -47.07 -20.82
C GLN B 127 6.00 -47.97 -19.71
N TRP B 128 6.91 -48.45 -18.88
CA TRP B 128 6.57 -49.38 -17.82
C TRP B 128 5.54 -48.74 -16.93
N ASP B 129 5.82 -47.50 -16.59
CA ASP B 129 5.06 -46.61 -15.74
C ASP B 129 3.67 -46.32 -16.22
N LYS B 130 3.34 -46.67 -17.45
CA LYS B 130 2.00 -46.40 -17.90
C LYS B 130 1.04 -47.45 -17.37
N GLU B 131 1.54 -48.67 -17.15
CA GLU B 131 0.69 -49.79 -16.74
C GLU B 131 0.93 -50.18 -15.30
N ILE B 132 2.19 -50.10 -14.86
CA ILE B 132 2.59 -50.57 -13.55
C ILE B 132 2.14 -49.58 -12.47
N SER B 133 1.57 -48.48 -12.95
CA SER B 133 1.01 -47.37 -12.21
C SER B 133 -0.15 -47.82 -11.34
N ASN B 134 -0.73 -48.95 -11.69
CA ASN B 134 -1.83 -49.43 -10.91
C ASN B 134 -1.25 -50.05 -9.65
N TYR B 135 -2.09 -50.17 -8.63
CA TYR B 135 -1.69 -50.79 -7.37
C TYR B 135 -0.55 -50.05 -6.67
N THR B 136 -0.50 -48.73 -6.78
CA THR B 136 0.58 -47.98 -6.17
C THR B 136 0.67 -48.16 -4.66
N GLN B 137 -0.46 -48.09 -4.01
CA GLN B 137 -0.48 -48.16 -2.57
C GLN B 137 -0.32 -49.57 -2.06
N ILE B 138 -0.49 -50.53 -2.96
CA ILE B 138 -0.40 -51.91 -2.58
C ILE B 138 1.05 -52.14 -2.33
N ILE B 139 1.85 -51.65 -3.26
CA ILE B 139 3.27 -51.81 -3.14
C ILE B 139 3.74 -51.10 -1.92
N TYR B 140 3.29 -49.87 -1.71
CA TYR B 140 3.78 -49.17 -0.56
C TYR B 140 3.43 -49.87 0.74
N GLY B 141 2.22 -50.40 0.84
CA GLY B 141 1.80 -51.11 2.02
C GLY B 141 2.72 -52.30 2.27
N LEU B 142 2.97 -53.07 1.22
CA LEU B 142 3.81 -54.23 1.33
C LEU B 142 5.24 -53.86 1.73
N LEU B 143 5.74 -52.76 1.20
CA LEU B 143 7.11 -52.38 1.52
C LEU B 143 7.20 -51.98 2.98
N GLU B 144 6.23 -51.20 3.45
CA GLU B 144 6.27 -50.76 4.83
C GLU B 144 6.25 -51.94 5.77
N GLU B 145 5.36 -52.88 5.50
CA GLU B 145 5.27 -54.01 6.38
C GLU B 145 6.47 -54.94 6.33
N SER B 146 7.09 -55.20 5.17
CA SER B 146 8.21 -56.13 5.28
C SER B 146 9.32 -55.51 6.11
N GLN B 147 9.43 -54.18 6.04
CA GLN B 147 10.45 -53.50 6.80
C GLN B 147 10.13 -53.58 8.29
N ASN B 148 8.85 -53.46 8.64
CA ASN B 148 8.48 -53.54 10.04
C ASN B 148 8.84 -54.88 10.64
N GLN B 149 8.68 -55.93 9.84
CA GLN B 149 8.96 -57.27 10.32
C GLN B 149 10.43 -57.45 10.56
N GLN B 150 11.25 -56.92 9.65
CA GLN B 150 12.67 -57.02 9.83
C GLN B 150 13.08 -56.33 11.10
N GLU B 151 12.51 -55.16 11.34
CA GLU B 151 12.86 -54.39 12.50
C GLU B 151 12.53 -55.13 13.77
N LYS B 152 11.39 -55.80 13.82
CA LYS B 152 11.12 -56.54 15.03
C LYS B 152 12.13 -57.63 15.23
N ASN B 153 12.50 -58.34 14.17
CA ASN B 153 13.44 -59.41 14.34
C ASN B 153 14.77 -58.86 14.82
N GLU B 154 15.18 -57.70 14.33
CA GLU B 154 16.42 -57.12 14.79
C GLU B 154 16.35 -56.74 16.25
N GLN B 155 15.20 -56.23 16.70
CA GLN B 155 15.10 -55.85 18.10
C GLN B 155 15.18 -57.09 18.97
N ASP B 156 14.60 -58.20 18.49
CA ASP B 156 14.68 -59.40 19.28
C ASP B 156 16.11 -59.87 19.30
N LEU B 157 16.82 -59.80 18.18
CA LEU B 157 18.21 -60.20 18.21
C LEU B 157 19.04 -59.32 19.13
N LEU B 158 18.76 -58.01 19.19
CA LEU B 158 19.52 -57.18 20.12
C LEU B 158 19.27 -57.63 21.55
N ALA B 159 17.99 -57.92 21.85
CA ALA B 159 17.57 -58.36 23.19
C ALA B 159 18.12 -59.75 23.56
N LEU B 160 18.16 -60.65 22.60
CA LEU B 160 18.68 -62.00 22.77
C LEU B 160 20.19 -62.00 22.93
N ASP B 161 20.85 -61.09 22.23
CA ASP B 161 22.28 -60.90 22.30
C ASP B 161 22.63 -59.73 23.22
N GLN C 1 7.67 28.09 -70.39
CA GLN C 1 7.90 28.17 -68.95
C GLN C 1 6.90 29.12 -68.30
N VAL C 2 6.95 29.22 -66.98
CA VAL C 2 6.00 30.04 -66.25
C VAL C 2 6.58 31.43 -66.06
N GLN C 3 5.68 32.41 -65.94
CA GLN C 3 6.01 33.81 -65.73
C GLN C 3 5.14 34.34 -64.61
N LEU C 4 5.77 34.85 -63.56
CA LEU C 4 5.04 35.51 -62.51
C LEU C 4 4.71 36.94 -62.93
N VAL C 5 3.62 37.47 -62.36
CA VAL C 5 3.14 38.83 -62.64
C VAL C 5 3.03 39.55 -61.32
N GLN C 6 3.75 40.65 -61.17
CA GLN C 6 3.73 41.41 -59.92
C GLN C 6 2.91 42.68 -60.07
N SER C 7 2.88 43.47 -58.99
CA SER C 7 2.17 44.74 -58.92
C SER C 7 3.03 45.85 -59.50
N GLY C 8 2.52 47.07 -59.44
CA GLY C 8 3.22 48.20 -60.00
C GLY C 8 3.82 49.10 -58.94
N ALA C 9 3.92 50.39 -59.25
CA ALA C 9 4.53 51.35 -58.35
C ALA C 9 3.63 51.63 -57.16
N GLN C 10 4.26 51.82 -55.99
CA GLN C 10 3.57 52.22 -54.77
C GLN C 10 4.38 53.28 -54.05
N MET C 11 3.79 54.46 -53.88
CA MET C 11 4.44 55.59 -53.23
C MET C 11 3.58 56.03 -52.05
N LYS C 12 4.11 55.88 -50.84
CA LYS C 12 3.33 56.18 -49.64
C LYS C 12 4.18 56.87 -48.58
N ASN C 13 3.47 57.50 -47.66
CA ASN C 13 4.04 58.09 -46.46
C ASN C 13 4.20 57.03 -45.37
N PRO C 14 4.87 57.35 -44.26
CA PRO C 14 4.89 56.39 -43.15
C PRO C 14 3.48 56.06 -42.70
N GLY C 15 3.27 54.80 -42.31
CA GLY C 15 1.92 54.32 -42.03
C GLY C 15 1.12 54.06 -43.29
N ALA C 16 1.62 53.16 -44.14
CA ALA C 16 1.08 53.03 -45.49
C ALA C 16 0.02 51.94 -45.59
N SER C 17 0.33 50.73 -45.09
CA SER C 17 -0.47 49.52 -45.24
C SER C 17 -0.64 49.15 -46.72
N VAL C 18 0.52 48.88 -47.34
CA VAL C 18 0.65 48.62 -48.77
C VAL C 18 0.23 47.19 -49.07
N LYS C 19 -0.55 47.00 -50.13
CA LYS C 19 -0.95 45.67 -50.59
C LYS C 19 -0.14 45.34 -51.83
N VAL C 20 0.56 44.21 -51.81
CA VAL C 20 1.40 43.77 -52.91
C VAL C 20 0.89 42.41 -53.39
N SER C 21 0.54 42.33 -54.67
CA SER C 21 0.02 41.11 -55.25
C SER C 21 1.09 40.39 -56.06
N CYS C 22 0.87 39.10 -56.29
CA CYS C 22 1.69 38.33 -57.22
C CYS C 22 0.79 37.23 -57.81
N ALA C 23 0.55 37.31 -59.12
CA ALA C 23 -0.35 36.41 -59.82
C ALA C 23 0.43 35.53 -60.78
N PRO C 24 0.68 34.26 -60.43
CA PRO C 24 1.39 33.37 -61.34
C PRO C 24 0.60 33.05 -62.61
N SER C 25 1.34 32.77 -63.68
CA SER C 25 0.77 32.47 -64.99
C SER C 25 1.46 31.24 -65.56
N GLY C 26 0.81 30.09 -65.47
CA GLY C 26 1.31 28.88 -66.08
C GLY C 26 1.16 27.63 -65.25
N TYR C 27 1.39 27.72 -63.94
CA TYR C 27 1.23 26.56 -63.09
C TYR C 27 -0.01 26.72 -62.21
N THR C 28 -0.50 25.60 -61.70
CA THR C 28 -1.65 25.66 -60.82
C THR C 28 -1.23 26.28 -59.50
N PHE C 29 -1.96 27.33 -59.10
CA PHE C 29 -1.61 28.12 -57.93
C PHE C 29 -1.62 27.31 -56.64
N THR C 30 -2.43 26.25 -56.57
CA THR C 30 -2.52 25.44 -55.37
C THR C 30 -1.63 24.21 -55.46
N ASP C 31 -0.55 24.28 -56.19
CA ASP C 31 0.35 23.15 -56.34
C ASP C 31 1.68 23.34 -55.62
N PHE C 32 2.39 24.44 -55.84
CA PHE C 32 3.66 24.72 -55.19
C PHE C 32 3.52 25.80 -54.13
N TYR C 33 4.45 25.81 -53.17
CA TYR C 33 4.52 26.83 -52.13
C TYR C 33 4.96 28.18 -52.66
N ILE C 34 4.76 29.19 -51.81
CA ILE C 34 4.98 30.60 -52.11
C ILE C 34 5.89 31.17 -51.04
N HIS C 35 7.01 31.78 -51.45
CA HIS C 35 7.91 32.51 -50.56
C HIS C 35 8.00 33.96 -51.02
N TRP C 36 8.07 34.89 -50.05
CA TRP C 36 8.32 36.30 -50.34
C TRP C 36 9.69 36.71 -49.82
N LEU C 37 10.39 37.55 -50.57
CA LEU C 37 11.69 38.05 -50.13
C LEU C 37 11.77 39.55 -50.30
N ARG C 38 12.71 40.14 -49.58
CA ARG C 38 13.06 41.55 -49.71
C ARG C 38 14.56 41.69 -49.93
N GLN C 39 14.94 42.65 -50.79
CA GLN C 39 16.34 42.97 -51.02
C GLN C 39 16.52 44.48 -50.95
N ALA C 40 16.99 44.99 -49.82
CA ALA C 40 17.22 46.41 -49.69
C ALA C 40 18.42 46.81 -50.54
N PRO C 41 18.46 48.05 -51.03
CA PRO C 41 19.63 48.48 -51.81
C PRO C 41 20.89 48.46 -50.94
N GLY C 42 21.86 47.64 -51.34
CA GLY C 42 23.09 47.45 -50.62
C GLY C 42 23.13 46.17 -49.82
N GLN C 43 21.99 45.68 -49.38
CA GLN C 43 21.91 44.46 -48.57
C GLN C 43 21.71 43.26 -49.49
N GLY C 44 21.66 42.07 -48.89
CA GLY C 44 21.41 40.85 -49.62
C GLY C 44 19.95 40.45 -49.57
N LEU C 45 19.71 39.16 -49.81
CA LEU C 45 18.35 38.67 -49.95
C LEU C 45 17.84 38.33 -48.56
N GLN C 46 16.80 39.01 -48.12
CA GLN C 46 16.21 38.76 -46.82
C GLN C 46 14.86 38.10 -47.06
N TRP C 47 14.70 36.92 -46.50
CA TRP C 47 13.48 36.15 -46.66
C TRP C 47 12.41 36.70 -45.73
N MET C 48 11.18 36.81 -46.25
CA MET C 48 10.07 37.37 -45.48
C MET C 48 9.19 36.30 -44.83
N GLY C 49 8.61 35.42 -45.61
CA GLY C 49 7.65 34.44 -45.10
C GLY C 49 7.25 33.51 -46.21
N TRP C 50 6.71 32.35 -45.83
CA TRP C 50 6.15 31.43 -46.80
C TRP C 50 4.63 31.28 -46.62
N MET C 51 3.95 30.92 -47.70
CA MET C 51 2.53 30.66 -47.61
C MET C 51 2.23 29.30 -48.21
N ASN C 52 1.34 28.55 -47.56
CA ASN C 52 0.77 27.34 -48.12
C ASN C 52 -0.51 27.71 -48.82
N PRO C 53 -0.57 27.69 -50.15
CA PRO C 53 -1.79 28.09 -50.84
C PRO C 53 -2.92 27.09 -50.71
N GLN C 54 -2.65 25.92 -50.16
CA GLN C 54 -3.71 24.92 -49.99
C GLN C 54 -4.65 25.31 -48.86
N THR C 55 -4.10 25.63 -47.69
CA THR C 55 -4.90 25.96 -46.53
C THR C 55 -4.68 27.35 -45.98
N GLY C 56 -3.82 28.16 -46.61
CA GLY C 56 -3.58 29.52 -46.17
C GLY C 56 -2.59 29.70 -45.05
N ARG C 57 -2.06 28.61 -44.49
CA ARG C 57 -1.12 28.65 -43.37
C ARG C 57 0.21 29.27 -43.78
N THR C 58 0.71 30.20 -42.96
CA THR C 58 1.97 30.87 -43.24
C THR C 58 2.87 30.87 -42.01
N ASN C 59 4.09 31.37 -42.23
CA ASN C 59 5.11 31.55 -41.21
C ASN C 59 6.09 32.60 -41.72
N THR C 60 6.33 33.63 -40.94
CA THR C 60 7.16 34.74 -41.34
C THR C 60 8.43 34.77 -40.51
N ALA C 61 9.30 35.73 -40.81
CA ALA C 61 10.57 35.86 -40.11
C ALA C 61 10.34 36.40 -38.70
N ARG C 62 11.40 36.53 -37.91
CA ARG C 62 11.20 36.92 -36.51
C ARG C 62 10.94 38.40 -36.37
N ASN C 63 11.52 39.23 -37.25
CA ASN C 63 11.43 40.67 -37.11
C ASN C 63 10.18 41.28 -37.72
N PHE C 64 9.25 40.46 -38.22
CA PHE C 64 8.01 40.96 -38.81
C PHE C 64 6.77 40.56 -38.02
N GLN C 65 6.90 40.13 -36.76
CA GLN C 65 5.78 39.58 -36.02
C GLN C 65 4.80 40.70 -35.69
N GLY C 66 3.99 41.05 -36.69
CA GLY C 66 3.04 42.12 -36.52
C GLY C 66 2.94 43.07 -37.70
N ARG C 67 4.02 43.22 -38.45
CA ARG C 67 4.00 44.19 -39.54
C ARG C 67 3.60 43.56 -40.88
N VAL C 68 3.89 42.28 -41.09
CA VAL C 68 3.71 41.63 -42.38
C VAL C 68 2.66 40.55 -42.22
N THR C 69 1.54 40.68 -42.94
CA THR C 69 0.55 39.60 -43.02
C THR C 69 0.40 39.19 -44.47
N MET C 70 0.10 37.91 -44.67
CA MET C 70 0.05 37.30 -45.99
C MET C 70 -1.23 36.50 -46.12
N THR C 71 -2.00 36.76 -47.17
CA THR C 71 -3.24 36.05 -47.42
C THR C 71 -3.30 35.57 -48.86
N ARG C 72 -4.18 34.60 -49.09
CA ARG C 72 -4.37 33.98 -50.39
C ARG C 72 -5.73 34.36 -50.95
N ASP C 73 -5.86 34.22 -52.26
CA ASP C 73 -7.16 34.34 -52.92
C ASP C 73 -7.14 33.35 -54.08
N THR C 74 -7.72 32.18 -53.86
CA THR C 74 -7.60 31.05 -54.79
C THR C 74 -8.67 31.07 -55.87
N SER C 75 -9.55 32.06 -55.88
CA SER C 75 -10.49 32.21 -56.98
C SER C 75 -9.77 32.67 -58.24
N ILE C 76 -8.94 33.70 -58.12
CA ILE C 76 -8.13 34.14 -59.24
C ILE C 76 -6.90 33.27 -59.36
N GLY C 77 -6.26 32.97 -58.24
CA GLY C 77 -5.03 32.22 -58.22
C GLY C 77 -3.84 33.07 -57.85
N THR C 78 -4.08 34.22 -57.21
CA THR C 78 -3.02 35.12 -56.79
C THR C 78 -2.83 35.07 -55.28
N ALA C 79 -1.88 35.88 -54.79
CA ALA C 79 -1.57 36.02 -53.37
C ALA C 79 -1.39 37.49 -53.03
N TYR C 80 -1.78 37.86 -51.81
CA TYR C 80 -1.71 39.25 -51.36
C TYR C 80 -0.85 39.38 -50.09
N MET C 81 0.01 40.40 -50.07
CA MET C 81 0.67 40.83 -48.85
C MET C 81 0.11 42.17 -48.38
N GLU C 82 0.22 42.40 -47.07
CA GLU C 82 -0.17 43.67 -46.47
C GLU C 82 0.94 44.11 -45.53
N LEU C 83 1.59 45.22 -45.86
CA LEU C 83 2.78 45.72 -45.18
C LEU C 83 2.42 46.83 -44.20
N ARG C 84 2.11 46.44 -42.97
CA ARG C 84 1.65 47.43 -41.99
C ARG C 84 2.81 48.14 -41.31
N SER C 85 2.57 49.40 -40.94
CA SER C 85 3.47 50.25 -40.12
C SER C 85 4.86 50.39 -40.76
N LEU C 86 4.89 50.85 -42.00
CA LEU C 86 6.14 51.06 -42.71
C LEU C 86 6.69 52.45 -42.48
N THR C 87 8.01 52.53 -42.41
CA THR C 87 8.76 53.76 -42.27
C THR C 87 9.66 53.93 -43.48
N SER C 88 10.43 55.02 -43.50
CA SER C 88 11.32 55.29 -44.63
C SER C 88 12.57 54.42 -44.65
N ASP C 89 12.78 53.59 -43.62
CA ASP C 89 13.88 52.65 -43.63
C ASP C 89 13.56 51.39 -44.43
N ASP C 90 12.29 51.19 -44.78
CA ASP C 90 11.86 49.98 -45.48
C ASP C 90 11.81 50.15 -46.98
N THR C 91 12.61 51.04 -47.55
CA THR C 91 12.67 51.23 -49.00
C THR C 91 13.47 50.08 -49.57
N ALA C 92 12.80 49.12 -50.21
CA ALA C 92 13.51 47.95 -50.69
C ALA C 92 12.80 47.32 -51.87
N ILE C 93 13.54 46.44 -52.59
CA ILE C 93 13.05 45.67 -53.74
C ILE C 93 12.41 44.39 -53.19
N TYR C 94 11.19 44.08 -53.64
CA TYR C 94 10.48 42.88 -53.20
C TYR C 94 10.39 41.83 -54.31
N TYR C 95 10.63 40.57 -53.95
CA TYR C 95 10.59 39.46 -54.89
C TYR C 95 9.49 38.47 -54.57
N CYS C 96 8.83 37.98 -55.62
CA CYS C 96 7.85 36.89 -55.57
C CYS C 96 8.45 35.64 -56.19
N THR C 97 8.28 34.49 -55.53
CA THR C 97 8.85 33.25 -56.03
C THR C 97 7.89 32.09 -55.95
N THR C 98 8.36 30.95 -56.46
CA THR C 98 7.63 29.68 -56.43
C THR C 98 8.45 28.64 -55.67
N GLY C 99 7.92 28.18 -54.54
CA GLY C 99 8.64 27.30 -53.64
C GLY C 99 8.46 25.84 -54.00
N GLY C 100 8.60 24.97 -53.01
CA GLY C 100 8.56 23.53 -53.22
C GLY C 100 7.15 23.00 -53.34
N TRP C 101 7.03 21.69 -53.45
CA TRP C 101 5.74 21.11 -53.80
C TRP C 101 5.00 20.74 -52.52
N ILE C 102 3.71 21.02 -52.50
CA ILE C 102 2.90 20.72 -51.31
C ILE C 102 2.54 19.25 -51.32
N SER C 103 2.99 18.54 -50.32
CA SER C 103 2.74 17.11 -50.23
C SER C 103 1.84 16.87 -49.04
N LEU C 104 1.35 15.65 -48.94
CA LEU C 104 0.59 15.23 -47.78
C LEU C 104 1.41 14.36 -46.84
N TYR C 105 2.72 14.23 -47.07
CA TYR C 105 3.49 13.30 -46.25
C TYR C 105 4.75 13.88 -45.64
N TYR C 106 5.30 14.97 -46.15
CA TYR C 106 6.57 15.46 -45.62
C TYR C 106 6.59 16.98 -45.76
N ASP C 107 7.32 17.64 -44.87
CA ASP C 107 7.46 19.09 -44.91
C ASP C 107 8.48 19.46 -45.98
N SER C 108 8.10 20.32 -46.92
CA SER C 108 9.06 20.85 -47.85
C SER C 108 8.85 22.34 -48.03
N SER C 109 8.37 22.99 -46.98
CA SER C 109 8.14 24.43 -47.05
C SER C 109 9.45 25.20 -46.91
N TYR C 110 10.35 24.72 -46.08
CA TYR C 110 11.58 25.44 -45.83
C TYR C 110 12.68 25.17 -46.85
N TYR C 111 12.42 24.42 -47.91
CA TYR C 111 13.50 24.11 -48.83
C TYR C 111 13.84 25.40 -49.54
N PRO C 112 15.09 25.75 -49.65
CA PRO C 112 15.46 27.04 -50.24
C PRO C 112 15.52 27.02 -51.75
N ASN C 113 14.96 25.97 -52.35
CA ASN C 113 15.01 25.81 -53.80
C ASN C 113 14.03 26.75 -54.45
N PHE C 114 14.51 27.83 -55.04
CA PHE C 114 13.62 28.85 -55.60
C PHE C 114 13.80 28.84 -57.12
N ASP C 115 12.96 28.08 -57.81
CA ASP C 115 13.21 27.84 -59.23
C ASP C 115 12.92 29.08 -60.06
N HIS C 116 11.86 29.80 -59.74
CA HIS C 116 11.40 30.90 -60.57
C HIS C 116 11.41 32.21 -59.78
N TRP C 117 11.63 33.31 -60.49
CA TRP C 117 11.67 34.62 -59.86
C TRP C 117 10.77 35.58 -60.62
N GLY C 118 10.11 36.45 -59.88
CA GLY C 118 9.41 37.57 -60.48
C GLY C 118 10.37 38.65 -60.90
N GLN C 119 9.84 39.67 -61.55
CA GLN C 119 10.71 40.72 -62.06
C GLN C 119 11.14 41.70 -60.99
N GLY C 120 10.41 41.80 -59.89
CA GLY C 120 10.80 42.71 -58.82
C GLY C 120 10.09 44.04 -58.78
N THR C 121 9.56 44.40 -57.61
CA THR C 121 8.83 45.64 -57.44
C THR C 121 9.50 46.47 -56.35
N LEU C 122 9.53 47.78 -56.56
CA LEU C 122 10.13 48.72 -55.62
C LEU C 122 9.04 49.49 -54.92
N LEU C 123 9.10 49.50 -53.59
CA LEU C 123 8.27 50.37 -52.77
C LEU C 123 9.15 51.49 -52.26
N THR C 124 8.61 52.71 -52.26
CA THR C 124 9.28 53.87 -51.69
C THR C 124 8.36 54.44 -50.62
N VAL C 125 8.89 54.63 -49.41
CA VAL C 125 8.12 55.21 -48.31
C VAL C 125 8.84 56.46 -47.85
N SER C 126 8.22 57.61 -48.12
CA SER C 126 8.81 58.92 -47.85
C SER C 126 7.71 59.96 -48.01
N ALA D 3 23.44 35.45 -40.57
CA ALA D 3 23.27 35.87 -41.96
C ALA D 3 24.33 35.26 -42.89
N LEU D 4 24.72 34.01 -42.61
CA LEU D 4 25.62 33.20 -43.43
C LEU D 4 26.88 33.97 -43.83
N THR D 5 27.80 34.04 -42.85
CA THR D 5 29.12 34.63 -42.96
C THR D 5 29.82 34.28 -44.26
N GLN D 6 30.16 35.32 -45.03
CA GLN D 6 30.59 35.15 -46.39
C GLN D 6 31.55 36.27 -46.73
N PRO D 7 32.62 35.99 -47.50
CA PRO D 7 33.43 37.07 -48.05
C PRO D 7 32.62 37.95 -48.99
N ALA D 8 32.79 39.28 -48.84
CA ALA D 8 32.04 40.22 -49.65
C ALA D 8 32.42 40.15 -51.13
N SER D 9 33.66 39.75 -51.42
CA SER D 9 34.11 39.71 -52.80
C SER D 9 35.19 38.65 -52.96
N VAL D 10 35.41 38.26 -54.21
CA VAL D 10 36.45 37.31 -54.55
C VAL D 10 37.06 37.78 -55.87
N SER D 11 38.37 37.62 -56.00
CA SER D 11 39.11 38.05 -57.18
C SER D 11 39.64 36.84 -57.94
N GLY D 12 40.10 37.08 -59.16
CA GLY D 12 40.69 36.00 -59.92
C GLY D 12 40.71 36.17 -61.42
N SER D 13 41.83 35.80 -62.03
CA SER D 13 42.05 36.01 -63.45
C SER D 13 41.37 34.88 -64.23
N PRO D 14 41.10 35.06 -65.53
CA PRO D 14 40.50 33.97 -66.31
C PRO D 14 41.32 32.68 -66.24
N GLY D 15 40.62 31.56 -66.15
CA GLY D 15 41.23 30.27 -66.01
C GLY D 15 41.46 29.83 -64.59
N GLN D 16 41.36 30.73 -63.62
CA GLN D 16 41.59 30.39 -62.22
C GLN D 16 40.32 29.81 -61.60
N SER D 17 40.49 28.76 -60.80
CA SER D 17 39.38 28.11 -60.12
C SER D 17 39.29 28.66 -58.70
N ILE D 18 38.20 29.34 -58.40
CA ILE D 18 38.00 29.94 -57.10
C ILE D 18 36.91 29.18 -56.35
N THR D 19 36.90 29.33 -55.03
CA THR D 19 35.84 28.77 -54.19
C THR D 19 35.32 29.86 -53.27
N ILE D 20 34.00 29.97 -53.20
CA ILE D 20 33.30 30.94 -52.36
C ILE D 20 32.58 30.16 -51.27
N SER D 21 32.90 30.45 -50.02
CA SER D 21 32.35 29.70 -48.91
C SER D 21 31.42 30.55 -48.07
N CYS D 22 30.50 29.87 -47.39
CA CYS D 22 29.60 30.48 -46.43
C CYS D 22 29.60 29.64 -45.16
N THR D 23 29.71 30.32 -44.02
CA THR D 23 29.84 29.66 -42.73
C THR D 23 28.68 30.09 -41.85
N GLY D 24 28.06 29.13 -41.16
CA GLY D 24 26.99 29.42 -40.24
C GLY D 24 27.15 28.63 -38.95
N THR D 25 26.09 28.64 -38.16
CA THR D 25 26.06 27.89 -36.92
C THR D 25 25.86 26.40 -37.21
N LYS D 26 26.20 25.56 -36.23
CA LYS D 26 26.13 24.11 -36.45
C LYS D 26 24.71 23.58 -36.35
N TYR D 27 23.82 24.27 -35.65
CA TYR D 27 22.42 23.85 -35.57
C TYR D 27 21.70 24.12 -36.88
N ASP D 28 22.07 25.20 -37.57
CA ASP D 28 21.43 25.48 -38.83
C ASP D 28 22.07 24.73 -39.98
N VAL D 29 23.39 24.79 -40.09
CA VAL D 29 24.05 24.30 -41.28
C VAL D 29 24.31 22.79 -41.20
N GLY D 30 24.76 22.31 -40.05
CA GLY D 30 25.24 20.94 -39.95
C GLY D 30 24.14 19.90 -39.89
N SER D 31 22.95 20.26 -39.39
CA SER D 31 21.93 19.25 -39.14
C SER D 31 21.17 18.88 -40.40
N HIS D 32 21.14 19.74 -41.41
CA HIS D 32 20.36 19.47 -42.62
C HIS D 32 21.18 19.88 -43.82
N ASP D 33 21.19 19.02 -44.83
CA ASP D 33 21.91 19.30 -46.07
C ASP D 33 21.06 20.08 -47.08
N LEU D 34 20.72 21.32 -46.74
CA LEU D 34 19.91 22.18 -47.60
C LEU D 34 20.62 23.50 -47.78
N VAL D 35 21.38 23.64 -48.86
CA VAL D 35 22.15 24.85 -49.14
C VAL D 35 21.94 25.13 -50.64
N SER D 36 21.80 26.39 -51.02
CA SER D 36 21.57 26.75 -52.41
C SER D 36 22.52 27.89 -52.79
N TRP D 37 22.74 28.06 -54.09
CA TRP D 37 23.55 29.19 -54.57
C TRP D 37 22.89 29.86 -55.77
N TYR D 38 22.67 31.17 -55.67
CA TYR D 38 21.95 31.96 -56.67
C TYR D 38 22.81 33.09 -57.19
N GLN D 39 23.10 33.08 -58.48
CA GLN D 39 23.80 34.18 -59.12
C GLN D 39 22.79 35.26 -59.52
N GLN D 40 23.09 36.51 -59.21
CA GLN D 40 22.32 37.64 -59.69
C GLN D 40 23.24 38.52 -60.53
N TYR D 41 23.10 38.44 -61.84
CA TYR D 41 23.93 39.26 -62.71
C TYR D 41 23.52 40.72 -62.53
N PRO D 42 24.47 41.67 -62.55
CA PRO D 42 24.15 43.08 -62.30
C PRO D 42 22.99 43.61 -63.13
N GLY D 43 22.04 44.25 -62.46
CA GLY D 43 20.88 44.80 -63.13
C GLY D 43 19.82 43.79 -63.52
N LYS D 44 19.89 42.58 -62.97
CA LYS D 44 18.90 41.54 -63.26
C LYS D 44 18.33 40.93 -61.99
N VAL D 45 17.39 40.01 -62.17
CA VAL D 45 16.76 39.27 -61.08
C VAL D 45 17.73 38.15 -60.69
N PRO D 46 17.55 37.48 -59.58
CA PRO D 46 18.42 36.37 -59.23
C PRO D 46 18.24 35.24 -60.24
N LYS D 47 19.22 34.34 -60.29
CA LYS D 47 19.19 33.23 -61.21
C LYS D 47 19.28 31.97 -60.37
N TYR D 48 18.78 30.86 -60.89
CA TYR D 48 18.79 29.59 -60.20
C TYR D 48 19.84 28.72 -60.87
N MET D 49 20.94 28.45 -60.18
CA MET D 49 21.99 27.63 -60.77
C MET D 49 22.43 26.43 -59.96
N ILE D 50 22.23 26.41 -58.65
CA ILE D 50 22.59 25.25 -57.84
C ILE D 50 21.32 24.77 -57.16
N TYR D 51 21.13 23.46 -57.19
CA TYR D 51 19.97 22.73 -56.67
C TYR D 51 20.19 22.55 -55.18
N GLU D 52 20.11 21.30 -54.74
CA GLU D 52 20.36 20.85 -53.36
C GLU D 52 21.82 21.18 -52.94
N VAL D 53 22.29 20.64 -51.80
CA VAL D 53 23.61 20.95 -51.24
C VAL D 53 24.73 20.83 -52.29
N ASN D 54 24.63 19.85 -53.18
CA ASN D 54 25.59 19.71 -54.27
C ASN D 54 24.93 19.01 -55.45
N LYS D 55 23.95 19.66 -56.06
CA LYS D 55 23.24 19.16 -57.22
C LYS D 55 23.06 20.34 -58.15
N ARG D 56 22.56 20.09 -59.36
CA ARG D 56 22.39 21.16 -60.33
C ARG D 56 20.99 21.11 -60.92
N PRO D 57 20.40 22.26 -61.23
CA PRO D 57 19.10 22.29 -61.90
C PRO D 57 19.12 21.73 -63.31
N SER D 58 17.95 21.71 -63.94
CA SER D 58 17.79 21.16 -65.28
C SER D 58 18.36 22.13 -66.32
N GLY D 59 19.27 21.63 -67.15
CA GLY D 59 19.85 22.43 -68.21
C GLY D 59 20.83 23.48 -67.77
N VAL D 60 21.60 23.21 -66.72
CA VAL D 60 22.58 24.15 -66.18
C VAL D 60 23.96 23.55 -66.43
N SER D 61 24.95 24.40 -66.63
CA SER D 61 26.34 23.99 -66.84
C SER D 61 26.91 23.29 -65.62
N ASN D 62 27.84 22.36 -65.87
CA ASN D 62 28.52 21.61 -64.84
C ASN D 62 29.74 22.31 -64.26
N ARG D 63 29.98 23.57 -64.60
CA ARG D 63 31.19 24.25 -64.15
C ARG D 63 31.16 24.62 -62.69
N PHE D 64 29.99 24.65 -62.07
CA PHE D 64 29.84 24.92 -60.65
C PHE D 64 29.39 23.66 -59.93
N SER D 65 29.93 23.46 -58.73
CA SER D 65 29.56 22.33 -57.89
C SER D 65 29.71 22.80 -56.46
N GLY D 66 29.56 21.90 -55.49
CA GLY D 66 29.72 22.31 -54.11
C GLY D 66 30.09 21.16 -53.20
N SER D 67 30.17 21.47 -51.90
CA SER D 67 30.47 20.53 -50.84
C SER D 67 30.12 21.21 -49.53
N LYS D 68 29.80 20.41 -48.51
CA LYS D 68 29.58 20.90 -47.17
C LYS D 68 30.62 20.28 -46.25
N SER D 69 31.37 21.13 -45.55
CA SER D 69 32.44 20.69 -44.67
C SER D 69 32.19 21.29 -43.29
N GLY D 70 31.84 20.43 -42.34
CA GLY D 70 31.54 20.86 -40.98
C GLY D 70 30.32 21.75 -40.90
N ASN D 71 30.53 23.02 -40.56
CA ASN D 71 29.44 23.96 -40.42
C ASN D 71 29.52 25.07 -41.48
N THR D 72 30.21 24.78 -42.57
CA THR D 72 30.35 25.71 -43.67
C THR D 72 30.31 24.91 -44.97
N ALA D 73 29.98 25.61 -46.05
CA ALA D 73 29.93 25.02 -47.37
C ALA D 73 30.52 25.99 -48.37
N SER D 74 30.91 25.47 -49.53
CA SER D 74 31.55 26.31 -50.53
C SER D 74 31.02 25.97 -51.92
N LEU D 75 31.05 26.96 -52.81
CA LEU D 75 30.69 26.81 -54.22
C LEU D 75 31.96 26.56 -55.00
N THR D 76 32.07 25.36 -55.60
CA THR D 76 33.24 24.99 -56.39
C THR D 76 33.07 25.57 -57.79
N ILE D 77 33.93 26.51 -58.15
CA ILE D 77 33.85 27.23 -59.41
C ILE D 77 35.06 26.87 -60.25
N SER D 78 34.84 26.52 -61.51
CA SER D 78 35.90 26.22 -62.47
C SER D 78 36.52 27.51 -63.00
N GLY D 79 37.22 27.43 -64.13
CA GLY D 79 37.95 28.58 -64.63
C GLY D 79 37.02 29.78 -64.83
N LEU D 80 37.51 30.95 -64.46
CA LEU D 80 36.76 32.19 -64.63
C LEU D 80 36.87 32.70 -66.06
N ARG D 81 36.04 33.69 -66.38
CA ARG D 81 35.94 34.28 -67.70
C ARG D 81 35.18 35.59 -67.57
N ALA D 82 34.96 36.26 -68.69
CA ALA D 82 34.36 37.59 -68.65
C ALA D 82 32.89 37.55 -68.23
N GLU D 83 32.22 36.42 -68.45
CA GLU D 83 30.80 36.30 -68.15
C GLU D 83 30.49 35.98 -66.68
N ASP D 84 31.50 35.79 -65.84
CA ASP D 84 31.25 35.40 -64.46
C ASP D 84 31.32 36.57 -63.48
N GLU D 85 31.11 37.79 -63.95
CA GLU D 85 31.13 38.97 -63.09
C GLU D 85 29.74 39.20 -62.54
N ALA D 86 29.45 38.61 -61.38
CA ALA D 86 28.11 38.72 -60.82
C ALA D 86 28.17 38.54 -59.31
N ASP D 87 27.09 38.97 -58.65
CA ASP D 87 26.98 38.82 -57.20
C ASP D 87 26.38 37.46 -56.88
N TYR D 88 27.16 36.58 -56.26
CA TYR D 88 26.63 35.29 -55.82
C TYR D 88 26.07 35.41 -54.42
N TYR D 89 24.97 34.73 -54.17
CA TYR D 89 24.29 34.70 -52.89
C TYR D 89 24.18 33.26 -52.42
N CYS D 90 24.15 33.06 -51.12
CA CYS D 90 23.95 31.72 -50.59
C CYS D 90 22.81 31.74 -49.59
N CYS D 91 22.06 30.66 -49.57
CA CYS D 91 20.93 30.49 -48.67
C CYS D 91 21.01 29.08 -48.12
N SER D 92 20.48 28.87 -46.92
CA SER D 92 20.42 27.54 -46.36
C SER D 92 19.30 27.47 -45.34
N PHE D 93 19.05 26.26 -44.86
CA PHE D 93 17.99 26.04 -43.88
C PHE D 93 18.24 26.85 -42.64
N GLY D 94 17.22 27.55 -42.18
CA GLY D 94 17.32 28.34 -40.97
C GLY D 94 17.04 27.55 -39.71
N GLY D 95 16.66 28.25 -38.64
CA GLY D 95 16.42 27.65 -37.35
C GLY D 95 15.34 26.60 -37.29
N SER D 96 14.08 27.01 -37.43
CA SER D 96 12.96 26.09 -37.28
C SER D 96 12.28 25.79 -38.62
N ALA D 97 11.63 26.76 -39.22
CA ALA D 97 10.97 26.55 -40.49
C ALA D 97 11.12 27.76 -41.37
N THR D 98 12.32 28.32 -41.41
CA THR D 98 12.64 29.52 -42.17
C THR D 98 13.88 29.29 -43.00
N VAL D 99 14.18 30.21 -43.89
CA VAL D 99 15.37 30.09 -44.74
C VAL D 99 16.28 31.29 -44.48
N VAL D 100 17.55 31.01 -44.19
CA VAL D 100 18.51 32.07 -43.87
C VAL D 100 19.32 32.35 -45.13
N CYS D 101 19.57 33.62 -45.43
CA CYS D 101 20.34 33.98 -46.60
C CYS D 101 21.47 34.93 -46.25
N GLY D 102 22.55 34.83 -47.03
CA GLY D 102 23.72 35.67 -46.86
C GLY D 102 23.62 36.98 -47.58
N GLY D 103 24.76 37.68 -47.59
CA GLY D 103 24.83 39.01 -48.17
C GLY D 103 25.25 39.03 -49.62
N GLY D 104 26.37 38.40 -49.95
CA GLY D 104 26.80 38.38 -51.34
C GLY D 104 28.30 38.27 -51.47
N THR D 105 28.72 37.78 -52.63
CA THR D 105 30.13 37.73 -52.99
C THR D 105 30.25 38.32 -54.39
N LYS D 106 30.82 39.51 -54.47
CA LYS D 106 30.97 40.21 -55.73
C LYS D 106 32.20 39.66 -56.44
N VAL D 107 32.00 38.93 -57.52
CA VAL D 107 33.12 38.31 -58.22
C VAL D 107 33.74 39.35 -59.14
N THR D 108 35.05 39.54 -58.99
CA THR D 108 35.79 40.51 -59.79
C THR D 108 36.75 39.72 -60.65
N VAL D 109 36.50 39.68 -61.95
CA VAL D 109 37.38 38.95 -62.85
C VAL D 109 38.51 39.89 -63.28
N LEU D 110 39.75 39.42 -63.13
CA LEU D 110 40.93 40.24 -63.35
C LEU D 110 41.38 40.12 -64.81
CA GLU E 2 21.38 -57.34 34.43
C GLU E 2 21.58 -55.84 34.31
N ASN E 3 22.70 -55.48 33.72
CA ASN E 3 23.04 -54.10 33.42
C ASN E 3 22.09 -53.50 32.41
N LEU E 4 21.61 -52.30 32.69
CA LEU E 4 20.69 -51.67 31.77
C LEU E 4 21.39 -50.73 30.83
N TRP E 5 20.91 -50.79 29.60
CA TRP E 5 21.39 -50.07 28.45
C TRP E 5 20.25 -49.22 27.89
N VAL E 6 20.58 -48.01 27.43
CA VAL E 6 19.57 -47.07 26.91
C VAL E 6 19.38 -47.11 25.42
N THR E 7 18.12 -47.00 25.04
CA THR E 7 17.73 -46.95 23.67
C THR E 7 16.90 -45.69 23.46
N VAL E 8 16.89 -45.23 22.23
CA VAL E 8 16.12 -44.04 21.89
C VAL E 8 14.96 -44.41 21.02
N TYR E 9 13.80 -43.85 21.32
CA TYR E 9 12.59 -44.10 20.55
C TYR E 9 12.04 -42.92 19.80
N TYR E 10 12.21 -42.95 18.48
CA TYR E 10 11.76 -41.85 17.67
C TYR E 10 10.28 -41.95 17.34
N GLY E 11 9.56 -40.85 17.47
CA GLY E 11 8.15 -40.88 17.11
C GLY E 11 7.19 -41.33 18.21
N VAL E 12 7.54 -41.15 19.47
CA VAL E 12 6.62 -41.52 20.55
C VAL E 12 5.42 -40.56 20.60
N PRO E 13 4.20 -41.06 20.87
CA PRO E 13 2.94 -40.33 20.90
C PRO E 13 2.66 -39.51 22.13
N VAL E 14 3.43 -38.47 22.34
CA VAL E 14 3.21 -37.60 23.49
C VAL E 14 3.06 -36.17 23.06
N TRP E 15 2.55 -35.32 23.95
CA TRP E 15 2.35 -33.94 23.55
C TRP E 15 2.55 -32.93 24.64
N LYS E 16 2.67 -31.70 24.20
CA LYS E 16 2.82 -30.52 25.02
C LYS E 16 1.94 -29.40 24.49
N GLU E 17 1.59 -28.46 25.33
CA GLU E 17 0.73 -27.35 24.92
C GLU E 17 1.38 -26.55 23.82
N ALA E 18 0.59 -26.18 22.81
CA ALA E 18 1.14 -25.40 21.71
C ALA E 18 0.77 -23.95 21.78
N LYS E 19 1.58 -23.13 21.15
CA LYS E 19 1.25 -21.72 21.03
C LYS E 19 1.49 -21.32 19.59
N THR E 20 0.53 -21.62 18.75
CA THR E 20 0.65 -21.53 17.30
C THR E 20 -0.60 -20.90 16.73
N THR E 21 -0.73 -20.91 15.41
CA THR E 21 -1.90 -20.35 14.75
C THR E 21 -2.60 -21.34 13.86
N LEU E 22 -3.89 -21.11 13.64
CA LEU E 22 -4.70 -21.94 12.74
C LEU E 22 -5.07 -21.16 11.50
N PHE E 23 -5.59 -21.85 10.50
CA PHE E 23 -5.95 -21.18 9.25
C PHE E 23 -7.12 -21.77 8.43
N CYS E 24 -7.63 -20.94 7.49
CA CYS E 24 -8.65 -21.36 6.53
C CYS E 24 -8.09 -22.42 5.60
N ALA E 25 -8.74 -23.57 5.36
CA ALA E 25 -9.98 -24.20 5.85
C ALA E 25 -11.32 -23.51 5.63
N SER E 26 -11.52 -22.89 4.50
CA SER E 26 -12.84 -22.36 4.24
C SER E 26 -13.67 -23.57 3.79
N ASP E 27 -14.99 -23.46 3.66
CA ASP E 27 -15.79 -24.68 3.45
C ASP E 27 -15.89 -25.28 2.04
N ALA E 28 -15.29 -24.65 1.06
CA ALA E 28 -15.34 -25.12 -0.33
C ALA E 28 -16.76 -25.26 -0.89
N ARG E 29 -17.73 -24.52 -0.35
CA ARG E 29 -19.09 -24.54 -0.85
C ARG E 29 -19.55 -23.13 -1.10
N ALA E 30 -18.92 -22.20 -0.38
CA ALA E 30 -19.18 -20.79 -0.52
C ALA E 30 -18.46 -20.23 -1.75
N TYR E 31 -17.73 -21.09 -2.45
CA TYR E 31 -16.95 -20.75 -3.61
C TYR E 31 -17.71 -20.93 -4.91
N GLU E 32 -17.73 -19.84 -5.65
CA GLU E 32 -18.37 -19.63 -6.92
C GLU E 32 -17.66 -18.44 -7.55
N LYS E 33 -17.95 -18.08 -8.79
CA LYS E 33 -17.24 -16.90 -9.36
C LYS E 33 -17.34 -15.67 -8.47
N GLU E 34 -18.52 -15.42 -7.91
CA GLU E 34 -18.80 -14.26 -7.07
C GLU E 34 -18.13 -14.29 -5.72
N VAL E 35 -17.33 -15.31 -5.44
CA VAL E 35 -16.67 -15.39 -4.16
C VAL E 35 -15.76 -14.18 -3.96
N HIS E 36 -15.30 -13.55 -5.04
CA HIS E 36 -14.44 -12.39 -4.93
C HIS E 36 -15.18 -11.19 -4.34
N ASN E 37 -16.50 -11.29 -4.31
CA ASN E 37 -17.36 -10.29 -3.74
C ASN E 37 -17.86 -10.76 -2.37
N VAL E 38 -17.29 -11.82 -1.82
CA VAL E 38 -17.75 -12.33 -0.54
C VAL E 38 -16.74 -12.09 0.56
N TRP E 39 -17.19 -11.36 1.56
CA TRP E 39 -16.32 -11.03 2.64
C TRP E 39 -15.88 -12.23 3.41
N ALA E 40 -14.58 -12.27 3.66
CA ALA E 40 -13.88 -13.31 4.38
C ALA E 40 -13.99 -14.66 3.72
N THR E 41 -14.31 -14.70 2.44
CA THR E 41 -14.24 -15.95 1.73
C THR E 41 -13.23 -15.80 0.63
N HIS E 42 -13.26 -14.67 -0.07
CA HIS E 42 -12.29 -14.46 -1.14
C HIS E 42 -10.86 -14.75 -0.71
N ALA E 43 -10.51 -14.21 0.44
CA ALA E 43 -9.20 -14.32 1.05
C ALA E 43 -8.77 -15.74 1.46
N CYS E 44 -9.73 -16.63 1.66
CA CYS E 44 -9.47 -17.95 2.19
C CYS E 44 -9.31 -19.09 1.20
N VAL E 45 -8.59 -20.10 1.65
CA VAL E 45 -8.37 -21.32 0.91
C VAL E 45 -9.43 -22.37 1.24
N PRO E 46 -10.13 -22.93 0.25
CA PRO E 46 -11.12 -23.98 0.39
C PRO E 46 -10.49 -25.31 0.73
N THR E 47 -11.10 -26.05 1.65
CA THR E 47 -10.65 -27.40 1.95
C THR E 47 -11.84 -28.33 2.15
N ASP E 48 -11.60 -29.64 2.11
CA ASP E 48 -12.61 -30.65 2.35
C ASP E 48 -12.22 -31.87 3.25
N PRO E 49 -11.59 -31.70 4.42
CA PRO E 49 -11.12 -32.77 5.30
C PRO E 49 -12.23 -33.55 5.97
N SER E 50 -11.96 -34.81 6.25
CA SER E 50 -12.86 -35.67 6.99
C SER E 50 -12.69 -35.49 8.52
N PRO E 51 -13.72 -35.86 9.34
CA PRO E 51 -13.70 -36.02 10.78
C PRO E 51 -12.74 -37.12 11.22
N GLN E 52 -12.24 -36.98 12.45
CA GLN E 52 -11.32 -37.95 13.05
C GLN E 52 -12.01 -39.00 13.91
N GLU E 53 -11.49 -40.21 13.80
CA GLU E 53 -11.95 -41.39 14.53
C GLU E 53 -11.63 -41.43 16.01
N LEU E 54 -10.47 -40.92 16.39
CA LEU E 54 -10.05 -40.91 17.78
C LEU E 54 -10.92 -39.95 18.56
N VAL E 55 -11.34 -40.25 19.81
CA VAL E 55 -11.16 -41.42 20.66
C VAL E 55 -9.71 -41.66 20.99
N LEU E 56 -9.28 -41.04 22.07
CA LEU E 56 -7.91 -41.24 22.53
C LEU E 56 -7.86 -42.30 23.63
N GLY E 57 -8.86 -43.17 23.67
CA GLY E 57 -8.82 -44.28 24.60
C GLY E 57 -8.82 -43.89 26.06
N ASN E 58 -7.74 -44.26 26.73
CA ASN E 58 -7.56 -44.06 28.16
C ASN E 58 -6.93 -42.73 28.53
N VAL E 59 -6.73 -41.89 27.54
CA VAL E 59 -6.17 -40.57 27.77
C VAL E 59 -7.17 -39.55 28.24
N THR E 60 -6.79 -38.81 29.26
CA THR E 60 -7.60 -37.72 29.78
C THR E 60 -6.74 -36.48 29.70
N GLU E 61 -7.35 -35.28 29.70
CA GLU E 61 -6.56 -34.04 29.65
C GLU E 61 -7.28 -32.83 30.21
N ASN E 62 -6.49 -31.86 30.67
CA ASN E 62 -6.99 -30.60 31.22
C ASN E 62 -7.19 -29.46 30.23
N PHE E 63 -8.41 -28.98 30.21
CA PHE E 63 -8.84 -27.89 29.36
C PHE E 63 -9.15 -26.65 30.18
N ASN E 64 -9.06 -25.46 29.57
CA ASN E 64 -9.42 -24.21 30.23
C ASN E 64 -9.80 -23.12 29.25
N MET E 65 -11.08 -22.94 29.07
CA MET E 65 -11.63 -22.00 28.13
C MET E 65 -11.13 -20.59 28.28
N TRP E 66 -10.92 -20.12 29.49
CA TRP E 66 -10.59 -18.72 29.62
C TRP E 66 -9.12 -18.43 29.45
N LYS E 67 -8.36 -19.46 29.13
CA LYS E 67 -6.96 -19.31 28.88
C LYS E 67 -6.65 -19.67 27.43
N ASN E 68 -7.67 -19.89 26.62
CA ASN E 68 -7.31 -20.32 25.30
C ASN E 68 -7.08 -19.13 24.40
N ASP E 69 -5.80 -18.80 24.22
CA ASP E 69 -5.32 -17.67 23.44
C ASP E 69 -5.81 -17.67 22.00
N MET E 70 -6.29 -18.81 21.52
CA MET E 70 -6.73 -18.93 20.15
C MET E 70 -7.77 -17.87 19.80
N VAL E 71 -8.59 -17.50 20.77
CA VAL E 71 -9.66 -16.56 20.52
C VAL E 71 -9.10 -15.23 20.06
N ASP E 72 -7.87 -14.89 20.45
CA ASP E 72 -7.31 -13.61 20.16
C ASP E 72 -6.80 -13.58 18.76
N GLN E 73 -6.57 -14.80 18.27
CA GLN E 73 -6.05 -14.79 16.95
C GLN E 73 -7.26 -14.45 16.14
N MET E 74 -8.35 -15.11 16.54
CA MET E 74 -9.57 -14.98 15.78
C MET E 74 -10.04 -13.54 15.78
N HIS E 75 -9.91 -12.88 16.94
CA HIS E 75 -10.36 -11.52 17.10
C HIS E 75 -9.55 -10.63 16.23
N GLU E 76 -8.25 -10.76 16.32
CA GLU E 76 -7.40 -9.85 15.59
C GLU E 76 -7.60 -9.95 14.07
N ASP E 77 -7.77 -11.17 13.56
CA ASP E 77 -7.94 -11.32 12.13
C ASP E 77 -9.20 -10.67 11.65
N ILE E 78 -10.28 -10.76 12.41
CA ILE E 78 -11.55 -10.20 11.97
C ILE E 78 -11.48 -8.69 11.88
N ILE E 79 -10.72 -8.19 12.84
CA ILE E 79 -10.63 -6.75 12.77
C ILE E 79 -9.88 -6.44 11.49
N SER E 80 -8.75 -7.12 11.27
CA SER E 80 -7.92 -6.76 10.13
C SER E 80 -8.50 -7.14 8.78
N LEU E 81 -9.35 -8.19 8.71
CA LEU E 81 -9.85 -8.66 7.45
C LEU E 81 -10.90 -7.69 7.00
N TRP E 82 -11.70 -7.27 7.95
CA TRP E 82 -12.79 -6.36 7.70
C TRP E 82 -12.26 -5.09 7.11
N ASP E 83 -11.28 -4.53 7.79
CA ASP E 83 -10.73 -3.28 7.38
C ASP E 83 -10.11 -3.40 5.99
N GLN E 84 -9.34 -4.45 5.74
CA GLN E 84 -8.68 -4.55 4.46
C GLN E 84 -9.64 -4.63 3.29
N SER E 85 -10.75 -5.33 3.47
CA SER E 85 -11.71 -5.50 2.41
C SER E 85 -12.40 -4.22 1.98
N LEU E 86 -12.32 -3.18 2.79
CA LEU E 86 -12.99 -1.93 2.49
C LEU E 86 -12.06 -0.83 2.06
N LYS E 87 -10.81 -1.13 1.77
CA LYS E 87 -9.97 -0.01 1.41
C LYS E 87 -10.22 0.61 0.03
N PRO E 88 -10.37 -0.15 -1.08
CA PRO E 88 -10.37 0.41 -2.43
C PRO E 88 -11.71 0.96 -2.88
N CYS E 89 -12.34 1.80 -2.08
CA CYS E 89 -13.66 2.31 -2.47
C CYS E 89 -14.20 3.41 -1.56
N VAL E 90 -15.31 3.99 -2.00
CA VAL E 90 -16.20 4.91 -1.26
C VAL E 90 -15.67 5.85 -0.19
N LYS E 91 -14.70 6.67 -0.51
CA LYS E 91 -14.30 7.63 0.51
C LYS E 91 -15.38 8.68 0.56
N LEU E 92 -15.86 9.03 1.75
CA LEU E 92 -16.96 9.98 1.87
C LEU E 92 -16.59 11.39 2.27
N THR E 93 -15.32 11.73 2.23
CA THR E 93 -14.94 13.08 2.63
C THR E 93 -15.78 14.22 2.01
N PRO E 94 -16.09 14.22 0.68
CA PRO E 94 -16.81 15.29 0.01
C PRO E 94 -18.19 15.54 0.56
N LEU E 95 -18.74 14.60 1.31
CA LEU E 95 -20.08 14.67 1.84
C LEU E 95 -20.22 15.71 2.93
N CYS E 96 -19.13 16.02 3.63
CA CYS E 96 -19.21 16.86 4.82
C CYS E 96 -19.32 18.36 4.54
N VAL E 97 -20.51 18.74 4.13
CA VAL E 97 -20.88 20.10 3.79
C VAL E 97 -22.12 20.47 4.58
N THR E 98 -22.46 21.74 4.65
CA THR E 98 -23.61 22.11 5.42
C THR E 98 -24.82 21.49 4.78
N LEU E 99 -25.64 20.84 5.57
CA LEU E 99 -26.84 20.22 5.10
C LEU E 99 -28.04 21.03 5.49
N ILE E 100 -28.99 21.15 4.57
CA ILE E 100 -30.21 21.90 4.86
C ILE E 100 -31.41 20.99 4.91
N CYS E 101 -32.21 21.05 5.98
CA CYS E 101 -33.35 20.14 5.96
C CYS E 101 -34.59 20.55 6.73
N SER E 102 -35.64 19.77 6.50
CA SER E 102 -36.93 19.95 7.17
C SER E 102 -37.62 18.63 7.56
N ASP E 103 -38.56 18.77 8.49
CA ASP E 103 -39.35 17.72 9.15
C ASP E 103 -40.13 16.80 8.22
N ALA E 104 -40.20 15.50 8.58
CA ALA E 104 -40.95 14.54 7.76
C ALA E 104 -42.41 14.92 7.47
N THR E 105 -43.30 14.81 8.45
CA THR E 105 -44.68 14.93 8.95
C THR E 105 -44.73 15.38 10.41
N VAL E 106 -43.68 15.01 11.11
CA VAL E 106 -43.43 15.05 12.55
C VAL E 106 -44.15 13.84 13.17
N LYS E 107 -45.21 14.07 13.93
CA LYS E 107 -46.02 13.00 14.51
C LYS E 107 -45.19 11.94 15.23
N THR E 108 -45.20 10.69 14.76
CA THR E 108 -44.50 9.59 15.44
C THR E 108 -43.01 9.92 15.53
N GLY E 109 -42.41 9.77 16.70
CA GLY E 109 -40.98 10.12 16.81
C GLY E 109 -40.08 9.39 15.80
N THR E 110 -40.44 8.17 15.42
CA THR E 110 -39.63 7.37 14.52
C THR E 110 -39.83 7.73 13.05
N VAL E 111 -40.79 8.62 12.74
CA VAL E 111 -41.08 9.00 11.36
C VAL E 111 -40.56 10.42 11.19
N GLU E 112 -40.73 11.27 12.23
CA GLU E 112 -40.33 12.68 12.23
C GLU E 112 -38.94 12.83 11.71
N GLU E 113 -38.11 11.85 12.09
CA GLU E 113 -36.73 11.77 11.72
C GLU E 113 -36.47 11.79 10.21
N MET E 114 -37.38 11.33 9.37
CA MET E 114 -37.09 11.29 7.95
C MET E 114 -37.04 12.67 7.32
N LYS E 115 -35.89 13.33 7.49
CA LYS E 115 -35.65 14.72 7.06
C LYS E 115 -35.46 14.84 5.54
N ASN E 116 -36.12 15.80 4.89
CA ASN E 116 -35.89 16.00 3.45
C ASN E 116 -34.59 16.77 3.47
N CYS E 117 -33.50 16.24 2.97
CA CYS E 117 -32.20 16.94 3.08
C CYS E 117 -31.60 17.44 1.77
N SER E 118 -31.29 18.75 1.63
CA SER E 118 -30.65 19.24 0.43
C SER E 118 -29.23 19.70 0.67
N PHE E 119 -28.46 19.62 -0.39
CA PHE E 119 -27.08 20.07 -0.41
C PHE E 119 -26.62 20.45 -1.80
N ASN E 120 -25.48 21.15 -1.86
CA ASN E 120 -24.82 21.64 -3.09
C ASN E 120 -23.55 20.81 -3.33
N THR E 121 -23.47 19.98 -4.39
CA THR E 121 -22.22 19.25 -4.51
C THR E 121 -21.58 19.15 -5.88
N THR E 122 -20.35 18.68 -5.85
CA THR E 122 -19.49 18.52 -7.01
C THR E 122 -20.02 17.62 -8.10
N THR E 123 -20.05 18.15 -9.31
CA THR E 123 -20.53 17.43 -10.47
C THR E 123 -19.33 16.84 -11.19
N GLU E 124 -19.56 16.14 -12.29
CA GLU E 124 -18.46 15.50 -13.01
C GLU E 124 -17.36 16.50 -13.31
N ILE E 125 -17.73 17.72 -13.61
CA ILE E 125 -16.76 18.75 -13.86
C ILE E 125 -16.61 19.45 -12.54
N ARG E 126 -15.38 19.54 -12.07
CA ARG E 126 -15.08 20.08 -10.75
C ARG E 126 -15.57 21.50 -10.53
N ASP E 127 -15.65 22.26 -11.60
CA ASP E 127 -16.08 23.65 -11.59
C ASP E 127 -17.52 23.88 -11.18
N LYS E 128 -18.36 22.86 -11.34
CA LYS E 128 -19.78 23.05 -11.10
C LYS E 128 -20.31 22.27 -9.92
N GLU E 129 -21.36 22.84 -9.33
CA GLU E 129 -22.07 22.20 -8.23
C GLU E 129 -23.53 22.04 -8.56
N LYS E 130 -24.07 20.92 -8.14
CA LYS E 130 -25.47 20.65 -8.29
C LYS E 130 -26.19 20.62 -6.98
N LYS E 131 -27.37 21.23 -6.97
CA LYS E 131 -28.25 21.18 -5.83
C LYS E 131 -28.98 19.86 -5.91
N GLU E 132 -28.91 19.07 -4.85
CA GLU E 132 -29.51 17.74 -4.87
C GLU E 132 -30.07 17.37 -3.49
N TYR E 133 -30.71 16.21 -3.38
CA TYR E 133 -31.29 15.83 -2.09
C TYR E 133 -31.39 14.33 -1.84
N ALA E 134 -31.51 13.98 -0.56
CA ALA E 134 -31.71 12.59 -0.15
C ALA E 134 -32.35 12.49 1.22
N LEU E 135 -32.86 11.32 1.56
CA LEU E 135 -33.41 11.16 2.90
C LEU E 135 -32.42 10.58 3.87
N PHE E 136 -32.43 11.16 5.06
CA PHE E 136 -31.61 10.71 6.17
C PHE E 136 -32.47 10.77 7.38
N TYR E 137 -32.16 10.01 8.44
CA TYR E 137 -33.06 10.15 9.57
C TYR E 137 -32.50 10.00 10.99
N LYS E 138 -31.58 9.11 11.24
CA LYS E 138 -31.08 9.08 12.60
C LYS E 138 -30.17 10.25 12.71
N PRO E 139 -29.93 10.78 13.92
CA PRO E 139 -29.05 11.89 14.16
C PRO E 139 -27.59 11.52 14.02
N ASP E 140 -27.28 11.22 12.77
CA ASP E 140 -26.02 10.97 12.16
C ASP E 140 -25.94 12.34 11.51
N ILE E 141 -27.14 12.96 11.42
CA ILE E 141 -27.33 14.32 10.98
C ILE E 141 -27.48 15.11 12.28
N VAL E 142 -26.54 15.96 12.53
CA VAL E 142 -26.44 16.68 13.78
C VAL E 142 -26.66 18.18 13.60
N PRO E 143 -27.47 18.86 14.41
CA PRO E 143 -27.69 20.28 14.29
C PRO E 143 -26.32 20.89 14.24
N LEU E 144 -26.15 21.84 13.36
CA LEU E 144 -24.86 22.43 13.18
C LEU E 144 -24.39 23.10 14.46
N SER E 145 -23.11 22.91 14.77
CA SER E 145 -22.59 23.54 15.95
C SER E 145 -22.77 25.02 15.82
N GLU E 146 -23.11 25.64 16.93
CA GLU E 146 -23.29 27.07 17.07
C GLU E 146 -24.43 27.67 16.24
N THR E 147 -25.41 26.87 15.82
CA THR E 147 -26.53 27.52 15.13
C THR E 147 -27.63 27.67 16.13
N ASN E 148 -28.74 28.24 15.70
CA ASN E 148 -29.86 28.44 16.61
C ASN E 148 -31.18 27.93 16.08
N ASN E 149 -31.38 26.61 16.18
CA ASN E 149 -32.58 25.95 15.71
C ASN E 149 -32.87 26.28 14.25
N THR E 150 -31.85 26.24 13.43
CA THR E 150 -31.98 26.53 12.02
C THR E 150 -31.96 25.25 11.24
N SER E 151 -32.09 25.39 9.94
CA SER E 151 -32.19 24.30 8.99
C SER E 151 -30.84 23.66 8.70
N GLU E 152 -29.77 24.26 9.23
CA GLU E 152 -28.39 23.84 9.03
C GLU E 152 -27.92 22.74 9.97
N TYR E 153 -27.41 21.67 9.36
CA TYR E 153 -26.90 20.47 10.00
C TYR E 153 -25.55 20.04 9.48
N ARG E 154 -24.89 19.19 10.23
CA ARG E 154 -23.64 18.60 9.82
C ARG E 154 -23.68 17.12 9.95
N LEU E 155 -22.70 16.46 9.37
CA LEU E 155 -22.60 15.05 9.55
C LEU E 155 -21.94 14.79 10.90
N ILE E 156 -22.40 13.75 11.59
CA ILE E 156 -21.85 13.29 12.84
C ILE E 156 -20.36 13.06 12.88
N ASN E 157 -19.77 12.58 11.81
CA ASN E 157 -18.34 12.36 11.82
C ASN E 157 -17.50 13.48 11.24
N CYS E 158 -17.96 14.73 11.38
CA CYS E 158 -17.03 15.86 11.09
C CYS E 158 -16.24 16.40 12.27
N ASN E 159 -16.40 15.84 13.43
CA ASN E 159 -15.50 16.31 14.49
C ASN E 159 -14.76 15.09 15.00
N THR E 160 -14.51 14.09 14.11
CA THR E 160 -13.96 12.75 14.39
C THR E 160 -12.97 12.33 13.26
N SER E 161 -13.31 11.54 12.22
CA SER E 161 -12.36 11.23 11.19
C SER E 161 -13.20 10.89 10.02
N ALA E 162 -12.59 10.88 8.83
CA ALA E 162 -13.27 10.55 7.59
C ALA E 162 -13.77 9.13 7.58
N CYS E 163 -14.92 8.95 6.96
CA CYS E 163 -15.54 7.65 6.89
C CYS E 163 -15.66 7.17 5.47
N THR E 164 -15.97 5.89 5.34
CA THR E 164 -16.26 5.26 4.07
C THR E 164 -17.67 4.70 4.04
N GLN E 165 -18.17 4.28 2.87
CA GLN E 165 -19.47 3.60 2.87
C GLN E 165 -19.24 2.09 2.84
N ALA E 166 -19.32 1.48 1.68
CA ALA E 166 -18.95 0.09 1.54
C ALA E 166 -18.68 -0.17 0.10
N CYS E 167 -17.82 -1.12 -0.20
CA CYS E 167 -17.75 -1.45 -1.59
C CYS E 167 -19.12 -2.12 -1.79
N PRO E 168 -19.98 -1.62 -2.70
CA PRO E 168 -21.38 -2.04 -2.89
C PRO E 168 -21.57 -3.46 -3.34
N LYS E 169 -20.52 -4.01 -3.88
CA LYS E 169 -20.52 -5.36 -4.38
C LYS E 169 -20.34 -6.42 -3.32
N VAL E 170 -19.87 -6.04 -2.13
CA VAL E 170 -19.51 -7.06 -1.16
C VAL E 170 -20.64 -7.58 -0.29
N THR E 171 -20.69 -8.89 -0.24
CA THR E 171 -21.62 -9.66 0.55
C THR E 171 -21.06 -9.92 1.93
N PHE E 172 -21.87 -9.66 2.92
CA PHE E 172 -21.46 -9.93 4.27
C PHE E 172 -22.36 -10.98 4.90
N GLU E 173 -21.91 -12.21 4.82
CA GLU E 173 -22.68 -13.34 5.31
C GLU E 173 -21.70 -14.30 5.94
N PRO E 174 -21.84 -14.67 7.20
CA PRO E 174 -20.97 -15.61 7.87
C PRO E 174 -20.90 -16.97 7.19
N ILE E 175 -19.66 -17.42 6.96
CA ILE E 175 -19.33 -18.71 6.36
C ILE E 175 -18.49 -19.41 7.41
N PRO E 176 -18.77 -20.64 7.80
CA PRO E 176 -18.00 -21.31 8.81
C PRO E 176 -16.62 -21.63 8.35
N ILE E 177 -15.65 -21.39 9.21
CA ILE E 177 -14.29 -21.78 8.89
C ILE E 177 -13.86 -22.91 9.78
N HIS E 178 -13.48 -24.02 9.17
CA HIS E 178 -13.16 -25.25 9.87
C HIS E 178 -11.68 -25.25 10.15
N TYR E 179 -11.25 -24.36 11.02
CA TYR E 179 -9.82 -24.12 11.19
C TYR E 179 -8.96 -25.36 11.36
N CYS E 180 -7.88 -25.42 10.57
CA CYS E 180 -6.99 -26.57 10.61
C CYS E 180 -5.62 -26.23 11.20
N ALA E 181 -5.02 -27.27 11.81
CA ALA E 181 -3.68 -27.20 12.36
C ALA E 181 -2.59 -27.34 11.28
N PRO E 182 -1.44 -26.66 11.41
CA PRO E 182 -0.23 -26.84 10.64
C PRO E 182 0.41 -28.17 10.96
N ALA E 183 1.26 -28.67 10.08
CA ALA E 183 1.94 -29.92 10.39
C ALA E 183 2.70 -29.74 11.69
N GLY E 184 2.72 -30.79 12.50
CA GLY E 184 3.43 -30.78 13.76
C GLY E 184 2.50 -30.45 14.92
N TYR E 185 1.29 -30.02 14.59
CA TYR E 185 0.28 -29.70 15.58
C TYR E 185 -0.95 -30.53 15.41
N ALA E 186 -1.70 -30.64 16.50
CA ALA E 186 -2.94 -31.38 16.52
C ALA E 186 -3.92 -30.71 17.44
N ILE E 187 -5.20 -30.95 17.22
CA ILE E 187 -6.20 -30.31 18.01
C ILE E 187 -6.98 -31.35 18.81
N LEU E 188 -7.18 -31.10 20.08
CA LEU E 188 -7.95 -32.03 20.90
C LEU E 188 -9.27 -31.40 21.30
N LYS E 189 -10.33 -32.20 21.45
CA LYS E 189 -11.59 -31.63 21.94
C LYS E 189 -12.27 -32.45 23.02
N CYS E 190 -13.05 -31.75 23.82
CA CYS E 190 -13.87 -32.40 24.83
C CYS E 190 -15.20 -32.87 24.27
N ASN E 191 -15.54 -34.12 24.52
CA ASN E 191 -16.83 -34.65 24.09
C ASN E 191 -17.72 -34.76 25.31
N ASP E 192 -17.24 -34.24 26.42
CA ASP E 192 -17.96 -34.31 27.69
C ASP E 192 -19.04 -33.29 27.97
N GLU E 193 -20.09 -33.81 28.56
CA GLU E 193 -21.22 -33.05 29.07
C GLU E 193 -20.80 -32.60 30.44
N THR E 194 -21.63 -31.83 31.17
CA THR E 194 -21.29 -31.28 32.51
C THR E 194 -20.23 -30.18 32.49
N PHE E 195 -19.07 -30.46 31.86
CA PHE E 195 -17.84 -29.62 31.72
C PHE E 195 -18.05 -28.16 32.12
N ASN E 196 -17.41 -27.65 33.17
CA ASN E 196 -17.58 -26.27 33.66
C ASN E 196 -16.98 -25.18 32.79
N GLY E 197 -16.11 -25.49 31.85
CA GLY E 197 -15.37 -24.54 31.00
C GLY E 197 -13.90 -24.86 31.22
N THR E 198 -13.59 -25.47 32.39
CA THR E 198 -12.25 -25.97 32.75
C THR E 198 -12.31 -27.42 33.29
N GLY E 199 -11.14 -28.06 33.39
CA GLY E 199 -10.95 -29.35 34.04
C GLY E 199 -10.55 -30.54 33.16
N PRO E 200 -10.40 -31.72 33.78
CA PRO E 200 -9.91 -32.98 33.26
C PRO E 200 -10.91 -33.77 32.44
N CYS E 201 -11.12 -33.35 31.20
CA CYS E 201 -12.11 -34.01 30.35
C CYS E 201 -11.66 -35.45 30.17
N SER E 202 -12.61 -36.39 30.23
CA SER E 202 -12.24 -37.79 30.11
C SER E 202 -12.66 -38.36 28.78
N ASN E 203 -13.58 -37.70 28.11
CA ASN E 203 -14.00 -38.20 26.81
C ASN E 203 -13.30 -37.25 25.85
N VAL E 204 -12.14 -37.66 25.36
CA VAL E 204 -11.37 -36.77 24.52
C VAL E 204 -11.14 -37.34 23.13
N SER E 205 -11.32 -36.47 22.15
CA SER E 205 -11.16 -36.84 20.75
C SER E 205 -10.18 -35.97 20.00
N THR E 206 -9.64 -36.51 18.91
CA THR E 206 -8.69 -35.72 18.16
C THR E 206 -9.44 -34.96 17.14
N VAL E 207 -8.84 -33.89 16.71
CA VAL E 207 -9.35 -33.04 15.69
C VAL E 207 -8.28 -32.68 14.66
N GLN E 208 -8.61 -32.80 13.38
CA GLN E 208 -7.67 -32.36 12.36
C GLN E 208 -7.93 -30.90 12.09
N CYS E 209 -9.21 -30.60 12.01
CA CYS E 209 -9.79 -29.31 11.70
C CYS E 209 -10.97 -29.14 12.61
N THR E 210 -11.19 -27.93 13.12
CA THR E 210 -12.29 -27.74 14.06
C THR E 210 -13.56 -27.75 13.30
N HIS E 211 -14.66 -27.91 14.01
CA HIS E 211 -15.89 -27.90 13.30
C HIS E 211 -16.03 -26.45 12.93
N GLY E 212 -16.45 -26.15 11.74
CA GLY E 212 -16.49 -24.77 11.39
C GLY E 212 -17.51 -23.98 12.15
N ILE E 213 -17.12 -22.76 12.44
CA ILE E 213 -17.95 -21.81 13.14
C ILE E 213 -18.17 -20.56 12.34
N ARG E 214 -19.44 -20.18 12.23
CA ARG E 214 -19.83 -18.98 11.51
C ARG E 214 -19.67 -17.82 12.46
N PRO E 215 -18.86 -16.79 12.16
CA PRO E 215 -18.68 -15.67 13.04
C PRO E 215 -19.95 -14.88 13.01
N VAL E 216 -20.30 -14.27 14.12
CA VAL E 216 -21.47 -13.41 14.17
C VAL E 216 -21.10 -12.20 14.96
N VAL E 217 -21.55 -11.04 14.55
CA VAL E 217 -21.37 -9.90 15.42
C VAL E 217 -22.68 -9.62 16.07
N SER E 218 -22.70 -9.74 17.38
CA SER E 218 -23.90 -9.53 18.13
C SER E 218 -23.59 -9.29 19.59
N THR E 219 -24.59 -8.89 20.32
CA THR E 219 -24.46 -8.70 21.74
C THR E 219 -25.65 -9.29 22.44
N GLN E 220 -25.61 -9.27 23.74
CA GLN E 220 -26.70 -9.82 24.51
C GLN E 220 -27.06 -11.23 24.01
N LEU E 221 -28.24 -11.39 23.41
CA LEU E 221 -28.66 -12.69 22.90
C LEU E 221 -27.87 -13.06 21.62
N LEU E 222 -27.27 -14.24 21.61
CA LEU E 222 -26.46 -14.64 20.45
C LEU E 222 -27.20 -15.56 19.48
N LEU E 223 -27.19 -15.24 18.18
CA LEU E 223 -27.88 -16.00 17.10
C LEU E 223 -26.91 -16.84 16.26
N ASN E 224 -27.52 -17.82 15.57
CA ASN E 224 -27.00 -18.81 14.60
C ASN E 224 -25.84 -19.64 15.10
N GLY E 225 -25.81 -20.04 16.39
CA GLY E 225 -24.85 -20.88 17.13
C GLY E 225 -25.37 -22.29 17.29
N SER E 226 -24.59 -23.16 17.94
CA SER E 226 -25.01 -24.53 18.21
C SER E 226 -25.85 -24.60 19.47
N LEU E 227 -26.52 -25.74 19.65
CA LEU E 227 -27.33 -25.99 20.84
C LEU E 227 -26.66 -26.95 21.78
N ALA E 228 -27.01 -26.84 23.05
CA ALA E 228 -26.49 -27.78 24.03
C ALA E 228 -27.08 -29.14 23.64
N GLU E 229 -26.34 -30.22 23.82
CA GLU E 229 -26.90 -31.52 23.43
C GLU E 229 -27.95 -32.06 24.39
N LYS E 230 -27.72 -31.91 25.70
CA LYS E 230 -28.61 -32.56 26.65
C LYS E 230 -29.33 -31.65 27.59
N GLU E 231 -28.65 -30.62 28.06
CA GLU E 231 -29.21 -29.76 29.09
C GLU E 231 -28.57 -28.41 29.06
N ILE E 232 -29.25 -27.44 29.62
CA ILE E 232 -28.74 -26.10 29.69
C ILE E 232 -27.45 -26.05 30.49
N VAL E 233 -26.48 -25.38 29.93
CA VAL E 233 -25.20 -25.23 30.59
C VAL E 233 -24.96 -23.82 31.01
N ILE E 234 -24.72 -23.63 32.30
CA ILE E 234 -24.41 -22.31 32.78
C ILE E 234 -22.95 -22.25 33.09
N ARG E 235 -22.24 -21.35 32.44
CA ARG E 235 -20.81 -21.28 32.58
C ARG E 235 -20.29 -19.89 32.94
N SER E 236 -19.30 -19.86 33.84
CA SER E 236 -18.68 -18.61 34.28
C SER E 236 -17.30 -18.82 34.80
N GLU E 237 -16.42 -17.87 34.53
CA GLU E 237 -15.06 -17.91 35.00
C GLU E 237 -15.01 -17.95 36.52
N ASN E 238 -15.90 -17.19 37.13
CA ASN E 238 -15.94 -17.13 38.59
C ASN E 238 -17.38 -16.73 38.90
N LEU E 239 -18.21 -17.60 39.49
CA LEU E 239 -19.60 -17.32 39.84
C LEU E 239 -19.77 -16.27 40.91
N THR E 240 -18.73 -16.07 41.71
CA THR E 240 -18.81 -15.16 42.83
C THR E 240 -18.20 -13.81 42.50
N ASN E 241 -17.73 -13.64 41.28
CA ASN E 241 -17.10 -12.40 40.90
C ASN E 241 -18.09 -11.57 40.09
N ASN E 242 -18.54 -10.47 40.65
CA ASN E 242 -19.54 -9.64 40.00
C ASN E 242 -19.10 -9.06 38.66
N ALA E 243 -17.79 -9.04 38.39
CA ALA E 243 -17.26 -8.50 37.15
C ALA E 243 -17.28 -9.49 35.99
N LYS E 244 -17.69 -10.73 36.24
CA LYS E 244 -17.67 -11.73 35.19
C LYS E 244 -19.02 -11.92 34.52
N ILE E 245 -18.97 -12.41 33.29
CA ILE E 245 -20.16 -12.65 32.48
C ILE E 245 -20.46 -14.12 32.41
N ILE E 246 -21.73 -14.43 32.64
CA ILE E 246 -22.24 -15.77 32.64
C ILE E 246 -22.66 -16.13 31.24
N ILE E 247 -22.18 -17.26 30.78
CA ILE E 247 -22.46 -17.74 29.46
C ILE E 247 -23.46 -18.87 29.55
N VAL E 248 -24.56 -18.77 28.83
CA VAL E 248 -25.52 -19.86 28.91
C VAL E 248 -25.84 -20.49 27.58
N HIS E 249 -25.70 -21.82 27.55
CA HIS E 249 -26.02 -22.59 26.36
C HIS E 249 -27.38 -23.22 26.53
N LEU E 250 -28.31 -22.82 25.73
CA LEU E 250 -29.64 -23.37 25.86
C LEU E 250 -29.77 -24.68 25.11
N HIS E 251 -30.62 -25.54 25.64
CA HIS E 251 -30.90 -26.85 25.07
C HIS E 251 -31.77 -26.83 23.82
N THR E 252 -32.86 -26.08 23.87
CA THR E 252 -33.79 -26.11 22.76
C THR E 252 -33.74 -24.78 22.04
N PRO E 253 -34.07 -24.73 20.74
CA PRO E 253 -34.12 -23.53 19.95
C PRO E 253 -35.35 -22.70 20.23
N VAL E 254 -35.21 -21.42 19.96
CA VAL E 254 -36.28 -20.44 19.98
C VAL E 254 -36.27 -19.73 18.65
N GLU E 255 -37.42 -19.39 18.09
CA GLU E 255 -37.37 -18.71 16.80
C GLU E 255 -37.69 -17.24 16.88
N ILE E 256 -36.88 -16.43 16.22
CA ILE E 256 -37.10 -15.00 16.16
C ILE E 256 -37.34 -14.55 14.74
N VAL E 257 -38.39 -13.72 14.52
CA VAL E 257 -38.82 -13.17 13.20
C VAL E 257 -38.70 -11.63 13.25
N CYS E 258 -37.80 -11.00 12.49
CA CYS E 258 -37.70 -9.55 12.45
C CYS E 258 -38.01 -9.00 11.07
N THR E 259 -38.44 -7.74 11.04
CA THR E 259 -38.71 -7.10 9.76
C THR E 259 -38.74 -5.57 9.73
N ARG E 260 -38.54 -5.06 8.52
CA ARG E 260 -38.64 -3.65 8.23
C ARG E 260 -39.67 -3.45 7.12
N PRO E 261 -40.96 -3.32 7.45
CA PRO E 261 -42.11 -3.56 6.58
C PRO E 261 -42.33 -2.64 5.39
N ASN E 262 -41.80 -1.41 5.48
CA ASN E 262 -41.96 -0.24 4.54
C ASN E 262 -41.35 -0.39 3.13
N ASN E 263 -42.14 -0.26 2.06
CA ASN E 263 -41.61 -0.30 0.68
C ASN E 263 -40.69 0.92 0.50
N ASN E 264 -39.39 0.72 0.41
CA ASN E 264 -38.29 1.73 0.28
C ASN E 264 -37.72 1.83 -1.15
N THR E 265 -37.14 2.99 -1.54
CA THR E 265 -36.56 3.14 -2.86
C THR E 265 -35.11 3.56 -2.70
N ARG E 266 -34.35 3.50 -3.78
CA ARG E 266 -32.96 3.89 -3.70
C ARG E 266 -32.57 4.82 -4.83
N LYS E 267 -31.69 5.77 -4.52
CA LYS E 267 -31.14 6.64 -5.53
C LYS E 267 -29.65 6.78 -5.32
N SER E 268 -28.97 7.27 -6.33
CA SER E 268 -27.55 7.50 -6.15
C SER E 268 -27.13 8.78 -6.78
N VAL E 269 -26.05 9.32 -6.24
CA VAL E 269 -25.48 10.55 -6.70
C VAL E 269 -24.02 10.43 -7.03
N ARG E 270 -23.64 10.83 -8.22
CA ARG E 270 -22.23 10.79 -8.55
C ARG E 270 -21.57 11.98 -7.93
N ILE E 271 -20.49 11.77 -7.20
CA ILE E 271 -19.82 12.91 -6.58
C ILE E 271 -18.44 13.04 -7.17
N GLY E 272 -18.25 14.09 -7.94
CA GLY E 272 -17.00 14.25 -8.67
C GLY E 272 -16.84 13.05 -9.63
N PRO E 273 -15.61 12.53 -9.85
CA PRO E 273 -15.28 11.41 -10.74
C PRO E 273 -15.56 10.04 -10.13
N GLY E 274 -15.75 9.02 -10.96
CA GLY E 274 -15.78 7.68 -10.42
C GLY E 274 -16.92 7.34 -9.49
N GLN E 275 -16.62 7.50 -8.24
CA GLN E 275 -17.43 7.00 -7.16
C GLN E 275 -18.80 7.64 -6.97
N THR E 276 -19.81 6.79 -6.84
CA THR E 276 -21.14 7.26 -6.53
C THR E 276 -21.43 7.01 -5.07
N PHE E 277 -22.35 7.77 -4.55
CA PHE E 277 -22.83 7.65 -3.19
C PHE E 277 -24.24 7.17 -3.16
N TYR E 278 -24.56 6.26 -2.25
CA TYR E 278 -25.94 5.81 -2.20
C TYR E 278 -26.67 6.27 -0.97
N ALA E 279 -27.95 6.57 -1.15
CA ALA E 279 -28.82 6.96 -0.05
C ALA E 279 -30.27 6.67 -0.38
N THR E 280 -31.10 6.64 0.65
CA THR E 280 -32.51 6.41 0.48
C THR E 280 -33.14 7.50 -0.35
N GLY E 281 -33.95 7.08 -1.33
CA GLY E 281 -34.62 7.97 -2.26
C GLY E 281 -35.92 8.48 -1.68
N ASP E 282 -36.80 7.56 -1.39
CA ASP E 282 -38.10 7.82 -0.85
C ASP E 282 -38.61 6.61 -0.11
N ILE E 283 -39.76 6.80 0.50
CA ILE E 283 -40.52 5.78 1.17
C ILE E 283 -41.94 6.15 0.84
N ILE E 284 -42.54 5.45 -0.16
CA ILE E 284 -43.81 5.73 -0.92
C ILE E 284 -45.11 5.98 -0.15
N GLY E 285 -45.11 6.27 1.15
CA GLY E 285 -46.40 6.70 1.72
C GLY E 285 -46.76 6.21 3.13
N ASP E 286 -46.44 4.98 3.48
CA ASP E 286 -46.85 4.48 4.78
C ASP E 286 -45.77 4.72 5.84
N ILE E 287 -46.03 4.31 7.07
CA ILE E 287 -45.07 4.49 8.15
C ILE E 287 -44.64 3.19 8.80
N LYS E 288 -43.33 3.06 8.84
CA LYS E 288 -42.63 1.94 9.41
C LYS E 288 -42.45 1.93 10.93
N GLN E 289 -42.26 0.71 11.44
CA GLN E 289 -41.77 0.41 12.78
C GLN E 289 -40.88 -0.80 12.70
N ALA E 290 -39.61 -0.67 13.04
CA ALA E 290 -38.76 -1.85 12.99
C ALA E 290 -39.16 -2.70 14.17
N HIS E 291 -39.28 -4.00 13.97
CA HIS E 291 -39.61 -4.82 15.13
C HIS E 291 -39.23 -6.27 15.02
N CYS E 292 -39.21 -6.95 16.19
CA CYS E 292 -38.86 -8.38 16.42
C CYS E 292 -39.93 -9.09 17.29
N ASN E 293 -40.63 -10.09 16.74
CA ASN E 293 -41.71 -10.81 17.44
C ASN E 293 -41.15 -12.13 17.93
N ILE E 294 -41.25 -12.43 19.22
CA ILE E 294 -40.73 -13.71 19.79
C ILE E 294 -41.88 -14.38 20.55
N SER E 295 -42.09 -15.70 20.46
CA SER E 295 -43.15 -16.37 21.20
C SER E 295 -42.89 -16.20 22.67
N GLU E 296 -43.90 -15.82 23.45
CA GLU E 296 -43.77 -15.69 24.91
C GLU E 296 -43.70 -17.02 25.63
N GLU E 297 -44.48 -17.93 25.05
CA GLU E 297 -44.54 -19.26 25.61
C GLU E 297 -43.17 -19.87 25.87
N LYS E 298 -42.37 -19.65 24.82
CA LYS E 298 -41.15 -20.41 24.74
C LYS E 298 -40.20 -19.70 25.64
N TRP E 299 -40.40 -18.40 25.72
CA TRP E 299 -39.52 -17.51 26.43
C TRP E 299 -39.64 -17.76 27.90
N ASN E 300 -40.86 -17.99 28.38
CA ASN E 300 -41.07 -18.13 29.80
C ASN E 300 -40.55 -19.48 30.20
N ASP E 301 -40.68 -20.42 29.26
CA ASP E 301 -40.25 -21.76 29.56
C ASP E 301 -38.75 -21.74 29.77
N THR E 302 -38.07 -21.00 28.91
CA THR E 302 -36.63 -20.88 28.96
C THR E 302 -36.18 -20.20 30.22
N LEU E 303 -36.76 -19.07 30.56
CA LEU E 303 -36.21 -18.38 31.70
C LEU E 303 -36.33 -19.23 32.94
N GLN E 304 -37.45 -19.94 33.12
CA GLN E 304 -37.52 -20.73 34.33
C GLN E 304 -36.55 -21.90 34.27
N LYS E 305 -36.37 -22.54 33.12
CA LYS E 305 -35.41 -23.64 33.09
C LYS E 305 -34.02 -23.15 33.45
N VAL E 306 -33.66 -21.95 33.01
CA VAL E 306 -32.37 -21.41 33.35
C VAL E 306 -32.33 -21.19 34.84
N GLY E 307 -33.39 -20.60 35.39
CA GLY E 307 -33.45 -20.33 36.81
C GLY E 307 -33.26 -21.58 37.65
N ILE E 308 -33.79 -22.70 37.19
CA ILE E 308 -33.65 -23.96 37.90
C ILE E 308 -32.20 -24.36 37.96
N GLU E 309 -31.52 -24.29 36.85
CA GLU E 309 -30.14 -24.68 36.86
C GLU E 309 -29.30 -23.65 37.64
N LEU E 310 -29.63 -22.38 37.50
CA LEU E 310 -28.87 -21.31 38.11
C LEU E 310 -28.92 -21.45 39.64
N GLN E 311 -30.08 -21.88 40.14
CA GLN E 311 -30.38 -22.16 41.54
C GLN E 311 -29.35 -23.06 42.18
N LYS E 312 -28.64 -23.86 41.40
CA LYS E 312 -27.67 -24.77 41.97
C LYS E 312 -26.51 -24.01 42.61
N HIS E 313 -26.17 -22.85 42.05
CA HIS E 313 -25.03 -22.09 42.53
C HIS E 313 -25.47 -20.95 43.39
N PHE E 314 -26.75 -20.62 43.27
CA PHE E 314 -27.39 -19.60 44.04
C PHE E 314 -28.64 -20.17 44.70
N PRO E 315 -28.50 -21.12 45.66
CA PRO E 315 -29.56 -21.84 46.35
C PRO E 315 -30.35 -20.99 47.30
N ASN E 316 -31.62 -21.39 47.50
CA ASN E 316 -32.65 -20.80 48.40
C ASN E 316 -32.90 -19.32 48.14
N LYS E 317 -32.87 -18.90 46.88
CA LYS E 317 -33.04 -17.51 46.50
C LYS E 317 -33.92 -17.37 45.26
N THR E 318 -34.64 -16.26 45.21
CA THR E 318 -35.52 -15.87 44.11
C THR E 318 -34.72 -15.29 42.95
N ILE E 319 -35.10 -15.61 41.73
CA ILE E 319 -34.39 -15.02 40.61
C ILE E 319 -35.16 -13.96 39.89
N LYS E 320 -34.57 -12.79 39.93
CA LYS E 320 -35.15 -11.59 39.38
C LYS E 320 -34.39 -11.13 38.18
N TYR E 321 -35.07 -10.54 37.20
CA TYR E 321 -34.44 -10.03 35.96
C TYR E 321 -34.78 -8.54 35.94
N ASN E 322 -33.91 -7.78 35.32
CA ASN E 322 -33.98 -6.31 35.27
C ASN E 322 -33.44 -5.84 33.93
N GLN E 323 -33.29 -4.54 33.71
CA GLN E 323 -32.88 -4.00 32.40
C GLN E 323 -31.37 -3.72 32.49
N SER E 324 -30.76 -3.22 31.41
CA SER E 324 -29.34 -2.91 31.36
C SER E 324 -29.09 -1.66 32.18
N ALA E 325 -27.81 -1.41 32.41
CA ALA E 325 -27.35 -0.27 33.20
C ALA E 325 -27.70 1.09 32.58
N GLY E 326 -27.88 1.14 31.28
CA GLY E 326 -28.15 2.40 30.59
C GLY E 326 -26.92 2.89 29.83
N GLY E 327 -27.16 3.72 28.81
CA GLY E 327 -26.11 4.23 27.95
C GLY E 327 -26.61 4.35 26.52
N ASP E 328 -25.68 4.56 25.60
CA ASP E 328 -25.94 4.70 24.18
C ASP E 328 -26.51 3.41 23.64
N MET E 329 -27.23 3.45 22.52
CA MET E 329 -27.83 2.19 22.04
C MET E 329 -26.79 1.10 21.81
N GLU E 330 -25.60 1.48 21.39
CA GLU E 330 -24.52 0.53 21.13
C GLU E 330 -24.14 -0.28 22.38
N ILE E 331 -24.49 0.24 23.55
CA ILE E 331 -24.20 -0.31 24.83
C ILE E 331 -25.38 -1.12 25.36
N THR E 332 -26.58 -0.57 25.24
CA THR E 332 -27.77 -1.17 25.83
C THR E 332 -28.69 -2.01 24.97
N THR E 333 -28.65 -1.89 23.67
CA THR E 333 -29.60 -2.64 22.86
C THR E 333 -29.04 -3.89 22.27
N HIS E 334 -29.94 -4.73 21.80
CA HIS E 334 -29.58 -5.92 21.10
C HIS E 334 -29.14 -5.51 19.72
N SER E 335 -28.12 -6.16 19.17
CA SER E 335 -27.65 -5.79 17.85
C SER E 335 -27.71 -6.88 16.80
N PHE E 336 -28.30 -6.52 15.67
CA PHE E 336 -28.44 -7.45 14.54
C PHE E 336 -27.88 -6.81 13.30
N ASN E 337 -27.44 -7.64 12.38
CA ASN E 337 -27.00 -7.20 11.08
C ASN E 337 -27.85 -7.84 10.00
N CYS E 338 -29.11 -8.09 10.31
CA CYS E 338 -29.99 -8.81 9.38
C CYS E 338 -30.12 -8.10 8.06
N GLY E 339 -29.87 -8.82 6.98
CA GLY E 339 -30.02 -8.27 5.66
C GLY E 339 -28.88 -7.36 5.29
N GLY E 340 -27.91 -7.21 6.17
CA GLY E 340 -26.84 -6.28 5.97
C GLY E 340 -27.18 -4.93 6.62
N GLU E 341 -28.40 -4.78 7.15
CA GLU E 341 -28.79 -3.53 7.79
C GLU E 341 -28.40 -3.63 9.24
N PHE E 342 -28.15 -2.51 9.89
CA PHE E 342 -27.83 -2.58 11.31
C PHE E 342 -28.89 -2.06 12.23
N PHE E 343 -29.38 -2.99 13.02
CA PHE E 343 -30.47 -2.78 13.94
C PHE E 343 -30.02 -2.68 15.35
N TYR E 344 -30.71 -1.83 16.07
CA TYR E 344 -30.59 -1.71 17.50
C TYR E 344 -31.93 -2.01 18.11
N CYS E 345 -32.06 -3.08 18.93
CA CYS E 345 -33.38 -3.48 19.48
C CYS E 345 -33.50 -3.44 21.01
N ASN E 346 -34.22 -2.46 21.54
CA ASN E 346 -34.45 -2.22 22.98
C ASN E 346 -34.95 -3.51 23.60
N THR E 347 -34.33 -4.00 24.66
CA THR E 347 -34.70 -5.28 25.28
C THR E 347 -36.06 -5.15 26.00
N SER E 348 -36.42 -3.94 26.44
CA SER E 348 -37.70 -3.59 27.11
C SER E 348 -38.90 -4.27 26.43
N ASN E 349 -39.62 -5.21 27.04
CA ASN E 349 -39.68 -5.70 28.44
C ASN E 349 -39.39 -7.20 28.44
N LEU E 350 -38.39 -7.65 27.66
CA LEU E 350 -38.03 -9.06 27.59
C LEU E 350 -37.61 -9.63 28.95
N PHE E 351 -36.97 -8.77 29.76
CA PHE E 351 -36.43 -9.12 31.10
C PHE E 351 -37.17 -8.36 32.18
N ASN E 352 -38.51 -8.28 32.04
CA ASN E 352 -39.46 -7.66 32.99
C ASN E 352 -40.15 -8.80 33.72
N GLY E 353 -39.45 -9.40 34.68
CA GLY E 353 -40.00 -10.54 35.42
C GLY E 353 -39.06 -11.06 36.49
N THR E 354 -39.59 -12.04 37.22
CA THR E 354 -38.92 -12.73 38.29
C THR E 354 -39.63 -14.01 38.54
N TYR E 355 -38.89 -14.98 39.00
CA TYR E 355 -39.52 -16.23 39.29
C TYR E 355 -39.26 -16.70 40.70
N ASN E 356 -40.38 -16.99 41.36
CA ASN E 356 -40.43 -17.54 42.71
C ASN E 356 -39.64 -18.80 42.64
N GLY E 357 -38.75 -19.01 43.62
CA GLY E 357 -37.87 -20.15 43.59
C GLY E 357 -38.51 -21.53 43.80
N THR E 358 -39.40 -21.86 42.88
CA THR E 358 -40.16 -23.08 42.82
C THR E 358 -39.94 -23.49 41.39
N TYR E 359 -39.76 -22.46 40.55
CA TYR E 359 -39.62 -22.56 39.11
C TYR E 359 -40.51 -23.63 38.54
N ILE E 360 -41.79 -23.56 38.83
CA ILE E 360 -42.63 -24.67 38.43
C ILE E 360 -42.85 -24.66 36.94
N SER E 361 -42.50 -25.77 36.31
CA SER E 361 -42.60 -25.91 34.87
C SER E 361 -44.02 -26.24 34.45
N THR E 362 -44.91 -25.29 34.68
CA THR E 362 -46.31 -25.46 34.34
C THR E 362 -46.72 -24.57 33.19
N ASN E 363 -47.34 -25.21 32.21
CA ASN E 363 -47.83 -24.56 31.02
C ASN E 363 -48.95 -25.43 30.49
N SER E 364 -49.57 -25.03 29.40
CA SER E 364 -50.63 -25.84 28.82
C SER E 364 -50.80 -25.67 27.32
N SER E 365 -51.46 -26.65 26.71
CA SER E 365 -51.80 -26.60 25.30
C SER E 365 -52.83 -25.51 25.07
N ALA E 366 -52.69 -24.77 23.98
CA ALA E 366 -53.61 -23.70 23.65
C ALA E 366 -53.51 -23.36 22.19
N ASN E 367 -54.48 -22.60 21.70
CA ASN E 367 -54.45 -22.11 20.33
C ASN E 367 -53.81 -20.72 20.26
N SER E 368 -53.26 -20.28 21.39
CA SER E 368 -52.56 -19.01 21.52
C SER E 368 -51.29 -18.93 20.72
N THR E 369 -51.10 -17.79 20.09
CA THR E 369 -49.89 -17.47 19.36
C THR E 369 -49.25 -16.24 19.96
N SER E 370 -49.57 -15.95 21.21
CA SER E 370 -49.11 -14.74 21.88
C SER E 370 -47.60 -14.59 21.89
N THR E 371 -47.14 -13.38 21.55
CA THR E 371 -45.74 -13.02 21.45
C THR E 371 -45.41 -11.77 22.21
N ILE E 372 -44.13 -11.54 22.33
CA ILE E 372 -43.57 -10.32 22.87
C ILE E 372 -42.97 -9.58 21.69
N THR E 373 -43.29 -8.31 21.54
CA THR E 373 -42.75 -7.59 20.42
C THR E 373 -41.80 -6.54 20.92
N LEU E 374 -40.60 -6.56 20.39
CA LEU E 374 -39.63 -5.54 20.74
C LEU E 374 -39.58 -4.57 19.60
N GLN E 375 -39.25 -3.32 19.91
CA GLN E 375 -39.12 -2.34 18.83
C GLN E 375 -37.67 -2.02 18.60
N CYS E 376 -37.39 -1.63 17.37
CA CYS E 376 -36.02 -1.35 17.01
C CYS E 376 -35.78 -0.03 16.34
N ARG E 377 -34.51 0.32 16.23
CA ARG E 377 -34.06 1.54 15.59
C ARG E 377 -32.99 1.17 14.59
N ILE E 378 -32.92 1.86 13.47
CA ILE E 378 -31.90 1.53 12.49
C ILE E 378 -30.96 2.69 12.26
N LYS E 379 -29.67 2.45 12.32
CA LYS E 379 -28.68 3.52 12.11
C LYS E 379 -28.05 3.44 10.77
N GLN E 380 -27.45 4.54 10.33
CA GLN E 380 -26.78 4.51 9.06
C GLN E 380 -25.29 4.48 9.24
N ILE E 381 -24.78 5.19 10.25
CA ILE E 381 -23.34 5.17 10.46
C ILE E 381 -22.99 4.50 11.75
N ILE E 382 -22.09 3.53 11.66
CA ILE E 382 -21.71 2.81 12.86
C ILE E 382 -20.22 2.73 13.08
N ASN E 383 -19.84 2.54 14.35
CA ASN E 383 -18.46 2.33 14.75
C ASN E 383 -18.25 0.84 14.88
N MET E 384 -17.74 0.25 13.82
CA MET E 384 -17.65 -1.18 13.74
C MET E 384 -16.67 -1.71 14.75
N TRP E 385 -17.18 -2.42 15.75
CA TRP E 385 -16.35 -2.98 16.81
C TRP E 385 -15.54 -1.90 17.50
N GLN E 386 -16.17 -0.75 17.73
CA GLN E 386 -15.56 0.40 18.39
C GLN E 386 -14.50 1.04 17.52
N GLY E 387 -14.46 0.63 16.26
CA GLY E 387 -13.61 1.19 15.25
C GLY E 387 -14.09 2.55 14.81
N VAL E 388 -13.96 3.52 15.67
CA VAL E 388 -14.34 4.88 15.32
C VAL E 388 -13.51 5.31 14.11
N GLY E 389 -12.25 4.91 14.09
CA GLY E 389 -11.35 5.22 12.98
C GLY E 389 -11.61 4.34 11.76
N ARG E 390 -12.58 3.44 11.87
CA ARG E 390 -12.96 2.54 10.84
C ARG E 390 -14.46 2.73 10.59
N CYS E 391 -14.98 3.91 10.94
CA CYS E 391 -16.41 4.20 10.79
C CYS E 391 -16.86 3.96 9.36
N MET E 392 -18.08 3.43 9.26
CA MET E 392 -18.68 3.26 7.96
C MET E 392 -20.18 3.49 7.89
N TYR E 393 -20.58 3.99 6.74
CA TYR E 393 -21.95 4.25 6.36
C TYR E 393 -22.55 3.11 5.59
N ALA E 394 -23.70 2.68 6.00
CA ALA E 394 -24.36 1.59 5.35
C ALA E 394 -24.83 1.94 3.95
N PRO E 395 -24.85 1.01 3.01
CA PRO E 395 -25.54 1.18 1.76
C PRO E 395 -26.99 0.98 2.12
N PRO E 396 -27.92 1.66 1.49
CA PRO E 396 -29.35 1.40 1.59
C PRO E 396 -29.71 0.16 0.81
N ILE E 397 -30.76 -0.52 1.23
CA ILE E 397 -31.29 -1.67 0.52
C ILE E 397 -32.75 -1.47 0.16
N ALA E 398 -33.07 -1.71 -1.09
CA ALA E 398 -34.41 -1.59 -1.65
C ALA E 398 -35.38 -2.74 -1.33
N GLY E 399 -36.42 -2.52 -0.46
CA GLY E 399 -37.18 -3.72 0.10
C GLY E 399 -38.02 -3.72 1.35
N ASN E 400 -38.65 -4.86 1.48
CA ASN E 400 -39.54 -5.21 2.58
C ASN E 400 -38.60 -6.29 3.11
N ILE E 401 -37.66 -5.88 3.97
CA ILE E 401 -36.60 -6.72 4.59
C ILE E 401 -37.19 -7.58 5.72
N THR E 402 -36.98 -8.90 5.73
CA THR E 402 -37.45 -9.77 6.80
C THR E 402 -36.24 -10.53 7.31
N CYS E 403 -36.31 -11.05 8.53
CA CYS E 403 -35.23 -11.90 9.01
C CYS E 403 -35.61 -12.94 10.06
N ARG E 404 -35.20 -14.17 9.80
CA ARG E 404 -35.36 -15.32 10.69
C ARG E 404 -34.00 -15.34 11.40
N SER E 405 -34.00 -16.30 12.34
CA SER E 405 -32.81 -16.84 13.04
C SER E 405 -33.23 -18.05 13.92
N ASN E 406 -32.45 -19.13 14.05
CA ASN E 406 -32.66 -20.20 15.05
C ASN E 406 -31.82 -19.76 16.23
N ILE E 407 -32.42 -19.36 17.35
CA ILE E 407 -31.74 -18.77 18.54
C ILE E 407 -31.87 -19.57 19.87
N THR E 408 -31.14 -19.28 21.00
CA THR E 408 -30.19 -18.21 21.24
C THR E 408 -29.13 -18.64 22.23
N GLY E 409 -28.00 -17.96 22.22
CA GLY E 409 -27.06 -18.09 23.31
C GLY E 409 -27.29 -16.89 24.26
N LEU E 410 -27.07 -17.04 25.56
CA LEU E 410 -27.28 -15.85 26.40
C LEU E 410 -26.01 -15.33 27.04
N LEU E 411 -25.93 -14.01 27.15
CA LEU E 411 -24.85 -13.34 27.88
C LEU E 411 -25.46 -12.55 29.00
N LEU E 412 -25.17 -12.98 30.22
CA LEU E 412 -25.80 -12.39 31.39
C LEU E 412 -24.85 -11.92 32.47
N THR E 413 -25.28 -10.94 33.24
CA THR E 413 -24.51 -10.54 34.41
C THR E 413 -25.36 -10.63 35.66
N ARG E 414 -24.75 -10.34 36.81
CA ARG E 414 -25.43 -10.44 38.11
C ARG E 414 -25.31 -9.19 38.96
N ASP E 415 -26.38 -8.89 39.68
CA ASP E 415 -26.47 -7.75 40.57
C ASP E 415 -27.23 -8.10 41.87
N GLY E 416 -27.35 -7.09 42.73
CA GLY E 416 -28.01 -7.20 44.03
C GLY E 416 -27.02 -6.82 45.13
N GLY E 417 -27.47 -5.98 46.06
CA GLY E 417 -26.61 -5.48 47.12
C GLY E 417 -26.75 -6.21 48.45
N THR E 418 -26.36 -5.53 49.51
CA THR E 418 -26.35 -6.10 50.85
C THR E 418 -27.74 -6.09 51.45
N ASN E 419 -28.64 -5.45 50.73
CA ASN E 419 -30.03 -5.32 51.06
C ASN E 419 -30.91 -6.40 50.47
N SER E 420 -30.30 -7.43 49.87
CA SER E 420 -31.09 -8.52 49.35
C SER E 420 -30.57 -9.83 49.91
N ASN E 421 -29.79 -10.57 49.13
CA ASN E 421 -29.28 -11.88 49.51
C ASN E 421 -30.38 -12.86 49.88
N GLU E 422 -31.50 -12.76 49.17
CA GLU E 422 -32.68 -13.61 49.35
C GLU E 422 -33.17 -13.92 47.97
N THR E 423 -32.59 -13.14 47.09
CA THR E 423 -32.88 -13.03 45.72
C THR E 423 -31.67 -12.41 45.13
N GLU E 424 -31.47 -12.65 43.85
CA GLU E 424 -30.40 -12.08 43.04
C GLU E 424 -30.99 -11.59 41.73
N THR E 425 -30.38 -10.54 41.16
CA THR E 425 -30.89 -9.95 39.93
C THR E 425 -29.96 -10.17 38.76
N PHE E 426 -30.53 -10.63 37.69
CA PHE E 426 -29.75 -10.88 36.51
C PHE E 426 -30.09 -9.88 35.45
N ARG E 427 -29.08 -9.32 34.82
CA ARG E 427 -29.29 -8.25 33.85
C ARG E 427 -28.63 -8.77 32.58
N PRO E 428 -29.00 -8.30 31.18
CA PRO E 428 -28.35 -8.49 29.91
C PRO E 428 -26.96 -7.93 29.97
N ALA E 429 -26.05 -8.59 29.27
CA ALA E 429 -24.67 -8.18 29.24
C ALA E 429 -24.05 -8.48 27.90
N GLY E 430 -22.89 -7.88 27.63
CA GLY E 430 -22.20 -8.15 26.37
C GLY E 430 -21.23 -7.03 25.99
N GLY E 431 -20.74 -7.07 24.75
CA GLY E 431 -19.79 -6.08 24.25
C GLY E 431 -18.41 -6.61 23.87
N ASP E 432 -18.01 -7.77 24.38
CA ASP E 432 -16.70 -8.29 24.01
C ASP E 432 -16.82 -9.42 22.98
N MET E 433 -16.31 -9.14 21.80
CA MET E 433 -16.37 -10.02 20.65
C MET E 433 -15.70 -11.34 20.99
N ARG E 434 -14.77 -11.30 21.93
CA ARG E 434 -14.05 -12.47 22.32
C ARG E 434 -14.97 -13.52 22.87
N ASP E 435 -16.01 -13.11 23.60
CA ASP E 435 -16.84 -14.10 24.22
C ASP E 435 -17.77 -14.64 23.20
N ASN E 436 -18.10 -13.81 22.22
CA ASN E 436 -19.00 -14.31 21.20
C ASN E 436 -18.41 -15.55 20.55
N TRP E 437 -17.08 -15.58 20.35
CA TRP E 437 -16.56 -16.79 19.75
C TRP E 437 -16.20 -17.80 20.82
N ARG E 438 -15.72 -17.33 21.97
CA ARG E 438 -15.25 -18.18 23.07
C ARG E 438 -16.27 -19.24 23.35
N SER E 439 -17.52 -18.79 23.32
CA SER E 439 -18.71 -19.58 23.53
C SER E 439 -18.62 -20.92 22.84
N GLU E 440 -18.13 -20.99 21.60
CA GLU E 440 -18.07 -22.27 20.94
C GLU E 440 -16.64 -22.77 20.76
N LEU E 441 -15.70 -21.85 20.70
CA LEU E 441 -14.31 -22.21 20.42
C LEU E 441 -13.74 -23.11 21.51
N TYR E 442 -14.20 -22.92 22.73
CA TYR E 442 -13.77 -23.63 23.93
C TYR E 442 -13.65 -25.12 23.79
N LYS E 443 -14.33 -25.70 22.84
CA LYS E 443 -14.30 -27.14 22.71
C LYS E 443 -12.93 -27.66 22.38
N TYR E 444 -12.07 -26.82 21.81
CA TYR E 444 -10.79 -27.26 21.31
C TYR E 444 -9.56 -26.75 22.04
N LYS E 445 -8.53 -27.60 22.09
CA LYS E 445 -7.21 -27.26 22.62
C LYS E 445 -6.15 -27.61 21.59
N VAL E 446 -5.14 -26.77 21.42
CA VAL E 446 -4.15 -27.07 20.41
C VAL E 446 -2.86 -27.53 21.05
N VAL E 447 -2.36 -28.66 20.56
CA VAL E 447 -1.17 -29.27 21.12
C VAL E 447 -0.13 -29.54 20.07
N LYS E 448 1.09 -29.70 20.52
CA LYS E 448 2.22 -29.99 19.66
C LYS E 448 2.64 -31.43 19.85
N ILE E 449 2.95 -32.09 18.75
CA ILE E 449 3.43 -33.45 18.86
C ILE E 449 4.90 -33.40 19.12
N GLU E 450 5.34 -34.07 20.18
CA GLU E 450 6.75 -34.06 20.51
C GLU E 450 7.39 -35.44 20.32
N PRO E 451 7.99 -35.72 19.18
CA PRO E 451 8.59 -36.99 18.88
C PRO E 451 9.91 -37.10 19.59
N LEU E 452 10.37 -38.33 19.71
CA LEU E 452 11.65 -38.74 20.21
C LEU E 452 11.84 -38.75 21.72
N GLY E 453 11.73 -39.96 22.27
CA GLY E 453 11.80 -40.17 23.69
C GLY E 453 12.84 -41.25 24.00
N VAL E 454 12.94 -41.63 25.26
CA VAL E 454 13.98 -42.55 25.67
C VAL E 454 13.46 -43.51 26.70
N ALA E 455 13.97 -44.72 26.68
CA ALA E 455 13.59 -45.72 27.67
C ALA E 455 14.71 -46.73 27.81
N PRO E 456 14.88 -47.38 28.96
CA PRO E 456 15.78 -48.48 29.16
C PRO E 456 15.22 -49.72 28.55
N THR E 457 16.11 -50.61 28.15
CA THR E 457 15.72 -51.90 27.61
C THR E 457 16.66 -53.01 28.07
N ARG E 458 17.95 -52.69 28.22
CA ARG E 458 18.91 -53.69 28.70
C ARG E 458 19.59 -54.41 27.54
N CYS E 459 19.03 -54.26 26.36
CA CYS E 459 19.55 -54.89 25.16
C CYS E 459 20.73 -54.08 24.68
N LYS E 460 21.65 -54.68 23.94
CA LYS E 460 22.84 -53.91 23.60
C LYS E 460 23.25 -54.12 22.15
N ARG E 461 23.88 -53.11 21.55
CA ARG E 461 24.38 -53.26 20.20
C ARG E 461 25.77 -53.84 20.10
N ARG E 462 25.88 -54.86 19.27
CA ARG E 462 27.17 -55.44 18.95
C ARG E 462 27.84 -54.56 17.94
N VAL E 463 29.09 -54.25 18.19
CA VAL E 463 29.88 -53.42 17.31
C VAL E 463 31.33 -53.45 17.71
N ALA F 9 -9.65 -49.39 15.16
CA ALA F 9 -11.09 -49.22 15.00
C ALA F 9 -11.52 -48.08 14.04
N VAL F 10 -10.83 -46.91 13.83
CA VAL F 10 -9.56 -46.28 14.30
C VAL F 10 -8.32 -46.84 13.54
N GLY F 11 -7.59 -47.79 14.12
CA GLY F 11 -6.45 -48.42 13.48
C GLY F 11 -5.29 -47.44 13.38
N ILE F 12 -4.26 -47.83 12.64
CA ILE F 12 -3.07 -46.99 12.48
C ILE F 12 -3.40 -45.67 11.81
N GLY F 13 -4.26 -45.69 10.81
CA GLY F 13 -4.56 -44.45 10.16
C GLY F 13 -5.03 -43.44 11.20
N ALA F 14 -6.12 -43.71 11.89
CA ALA F 14 -6.55 -42.70 12.85
C ALA F 14 -5.53 -42.41 13.95
N VAL F 15 -4.86 -43.45 14.46
CA VAL F 15 -3.92 -43.29 15.57
C VAL F 15 -2.70 -42.44 15.24
N PHE F 16 -2.09 -42.72 14.08
CA PHE F 16 -0.88 -42.04 13.62
C PHE F 16 -0.99 -41.15 12.37
N LEU F 17 -2.01 -41.33 11.50
CA LEU F 17 -2.23 -40.32 10.45
C LEU F 17 -2.76 -39.14 11.26
N GLY F 18 -3.63 -39.50 12.20
CA GLY F 18 -4.22 -38.59 13.17
C GLY F 18 -3.18 -38.68 14.27
N PHE F 19 -3.36 -38.10 15.44
CA PHE F 19 -2.22 -38.20 16.32
C PHE F 19 -2.57 -38.55 17.76
N LEU F 20 -1.52 -39.16 18.29
CA LEU F 20 -1.47 -39.52 19.72
C LEU F 20 -2.48 -40.59 20.11
N GLY F 21 -3.02 -41.32 19.16
CA GLY F 21 -4.01 -42.36 19.49
C GLY F 21 -3.49 -43.47 20.40
N ALA F 22 -2.22 -43.81 20.25
CA ALA F 22 -1.63 -44.89 21.00
C ALA F 22 -1.21 -44.46 22.38
N ALA F 23 -1.38 -43.20 22.71
CA ALA F 23 -0.95 -42.77 24.01
C ALA F 23 -1.66 -43.59 25.09
N GLY F 24 -2.89 -44.05 24.83
CA GLY F 24 -3.63 -44.82 25.84
C GLY F 24 -3.41 -46.35 25.79
N SER F 25 -2.49 -46.82 24.94
CA SER F 25 -2.26 -48.27 24.71
C SER F 25 -1.03 -48.86 25.40
N THR F 26 -0.34 -48.01 26.17
CA THR F 26 0.91 -48.23 26.92
C THR F 26 2.07 -48.40 25.94
N MET F 27 3.27 -48.09 26.40
CA MET F 27 4.39 -48.00 25.47
C MET F 27 4.80 -49.27 24.77
N GLY F 28 4.57 -50.44 25.33
CA GLY F 28 4.91 -51.65 24.60
C GLY F 28 4.19 -51.74 23.25
N ALA F 29 3.01 -51.12 23.16
CA ALA F 29 2.20 -51.15 21.95
C ALA F 29 2.93 -50.51 20.77
N ALA F 30 3.75 -49.53 21.09
CA ALA F 30 4.43 -48.66 20.16
C ALA F 30 5.37 -49.42 19.26
N SER F 31 5.87 -50.55 19.75
CA SER F 31 6.87 -51.30 19.02
C SER F 31 6.35 -51.79 17.68
N MET F 32 5.04 -51.85 17.52
CA MET F 32 4.47 -52.34 16.28
C MET F 32 3.94 -51.22 15.41
N THR F 33 4.01 -49.98 15.87
CA THR F 33 3.33 -48.94 15.12
C THR F 33 4.04 -47.62 14.84
N LEU F 34 5.11 -47.29 15.53
CA LEU F 34 5.66 -45.94 15.34
C LEU F 34 6.36 -45.72 14.02
N THR F 35 5.57 -45.63 12.97
CA THR F 35 6.04 -45.50 11.61
C THR F 35 5.37 -44.30 10.98
N VAL F 36 4.08 -44.49 10.76
CA VAL F 36 3.20 -43.51 10.18
C VAL F 36 3.24 -42.22 10.95
N GLN F 37 3.40 -42.31 12.26
CA GLN F 37 3.42 -41.08 13.01
C GLN F 37 4.39 -40.10 12.40
N ALA F 38 5.56 -40.57 11.98
CA ALA F 38 6.54 -39.66 11.49
C ALA F 38 6.18 -39.11 10.13
N ARG F 39 5.64 -39.95 9.25
CA ARG F 39 5.47 -39.44 7.89
C ARG F 39 4.38 -38.41 7.83
N ASN F 40 3.38 -38.51 8.68
CA ASN F 40 2.30 -37.57 8.57
C ASN F 40 2.54 -36.27 9.32
N LEU F 41 3.71 -36.12 9.91
CA LEU F 41 4.07 -34.87 10.55
C LEU F 41 4.89 -34.01 9.62
N LEU F 42 5.17 -34.51 8.41
CA LEU F 42 6.00 -33.81 7.44
C LEU F 42 5.18 -33.36 6.25
N SER F 43 3.88 -33.36 6.40
CA SER F 43 3.00 -32.95 5.32
C SER F 43 3.05 -31.46 5.12
N GLY F 44 2.56 -31.01 3.98
CA GLY F 44 2.21 -29.98 3.01
C GLY F 44 1.37 -30.58 1.90
N THR F 66 -3.26 -11.11 0.89
CA THR F 66 -1.89 -11.16 0.39
C THR F 66 -0.95 -11.43 1.55
N VAL F 67 -1.15 -10.70 2.63
CA VAL F 67 -0.32 -10.75 3.83
C VAL F 67 -0.35 -12.12 4.48
N TRP F 68 -1.40 -12.89 4.24
CA TRP F 68 -1.50 -14.23 4.76
C TRP F 68 -0.44 -15.11 4.16
N GLY F 69 0.17 -14.68 3.05
CA GLY F 69 1.22 -15.42 2.42
C GLY F 69 2.38 -15.55 3.38
N ILE F 70 2.61 -14.53 4.21
CA ILE F 70 3.70 -14.59 5.15
C ILE F 70 3.32 -15.58 6.20
N LYS F 71 2.09 -15.46 6.70
CA LYS F 71 1.72 -16.41 7.73
C LYS F 71 1.91 -17.85 7.28
N GLN F 72 1.49 -18.14 6.04
CA GLN F 72 1.62 -19.49 5.55
C GLN F 72 3.06 -19.88 5.29
N LEU F 73 3.86 -18.97 4.75
CA LEU F 73 5.23 -19.32 4.52
C LEU F 73 5.95 -19.58 5.81
N GLN F 74 5.67 -18.80 6.84
CA GLN F 74 6.36 -19.02 8.08
C GLN F 74 6.04 -20.37 8.63
N ALA F 75 4.77 -20.76 8.59
CA ALA F 75 4.40 -22.04 9.11
C ALA F 75 5.12 -23.17 8.40
N ARG F 76 5.20 -23.08 7.08
CA ARG F 76 5.82 -24.12 6.32
C ARG F 76 7.30 -24.24 6.62
N VAL F 77 7.95 -23.10 6.70
CA VAL F 77 9.36 -23.10 6.97
C VAL F 77 9.67 -23.64 8.32
N LEU F 78 8.91 -23.22 9.32
CA LEU F 78 9.17 -23.68 10.65
C LEU F 78 8.96 -25.17 10.77
N ALA F 79 7.95 -25.71 10.11
CA ALA F 79 7.76 -27.13 10.21
C ALA F 79 8.97 -27.86 9.65
N VAL F 80 9.51 -27.34 8.55
CA VAL F 80 10.69 -27.94 7.99
C VAL F 80 11.86 -27.82 8.92
N GLU F 81 12.06 -26.64 9.50
CA GLU F 81 13.19 -26.48 10.37
C GLU F 81 13.12 -27.44 11.53
N ARG F 82 11.93 -27.63 12.11
CA ARG F 82 11.86 -28.51 13.25
C ARG F 82 12.24 -29.91 12.85
N TYR F 83 11.73 -30.35 11.73
CA TYR F 83 12.03 -31.66 11.25
C TYR F 83 13.51 -31.86 11.09
N LEU F 84 14.14 -30.93 10.39
CA LEU F 84 15.53 -31.10 10.12
C LEU F 84 16.37 -31.06 11.36
N ARG F 85 16.03 -30.20 12.32
CA ARG F 85 16.85 -30.16 13.52
C ARG F 85 16.80 -31.48 14.24
N ASP F 86 15.64 -32.11 14.29
CA ASP F 86 15.58 -33.39 14.96
C ASP F 86 16.39 -34.42 14.21
N GLN F 87 16.38 -34.35 12.88
CA GLN F 87 17.16 -35.31 12.12
C GLN F 87 18.63 -35.14 12.41
N GLN F 88 19.05 -33.91 12.65
CA GLN F 88 20.44 -33.66 12.91
C GLN F 88 20.87 -34.35 14.18
N LEU F 89 20.06 -34.29 15.23
CA LEU F 89 20.46 -34.96 16.45
C LEU F 89 20.45 -36.45 16.30
N LEU F 90 19.47 -36.96 15.57
CA LEU F 90 19.40 -38.39 15.39
C LEU F 90 20.64 -38.84 14.67
N GLY F 91 21.08 -38.08 13.68
CA GLY F 91 22.28 -38.42 12.95
C GLY F 91 23.47 -38.46 13.89
N ILE F 92 23.64 -37.41 14.67
CA ILE F 92 24.79 -37.28 15.55
C ILE F 92 24.93 -38.41 16.52
N TRP F 93 23.84 -38.82 17.11
CA TRP F 93 23.92 -39.87 18.10
C TRP F 93 23.96 -41.27 17.54
N GLY F 94 23.74 -41.43 16.25
CA GLY F 94 23.56 -42.75 15.67
C GLY F 94 22.13 -43.13 16.02
N CYS F 95 21.61 -44.26 15.55
CA CYS F 95 22.25 -45.23 14.65
C CYS F 95 21.90 -45.08 13.16
N SER F 96 20.83 -44.39 12.68
CA SER F 96 19.72 -43.71 13.37
C SER F 96 18.50 -43.98 12.54
N GLY F 97 18.73 -44.63 11.42
CA GLY F 97 17.67 -44.88 10.45
C GLY F 97 16.70 -45.95 10.89
N LYS F 98 16.97 -46.60 12.01
CA LYS F 98 16.11 -47.68 12.48
C LYS F 98 14.99 -47.21 13.40
N LEU F 99 15.02 -45.94 13.77
CA LEU F 99 14.10 -45.29 14.72
C LEU F 99 14.19 -45.80 16.15
N ILE F 100 14.65 -47.03 16.35
CA ILE F 100 14.92 -47.55 17.66
C ILE F 100 16.36 -48.02 17.69
N CYS F 101 17.17 -47.35 18.50
CA CYS F 101 18.58 -47.66 18.46
C CYS F 101 19.20 -47.93 19.81
N CYS F 102 20.17 -48.83 19.85
CA CYS F 102 20.95 -49.01 21.07
C CYS F 102 22.20 -48.19 20.92
N THR F 103 22.50 -47.41 21.94
CA THR F 103 23.68 -46.54 21.91
C THR F 103 24.85 -46.95 22.78
N ASN F 104 24.72 -48.11 23.40
CA ASN F 104 25.74 -48.69 24.24
C ASN F 104 26.25 -47.79 25.36
N VAL F 105 25.32 -47.16 26.02
CA VAL F 105 25.55 -46.33 27.17
C VAL F 105 24.72 -46.98 28.28
N PRO F 106 25.29 -47.27 29.45
CA PRO F 106 24.62 -47.88 30.57
C PRO F 106 23.75 -46.86 31.26
N TRP F 107 22.77 -47.30 32.00
CA TRP F 107 21.99 -46.39 32.84
C TRP F 107 22.62 -46.05 34.17
N ASN F 108 22.48 -44.78 34.57
CA ASN F 108 22.89 -44.35 35.88
C ASN F 108 21.88 -44.93 36.83
N SER F 109 22.34 -45.45 37.96
CA SER F 109 21.44 -46.05 38.92
C SER F 109 20.39 -45.11 39.50
N SER F 110 20.62 -43.79 39.41
CA SER F 110 19.69 -42.81 39.93
C SER F 110 18.40 -42.77 39.12
N TRP F 111 18.43 -43.39 37.96
CA TRP F 111 17.32 -43.46 37.04
C TRP F 111 16.65 -44.83 37.03
N SER F 112 17.02 -45.72 37.97
CA SER F 112 16.51 -47.10 38.01
C SER F 112 15.57 -47.37 39.17
N ASN F 113 14.59 -46.51 39.34
CA ASN F 113 13.62 -46.61 40.40
C ASN F 113 12.36 -47.37 40.02
N ARG F 114 12.35 -47.96 38.84
CA ARG F 114 11.23 -48.74 38.36
C ARG F 114 11.69 -50.02 37.69
N ASN F 115 10.83 -51.02 37.67
CA ASN F 115 11.13 -52.25 36.98
C ASN F 115 10.93 -52.08 35.50
N LEU F 116 11.67 -52.83 34.71
CA LEU F 116 11.48 -52.73 33.28
C LEU F 116 10.10 -53.16 32.84
N SER F 117 9.52 -54.15 33.51
CA SER F 117 8.20 -54.61 33.10
C SER F 117 7.17 -53.55 33.40
N GLU F 118 7.40 -52.80 34.45
CA GLU F 118 6.46 -51.75 34.80
C GLU F 118 6.50 -50.68 33.73
N ILE F 119 7.71 -50.37 33.27
CA ILE F 119 7.89 -49.36 32.26
C ILE F 119 7.25 -49.74 30.96
N TRP F 120 7.51 -50.95 30.49
CA TRP F 120 6.98 -51.32 29.20
C TRP F 120 5.54 -51.79 29.15
N ASP F 121 5.05 -52.43 30.19
CA ASP F 121 3.68 -52.91 30.13
C ASP F 121 2.64 -52.00 30.75
N ASN F 122 2.98 -51.24 31.80
CA ASN F 122 1.98 -50.43 32.47
C ASN F 122 2.04 -48.96 32.10
N MET F 123 3.25 -48.45 31.94
CA MET F 123 3.37 -47.02 31.71
C MET F 123 3.16 -46.63 30.26
N THR F 124 2.71 -45.40 30.10
CA THR F 124 2.55 -44.79 28.82
C THR F 124 3.73 -43.89 28.60
N TRP F 125 3.88 -43.40 27.38
CA TRP F 125 4.94 -42.48 27.05
C TRP F 125 4.63 -41.12 27.62
N LEU F 126 3.33 -40.98 27.83
CA LEU F 126 2.90 -39.71 28.26
C LEU F 126 3.39 -39.68 29.68
N GLN F 127 3.10 -40.78 30.39
CA GLN F 127 3.36 -40.83 31.82
C GLN F 127 4.84 -40.86 32.14
N TRP F 128 5.60 -41.65 31.40
CA TRP F 128 7.01 -41.81 31.65
C TRP F 128 7.68 -40.47 31.57
N ASP F 129 7.31 -39.75 30.52
CA ASP F 129 7.77 -38.44 30.14
C ASP F 129 7.50 -37.36 31.15
N LYS F 130 6.70 -37.62 32.15
CA LYS F 130 6.45 -36.60 33.12
C LYS F 130 7.59 -36.52 34.11
N GLU F 131 8.27 -37.65 34.34
CA GLU F 131 9.33 -37.72 35.34
C GLU F 131 10.69 -37.85 34.73
N ILE F 132 10.77 -38.59 33.62
CA ILE F 132 12.04 -38.92 32.99
C ILE F 132 12.57 -37.70 32.24
N SER F 133 11.76 -36.65 32.22
CA SER F 133 11.98 -35.36 31.64
C SER F 133 13.16 -34.66 32.27
N ASN F 134 13.53 -35.09 33.46
CA ASN F 134 14.65 -34.48 34.10
C ASN F 134 15.90 -35.04 33.46
N TYR F 135 17.00 -34.32 33.60
CA TYR F 135 18.30 -34.74 33.09
C TYR F 135 18.31 -34.90 31.58
N THR F 136 17.57 -34.06 30.85
CA THR F 136 17.52 -34.19 29.41
C THR F 136 18.88 -34.06 28.73
N GLN F 137 19.63 -33.08 29.15
CA GLN F 137 20.90 -32.80 28.52
C GLN F 137 21.97 -33.77 28.96
N ILE F 138 21.70 -34.48 30.04
CA ILE F 138 22.67 -35.41 30.57
C ILE F 138 22.70 -36.53 29.60
N ILE F 139 21.50 -36.96 29.22
CA ILE F 139 21.40 -38.04 28.30
C ILE F 139 21.99 -37.64 26.99
N TYR F 140 21.68 -36.45 26.51
CA TYR F 140 22.23 -36.07 25.23
C TYR F 140 23.75 -36.03 25.25
N GLY F 141 24.33 -35.50 26.33
CA GLY F 141 25.77 -35.44 26.45
C GLY F 141 26.36 -36.85 26.37
N LEU F 142 25.78 -37.76 27.13
CA LEU F 142 26.26 -39.12 27.15
C LEU F 142 26.14 -39.79 25.79
N LEU F 143 25.05 -39.52 25.08
CA LEU F 143 24.87 -40.15 23.78
C LEU F 143 25.91 -39.64 22.81
N GLU F 144 26.14 -38.33 22.81
CA GLU F 144 27.09 -37.77 21.88
C GLU F 144 28.46 -38.36 22.12
N GLU F 145 28.87 -38.42 23.37
CA GLU F 145 30.17 -38.94 23.66
C GLU F 145 30.33 -40.43 23.36
N SER F 146 29.34 -41.28 23.65
CA SER F 146 29.65 -42.68 23.36
C SER F 146 29.84 -42.86 21.86
N GLN F 147 29.11 -42.06 21.07
CA GLN F 147 29.24 -42.15 19.64
C GLN F 147 30.62 -41.67 19.21
N ASN F 148 31.12 -40.61 19.83
CA ASN F 148 32.43 -40.11 19.47
C ASN F 148 33.51 -41.15 19.69
N GLN F 149 33.37 -41.91 20.76
CA GLN F 149 34.35 -42.91 21.11
C GLN F 149 34.34 -44.02 20.09
N GLN F 150 33.15 -44.43 19.67
CA GLN F 150 33.06 -45.46 18.67
C GLN F 150 33.73 -45.02 17.41
N GLU F 151 33.50 -43.77 17.02
CA GLU F 151 34.05 -43.26 15.81
C GLU F 151 35.55 -43.26 15.84
N LYS F 152 36.15 -42.90 16.96
CA LYS F 152 37.59 -42.95 16.99
C LYS F 152 38.08 -44.36 16.81
N ASN F 153 37.44 -45.32 17.48
CA ASN F 153 37.90 -46.68 17.34
C ASN F 153 37.79 -47.14 15.90
N GLU F 154 36.72 -46.75 15.21
CA GLU F 154 36.58 -47.14 13.82
C GLU F 154 37.66 -46.52 12.96
N GLN F 155 38.04 -45.27 13.24
CA GLN F 155 39.08 -44.64 12.45
C GLN F 155 40.40 -45.35 12.68
N ASP F 156 40.64 -45.80 13.92
CA ASP F 156 41.86 -46.51 14.16
C ASP F 156 41.82 -47.82 13.43
N LEU F 157 40.69 -48.51 13.45
CA LEU F 157 40.62 -49.77 12.71
C LEU F 157 40.83 -49.55 11.22
N LEU F 158 40.30 -48.46 10.65
CA LEU F 158 40.53 -48.24 9.23
C LEU F 158 42.04 -48.06 8.96
N ALA F 159 42.69 -47.30 9.85
CA ALA F 159 44.12 -47.02 9.77
C ALA F 159 45.00 -48.26 9.98
N LEU F 160 44.61 -49.10 10.93
CA LEU F 160 45.28 -50.35 11.25
C LEU F 160 45.11 -51.38 10.14
N ASP F 161 43.95 -51.38 9.51
CA ASP F 161 43.62 -52.24 8.40
C ASP F 161 43.79 -51.51 7.07
N GLN G 1 -75.14 -1.22 12.44
CA GLN G 1 -74.00 -1.03 11.55
C GLN G 1 -73.70 0.45 11.39
N VAL G 2 -72.62 0.76 10.67
CA VAL G 2 -72.20 2.15 10.51
C VAL G 2 -72.82 2.72 9.25
N GLN G 3 -72.99 4.05 9.26
CA GLN G 3 -73.54 4.80 8.15
C GLN G 3 -72.66 6.01 7.91
N LEU G 4 -72.15 6.13 6.70
CA LEU G 4 -71.41 7.32 6.33
C LEU G 4 -72.38 8.43 5.96
N VAL G 5 -71.94 9.68 6.13
CA VAL G 5 -72.73 10.87 5.83
C VAL G 5 -71.92 11.72 4.86
N GLN G 6 -72.46 11.99 3.68
CA GLN G 6 -71.76 12.78 2.69
C GLN G 6 -72.32 14.19 2.60
N SER G 7 -71.77 14.97 1.67
CA SER G 7 -72.17 16.35 1.42
C SER G 7 -73.37 16.37 0.47
N GLY G 8 -73.80 17.57 0.12
CA GLY G 8 -74.96 17.72 -0.73
C GLY G 8 -74.60 18.13 -2.14
N ALA G 9 -75.50 18.87 -2.79
CA ALA G 9 -75.32 19.28 -4.17
C ALA G 9 -74.25 20.35 -4.27
N GLN G 10 -73.48 20.28 -5.36
CA GLN G 10 -72.48 21.30 -5.69
C GLN G 10 -72.54 21.59 -7.18
N MET G 11 -72.83 22.85 -7.53
CA MET G 11 -72.95 23.29 -8.91
C MET G 11 -71.98 24.44 -9.13
N LYS G 12 -70.98 24.22 -9.98
CA LYS G 12 -69.94 25.23 -10.19
C LYS G 12 -69.53 25.31 -11.66
N ASN G 13 -68.89 26.44 -11.97
CA ASN G 13 -68.27 26.70 -13.25
C ASN G 13 -66.87 26.09 -13.27
N PRO G 14 -66.21 26.07 -14.44
CA PRO G 14 -64.80 25.64 -14.44
C PRO G 14 -63.97 26.51 -13.51
N GLY G 15 -63.00 25.88 -12.84
CA GLY G 15 -62.25 26.57 -11.79
C GLY G 15 -63.04 26.69 -10.51
N ALA G 16 -63.45 25.55 -9.95
CA ALA G 16 -64.42 25.55 -8.86
C ALA G 16 -63.78 25.54 -7.48
N SER G 17 -62.84 24.61 -7.25
CA SER G 17 -62.23 24.32 -5.95
C SER G 17 -63.28 23.88 -4.93
N VAL G 18 -63.92 22.75 -5.28
CA VAL G 18 -65.04 22.18 -4.55
C VAL G 18 -64.53 21.45 -3.32
N LYS G 19 -65.18 21.65 -2.17
CA LYS G 19 -64.86 20.93 -0.95
C LYS G 19 -65.93 19.87 -0.72
N VAL G 20 -65.51 18.62 -0.57
CA VAL G 20 -66.42 17.49 -0.38
C VAL G 20 -66.07 16.84 0.96
N SER G 21 -67.06 16.76 1.85
CA SER G 21 -66.87 16.18 3.17
C SER G 21 -67.43 14.76 3.22
N CYS G 22 -66.96 14.00 4.21
CA CYS G 22 -67.55 12.70 4.52
C CYS G 22 -67.36 12.47 6.02
N ALA G 23 -68.47 12.42 6.76
CA ALA G 23 -68.45 12.29 8.22
C ALA G 23 -69.01 10.95 8.63
N PRO G 24 -68.16 9.98 9.00
CA PRO G 24 -68.66 8.68 9.46
C PRO G 24 -69.42 8.76 10.77
N SER G 25 -70.36 7.82 10.93
CA SER G 25 -71.21 7.74 12.10
C SER G 25 -71.26 6.31 12.60
N GLY G 26 -70.49 6.01 13.64
CA GLY G 26 -70.54 4.71 14.27
C GLY G 26 -69.21 4.13 14.68
N TYR G 27 -68.18 4.32 13.86
CA TYR G 27 -66.86 3.82 14.21
C TYR G 27 -65.94 4.99 14.54
N THR G 28 -64.87 4.68 15.26
CA THR G 28 -63.91 5.72 15.59
C THR G 28 -63.16 6.12 14.33
N PHE G 29 -63.17 7.43 14.05
CA PHE G 29 -62.62 7.97 12.81
C PHE G 29 -61.13 7.70 12.67
N THR G 30 -60.40 7.56 13.77
CA THR G 30 -58.97 7.34 13.72
C THR G 30 -58.63 5.86 13.85
N ASP G 31 -59.52 4.99 13.42
CA ASP G 31 -59.29 3.56 13.52
C ASP G 31 -59.03 2.90 12.16
N PHE G 32 -59.89 3.10 11.17
CA PHE G 32 -59.73 2.52 9.84
C PHE G 32 -59.30 3.58 8.83
N TYR G 33 -58.68 3.13 7.74
CA TYR G 33 -58.29 4.00 6.62
C TYR G 33 -59.48 4.49 5.82
N ILE G 34 -59.20 5.49 4.98
CA ILE G 34 -60.17 6.22 4.19
C ILE G 34 -59.71 6.20 2.74
N HIS G 35 -60.58 5.74 1.84
CA HIS G 35 -60.36 5.77 0.39
C HIS G 35 -61.45 6.61 -0.26
N TRP G 36 -61.09 7.38 -1.28
CA TRP G 36 -62.05 8.10 -2.10
C TRP G 36 -62.09 7.53 -3.52
N LEU G 37 -63.27 7.43 -4.11
CA LEU G 37 -63.39 6.96 -5.48
C LEU G 37 -64.28 7.88 -6.29
N ARG G 38 -64.14 7.76 -7.61
CA ARG G 38 -64.99 8.45 -8.57
C ARG G 38 -65.55 7.44 -9.56
N GLN G 39 -66.81 7.64 -9.95
CA GLN G 39 -67.45 6.82 -10.97
C GLN G 39 -68.16 7.73 -11.97
N ALA G 40 -67.52 7.98 -13.10
CA ALA G 40 -68.13 8.81 -14.13
C ALA G 40 -69.30 8.05 -14.76
N PRO G 41 -70.31 8.75 -15.25
CA PRO G 41 -71.42 8.07 -15.92
C PRO G 41 -70.92 7.35 -17.17
N GLY G 42 -71.07 6.02 -17.18
CA GLY G 42 -70.62 5.18 -18.26
C GLY G 42 -69.33 4.45 -17.95
N GLN G 43 -68.49 5.02 -17.10
CA GLN G 43 -67.20 4.42 -16.76
C GLN G 43 -67.37 3.55 -15.51
N GLY G 44 -66.28 2.92 -15.09
CA GLY G 44 -66.26 2.11 -13.90
C GLY G 44 -65.75 2.87 -12.70
N LEU G 45 -65.28 2.12 -11.71
CA LEU G 45 -64.89 2.71 -10.43
C LEU G 45 -63.44 3.14 -10.56
N GLN G 46 -63.18 4.43 -10.43
CA GLN G 46 -61.83 4.95 -10.51
C GLN G 46 -61.44 5.40 -9.12
N TRP G 47 -60.36 4.83 -8.61
CA TRP G 47 -59.88 5.14 -7.28
C TRP G 47 -59.14 6.46 -7.30
N MET G 48 -59.39 7.29 -6.28
CA MET G 48 -58.77 8.62 -6.20
C MET G 48 -57.52 8.65 -5.32
N GLY G 49 -57.65 8.30 -4.05
CA GLY G 49 -56.56 8.42 -3.10
C GLY G 49 -56.98 7.84 -1.78
N TRP G 50 -55.98 7.51 -0.95
CA TRP G 50 -56.26 7.09 0.42
C TRP G 50 -55.73 8.08 1.44
N MET G 51 -56.35 8.09 2.62
CA MET G 51 -55.85 8.94 3.69
C MET G 51 -55.66 8.11 4.94
N ASN G 52 -54.56 8.37 5.65
CA ASN G 52 -54.35 7.83 6.98
C ASN G 52 -54.86 8.83 7.98
N PRO G 53 -55.98 8.58 8.67
CA PRO G 53 -56.52 9.56 9.60
C PRO G 53 -55.70 9.71 10.86
N GLN G 54 -54.71 8.85 11.08
CA GLN G 54 -53.88 8.96 12.26
C GLN G 54 -52.91 10.12 12.15
N THR G 55 -52.18 10.20 11.04
CA THR G 55 -51.17 11.23 10.87
C THR G 55 -51.42 12.12 9.66
N GLY G 56 -52.51 11.94 8.93
CA GLY G 56 -52.83 12.79 7.80
C GLY G 56 -52.16 12.44 6.50
N ARG G 57 -51.27 11.45 6.48
CA ARG G 57 -50.53 11.05 5.29
C ARG G 57 -51.45 10.44 4.23
N THR G 58 -51.28 10.89 2.98
CA THR G 58 -52.10 10.40 1.88
C THR G 58 -51.24 10.02 0.68
N ASN G 59 -51.91 9.46 -0.32
CA ASN G 59 -51.33 9.08 -1.59
C ASN G 59 -52.47 8.99 -2.61
N THR G 60 -52.34 9.69 -3.72
CA THR G 60 -53.39 9.76 -4.72
C THR G 60 -52.94 9.06 -5.99
N ALA G 61 -53.83 9.03 -6.97
CA ALA G 61 -53.55 8.37 -8.24
C ALA G 61 -52.56 9.20 -9.05
N ARG G 62 -52.17 8.71 -10.22
CA ARG G 62 -51.12 9.40 -10.97
C ARG G 62 -51.66 10.62 -11.69
N ASN G 63 -52.91 10.59 -12.13
CA ASN G 63 -53.46 11.66 -12.95
C ASN G 63 -54.03 12.83 -12.14
N PHE G 64 -53.87 12.82 -10.82
CA PHE G 64 -54.36 13.91 -9.98
C PHE G 64 -53.24 14.67 -9.28
N GLN G 65 -51.99 14.56 -9.74
CA GLN G 65 -50.86 15.13 -9.01
C GLN G 65 -50.92 16.65 -9.13
N GLY G 66 -51.78 17.25 -8.30
CA GLY G 66 -51.94 18.68 -8.33
C GLY G 66 -53.38 19.15 -8.25
N ARG G 67 -54.32 18.33 -8.70
CA ARG G 67 -55.72 18.76 -8.71
C ARG G 67 -56.47 18.34 -7.46
N VAL G 68 -56.11 17.22 -6.84
CA VAL G 68 -56.87 16.64 -5.74
C VAL G 68 -56.00 16.68 -4.50
N THR G 69 -56.45 17.40 -3.46
CA THR G 69 -55.79 17.36 -2.16
C THR G 69 -56.81 16.88 -1.14
N MET G 70 -56.31 16.18 -0.12
CA MET G 70 -57.13 15.53 0.89
C MET G 70 -56.60 15.86 2.27
N THR G 71 -57.47 16.36 3.14
CA THR G 71 -57.09 16.70 4.49
C THR G 71 -58.08 16.12 5.50
N ARG G 72 -57.64 16.03 6.74
CA ARG G 72 -58.41 15.47 7.83
C ARG G 72 -58.79 16.57 8.81
N ASP G 73 -59.83 16.29 9.60
CA ASP G 73 -60.19 17.14 10.73
C ASP G 73 -60.71 16.22 11.82
N THR G 74 -59.85 15.88 12.77
CA THR G 74 -60.13 14.83 13.75
C THR G 74 -60.84 15.37 14.98
N SER G 75 -61.13 16.66 15.03
CA SER G 75 -61.96 17.20 16.11
C SER G 75 -63.40 16.73 15.97
N ILE G 76 -63.95 16.88 14.76
CA ILE G 76 -65.30 16.37 14.50
C ILE G 76 -65.23 14.88 14.21
N GLY G 77 -64.25 14.47 13.40
CA GLY G 77 -64.14 13.09 12.98
C GLY G 77 -64.46 12.91 11.52
N THR G 78 -64.42 13.99 10.74
CA THR G 78 -64.70 13.94 9.31
C THR G 78 -63.42 14.09 8.49
N ALA G 79 -63.59 14.07 7.16
CA ALA G 79 -62.51 14.24 6.20
C ALA G 79 -62.95 15.19 5.09
N TYR G 80 -62.01 15.97 4.57
CA TYR G 80 -62.30 16.96 3.53
C TYR G 80 -61.45 16.71 2.28
N MET G 81 -62.10 16.79 1.10
CA MET G 81 -61.39 16.88 -0.16
C MET G 81 -61.51 18.28 -0.75
N GLU G 82 -60.54 18.63 -1.57
CA GLU G 82 -60.54 19.90 -2.31
C GLU G 82 -60.17 19.61 -3.75
N LEU G 83 -61.12 19.83 -4.66
CA LEU G 83 -61.02 19.47 -6.07
C LEU G 83 -60.63 20.68 -6.91
N ARG G 84 -59.33 20.91 -7.07
CA ARG G 84 -58.88 22.10 -7.77
C ARG G 84 -58.87 21.90 -9.28
N SER G 85 -59.11 23.01 -10.01
CA SER G 85 -59.00 23.12 -11.46
C SER G 85 -59.88 22.10 -12.19
N LEU G 86 -61.17 22.13 -11.87
CA LEU G 86 -62.13 21.24 -12.52
C LEU G 86 -62.72 21.84 -13.78
N THR G 87 -62.96 20.98 -14.75
CA THR G 87 -63.58 21.32 -16.01
C THR G 87 -64.89 20.54 -16.14
N SER G 88 -65.58 20.72 -17.27
CA SER G 88 -66.85 20.05 -17.49
C SER G 88 -66.70 18.57 -17.85
N ASP G 89 -65.47 18.08 -18.01
CA ASP G 89 -65.25 16.66 -18.22
C ASP G 89 -65.27 15.87 -16.93
N ASP G 90 -65.22 16.55 -15.78
CA ASP G 90 -65.15 15.89 -14.48
C ASP G 90 -66.50 15.72 -13.82
N THR G 91 -67.58 15.64 -14.60
CA THR G 91 -68.92 15.42 -14.06
C THR G 91 -69.02 13.96 -13.70
N ALA G 92 -68.97 13.65 -12.40
CA ALA G 92 -68.96 12.25 -12.00
C ALA G 92 -69.53 12.08 -10.59
N ILE G 93 -69.88 10.81 -10.26
CA ILE G 93 -70.39 10.40 -8.96
C ILE G 93 -69.19 10.09 -8.07
N TYR G 94 -69.17 10.65 -6.86
CA TYR G 94 -68.09 10.43 -5.90
C TYR G 94 -68.51 9.55 -4.74
N TYR G 95 -67.65 8.61 -4.36
CA TYR G 95 -67.92 7.68 -3.27
C TYR G 95 -66.94 7.86 -2.12
N CYS G 96 -67.47 7.76 -0.89
CA CYS G 96 -66.71 7.73 0.36
C CYS G 96 -66.77 6.33 0.94
N THR G 97 -65.62 5.81 1.39
CA THR G 97 -65.57 4.46 1.93
C THR G 97 -64.76 4.37 3.21
N THR G 98 -64.74 3.16 3.76
CA THR G 98 -63.97 2.82 4.95
C THR G 98 -62.98 1.70 4.62
N GLY G 99 -61.69 2.00 4.70
CA GLY G 99 -60.65 1.09 4.27
C GLY G 99 -60.22 0.15 5.38
N GLY G 100 -58.98 -0.32 5.30
CA GLY G 100 -58.46 -1.32 6.24
C GLY G 100 -58.03 -0.71 7.56
N TRP G 101 -57.48 -1.54 8.42
CA TRP G 101 -57.24 -1.09 9.79
C TRP G 101 -55.82 -0.55 9.89
N ILE G 102 -55.66 0.56 10.61
CA ILE G 102 -54.35 1.17 10.76
C ILE G 102 -53.59 0.43 11.82
N SER G 103 -52.47 -0.16 11.44
CA SER G 103 -51.66 -0.93 12.38
C SER G 103 -50.35 -0.21 12.56
N LEU G 104 -49.58 -0.67 13.52
CA LEU G 104 -48.23 -0.17 13.72
C LEU G 104 -47.19 -1.14 13.22
N TYR G 105 -47.58 -2.20 12.51
CA TYR G 105 -46.60 -3.20 12.11
C TYR G 105 -46.61 -3.57 10.64
N TYR G 106 -47.68 -3.32 9.90
CA TYR G 106 -47.72 -3.78 8.51
C TYR G 106 -48.55 -2.79 7.71
N ASP G 107 -48.27 -2.67 6.43
CA ASP G 107 -49.02 -1.80 5.54
C ASP G 107 -50.32 -2.49 5.15
N SER G 108 -51.45 -1.84 5.37
CA SER G 108 -52.71 -2.35 4.86
C SER G 108 -53.52 -1.24 4.26
N SER G 109 -52.84 -0.23 3.72
CA SER G 109 -53.53 0.89 3.10
C SER G 109 -54.06 0.51 1.72
N TYR G 110 -53.29 -0.27 0.97
CA TYR G 110 -53.68 -0.61 -0.39
C TYR G 110 -54.65 -1.77 -0.49
N TYR G 111 -55.13 -2.32 0.61
CA TYR G 111 -55.99 -3.48 0.48
C TYR G 111 -57.30 -3.01 -0.14
N PRO G 112 -57.80 -3.67 -1.14
CA PRO G 112 -58.99 -3.18 -1.82
C PRO G 112 -60.28 -3.55 -1.13
N ASN G 113 -60.19 -4.00 0.11
CA ASN G 113 -61.36 -4.45 0.85
C ASN G 113 -62.17 -3.25 1.31
N PHE G 114 -63.28 -2.99 0.65
CA PHE G 114 -64.07 -1.79 0.96
C PHE G 114 -65.40 -2.24 1.55
N ASP G 115 -65.46 -2.31 2.88
CA ASP G 115 -66.61 -2.95 3.52
C ASP G 115 -67.85 -2.08 3.41
N HIS G 116 -67.71 -0.78 3.57
CA HIS G 116 -68.85 0.12 3.67
C HIS G 116 -68.79 1.17 2.56
N TRP G 117 -69.98 1.60 2.13
CA TRP G 117 -70.07 2.59 1.07
C TRP G 117 -70.99 3.72 1.50
N GLY G 118 -70.64 4.93 1.12
CA GLY G 118 -71.56 6.05 1.25
C GLY G 118 -72.63 6.02 0.18
N GLN G 119 -73.56 6.95 0.29
CA GLN G 119 -74.67 6.94 -0.65
C GLN G 119 -74.31 7.53 -2.01
N GLY G 120 -73.27 8.34 -2.09
CA GLY G 120 -72.87 8.91 -3.36
C GLY G 120 -73.33 10.32 -3.65
N THR G 121 -72.39 11.18 -4.04
CA THR G 121 -72.69 12.57 -4.32
C THR G 121 -72.29 12.88 -5.76
N LEU G 122 -73.10 13.71 -6.42
CA LEU G 122 -72.87 14.12 -7.78
C LEU G 122 -72.41 15.57 -7.83
N LEU G 123 -71.29 15.80 -8.49
CA LEU G 123 -70.84 17.14 -8.81
C LEU G 123 -71.11 17.40 -10.28
N THR G 124 -71.59 18.61 -10.59
CA THR G 124 -71.78 19.04 -11.97
C THR G 124 -70.97 20.30 -12.17
N VAL G 125 -70.12 20.31 -13.20
CA VAL G 125 -69.31 21.47 -13.52
C VAL G 125 -69.67 21.91 -14.92
N SER G 126 -70.31 23.07 -15.03
CA SER G 126 -70.83 23.60 -16.28
C SER G 126 -71.23 25.04 -16.06
N ALA H 3 -56.36 -1.08 -16.53
CA ALA H 3 -57.72 -0.96 -16.00
C ALA H 3 -58.44 -2.31 -15.94
N LEU H 4 -57.68 -3.38 -15.64
CA LEU H 4 -58.18 -4.74 -15.40
C LEU H 4 -59.15 -5.19 -16.51
N THR H 5 -58.52 -5.59 -17.62
CA THR H 5 -59.17 -6.14 -18.82
C THR H 5 -60.26 -7.15 -18.47
N GLN H 6 -61.48 -6.84 -18.91
CA GLN H 6 -62.65 -7.55 -18.47
C GLN H 6 -63.68 -7.54 -19.59
N PRO H 7 -64.41 -8.64 -19.79
CA PRO H 7 -65.57 -8.60 -20.69
C PRO H 7 -66.62 -7.63 -20.19
N ALA H 8 -67.16 -6.82 -21.12
CA ALA H 8 -68.15 -5.82 -20.75
C ALA H 8 -69.46 -6.45 -20.27
N SER H 9 -69.77 -7.66 -20.74
CA SER H 9 -71.03 -8.29 -20.38
C SER H 9 -70.87 -9.80 -20.44
N VAL H 10 -71.79 -10.49 -19.78
CA VAL H 10 -71.85 -11.94 -19.79
C VAL H 10 -73.33 -12.33 -19.84
N SER H 11 -73.62 -13.39 -20.59
CA SER H 11 -74.99 -13.86 -20.77
C SER H 11 -75.16 -15.22 -20.10
N GLY H 12 -76.42 -15.64 -19.96
CA GLY H 12 -76.67 -16.94 -19.39
C GLY H 12 -78.04 -17.16 -18.79
N SER H 13 -78.61 -18.33 -19.05
CA SER H 13 -79.97 -18.64 -18.65
C SER H 13 -79.95 -19.09 -17.18
N PRO H 14 -81.10 -19.05 -16.49
CA PRO H 14 -81.11 -19.53 -15.10
C PRO H 14 -80.61 -20.97 -14.98
N GLY H 15 -79.86 -21.21 -13.90
CA GLY H 15 -79.26 -22.49 -13.65
C GLY H 15 -77.87 -22.65 -14.25
N GLN H 16 -77.45 -21.76 -15.14
CA GLN H 16 -76.14 -21.86 -15.77
C GLN H 16 -75.08 -21.23 -14.88
N SER H 17 -73.93 -21.89 -14.78
CA SER H 17 -72.81 -21.40 -13.98
C SER H 17 -71.84 -20.67 -14.92
N ILE H 18 -71.68 -19.37 -14.70
CA ILE H 18 -70.82 -18.55 -15.51
C ILE H 18 -69.60 -18.14 -14.70
N THR H 19 -68.53 -17.76 -15.39
CA THR H 19 -67.34 -17.21 -14.76
C THR H 19 -66.96 -15.92 -15.46
N ILE H 20 -66.69 -14.89 -14.66
CA ILE H 20 -66.29 -13.57 -15.13
C ILE H 20 -64.85 -13.36 -14.72
N SER H 21 -63.98 -13.12 -15.70
CA SER H 21 -62.56 -13.01 -15.43
C SER H 21 -62.06 -11.60 -15.67
N CYS H 22 -60.97 -11.27 -14.97
CA CYS H 22 -60.25 -10.02 -15.16
C CYS H 22 -58.77 -10.32 -15.29
N THR H 23 -58.14 -9.70 -16.28
CA THR H 23 -56.74 -9.96 -16.62
C THR H 23 -55.97 -8.67 -16.49
N GLY H 24 -54.79 -8.73 -15.86
CA GLY H 24 -53.92 -7.59 -15.73
C GLY H 24 -52.48 -7.97 -16.00
N THR H 25 -51.59 -7.04 -15.67
CA THR H 25 -50.16 -7.27 -15.82
C THR H 25 -49.66 -8.20 -14.70
N LYS H 26 -48.50 -8.81 -14.93
CA LYS H 26 -47.97 -9.78 -13.98
C LYS H 26 -47.35 -9.12 -12.76
N TYR H 27 -46.90 -7.87 -12.87
CA TYR H 27 -46.35 -7.16 -11.72
C TYR H 27 -47.44 -6.74 -10.77
N ASP H 28 -48.62 -6.41 -11.30
CA ASP H 28 -49.72 -6.04 -10.41
C ASP H 28 -50.47 -7.24 -9.88
N VAL H 29 -50.85 -8.15 -10.77
CA VAL H 29 -51.77 -9.20 -10.36
C VAL H 29 -51.04 -10.39 -9.74
N GLY H 30 -49.92 -10.79 -10.33
CA GLY H 30 -49.27 -12.04 -9.93
C GLY H 30 -48.50 -11.95 -8.64
N SER H 31 -48.01 -10.77 -8.27
CA SER H 31 -47.11 -10.68 -7.12
C SER H 31 -47.84 -10.66 -5.80
N HIS H 32 -49.11 -10.27 -5.77
CA HIS H 32 -49.85 -10.15 -4.53
C HIS H 32 -51.26 -10.71 -4.75
N ASP H 33 -51.71 -11.51 -3.79
CA ASP H 33 -53.04 -12.09 -3.84
C ASP H 33 -54.10 -11.18 -3.24
N LEU H 34 -54.34 -10.02 -3.86
CA LEU H 34 -55.31 -9.05 -3.37
C LEU H 34 -56.24 -8.70 -4.52
N VAL H 35 -57.40 -9.37 -4.60
CA VAL H 35 -58.37 -9.14 -5.66
C VAL H 35 -59.74 -9.13 -4.97
N SER H 36 -60.64 -8.25 -5.39
CA SER H 36 -61.95 -8.14 -4.79
C SER H 36 -63.01 -8.12 -5.88
N TRP H 37 -64.26 -8.43 -5.51
CA TRP H 37 -65.36 -8.34 -6.46
C TRP H 37 -66.57 -7.68 -5.82
N TYR H 38 -67.08 -6.61 -6.47
CA TYR H 38 -68.15 -5.78 -5.94
C TYR H 38 -69.32 -5.73 -6.91
N GLN H 39 -70.48 -6.21 -6.49
CA GLN H 39 -71.69 -6.10 -7.28
C GLN H 39 -72.34 -4.74 -7.00
N GLN H 40 -72.74 -4.04 -8.06
CA GLN H 40 -73.54 -2.83 -7.94
C GLN H 40 -74.85 -3.06 -8.66
N TYR H 41 -75.91 -3.30 -7.90
CA TYR H 41 -77.21 -3.51 -8.51
C TYR H 41 -77.66 -2.19 -9.13
N PRO H 42 -78.33 -2.23 -10.30
CA PRO H 42 -78.72 -0.99 -11.00
C PRO H 42 -79.45 0.02 -10.11
N GLY H 43 -79.00 1.26 -10.15
CA GLY H 43 -79.59 2.31 -9.34
C GLY H 43 -79.23 2.29 -7.88
N LYS H 44 -78.20 1.53 -7.50
CA LYS H 44 -77.74 1.47 -6.11
C LYS H 44 -76.25 1.73 -5.98
N VAL H 45 -75.78 1.73 -4.74
CA VAL H 45 -74.37 1.89 -4.42
C VAL H 45 -73.70 0.53 -4.63
N PRO H 46 -72.38 0.45 -4.65
CA PRO H 46 -71.74 -0.85 -4.80
C PRO H 46 -72.03 -1.69 -3.56
N LYS H 47 -71.83 -3.00 -3.71
CA LYS H 47 -72.08 -3.93 -2.62
C LYS H 47 -70.78 -4.67 -2.38
N TYR H 48 -70.60 -5.18 -1.18
CA TYR H 48 -69.40 -5.90 -0.80
C TYR H 48 -69.77 -7.37 -0.69
N MET H 49 -69.27 -8.18 -1.62
CA MET H 49 -69.60 -9.60 -1.60
C MET H 49 -68.43 -10.56 -1.60
N ILE H 50 -67.26 -10.16 -2.09
CA ILE H 50 -66.08 -11.02 -2.06
C ILE H 50 -65.02 -10.31 -1.25
N TYR H 51 -64.38 -11.06 -0.38
CA TYR H 51 -63.36 -10.63 0.56
C TYR H 51 -62.03 -10.60 -0.17
N GLU H 52 -61.05 -11.30 0.36
CA GLU H 52 -59.70 -11.48 -0.20
C GLU H 52 -59.79 -12.20 -1.58
N VAL H 53 -58.67 -12.66 -2.14
CA VAL H 53 -58.60 -13.27 -3.47
C VAL H 53 -59.67 -14.35 -3.67
N ASN H 54 -59.93 -15.14 -2.63
CA ASN H 54 -61.00 -16.14 -2.69
C ASN H 54 -61.54 -16.40 -1.29
N LYS H 55 -62.17 -15.39 -0.70
CA LYS H 55 -62.78 -15.48 0.61
C LYS H 55 -64.11 -14.75 0.51
N ARG H 56 -64.92 -14.81 1.57
CA ARG H 56 -66.22 -14.17 1.55
C ARG H 56 -66.42 -13.34 2.80
N PRO H 57 -67.11 -12.21 2.70
CA PRO H 57 -67.44 -11.42 3.90
C PRO H 57 -68.38 -12.11 4.87
N SER H 58 -68.67 -11.43 5.97
CA SER H 58 -69.52 -11.97 7.02
C SER H 58 -70.98 -11.93 6.58
N GLY H 59 -71.64 -13.10 6.63
CA GLY H 59 -73.06 -13.19 6.30
C GLY H 59 -73.37 -13.07 4.82
N VAL H 60 -72.50 -13.57 3.96
CA VAL H 60 -72.70 -13.52 2.52
C VAL H 60 -72.89 -14.94 2.04
N SER H 61 -73.68 -15.11 0.97
CA SER H 61 -73.95 -16.41 0.37
C SER H 61 -72.68 -17.04 -0.22
N ASN H 62 -72.64 -18.37 -0.20
CA ASN H 62 -71.54 -19.15 -0.74
C ASN H 62 -71.62 -19.41 -2.23
N ARG H 63 -72.56 -18.79 -2.94
CA ARG H 63 -72.75 -19.10 -4.35
C ARG H 63 -71.67 -18.51 -5.24
N PHE H 64 -70.92 -17.54 -4.74
CA PHE H 64 -69.81 -16.95 -5.47
C PHE H 64 -68.49 -17.33 -4.80
N SER H 65 -67.49 -17.60 -5.62
CA SER H 65 -66.15 -17.92 -5.14
C SER H 65 -65.18 -17.41 -6.18
N GLY H 66 -63.89 -17.71 -6.03
CA GLY H 66 -62.95 -17.26 -7.03
C GLY H 66 -61.69 -18.10 -7.06
N SER H 67 -60.75 -17.67 -7.91
CA SER H 67 -59.45 -18.30 -8.09
C SER H 67 -58.58 -17.32 -8.86
N LYS H 68 -57.26 -17.42 -8.67
CA LYS H 68 -56.30 -16.65 -9.44
C LYS H 68 -55.44 -17.60 -10.23
N SER H 69 -55.39 -17.42 -11.55
CA SER H 69 -54.65 -18.28 -12.45
C SER H 69 -53.70 -17.41 -13.27
N GLY H 70 -52.40 -17.54 -12.99
CA GLY H 70 -51.40 -16.76 -13.68
C GLY H 70 -51.50 -15.27 -13.38
N ASN H 71 -51.87 -14.49 -14.40
CA ASN H 71 -51.97 -13.05 -14.25
C ASN H 71 -53.42 -12.58 -14.42
N THR H 72 -54.35 -13.50 -14.22
CA THR H 72 -55.77 -13.19 -14.31
C THR H 72 -56.48 -13.98 -13.22
N ALA H 73 -57.68 -13.50 -12.88
CA ALA H 73 -58.51 -14.14 -11.88
C ALA H 73 -59.95 -14.11 -12.36
N SER H 74 -60.78 -14.99 -11.78
CA SER H 74 -62.17 -15.08 -12.20
C SER H 74 -63.09 -15.23 -10.99
N LEU H 75 -64.33 -14.77 -11.16
CA LEU H 75 -65.38 -14.91 -10.16
C LEU H 75 -66.19 -16.15 -10.51
N THR H 76 -66.14 -17.16 -9.63
CA THR H 76 -66.89 -18.40 -9.84
C THR H 76 -68.33 -18.18 -9.38
N ILE H 77 -69.26 -18.23 -10.33
CA ILE H 77 -70.67 -17.95 -10.08
C ILE H 77 -71.46 -19.23 -10.31
N SER H 78 -72.32 -19.57 -9.34
CA SER H 78 -73.21 -20.73 -9.46
C SER H 78 -74.41 -20.40 -10.35
N GLY H 79 -75.47 -21.19 -10.23
CA GLY H 79 -76.60 -21.02 -11.14
C GLY H 79 -77.16 -19.60 -11.08
N LEU H 80 -77.50 -19.08 -12.25
CA LEU H 80 -78.08 -17.75 -12.36
C LEU H 80 -79.57 -17.78 -12.04
N ARG H 81 -80.15 -16.59 -11.88
CA ARG H 81 -81.54 -16.40 -11.51
C ARG H 81 -81.89 -14.95 -11.79
N ALA H 82 -83.13 -14.58 -11.49
CA ALA H 82 -83.60 -13.24 -11.85
C ALA H 82 -82.94 -12.15 -11.03
N GLU H 83 -82.44 -12.48 -9.83
CA GLU H 83 -81.84 -11.50 -8.94
C GLU H 83 -80.38 -11.19 -9.24
N ASP H 84 -79.76 -11.85 -10.22
CA ASP H 84 -78.34 -11.65 -10.48
C ASP H 84 -78.08 -10.70 -11.66
N GLU H 85 -79.03 -9.82 -11.97
CA GLU H 85 -78.86 -8.86 -13.06
C GLU H 85 -78.22 -7.61 -12.50
N ALA H 86 -76.88 -7.56 -12.52
CA ALA H 86 -76.18 -6.43 -11.95
C ALA H 86 -74.82 -6.27 -12.59
N ASP H 87 -74.24 -5.08 -12.42
CA ASP H 87 -72.91 -4.79 -12.95
C ASP H 87 -71.86 -5.22 -11.93
N TYR H 88 -71.08 -6.24 -12.26
CA TYR H 88 -69.98 -6.65 -11.38
C TYR H 88 -68.72 -5.87 -11.74
N TYR H 89 -67.96 -5.51 -10.72
CA TYR H 89 -66.71 -4.78 -10.86
C TYR H 89 -65.61 -5.58 -10.20
N CYS H 90 -64.38 -5.41 -10.68
CA CYS H 90 -63.26 -6.07 -10.05
C CYS H 90 -62.17 -5.05 -9.76
N CYS H 91 -61.49 -5.24 -8.65
CA CYS H 91 -60.41 -4.37 -8.21
C CYS H 91 -59.28 -5.27 -7.74
N SER H 92 -58.05 -4.78 -7.84
CA SER H 92 -56.93 -5.52 -7.30
C SER H 92 -55.80 -4.57 -7.00
N PHE H 93 -54.75 -5.10 -6.37
CA PHE H 93 -53.60 -4.30 -6.00
C PHE H 93 -52.97 -3.67 -7.21
N GLY H 94 -52.70 -2.37 -7.13
CA GLY H 94 -52.07 -1.66 -8.21
C GLY H 94 -50.55 -1.73 -8.18
N GLY H 95 -49.91 -0.76 -8.81
CA GLY H 95 -48.46 -0.73 -8.93
C GLY H 95 -47.69 -0.66 -7.63
N SER H 96 -47.75 0.47 -6.94
CA SER H 96 -46.96 0.66 -5.73
C SER H 96 -47.82 0.67 -4.47
N ALA H 97 -48.67 1.66 -4.29
CA ALA H 97 -49.52 1.71 -3.12
C ALA H 97 -50.88 2.24 -3.48
N THR H 98 -51.42 1.77 -4.59
CA THR H 98 -52.71 2.19 -5.11
C THR H 98 -53.56 0.98 -5.45
N VAL H 99 -54.83 1.20 -5.74
CA VAL H 99 -55.73 0.10 -6.08
C VAL H 99 -56.27 0.33 -7.49
N VAL H 100 -56.15 -0.69 -8.34
CA VAL H 100 -56.58 -0.58 -9.72
C VAL H 100 -57.95 -1.23 -9.84
N CYS H 101 -58.85 -0.61 -10.58
CA CYS H 101 -60.20 -1.16 -10.74
C CYS H 101 -60.58 -1.23 -12.22
N GLY H 102 -61.41 -2.23 -12.52
CA GLY H 102 -61.89 -2.44 -13.87
C GLY H 102 -63.13 -1.65 -14.20
N GLY H 103 -63.70 -1.97 -15.36
CA GLY H 103 -64.85 -1.24 -15.86
C GLY H 103 -66.18 -1.83 -15.48
N GLY H 104 -66.38 -3.11 -15.73
CA GLY H 104 -67.65 -3.73 -15.36
C GLY H 104 -68.01 -4.89 -16.25
N THR H 105 -68.85 -5.76 -15.71
CA THR H 105 -69.43 -6.87 -16.47
C THR H 105 -70.93 -6.85 -16.22
N LYS H 106 -71.68 -6.46 -17.24
CA LYS H 106 -73.13 -6.36 -17.14
C LYS H 106 -73.72 -7.75 -17.33
N VAL H 107 -74.26 -8.32 -16.27
CA VAL H 107 -74.78 -9.68 -16.35
C VAL H 107 -76.19 -9.62 -16.92
N THR H 108 -76.42 -10.38 -17.98
CA THR H 108 -77.72 -10.40 -18.66
C THR H 108 -78.27 -11.80 -18.45
N VAL H 109 -79.32 -11.93 -17.64
CA VAL H 109 -79.92 -13.23 -17.42
C VAL H 109 -80.96 -13.49 -18.51
N LEU H 110 -80.86 -14.64 -19.16
CA LEU H 110 -81.68 -14.96 -20.31
C LEU H 110 -82.95 -15.67 -19.85
CA GLU I 2 52.47 -46.64 1.25
C GLU I 2 51.62 -45.79 0.34
N ASN I 3 50.70 -46.47 -0.33
CA ASN I 3 49.73 -45.83 -1.21
C ASN I 3 48.77 -44.97 -0.42
N LEU I 4 48.52 -43.76 -0.90
CA LEU I 4 47.63 -42.87 -0.19
C LEU I 4 46.24 -42.93 -0.74
N TRP I 5 45.31 -42.90 0.20
CA TRP I 5 43.88 -42.99 0.02
C TRP I 5 43.23 -41.73 0.58
N VAL I 6 42.18 -41.24 -0.10
CA VAL I 6 41.50 -40.00 0.31
C VAL I 6 40.28 -40.21 1.15
N THR I 7 40.16 -39.33 2.13
CA THR I 7 39.05 -39.30 3.03
C THR I 7 38.44 -37.91 2.97
N VAL I 8 37.16 -37.85 3.31
CA VAL I 8 36.47 -36.57 3.33
C VAL I 8 36.13 -36.19 4.75
N TYR I 9 36.36 -34.93 5.07
CA TYR I 9 36.06 -34.41 6.40
C TYR I 9 34.97 -33.38 6.48
N TYR I 10 33.83 -33.79 6.99
CA TYR I 10 32.70 -32.91 7.07
C TYR I 10 32.77 -32.00 8.28
N GLY I 11 32.50 -30.72 8.09
CA GLY I 11 32.49 -29.82 9.23
C GLY I 11 33.83 -29.21 9.63
N VAL I 12 34.76 -29.08 8.69
CA VAL I 12 36.04 -28.45 9.02
C VAL I 12 35.88 -26.94 9.27
N PRO I 13 36.58 -26.36 10.24
CA PRO I 13 36.52 -24.98 10.69
C PRO I 13 37.24 -23.96 9.83
N VAL I 14 36.76 -23.76 8.62
CA VAL I 14 37.38 -22.76 7.74
C VAL I 14 36.37 -21.78 7.24
N TRP I 15 36.81 -20.67 6.69
CA TRP I 15 35.86 -19.68 6.25
C TRP I 15 36.28 -18.91 5.02
N LYS I 16 35.28 -18.25 4.47
CA LYS I 16 35.39 -17.38 3.32
C LYS I 16 34.57 -16.12 3.54
N GLU I 17 34.92 -15.05 2.86
CA GLU I 17 34.21 -13.78 3.00
C GLU I 17 32.76 -13.93 2.64
N ALA I 18 31.87 -13.34 3.44
CA ALA I 18 30.45 -13.43 3.16
C ALA I 18 29.90 -12.17 2.57
N LYS I 19 28.80 -12.32 1.85
CA LYS I 19 28.09 -11.16 1.34
C LYS I 19 26.62 -11.35 1.63
N THR I 20 26.24 -11.06 2.86
CA THR I 20 24.93 -11.39 3.41
C THR I 20 24.39 -10.21 4.17
N THR I 21 23.30 -10.39 4.90
CA THR I 21 22.71 -9.33 5.70
C THR I 21 22.57 -9.69 7.16
N LEU I 22 22.52 -8.68 8.01
CA LEU I 22 22.32 -8.86 9.43
C LEU I 22 20.96 -8.33 9.85
N PHE I 23 20.54 -8.64 11.06
CA PHE I 23 19.22 -8.20 11.52
C PHE I 23 19.04 -7.95 13.02
N CYS I 24 17.95 -7.22 13.37
CA CYS I 24 17.53 -6.99 14.74
C CYS I 24 17.13 -8.30 15.39
N ALA I 25 17.61 -8.67 16.60
CA ALA I 25 18.57 -8.11 17.55
C ALA I 25 18.33 -6.75 18.20
N SER I 26 17.10 -6.43 18.50
CA SER I 26 16.91 -5.19 19.24
C SER I 26 17.27 -5.53 20.69
N ASP I 27 17.37 -4.54 21.58
CA ASP I 27 17.93 -4.85 22.91
C ASP I 27 17.03 -5.48 23.98
N ALA I 28 15.77 -5.69 23.68
CA ALA I 28 14.82 -6.26 24.64
C ALA I 28 14.70 -5.47 25.96
N ARG I 29 14.99 -4.18 25.94
CA ARG I 29 14.86 -3.33 27.12
C ARG I 29 14.07 -2.11 26.76
N ALA I 30 14.11 -1.78 25.46
CA ALA I 30 13.36 -0.66 24.93
C ALA I 30 11.90 -1.05 24.69
N TYR I 31 11.57 -2.30 25.00
CA TYR I 31 10.25 -2.86 24.84
C TYR I 31 9.38 -2.73 26.08
N GLU I 32 8.24 -2.12 25.83
CA GLU I 32 7.17 -1.81 26.76
C GLU I 32 5.92 -1.62 25.90
N LYS I 33 4.76 -1.44 26.49
CA LYS I 33 3.57 -1.26 25.62
C LYS I 33 3.75 -0.17 24.57
N GLU I 34 4.36 0.95 24.97
CA GLU I 34 4.57 2.10 24.11
C GLU I 34 5.61 1.90 23.03
N VAL I 35 6.17 0.71 22.93
CA VAL I 35 7.17 0.45 21.91
C VAL I 35 6.59 0.67 20.52
N HIS I 36 5.26 0.55 20.37
CA HIS I 36 4.62 0.75 19.08
C HIS I 36 4.71 2.21 18.63
N ASN I 37 5.04 3.08 19.57
CA ASN I 37 5.23 4.48 19.33
C ASN I 37 6.73 4.81 19.28
N VAL I 38 7.59 3.80 19.22
CA VAL I 38 9.02 4.05 19.22
C VAL I 38 9.66 3.73 17.88
N TRP I 39 10.25 4.76 17.31
CA TRP I 39 10.82 4.60 16.01
C TRP I 39 11.97 3.63 16.02
N ALA I 40 11.95 2.75 15.04
CA ALA I 40 12.92 1.70 14.81
C ALA I 40 13.01 0.72 15.94
N THR I 41 12.01 0.66 16.79
CA THR I 41 11.98 -0.40 17.79
C THR I 41 10.76 -1.24 17.54
N HIS I 42 9.63 -0.61 17.25
CA HIS I 42 8.42 -1.37 16.98
C HIS I 42 8.64 -2.48 15.97
N ALA I 43 9.30 -2.12 14.88
CA ALA I 43 9.61 -2.99 13.77
C ALA I 43 10.54 -4.17 14.08
N CYS I 44 11.33 -4.05 15.13
CA CYS I 44 12.36 -5.01 15.45
C CYS I 44 12.02 -6.11 16.45
N VAL I 45 12.75 -7.21 16.30
CA VAL I 45 12.65 -8.34 17.20
C VAL I 45 13.65 -8.23 18.34
N PRO I 46 13.21 -8.34 19.61
CA PRO I 46 14.03 -8.32 20.80
C PRO I 46 14.83 -9.59 20.96
N THR I 47 16.09 -9.46 21.34
CA THR I 47 16.90 -10.64 21.65
C THR I 47 17.76 -10.38 22.89
N ASP I 48 18.30 -11.45 23.47
CA ASP I 48 19.21 -11.37 24.61
C ASP I 48 20.47 -12.28 24.62
N PRO I 49 21.27 -12.35 23.53
CA PRO I 49 22.43 -13.23 23.40
C PRO I 49 23.60 -12.83 24.27
N SER I 50 24.39 -13.82 24.66
CA SER I 50 25.61 -13.61 25.40
C SER I 50 26.80 -13.29 24.46
N PRO I 51 27.88 -12.64 24.98
CA PRO I 51 29.20 -12.46 24.37
C PRO I 51 29.90 -13.79 24.12
N GLN I 52 30.78 -13.79 23.12
CA GLN I 52 31.57 -14.97 22.77
C GLN I 52 32.94 -15.01 23.40
N GLU I 53 33.33 -16.21 23.78
CA GLU I 53 34.60 -16.54 24.41
C GLU I 53 35.83 -16.48 23.51
N LEU I 54 35.67 -16.87 22.26
CA LEU I 54 36.77 -16.86 21.31
C LEU I 54 37.16 -15.44 20.99
N VAL I 55 38.46 -15.08 20.85
CA VAL I 55 39.69 -15.83 20.98
C VAL I 55 39.80 -16.94 19.98
N LEU I 56 40.34 -16.60 18.83
CA LEU I 56 40.55 -17.59 17.79
C LEU I 56 41.99 -18.12 17.82
N GLY I 57 42.64 -17.99 18.97
CA GLY I 57 43.96 -18.57 19.13
C GLY I 57 45.02 -18.01 18.22
N ASN I 58 45.55 -18.88 17.37
CA ASN I 58 46.64 -18.57 16.46
C ASN I 58 46.19 -18.04 15.12
N VAL I 59 44.91 -17.81 14.97
CA VAL I 59 44.35 -17.27 13.75
C VAL I 59 44.49 -15.77 13.63
N THR I 60 44.92 -15.32 12.47
CA THR I 60 45.00 -13.91 12.17
C THR I 60 44.17 -13.69 10.93
N GLU I 61 43.72 -12.45 10.67
CA GLU I 61 42.93 -12.17 9.46
C GLU I 61 42.98 -10.72 9.01
N ASN I 62 42.74 -10.53 7.71
CA ASN I 62 42.72 -9.21 7.07
C ASN I 62 41.37 -8.50 7.05
N PHE I 63 41.37 -7.33 7.63
CA PHE I 63 40.20 -6.46 7.71
C PHE I 63 40.38 -5.23 6.83
N ASN I 64 39.27 -4.62 6.40
CA ASN I 64 39.32 -3.38 5.62
C ASN I 64 38.03 -2.59 5.74
N MET I 65 38.05 -1.59 6.60
CA MET I 65 36.91 -0.77 6.89
C MET I 65 36.27 -0.13 5.68
N TRP I 66 37.03 0.29 4.70
CA TRP I 66 36.40 1.03 3.63
C TRP I 66 35.82 0.16 2.56
N LYS I 67 35.89 -1.15 2.78
CA LYS I 67 35.32 -2.09 1.85
C LYS I 67 34.19 -2.85 2.53
N ASN I 68 33.81 -2.46 3.73
CA ASN I 68 32.81 -3.27 4.36
C ASN I 68 31.43 -2.82 3.95
N ASP I 69 30.85 -3.54 3.00
CA ASP I 69 29.54 -3.28 2.39
C ASP I 69 28.42 -3.23 3.42
N MET I 70 28.65 -3.77 4.60
CA MET I 70 27.62 -3.83 5.62
C MET I 70 27.03 -2.45 5.89
N VAL I 71 27.86 -1.41 5.79
CA VAL I 71 27.41 -0.08 6.10
C VAL I 71 26.26 0.33 5.21
N ASP I 72 26.19 -0.23 3.98
CA ASP I 72 25.21 0.19 3.02
C ASP I 72 23.89 -0.45 3.33
N GLN I 73 24.02 -1.54 4.10
CA GLN I 73 22.78 -2.18 4.35
C GLN I 73 22.16 -1.27 5.37
N MET I 74 23.04 -0.86 6.29
CA MET I 74 22.58 -0.08 7.41
C MET I 74 21.99 1.24 6.92
N HIS I 75 22.64 1.83 5.91
CA HIS I 75 22.22 3.11 5.39
C HIS I 75 20.88 2.95 4.75
N GLU I 76 20.75 1.97 3.89
CA GLU I 76 19.53 1.83 3.15
C GLU I 76 18.32 1.59 4.06
N ASP I 77 18.50 0.77 5.10
CA ASP I 77 17.39 0.49 5.98
C ASP I 77 16.91 1.71 6.70
N ILE I 78 17.82 2.57 7.13
CA ILE I 78 17.44 3.76 7.88
C ILE I 78 16.63 4.72 7.04
N ILE I 79 17.06 4.72 5.78
CA ILE I 79 16.29 5.61 4.96
C ILE I 79 14.89 5.02 4.87
N SER I 80 14.81 3.72 4.59
CA SER I 80 13.49 3.15 4.36
C SER I 80 12.64 3.01 5.61
N LEU I 81 13.25 2.88 6.80
CA LEU I 81 12.50 2.65 8.00
C LEU I 81 11.85 3.95 8.39
N TRP I 82 12.64 5.00 8.25
CA TRP I 82 12.21 6.32 8.59
C TRP I 82 11.00 6.69 7.81
N ASP I 83 11.11 6.53 6.51
CA ASP I 83 10.04 6.90 5.62
C ASP I 83 8.79 6.09 5.94
N GLN I 84 8.93 4.78 6.11
CA GLN I 84 7.74 3.98 6.32
C GLN I 84 6.98 4.36 7.58
N SER I 85 7.69 4.71 8.63
CA SER I 85 7.06 5.04 9.90
C SER I 85 6.21 6.30 9.85
N LEU I 86 6.40 7.12 8.82
CA LEU I 86 5.69 8.37 8.73
C LEU I 86 4.60 8.38 7.68
N LYS I 87 4.24 7.23 7.14
CA LYS I 87 3.22 7.31 6.11
C LYS I 87 1.80 7.62 6.59
N PRO I 88 1.25 6.99 7.64
CA PRO I 88 -0.17 7.08 7.97
C PRO I 88 -0.55 8.30 8.79
N CYS I 89 -0.14 9.48 8.36
CA CYS I 89 -0.45 10.67 9.15
C CYS I 89 -0.09 11.99 8.48
N VAL I 90 -0.52 13.07 9.12
CA VAL I 90 -0.14 14.48 8.85
C VAL I 90 0.21 14.97 7.47
N LYS I 91 -0.63 14.78 6.49
CA LYS I 91 -0.30 15.35 5.20
C LYS I 91 -0.55 16.84 5.33
N LEU I 92 0.39 17.66 4.88
CA LEU I 92 0.28 19.11 5.04
C LEU I 92 -0.13 19.88 3.81
N THR I 93 -0.59 19.21 2.78
CA THR I 93 -0.97 19.94 1.58
C THR I 93 -1.88 21.17 1.81
N PRO I 94 -2.95 21.11 2.64
CA PRO I 94 -3.89 22.20 2.85
C PRO I 94 -3.26 23.47 3.39
N LEU I 95 -2.05 23.37 3.93
CA LEU I 95 -1.36 24.48 4.55
C LEU I 95 -0.90 25.51 3.55
N CYS I 96 -0.67 25.09 2.30
CA CYS I 96 -0.03 25.98 1.32
C CYS I 96 -0.97 27.00 0.69
N VAL I 97 -1.27 28.02 1.48
CA VAL I 97 -2.12 29.13 1.13
C VAL I 97 -1.37 30.41 1.38
N THR I 98 -1.86 31.53 0.88
CA THR I 98 -1.14 32.76 1.09
C THR I 98 -1.14 33.06 2.57
N LEU I 99 0.02 33.36 3.10
CA LEU I 99 0.15 33.68 4.49
C LEU I 99 0.33 35.17 4.67
N ILE I 100 -0.32 35.72 5.68
CA ILE I 100 -0.17 37.15 5.95
C ILE I 100 0.54 37.40 7.26
N CYS I 101 1.59 38.22 7.26
CA CYS I 101 2.24 38.41 8.56
C CYS I 101 2.95 39.71 8.80
N SER I 102 3.35 39.89 10.06
CA SER I 102 4.09 41.05 10.52
C SER I 102 5.19 40.73 11.54
N ASP I 103 6.12 41.69 11.66
CA ASP I 103 7.34 41.66 12.47
C ASP I 103 7.15 41.40 13.95
N ALA I 104 8.09 40.65 14.57
CA ALA I 104 8.00 40.35 16.00
C ALA I 104 7.86 41.58 16.91
N THR I 105 8.93 42.34 17.12
CA THR I 105 9.59 43.49 17.74
C THR I 105 10.63 44.15 16.84
N VAL I 106 11.19 43.30 16.00
CA VAL I 106 12.35 43.45 15.12
C VAL I 106 13.61 43.28 16.00
N LYS I 107 14.36 44.34 16.24
CA LYS I 107 15.53 44.31 17.11
C LYS I 107 16.49 43.15 16.79
N THR I 108 16.69 42.22 17.73
CA THR I 108 17.65 41.13 17.55
C THR I 108 17.27 40.32 16.30
N GLY I 109 18.22 40.04 15.42
CA GLY I 109 17.85 39.29 14.21
C GLY I 109 17.15 37.95 14.48
N THR I 110 17.49 37.30 15.58
CA THR I 110 16.93 35.99 15.91
C THR I 110 15.54 36.07 16.54
N VAL I 111 15.06 37.28 16.84
CA VAL I 111 13.75 37.45 17.47
C VAL I 111 12.81 38.01 16.42
N GLU I 112 13.33 38.92 15.57
CA GLU I 112 12.59 39.60 14.50
C GLU I 112 11.79 38.61 13.72
N GLU I 113 12.40 37.44 13.53
CA GLU I 113 11.85 36.33 12.80
C GLU I 113 10.50 35.85 13.32
N MET I 114 10.18 36.00 14.60
CA MET I 114 8.93 35.47 15.11
C MET I 114 7.73 36.24 14.60
N LYS I 115 7.32 35.91 13.37
CA LYS I 115 6.23 36.59 12.63
C LYS I 115 4.84 36.22 13.16
N ASN I 116 3.96 37.20 13.37
CA ASN I 116 2.59 36.87 13.79
C ASN I 116 1.98 36.47 12.46
N CYS I 117 1.58 35.23 12.25
CA CYS I 117 1.08 34.82 10.92
C CYS I 117 -0.41 34.46 10.87
N SER I 118 -1.21 35.10 9.99
CA SER I 118 -2.60 34.73 9.84
C SER I 118 -2.90 34.09 8.51
N PHE I 119 -3.93 33.27 8.53
CA PHE I 119 -4.44 32.59 7.36
C PHE I 119 -5.91 32.23 7.48
N ASN I 120 -6.52 31.89 6.34
CA ASN I 120 -7.94 31.50 6.21
C ASN I 120 -8.01 29.99 5.93
N THR I 121 -8.53 29.15 6.84
CA THR I 121 -8.55 27.74 6.46
C THR I 121 -9.79 26.94 6.72
N THR I 122 -9.79 25.76 6.13
CA THR I 122 -10.89 24.80 6.19
C THR I 122 -11.28 24.33 7.58
N THR I 123 -12.56 24.46 7.87
CA THR I 123 -13.11 24.07 9.15
C THR I 123 -13.69 22.67 9.00
N GLU I 124 -14.25 22.13 10.08
CA GLU I 124 -14.79 20.77 10.03
C GLU I 124 -15.74 20.60 8.87
N ILE I 125 -16.50 21.63 8.57
CA ILE I 125 -17.40 21.59 7.47
C ILE I 125 -16.64 22.24 6.33
N ARG I 126 -16.54 21.52 5.22
CA ARG I 126 -15.73 21.96 4.10
C ARG I 126 -16.11 23.32 3.54
N ASP I 127 -17.38 23.66 3.66
CA ASP I 127 -17.95 24.90 3.17
C ASP I 127 -17.41 26.16 3.83
N LYS I 128 -16.89 26.03 5.05
CA LYS I 128 -16.49 27.21 5.78
C LYS I 128 -15.00 27.31 6.03
N GLU I 129 -14.55 28.55 6.14
CA GLU I 129 -13.16 28.86 6.45
C GLU I 129 -13.07 29.71 7.70
N LYS I 130 -12.07 29.41 8.49
CA LYS I 130 -11.79 30.19 9.67
C LYS I 130 -10.50 30.96 9.55
N LYS I 131 -10.55 32.20 10.01
CA LYS I 131 -9.37 33.03 10.09
C LYS I 131 -8.65 32.64 11.36
N GLU I 132 -7.39 32.28 11.26
CA GLU I 132 -6.65 31.80 12.42
C GLU I 132 -5.18 32.23 12.35
N TYR I 133 -4.40 31.92 13.40
CA TYR I 133 -3.01 32.33 13.38
C TYR I 133 -2.05 31.44 14.17
N ALA I 134 -0.77 31.56 13.84
CA ALA I 134 0.30 30.85 14.56
C ALA I 134 1.64 31.52 14.40
N LEU I 135 2.60 31.16 15.24
CA LEU I 135 3.92 31.72 15.08
C LEU I 135 4.84 30.84 14.27
N PHE I 136 5.57 31.48 13.38
CA PHE I 136 6.58 30.84 12.55
C PHE I 136 7.76 31.74 12.52
N TYR I 137 8.96 31.23 12.24
CA TYR I 137 10.04 32.19 12.24
C TYR I 137 11.21 32.00 11.27
N LYS I 138 11.67 30.81 11.03
CA LYS I 138 12.73 30.71 10.06
C LYS I 138 12.09 30.89 8.72
N PRO I 139 12.82 31.33 7.70
CA PRO I 139 12.33 31.52 6.37
C PRO I 139 12.08 30.21 5.64
N ASP I 140 11.09 29.52 6.20
CA ASP I 140 10.43 28.33 5.77
C ASP I 140 9.20 29.06 5.25
N ILE I 141 9.08 30.31 5.76
CA ILE I 141 8.10 31.28 5.33
C ILE I 141 8.86 32.20 4.39
N VAL I 142 8.47 32.15 3.15
CA VAL I 142 9.17 32.84 2.09
C VAL I 142 8.35 33.97 1.49
N PRO I 143 8.89 35.17 1.27
CA PRO I 143 8.14 36.26 0.68
C PRO I 143 7.54 35.71 -0.56
N LEU I 144 6.30 36.04 -0.80
CA LEU I 144 5.61 35.49 -1.93
C LEU I 144 6.28 35.88 -3.22
N SER I 145 6.38 34.92 -4.13
CA SER I 145 6.97 35.23 -5.40
C SER I 145 6.19 36.33 -6.05
N GLU I 146 6.92 37.22 -6.68
CA GLU I 146 6.39 38.34 -7.43
C GLU I 146 5.62 39.38 -6.60
N THR I 147 5.84 39.44 -5.28
CA THR I 147 5.17 40.52 -4.56
C THR I 147 6.18 41.61 -4.38
N ASN I 148 5.77 42.69 -3.73
CA ASN I 148 6.68 43.81 -3.52
C ASN I 148 6.74 44.28 -2.09
N ASN I 149 7.49 43.55 -1.27
CA ASN I 149 7.65 43.85 0.16
C ASN I 149 6.31 43.97 0.87
N THR I 150 5.41 43.05 0.58
CA THR I 150 4.10 43.04 1.17
C THR I 150 4.03 41.99 2.24
N SER I 151 2.88 41.91 2.87
CA SER I 151 2.61 41.04 4.00
C SER I 151 2.39 39.60 3.58
N GLU I 152 2.35 39.35 2.26
CA GLU I 152 2.08 38.06 1.66
C GLU I 152 3.32 37.18 1.50
N TYR I 153 3.22 35.97 2.05
CA TYR I 153 4.24 34.94 2.08
C TYR I 153 3.71 33.58 1.64
N ARG I 154 4.63 32.69 1.31
CA ARG I 154 4.31 31.33 0.98
C ARG I 154 5.14 30.38 1.78
N LEU I 155 4.75 29.12 1.77
CA LEU I 155 5.57 28.14 2.41
C LEU I 155 6.71 27.78 1.46
N ILE I 156 7.88 27.54 2.03
CA ILE I 156 9.06 27.11 1.31
C ILE I 156 8.90 25.91 0.41
N ASN I 157 8.10 24.94 0.79
CA ASN I 157 7.91 23.79 -0.06
C ASN I 157 6.73 23.84 -0.98
N CYS I 158 6.33 25.02 -1.44
CA CYS I 158 5.35 25.08 -2.56
C CYS I 158 5.94 25.13 -3.97
N ASN I 159 7.25 25.12 -4.09
CA ASN I 159 7.74 25.02 -5.47
C ASN I 159 8.61 23.78 -5.53
N THR I 160 8.27 22.75 -4.72
CA THR I 160 9.04 21.50 -4.48
C THR I 160 8.08 20.28 -4.39
N SER I 161 7.63 19.77 -3.22
CA SER I 161 6.71 18.68 -3.21
C SER I 161 6.04 18.80 -1.88
N ALA I 162 4.91 18.11 -1.73
CA ALA I 162 4.14 18.10 -0.50
C ALA I 162 4.92 17.49 0.64
N CYS I 163 4.70 18.04 1.83
CA CYS I 163 5.39 17.59 3.01
C CYS I 163 4.42 17.04 4.03
N THR I 164 4.98 16.37 5.02
CA THR I 164 4.26 15.88 6.17
C THR I 164 4.80 16.49 7.45
N GLN I 165 4.09 16.31 8.58
CA GLN I 165 4.69 16.77 9.85
C GLN I 165 5.33 15.58 10.56
N ALA I 166 4.65 14.98 11.50
CA ALA I 166 5.12 13.75 12.09
C ALA I 166 3.96 13.08 12.73
N CYS I 167 3.97 11.77 12.83
CA CYS I 167 2.93 11.19 13.63
C CYS I 167 3.35 11.67 15.03
N PRO I 168 2.52 12.42 15.76
CA PRO I 168 2.84 13.08 17.02
C PRO I 168 3.17 12.16 18.17
N LYS I 169 2.76 10.93 18.02
CA LYS I 169 2.96 9.91 19.02
C LYS I 169 4.35 9.29 18.99
N VAL I 170 5.09 9.47 17.89
CA VAL I 170 6.33 8.73 17.76
C VAL I 170 7.55 9.36 18.41
N THR I 171 8.24 8.51 19.15
CA THR I 171 9.47 8.82 19.83
C THR I 171 10.66 8.54 18.96
N PHE I 172 11.55 9.50 18.88
CA PHE I 172 12.75 9.31 18.12
C PHE I 172 13.96 9.36 19.01
N GLU I 173 14.40 8.20 19.44
CA GLU I 173 15.50 8.08 20.36
C GLU I 173 16.31 6.87 19.93
N PRO I 174 17.59 6.99 19.64
CA PRO I 174 18.44 5.88 19.27
C PRO I 174 18.48 4.75 20.29
N ILE I 175 18.26 3.53 19.81
CA ILE I 175 18.29 2.30 20.59
C ILE I 175 19.34 1.45 19.91
N PRO I 176 20.33 0.90 20.61
CA PRO I 176 21.35 0.12 19.99
C PRO I 176 20.83 -1.17 19.44
N ILE I 177 21.26 -1.51 18.24
CA ILE I 177 20.89 -2.80 17.68
C ILE I 177 22.11 -3.68 17.61
N HIS I 178 22.04 -4.82 18.26
CA HIS I 178 23.16 -5.74 18.40
C HIS I 178 23.10 -6.72 17.26
N TYR I 179 23.33 -6.24 16.06
CA TYR I 179 23.07 -7.05 14.88
C TYR I 179 23.63 -8.46 14.91
N CYS I 180 22.77 -9.43 14.57
CA CYS I 180 23.17 -10.83 14.59
C CYS I 180 23.23 -11.44 13.20
N ALA I 181 24.13 -12.43 13.09
CA ALA I 181 24.29 -13.22 11.87
C ALA I 181 23.22 -14.31 11.72
N PRO I 182 22.77 -14.63 10.50
CA PRO I 182 21.95 -15.77 10.14
C PRO I 182 22.74 -17.05 10.30
N ALA I 183 22.05 -18.17 10.42
CA ALA I 183 22.77 -19.43 10.51
C ALA I 183 23.65 -19.57 9.27
N GLY I 184 24.83 -20.13 9.47
CA GLY I 184 25.76 -20.36 8.38
C GLY I 184 26.79 -19.24 8.28
N TYR I 185 26.55 -18.16 9.01
CA TYR I 185 27.43 -17.03 9.05
C TYR I 185 27.95 -16.75 10.45
N ALA I 186 29.07 -16.07 10.49
CA ALA I 186 29.70 -15.69 11.74
C ALA I 186 30.36 -14.36 11.59
N ILE I 187 30.54 -13.67 12.70
CA ILE I 187 31.12 -12.36 12.65
C ILE I 187 32.46 -12.34 13.38
N LEU I 188 33.47 -11.76 12.77
CA LEU I 188 34.77 -11.68 13.42
C LEU I 188 35.08 -10.23 13.79
N LYS I 189 35.80 -10.00 14.88
CA LYS I 189 36.21 -8.63 15.18
C LYS I 189 37.65 -8.47 15.60
N CYS I 190 38.16 -7.28 15.36
CA CYS I 190 39.51 -6.92 15.79
C CYS I 190 39.52 -6.42 17.22
N ASN I 191 40.39 -6.98 18.05
CA ASN I 191 40.55 -6.52 19.41
C ASN I 191 41.82 -5.70 19.51
N ASP I 192 42.43 -5.46 18.36
CA ASP I 192 43.69 -4.74 18.28
C ASP I 192 43.66 -3.22 18.31
N GLU I 193 44.63 -2.70 19.04
CA GLU I 193 44.93 -1.28 19.15
C GLU I 193 45.81 -0.99 17.95
N THR I 194 46.23 0.27 17.75
CA THR I 194 47.05 0.68 16.57
C THR I 194 46.28 0.68 15.24
N PHE I 195 45.64 -0.46 14.91
CA PHE I 195 44.88 -0.79 13.68
C PHE I 195 44.56 0.43 12.81
N ASN I 196 45.09 0.54 11.59
CA ASN I 196 44.88 1.70 10.69
C ASN I 196 43.50 1.83 10.09
N GLY I 197 42.67 0.81 10.12
CA GLY I 197 41.34 0.76 9.49
C GLY I 197 41.38 -0.45 8.57
N THR I 198 42.60 -0.84 8.14
CA THR I 198 42.87 -2.05 7.35
C THR I 198 44.04 -2.88 7.94
N GLY I 199 44.19 -4.11 7.45
CA GLY I 199 45.33 -4.98 7.74
C GLY I 199 45.06 -6.26 8.55
N PRO I 200 46.13 -7.03 8.81
CA PRO I 200 46.19 -8.34 9.44
C PRO I 200 46.07 -8.33 10.95
N CYS I 201 44.85 -8.17 11.44
CA CYS I 201 44.64 -8.10 12.88
C CYS I 201 45.08 -9.42 13.47
N SER I 202 45.77 -9.38 14.61
CA SER I 202 46.27 -10.61 15.21
C SER I 202 45.48 -10.98 16.44
N ASN I 203 44.79 -10.03 17.02
CA ASN I 203 44.00 -10.34 18.18
C ASN I 203 42.58 -10.40 17.64
N VAL I 204 42.12 -11.60 17.32
CA VAL I 204 40.81 -11.71 16.69
C VAL I 204 39.85 -12.56 17.52
N SER I 205 38.64 -12.04 17.61
CA SER I 205 37.58 -12.70 18.38
C SER I 205 36.33 -12.96 17.57
N THR I 206 35.55 -13.94 18.03
CA THR I 206 34.34 -14.23 17.30
C THR I 206 33.26 -13.40 17.87
N VAL I 207 32.25 -13.19 17.06
CA VAL I 207 31.08 -12.47 17.42
C VAL I 207 29.80 -13.21 16.98
N GLN I 208 28.84 -13.31 17.87
CA GLN I 208 27.57 -13.90 17.48
C GLN I 208 26.69 -12.78 16.96
N CYS I 209 26.74 -11.70 17.70
CA CYS I 209 25.98 -10.48 17.52
C CYS I 209 26.92 -9.34 17.79
N THR I 210 26.82 -8.26 17.03
CA THR I 210 27.75 -7.16 17.23
C THR I 210 27.36 -6.42 18.44
N HIS I 211 28.27 -5.61 18.94
CA HIS I 211 27.90 -4.89 20.11
C HIS I 211 26.93 -3.89 19.57
N GLY I 212 25.86 -3.64 20.25
CA GLY I 212 24.91 -2.74 19.67
C GLY I 212 25.38 -1.33 19.57
N ILE I 213 24.97 -0.72 18.48
CA ILE I 213 25.29 0.66 18.18
C ILE I 213 24.05 1.49 18.00
N ARG I 214 24.02 2.62 18.70
CA ARG I 214 22.92 3.55 18.64
C ARG I 214 23.15 4.43 17.43
N PRO I 215 22.24 4.49 16.45
CA PRO I 215 22.42 5.31 15.29
C PRO I 215 22.27 6.73 15.71
N VAL I 216 23.00 7.63 15.10
CA VAL I 216 22.86 9.04 15.38
C VAL I 216 22.89 9.77 14.07
N VAL I 217 22.09 10.79 13.93
CA VAL I 217 22.24 11.61 12.76
C VAL I 217 22.93 12.87 13.17
N SER I 218 24.11 13.07 12.63
CA SER I 218 24.90 14.22 12.97
C SER I 218 25.97 14.47 11.95
N THR I 219 26.60 15.60 12.04
CA THR I 219 27.70 15.93 11.18
C THR I 219 28.81 16.51 11.99
N GLN I 220 29.91 16.77 11.33
CA GLN I 220 31.06 17.34 12.02
C GLN I 220 31.37 16.54 13.29
N LEU I 221 31.18 17.13 14.46
CA LEU I 221 31.45 16.44 15.73
C LEU I 221 30.38 15.37 16.00
N LEU I 222 30.80 14.14 16.25
CA LEU I 222 29.84 13.06 16.48
C LEU I 222 29.60 12.75 17.96
N LEU I 223 28.33 12.68 18.39
CA LEU I 223 27.91 12.43 19.79
C LEU I 223 27.40 11.00 20.01
N ASN I 224 27.40 10.62 21.30
CA ASN I 224 26.93 9.37 21.94
C ASN I 224 27.54 8.10 21.39
N GLY I 225 28.81 8.08 20.98
CA GLY I 225 29.65 6.99 20.45
C GLY I 225 30.57 6.44 21.52
N SER I 226 31.38 5.44 21.16
CA SER I 226 32.35 4.87 22.09
C SER I 226 33.63 5.67 22.11
N LEU I 227 34.46 5.41 23.12
CA LEU I 227 35.76 6.06 23.24
C LEU I 227 36.89 5.14 22.89
N ALA I 228 38.00 5.73 22.46
CA ALA I 228 39.18 4.93 22.16
C ALA I 228 39.61 4.34 23.50
N GLU I 229 40.13 3.13 23.52
CA GLU I 229 40.53 2.56 24.81
C GLU I 229 41.83 3.14 25.37
N LYS I 230 42.82 3.35 24.52
CA LYS I 230 44.12 3.74 25.04
C LYS I 230 44.66 5.07 24.57
N GLU I 231 44.42 5.39 23.31
CA GLU I 231 45.00 6.57 22.72
C GLU I 231 44.20 7.03 21.55
N ILE I 232 44.35 8.29 21.19
CA ILE I 232 43.67 8.85 20.06
C ILE I 232 44.07 8.14 18.79
N VAL I 233 43.07 7.80 18.01
CA VAL I 233 43.31 7.13 16.75
C VAL I 233 42.95 8.01 15.59
N ILE I 234 43.90 8.23 14.71
CA ILE I 234 43.62 9.01 13.53
C ILE I 234 43.57 8.09 12.36
N ARG I 235 42.44 8.06 11.68
CA ARG I 235 42.22 7.13 10.61
C ARG I 235 41.77 7.78 9.29
N SER I 236 42.33 7.30 8.18
CA SER I 236 41.98 7.79 6.86
C SER I 236 42.25 6.79 5.79
N GLU I 237 41.38 6.76 4.80
CA GLU I 237 41.53 5.86 3.66
C GLU I 237 42.84 6.13 2.93
N ASN I 238 43.16 7.39 2.83
CA ASN I 238 44.39 7.77 2.13
C ASN I 238 44.76 9.12 2.73
N LEU I 239 45.85 9.24 3.51
CA LEU I 239 46.30 10.49 4.13
C LEU I 239 46.75 11.55 3.14
N THR I 240 47.13 11.12 1.96
CA THR I 240 47.66 12.02 0.96
C THR I 240 46.62 12.44 -0.05
N ASN I 241 45.40 11.97 0.11
CA ASN I 241 44.34 12.28 -0.82
C ASN I 241 43.46 13.37 -0.23
N ASN I 242 43.51 14.55 -0.81
CA ASN I 242 42.76 15.68 -0.29
C ASN I 242 41.24 15.48 -0.27
N ALA I 243 40.75 14.51 -1.04
CA ALA I 243 39.32 14.24 -1.13
C ALA I 243 38.80 13.34 -0.01
N LYS I 244 39.69 12.84 0.84
CA LYS I 244 39.27 11.94 1.89
C LYS I 244 39.05 12.61 3.24
N ILE I 245 38.23 11.98 4.06
CA ILE I 245 37.90 12.50 5.38
C ILE I 245 38.59 11.70 6.45
N ILE I 246 39.20 12.43 7.36
CA ILE I 246 39.93 11.88 8.46
C ILE I 246 39.00 11.64 9.62
N ILE I 247 39.05 10.43 10.15
CA ILE I 247 38.21 10.04 11.23
C ILE I 247 39.03 9.99 12.50
N VAL I 248 38.59 10.68 13.53
CA VAL I 248 39.38 10.64 14.76
C VAL I 248 38.61 10.16 15.97
N HIS I 249 39.17 9.15 16.61
CA HIS I 249 38.60 8.60 17.84
C HIS I 249 39.33 9.18 19.02
N LEU I 250 38.63 9.93 19.82
CA LEU I 250 39.27 10.52 20.96
C LEU I 250 39.29 9.58 22.15
N HIS I 251 40.33 9.70 22.96
CA HIS I 251 40.52 8.89 24.14
C HIS I 251 39.62 9.26 25.32
N THR I 252 39.52 10.54 25.62
CA THR I 252 38.78 10.95 26.79
C THR I 252 37.51 11.65 26.34
N PRO I 253 36.45 11.65 27.16
CA PRO I 253 35.20 12.33 26.90
C PRO I 253 35.30 13.81 27.13
N VAL I 254 34.44 14.53 26.46
CA VAL I 254 34.21 15.95 26.62
C VAL I 254 32.72 16.14 26.86
N GLU I 255 32.32 17.07 27.71
CA GLU I 255 30.87 17.22 27.90
C GLU I 255 30.32 18.46 27.25
N ILE I 256 29.19 18.29 26.57
CA ILE I 256 28.49 19.41 25.94
C ILE I 256 27.12 19.58 26.52
N VAL I 257 26.76 20.84 26.88
CA VAL I 257 25.45 21.23 27.48
C VAL I 257 24.74 22.21 26.52
N CYS I 258 23.60 21.83 25.92
CA CYS I 258 22.85 22.74 25.05
C CYS I 258 21.47 23.04 25.61
N THR I 259 20.92 24.18 25.22
CA THR I 259 19.58 24.55 25.65
C THR I 259 18.83 25.59 24.83
N ARG I 260 17.51 25.54 24.98
CA ARG I 260 16.62 26.51 24.38
C ARG I 260 15.78 27.13 25.51
N PRO I 261 16.27 28.21 26.15
CA PRO I 261 15.87 28.67 27.47
C PRO I 261 14.45 29.19 27.68
N ASN I 262 13.84 29.67 26.59
CA ASN I 262 12.51 30.38 26.48
C ASN I 262 11.25 29.55 26.82
N ASN I 263 10.44 29.97 27.80
CA ASN I 263 9.16 29.28 28.12
C ASN I 263 8.24 29.42 26.90
N ASN I 264 8.00 28.35 26.16
CA ASN I 264 7.18 28.22 24.92
C ASN I 264 5.79 27.59 25.15
N THR I 265 4.80 27.89 24.28
CA THR I 265 3.48 27.31 24.43
C THR I 265 3.12 26.60 23.15
N ARG I 266 2.06 25.79 23.17
CA ARG I 266 1.66 25.09 21.96
C ARG I 266 0.17 25.21 21.71
N LYS I 267 -0.20 25.30 20.44
CA LYS I 267 -1.59 25.29 20.06
C LYS I 267 -1.77 24.37 18.88
N SER I 268 -3.01 24.01 18.61
CA SER I 268 -3.25 23.21 17.44
C SER I 268 -4.48 23.64 16.73
N VAL I 269 -4.50 23.36 15.44
CA VAL I 269 -5.61 23.70 14.58
C VAL I 269 -6.12 22.51 13.81
N ARG I 270 -7.40 22.26 13.89
CA ARG I 270 -7.95 21.17 13.12
C ARG I 270 -8.13 21.65 11.70
N ILE I 271 -7.62 20.90 10.73
CA ILE I 271 -7.77 21.33 9.36
C ILE I 271 -8.62 20.32 8.63
N GLY I 272 -9.82 20.73 8.27
CA GLY I 272 -10.77 19.81 7.67
C GLY I 272 -11.05 18.68 8.69
N PRO I 273 -11.24 17.41 8.26
CA PRO I 273 -11.53 16.24 9.08
C PRO I 273 -10.31 15.63 9.75
N GLY I 274 -10.48 14.90 10.84
CA GLY I 274 -9.38 14.13 11.36
C GLY I 274 -8.19 14.90 11.87
N GLN I 275 -7.25 15.06 10.99
CA GLN I 275 -5.93 15.52 11.31
C GLN I 275 -5.80 16.96 11.80
N THR I 276 -5.07 17.12 12.90
CA THR I 276 -4.76 18.45 13.38
C THR I 276 -3.33 18.79 13.04
N PHE I 277 -3.07 20.06 12.98
CA PHE I 277 -1.75 20.61 12.73
C PHE I 277 -1.20 21.28 13.95
N TYR I 278 0.07 21.08 14.25
CA TYR I 278 0.61 21.76 15.42
C TYR I 278 1.59 22.85 15.07
N ALA I 279 1.55 23.91 15.85
CA ALA I 279 2.48 25.02 15.70
C ALA I 279 2.63 25.78 17.01
N THR I 280 3.68 26.56 17.09
CA THR I 280 3.95 27.36 18.27
C THR I 280 2.83 28.37 18.49
N GLY I 281 2.37 28.45 19.73
CA GLY I 281 1.29 29.33 20.13
C GLY I 281 1.80 30.72 20.44
N ASP I 282 2.66 30.76 21.43
CA ASP I 282 3.27 31.97 21.91
C ASP I 282 4.58 31.67 22.59
N ILE I 283 5.24 32.74 22.97
CA ILE I 283 6.46 32.73 23.74
C ILE I 283 6.29 33.91 24.65
N ILE I 284 5.89 33.65 25.92
CA ILE I 284 5.36 34.57 27.00
C ILE I 284 6.17 35.82 27.36
N GLY I 285 7.14 36.30 26.59
CA GLY I 285 7.68 37.61 26.95
C GLY I 285 9.19 37.83 26.81
N ASP I 286 10.01 36.85 27.12
CA ASP I 286 11.45 37.07 27.05
C ASP I 286 12.03 36.70 25.69
N ILE I 287 13.33 36.86 25.51
CA ILE I 287 13.97 36.54 24.25
C ILE I 287 15.05 35.48 24.37
N LYS I 288 14.89 34.49 23.54
CA LYS I 288 15.78 33.36 23.41
C LYS I 288 17.03 33.54 22.59
N GLN I 289 18.00 32.68 22.89
CA GLN I 289 19.20 32.42 22.08
C GLN I 289 19.53 30.95 22.20
N ALA I 290 19.50 30.22 21.10
CA ALA I 290 19.85 28.81 21.21
C ALA I 290 21.34 28.77 21.40
N HIS I 291 21.82 27.93 22.30
CA HIS I 291 23.26 27.85 22.43
C HIS I 291 23.79 26.58 23.05
N CYS I 292 25.12 26.35 22.86
CA CYS I 292 25.92 25.18 23.31
C CYS I 292 27.22 25.64 24.02
N ASN I 293 27.38 25.34 25.32
CA ASN I 293 28.54 25.76 26.13
C ASN I 293 29.47 24.58 26.25
N ILE I 294 30.73 24.72 25.87
CA ILE I 294 31.72 23.60 25.96
C ILE I 294 32.92 24.12 26.76
N SER I 295 33.52 23.35 27.68
CA SER I 295 34.69 23.80 28.44
C SER I 295 35.82 24.04 27.46
N GLU I 296 36.50 25.18 27.56
CA GLU I 296 37.67 25.48 26.71
C GLU I 296 38.90 24.69 27.07
N GLU I 297 39.00 24.50 28.38
CA GLU I 297 40.12 23.75 28.91
C GLU I 297 40.35 22.43 28.19
N LYS I 298 39.20 21.80 28.03
CA LYS I 298 39.25 20.41 27.66
C LYS I 298 39.47 20.41 26.18
N TRP I 299 38.96 21.44 25.56
CA TRP I 299 38.97 21.58 24.14
C TRP I 299 40.38 21.81 23.65
N ASN I 300 41.14 22.61 24.38
CA ASN I 300 42.45 22.96 23.94
C ASN I 300 43.33 21.76 24.14
N ASP I 301 43.01 21.02 25.19
CA ASP I 301 43.82 19.88 25.52
C ASP I 301 43.70 18.88 24.39
N THR I 302 42.46 18.71 23.91
CA THR I 302 42.16 17.80 22.85
C THR I 302 42.80 18.19 21.57
N LEU I 303 42.69 19.45 21.17
CA LEU I 303 43.22 19.77 19.87
C LEU I 303 44.71 19.53 19.84
N GLN I 304 45.43 19.89 20.90
CA GLN I 304 46.86 19.65 20.82
C GLN I 304 47.17 18.17 20.85
N LYS I 305 46.46 17.36 21.63
CA LYS I 305 46.76 15.93 21.60
C LYS I 305 46.55 15.36 20.21
N VAL I 306 45.52 15.83 19.51
CA VAL I 306 45.29 15.36 18.17
C VAL I 306 46.45 15.79 17.31
N GLY I 307 46.87 17.06 17.44
CA GLY I 307 47.96 17.58 16.65
C GLY I 307 49.24 16.78 16.84
N ILE I 308 49.48 16.29 18.04
CA ILE I 308 50.66 15.49 18.31
C ILE I 308 50.62 14.21 17.53
N GLU I 309 49.49 13.55 17.55
CA GLU I 309 49.41 12.30 16.82
C GLU I 309 49.41 12.58 15.32
N LEU I 310 48.75 13.64 14.89
CA LEU I 310 48.61 13.96 13.48
C LEU I 310 49.99 14.22 12.86
N GLN I 311 50.86 14.85 13.65
CA GLN I 311 52.25 15.17 13.36
C GLN I 311 53.02 13.97 12.85
N LYS I 312 52.59 12.77 13.20
CA LYS I 312 53.32 11.58 12.77
C LYS I 312 53.27 11.42 11.26
N HIS I 313 52.17 11.85 10.64
CA HIS I 313 51.97 11.65 9.22
C HIS I 313 52.26 12.91 8.47
N PHE I 314 52.25 14.01 9.21
CA PHE I 314 52.57 15.33 8.70
C PHE I 314 53.66 15.96 9.57
N PRO I 315 54.90 15.42 9.55
CA PRO I 315 56.05 15.82 10.34
C PRO I 315 56.62 17.15 9.95
N ASN I 316 57.24 17.83 10.94
CA ASN I 316 57.94 19.14 10.89
C ASN I 316 57.05 20.26 10.35
N LYS I 317 55.77 20.26 10.69
CA LYS I 317 54.81 21.24 10.22
C LYS I 317 53.86 21.69 11.32
N THR I 318 53.43 22.94 11.20
CA THR I 318 52.49 23.59 12.11
C THR I 318 51.06 23.18 11.79
N ILE I 319 50.25 22.98 12.80
CA ILE I 319 48.87 22.64 12.53
C ILE I 319 47.89 23.74 12.80
N LYS I 320 47.24 24.13 11.72
CA LYS I 320 46.33 25.23 11.70
C LYS I 320 44.93 24.75 11.49
N TYR I 321 43.94 25.43 12.10
CA TYR I 321 42.52 25.07 11.97
C TYR I 321 41.85 26.32 11.38
N ASN I 322 40.79 26.09 10.64
CA ASN I 322 40.05 27.12 9.90
C ASN I 322 38.57 26.77 9.90
N GLN I 323 37.74 27.50 9.18
CA GLN I 323 36.28 27.30 9.22
C GLN I 323 35.91 26.44 7.99
N SER I 324 34.63 26.13 7.80
CA SER I 324 34.15 25.33 6.70
C SER I 324 34.20 26.16 5.44
N ALA I 325 34.02 25.48 4.31
CA ALA I 325 34.05 26.10 2.99
C ALA I 325 32.95 27.14 2.76
N GLY I 326 31.84 27.02 3.47
CA GLY I 326 30.71 27.92 3.29
C GLY I 326 29.58 27.22 2.53
N GLY I 327 28.37 27.74 2.72
CA GLY I 327 27.17 27.16 2.12
C GLY I 327 25.99 27.30 3.07
N ASP I 328 24.92 26.59 2.75
CA ASP I 328 23.68 26.56 3.52
C ASP I 328 23.96 25.98 4.89
N MET I 329 23.13 26.28 5.90
CA MET I 329 23.44 25.75 7.24
C MET I 329 23.56 24.23 7.25
N GLU I 330 22.77 23.56 6.42
CA GLU I 330 22.78 22.10 6.34
C GLU I 330 24.17 21.55 5.94
N ILE I 331 24.98 22.40 5.35
CA ILE I 331 26.29 22.09 4.85
C ILE I 331 27.36 22.48 5.84
N THR I 332 27.24 23.68 6.41
CA THR I 332 28.27 24.23 7.27
C THR I 332 28.13 24.13 8.78
N THR I 333 26.94 23.91 9.29
CA THR I 333 26.81 23.90 10.75
C THR I 333 26.78 22.53 11.34
N HIS I 334 26.97 22.50 12.64
CA HIS I 334 26.87 21.29 13.40
C HIS I 334 25.40 20.97 13.54
N SER I 335 25.03 19.70 13.46
CA SER I 335 23.63 19.34 13.56
C SER I 335 23.26 18.42 14.71
N PHE I 336 22.25 18.84 15.45
CA PHE I 336 21.75 18.08 16.60
C PHE I 336 20.28 17.86 16.45
N ASN I 337 19.80 16.79 17.05
CA ASN I 337 18.39 16.50 17.12
C ASN I 337 17.94 16.43 18.58
N CYS I 338 18.59 17.22 19.43
CA CYS I 338 18.30 17.15 20.85
C CYS I 338 16.86 17.45 21.18
N GLY I 339 16.24 16.56 21.92
CA GLY I 339 14.87 16.76 22.34
C GLY I 339 13.89 16.50 21.23
N GLY I 340 14.38 16.10 20.07
CA GLY I 340 13.55 15.93 18.92
C GLY I 340 13.54 17.23 18.08
N GLU I 341 14.16 18.29 18.58
CA GLU I 341 14.18 19.55 17.85
C GLU I 341 15.40 19.52 16.95
N PHE I 342 15.37 20.23 15.84
CA PHE I 342 16.55 20.26 14.99
C PHE I 342 17.30 21.55 14.99
N PHE I 343 18.53 21.43 15.47
CA PHE I 343 19.42 22.55 15.65
C PHE I 343 20.50 22.59 14.62
N TYR I 344 20.85 23.80 14.27
CA TYR I 344 21.98 24.10 13.44
C TYR I 344 22.92 24.97 14.23
N CYS I 345 24.15 24.51 14.52
CA CYS I 345 25.08 25.28 15.39
C CYS I 345 26.39 25.72 14.72
N ASN I 346 26.53 27.00 14.42
CA ASN I 346 27.69 27.63 13.76
C ASN I 346 28.93 27.23 14.52
N THR I 347 29.95 26.69 13.87
CA THR I 347 31.18 26.22 14.56
C THR I 347 32.00 27.42 15.06
N SER I 348 31.87 28.58 14.41
CA SER I 348 32.54 29.86 14.77
C SER I 348 32.52 30.10 16.28
N ASN I 349 33.64 30.11 17.02
CA ASN I 349 35.08 30.11 16.66
C ASN I 349 35.74 28.89 17.31
N LEU I 350 35.09 27.72 17.25
CA LEU I 350 35.63 26.49 17.83
C LEU I 350 36.97 26.09 17.22
N PHE I 351 37.14 26.40 15.93
CA PHE I 351 38.33 26.06 15.12
C PHE I 351 39.05 27.34 14.68
N ASN I 352 39.15 28.29 15.60
CA ASN I 352 39.86 29.59 15.46
C ASN I 352 41.17 29.46 16.22
N GLY I 353 42.13 28.76 15.64
CA GLY I 353 43.43 28.53 16.28
C GLY I 353 44.39 27.74 15.44
N THR I 354 45.59 27.60 15.99
CA THR I 354 46.71 26.89 15.42
C THR I 354 47.67 26.58 16.50
N TYR I 355 48.38 25.50 16.32
CA TYR I 355 49.35 25.16 17.31
C TYR I 355 50.73 24.95 16.72
N ASN I 356 51.66 25.68 17.34
CA ASN I 356 53.08 25.63 17.05
C ASN I 356 53.47 24.20 17.25
N GLY I 357 54.23 23.64 16.30
CA GLY I 357 54.57 22.24 16.35
C GLY I 357 55.54 21.81 17.45
N THR I 358 55.09 22.02 18.69
CA THR I 358 55.76 21.71 19.91
C THR I 358 54.70 20.97 20.67
N TYR I 359 53.46 21.38 20.36
CA TYR I 359 52.24 20.91 21.01
C TYR I 359 52.45 20.69 22.49
N ILE I 360 52.92 21.69 23.18
CA ILE I 360 53.27 21.45 24.56
C ILE I 360 52.04 21.30 25.40
N SER I 361 51.97 20.17 26.09
CA SER I 361 50.83 19.84 26.92
C SER I 361 50.91 20.54 28.27
N THR I 362 50.84 21.85 28.23
CA THR I 362 50.91 22.65 29.44
C THR I 362 49.58 23.30 29.77
N ASN I 363 49.18 23.10 31.01
CA ASN I 363 47.94 23.63 31.55
C ASN I 363 48.13 23.72 33.04
N SER I 364 47.13 24.19 33.76
CA SER I 364 47.25 24.28 35.21
C SER I 364 45.92 24.20 35.94
N SER I 365 45.99 23.86 37.22
CA SER I 365 44.84 23.84 38.10
C SER I 365 44.32 25.26 38.30
N ALA I 366 43.01 25.43 38.29
CA ALA I 366 42.41 26.73 38.48
C ALA I 366 40.98 26.59 38.92
N ASN I 367 40.40 27.68 39.39
CA ASN I 367 38.98 27.70 39.74
C ASN I 367 38.14 28.19 38.55
N SER I 368 38.78 28.33 37.40
CA SER I 368 38.14 28.72 36.15
C SER I 368 37.16 27.72 35.62
N THR I 369 36.04 28.22 35.15
CA THR I 369 35.02 27.43 34.51
C THR I 369 34.81 27.94 33.09
N SER I 370 35.80 28.62 32.56
CA SER I 370 35.70 29.25 31.24
C SER I 370 35.34 28.30 30.13
N THR I 371 34.38 28.72 29.30
CA THR I 371 33.83 27.95 28.20
C THR I 371 33.82 28.73 26.92
N ILE I 372 33.54 28.00 25.85
CA ILE I 372 33.31 28.55 24.54
C ILE I 372 31.83 28.38 24.28
N THR I 373 31.17 29.44 23.85
CA THR I 373 29.74 29.31 23.61
C THR I 373 29.48 29.45 22.14
N LEU I 374 28.79 28.48 21.59
CA LEU I 374 28.41 28.56 20.20
C LEU I 374 26.97 28.94 20.15
N GLN I 375 26.56 29.62 19.10
CA GLN I 375 25.15 29.97 18.96
C GLN I 375 24.50 29.11 17.91
N CYS I 376 23.21 28.92 18.07
CA CYS I 376 22.49 28.07 17.16
C CYS I 376 21.24 28.65 16.57
N ARG I 377 20.72 27.97 15.56
CA ARG I 377 19.50 28.34 14.89
C ARG I 377 18.61 27.13 14.83
N ILE I 378 17.30 27.31 14.94
CA ILE I 378 16.41 26.16 14.89
C ILE I 378 15.47 26.23 13.72
N LYS I 379 15.39 25.17 12.94
CA LYS I 379 14.49 25.16 11.78
C LYS I 379 13.25 24.38 12.03
N GLN I 380 12.23 24.60 11.21
CA GLN I 380 11.01 23.84 11.37
C GLN I 380 10.88 22.81 10.28
N ILE I 381 11.30 23.14 9.07
CA ILE I 381 11.21 22.16 8.01
C ILE I 381 12.56 21.73 7.53
N ILE I 382 12.77 20.43 7.50
CA ILE I 382 14.06 19.92 7.08
C ILE I 382 13.98 18.86 6.00
N ASN I 383 15.08 18.73 5.26
CA ASN I 383 15.23 17.70 4.25
C ASN I 383 16.01 16.57 4.88
N MET I 384 15.29 15.59 5.36
CA MET I 384 15.89 14.54 6.13
C MET I 384 16.81 13.71 5.28
N TRP I 385 18.10 13.79 5.57
CA TRP I 385 19.10 13.05 4.81
C TRP I 385 19.02 13.36 3.33
N GLN I 386 18.78 14.62 3.00
CA GLN I 386 18.68 15.11 1.63
C GLN I 386 17.42 14.62 0.96
N GLY I 387 16.53 14.05 1.76
CA GLY I 387 15.22 13.62 1.35
C GLY I 387 14.30 14.78 1.12
N VAL I 388 14.54 15.52 0.08
CA VAL I 388 13.67 16.64 -0.26
C VAL I 388 12.26 16.09 -0.48
N GLY I 389 12.17 14.93 -1.11
CA GLY I 389 10.90 14.27 -1.37
C GLY I 389 10.33 13.60 -0.12
N ARG I 390 11.06 13.69 0.99
CA ARG I 390 10.68 13.14 2.25
C ARG I 390 10.68 14.27 3.27
N CYS I 391 10.53 15.51 2.80
CA CYS I 391 10.54 16.68 3.68
C CYS I 391 9.53 16.54 4.80
N MET I 392 9.95 17.02 5.96
CA MET I 392 9.05 17.05 7.09
C MET I 392 9.17 18.25 8.02
N TYR I 393 8.03 18.64 8.56
CA TYR I 393 7.85 19.69 9.51
C TYR I 393 7.86 19.17 10.93
N ALA I 394 8.66 19.79 11.75
CA ALA I 394 8.75 19.37 13.12
C ALA I 394 7.48 19.65 13.90
N PRO I 395 7.14 18.85 14.89
CA PRO I 395 6.12 19.18 15.84
C PRO I 395 6.81 20.14 16.79
N PRO I 396 6.14 21.12 17.34
CA PRO I 396 6.64 21.97 18.40
C PRO I 396 6.64 21.23 19.71
N ILE I 397 7.54 21.60 20.61
CA ILE I 397 7.58 21.04 21.95
C ILE I 397 7.49 22.13 23.00
N ALA I 398 6.59 21.92 23.94
CA ALA I 398 6.33 22.84 25.05
C ALA I 398 7.35 22.81 26.20
N GLY I 399 8.21 23.87 26.36
CA GLY I 399 9.40 23.71 27.28
C GLY I 399 10.63 24.57 27.27
N ASN I 400 11.43 24.27 28.29
CA ASN I 400 12.71 24.89 28.56
C ASN I 400 13.49 23.62 28.28
N ILE I 401 13.83 23.41 26.99
CA ILE I 401 14.55 22.22 26.45
C ILE I 401 16.05 22.29 26.80
N THR I 402 16.65 21.26 27.40
CA THR I 402 18.08 21.23 27.69
C THR I 402 18.63 19.97 27.06
N CYS I 403 19.93 19.92 26.82
CA CYS I 403 20.52 18.67 26.32
C CYS I 403 22.00 18.46 26.67
N ARG I 404 22.28 17.30 27.21
CA ARG I 404 23.62 16.81 27.54
C ARG I 404 23.97 15.99 26.28
N SER I 405 25.23 15.54 26.39
CA SER I 405 25.85 14.48 25.54
C SER I 405 27.25 14.14 26.09
N ASN I 406 27.72 12.89 26.10
CA ASN I 406 29.14 12.52 26.37
C ASN I 406 29.76 12.47 24.99
N ILE I 407 30.64 13.41 24.65
CA ILE I 407 31.24 13.57 23.29
C ILE I 407 32.79 13.41 23.19
N THR I 408 33.48 13.33 22.01
CA THR I 408 32.98 13.43 20.65
C THR I 408 33.81 12.60 19.70
N GLY I 409 33.25 12.27 18.55
CA GLY I 409 34.06 11.74 17.45
C GLY I 409 34.34 12.91 16.50
N LEU I 410 35.48 12.93 15.81
CA LEU I 410 35.67 14.07 14.89
C LEU I 410 35.70 13.65 13.44
N LEU I 411 35.16 14.52 12.58
CA LEU I 411 35.23 14.36 11.14
C LEU I 411 35.94 15.56 10.58
N LEU I 412 37.14 15.33 10.04
CA LEU I 412 37.98 16.42 9.58
C LEU I 412 38.49 16.29 8.16
N THR I 413 38.76 17.42 7.53
CA THR I 413 39.42 17.40 6.23
C THR I 413 40.71 18.20 6.28
N ARG I 414 41.42 18.21 5.15
CA ARG I 414 42.72 18.89 5.06
C ARG I 414 42.83 19.83 3.87
N ASP I 415 43.52 20.94 4.08
CA ASP I 415 43.75 21.96 3.09
C ASP I 415 45.18 22.54 3.18
N GLY I 416 45.47 23.49 2.30
CA GLY I 416 46.76 24.15 2.18
C GLY I 416 47.31 23.94 0.79
N GLY I 417 47.80 25.02 0.17
CA GLY I 417 48.30 24.98 -1.20
C GLY I 417 49.81 24.86 -1.31
N THR I 418 50.31 25.27 -2.47
CA THR I 418 51.73 25.17 -2.79
C THR I 418 52.52 26.28 -2.13
N ASN I 419 51.78 27.20 -1.54
CA ASN I 419 52.29 28.33 -0.84
C ASN I 419 52.46 28.09 0.66
N SER I 420 52.33 26.85 1.10
CA SER I 420 52.56 26.55 2.50
C SER I 420 53.57 25.41 2.60
N ASN I 421 53.08 24.20 2.87
CA ASN I 421 53.94 23.03 3.06
C ASN I 421 54.95 23.23 4.20
N GLU I 422 54.51 23.93 5.23
CA GLU I 422 55.31 24.23 6.43
C GLU I 422 54.37 24.07 7.59
N THR I 423 53.14 24.00 7.18
CA THR I 423 51.97 23.99 7.96
C THR I 423 50.92 23.43 7.07
N GLU I 424 49.90 22.85 7.68
CA GLU I 424 48.73 22.33 7.01
C GLU I 424 47.49 22.80 7.76
N THR I 425 46.38 22.96 7.03
CA THR I 425 45.15 23.45 7.62
C THR I 425 44.07 22.41 7.68
N PHE I 426 43.48 22.27 8.83
CA PHE I 426 42.45 21.30 8.99
C PHE I 426 41.13 22.00 9.18
N ARG I 427 40.11 21.53 8.46
CA ARG I 427 38.82 22.20 8.47
C ARG I 427 37.85 21.12 8.92
N PRO I 428 36.49 21.39 9.57
CA PRO I 428 35.37 20.55 9.84
C PRO I 428 34.87 19.95 8.56
N ALA I 429 34.41 18.72 8.63
CA ALA I 429 33.91 18.02 7.47
C ALA I 429 32.78 17.09 7.86
N GLY I 430 32.02 16.62 6.86
CA GLY I 430 30.93 15.68 7.14
C GLY I 430 29.89 15.69 6.04
N GLY I 431 28.75 15.05 6.32
CA GLY I 431 27.64 14.95 5.36
C GLY I 431 27.29 13.53 4.88
N ASP I 432 28.21 12.58 5.02
CA ASP I 432 27.87 11.22 4.60
C ASP I 432 27.55 10.32 5.80
N MET I 433 26.30 9.91 5.86
CA MET I 433 25.75 9.10 6.94
C MET I 433 26.54 7.81 7.06
N ARG I 434 27.13 7.38 5.96
CA ARG I 434 27.89 6.17 5.95
C ARG I 434 29.05 6.22 6.90
N ASP I 435 29.67 7.38 7.04
CA ASP I 435 30.85 7.43 7.85
C ASP I 435 30.42 7.50 9.27
N ASN I 436 29.25 8.09 9.50
CA ASN I 436 28.82 8.18 10.88
C ASN I 436 28.72 6.78 11.47
N TRP I 437 28.30 5.79 10.68
CA TRP I 437 28.25 4.47 11.29
C TRP I 437 29.58 3.76 11.10
N ARG I 438 30.25 3.99 9.96
CA ARG I 438 31.49 3.30 9.60
C ARG I 438 32.45 3.37 10.77
N SER I 439 32.46 4.55 11.37
CA SER I 439 33.25 4.89 12.51
C SER I 439 33.30 3.78 13.55
N GLU I 440 32.17 3.13 13.83
CA GLU I 440 32.19 2.07 14.83
C GLU I 440 31.99 0.69 14.22
N LEU I 441 31.31 0.64 13.09
CA LEU I 441 30.97 -0.64 12.48
C LEU I 441 32.20 -1.44 12.08
N TYR I 442 33.26 -0.71 11.71
CA TYR I 442 34.53 -1.25 11.24
C TYR I 442 35.09 -2.37 12.06
N LYS I 443 34.70 -2.48 13.31
CA LYS I 443 35.27 -3.51 14.14
C LYS I 443 34.96 -4.90 13.66
N TYR I 444 33.89 -5.05 12.89
CA TYR I 444 33.42 -6.36 12.51
C TYR I 444 33.55 -6.73 11.03
N LYS I 445 33.78 -8.03 10.78
CA LYS I 445 33.81 -8.61 9.44
C LYS I 445 32.88 -9.81 9.41
N VAL I 446 32.14 -9.98 8.34
CA VAL I 446 31.21 -11.11 8.31
C VAL I 446 31.71 -12.19 7.39
N VAL I 447 31.74 -13.41 7.91
CA VAL I 447 32.27 -14.54 7.16
C VAL I 447 31.28 -15.68 7.12
N LYS I 448 31.50 -16.55 6.16
CA LYS I 448 30.67 -17.73 5.96
C LYS I 448 31.44 -18.96 6.39
N ILE I 449 30.75 -19.85 7.08
CA ILE I 449 31.39 -21.10 7.47
C ILE I 449 31.29 -22.04 6.30
N GLU I 450 32.44 -22.58 5.89
CA GLU I 450 32.42 -23.50 4.77
C GLU I 450 32.78 -24.92 5.19
N PRO I 451 31.82 -25.78 5.48
CA PRO I 451 32.05 -27.13 5.93
C PRO I 451 32.45 -27.98 4.76
N LEU I 452 33.04 -29.11 5.09
CA LEU I 452 33.41 -30.19 4.20
C LEU I 452 34.66 -30.01 3.37
N GLY I 453 35.73 -30.63 3.85
CA GLY I 453 37.04 -30.53 3.24
C GLY I 453 37.61 -31.92 3.00
N VAL I 454 38.84 -31.99 2.54
CA VAL I 454 39.43 -33.26 2.15
C VAL I 454 40.87 -33.32 2.56
N ALA I 455 41.33 -34.51 2.90
CA ALA I 455 42.72 -34.70 3.24
C ALA I 455 43.10 -36.16 2.99
N PRO I 456 44.36 -36.47 2.69
CA PRO I 456 44.87 -37.81 2.61
C PRO I 456 45.05 -38.38 3.96
N THR I 457 44.95 -39.70 4.04
CA THR I 457 45.20 -40.40 5.29
C THR I 457 45.92 -41.73 5.06
N ARG I 458 45.63 -42.39 3.94
CA ARG I 458 46.33 -43.64 3.62
C ARG I 458 45.55 -44.84 4.10
N CYS I 459 44.57 -44.60 4.96
CA CYS I 459 43.75 -45.64 5.53
C CYS I 459 42.71 -46.04 4.50
N LYS I 460 42.18 -47.25 4.56
CA LYS I 460 41.27 -47.63 3.48
C LYS I 460 40.06 -48.37 4.02
N ARG I 461 38.93 -48.26 3.30
CA ARG I 461 37.75 -48.99 3.68
C ARG I 461 37.66 -50.39 3.12
N ARG I 462 37.41 -51.34 4.00
CA ARG I 462 37.15 -52.70 3.61
C ARG I 462 35.74 -52.79 3.14
N VAL I 463 35.55 -53.41 1.99
CA VAL I 463 34.23 -53.59 1.40
C VAL I 463 34.29 -54.56 0.25
N ALA J 9 38.50 -23.44 27.03
CA ALA J 9 38.57 -22.35 27.99
C ALA J 9 37.29 -21.48 28.10
N VAL J 10 36.41 -21.21 27.07
CA VAL J 10 36.25 -21.59 25.63
C VAL J 10 35.61 -23.00 25.46
N GLY J 11 36.42 -24.03 25.23
CA GLY J 11 35.94 -25.39 25.11
C GLY J 11 35.16 -25.57 23.82
N ILE J 12 34.50 -26.72 23.69
CA ILE J 12 33.73 -27.02 22.49
C ILE J 12 32.59 -26.04 22.29
N GLY J 13 31.92 -25.65 23.36
CA GLY J 13 30.83 -24.74 23.17
C GLY J 13 31.33 -23.50 22.44
N ALA J 14 32.27 -22.77 23.00
CA ALA J 14 32.69 -21.59 22.27
C ALA J 14 33.30 -21.88 20.88
N VAL J 15 34.08 -22.95 20.78
CA VAL J 15 34.76 -23.27 19.53
C VAL J 15 33.84 -23.62 18.38
N PHE J 16 32.85 -24.48 18.67
CA PHE J 16 31.89 -24.97 17.69
C PHE J 16 30.42 -24.56 17.85
N LEU J 17 29.97 -24.15 19.06
CA LEU J 17 28.64 -23.52 19.14
C LEU J 17 28.87 -22.18 18.45
N GLY J 18 30.02 -21.62 18.80
CA GLY J 18 30.53 -20.38 18.23
C GLY J 18 31.31 -20.94 17.06
N PHE J 19 32.07 -20.17 16.30
CA PHE J 19 32.64 -20.86 15.16
C PHE J 19 34.10 -20.55 14.92
N LEU J 20 34.64 -21.59 14.29
CA LEU J 20 36.01 -21.56 13.78
C LEU J 20 37.07 -21.50 14.88
N GLY J 21 36.71 -21.81 16.12
CA GLY J 21 37.70 -21.75 17.20
C GLY J 21 38.89 -22.67 17.04
N ALA J 22 38.68 -23.83 16.44
CA ALA J 22 39.71 -24.82 16.29
C ALA J 22 40.60 -24.54 15.12
N ALA J 23 40.32 -23.49 14.37
CA ALA J 23 41.13 -23.23 13.21
C ALA J 23 42.59 -23.06 13.64
N GLY J 24 42.84 -22.56 14.86
CA GLY J 24 44.22 -22.34 15.31
C GLY J 24 44.87 -23.54 16.03
N SER J 25 44.18 -24.68 16.09
CA SER J 25 44.63 -25.88 16.85
C SER J 25 45.25 -27.00 16.01
N THR J 26 45.36 -26.75 14.72
CA THR J 26 45.85 -27.63 13.64
C THR J 26 44.86 -28.76 13.40
N MET J 27 44.86 -29.30 12.20
CA MET J 27 43.80 -30.22 11.83
C MET J 27 43.72 -31.53 12.60
N GLY J 28 44.81 -32.03 13.13
CA GLY J 28 44.69 -33.25 13.93
C GLY J 28 43.73 -33.08 15.11
N ALA J 29 43.60 -31.85 15.61
CA ALA J 29 42.73 -31.57 16.74
C ALA J 29 41.28 -31.89 16.45
N ALA J 30 40.92 -31.74 15.19
CA ALA J 30 39.57 -31.82 14.68
C ALA J 30 38.97 -33.19 14.90
N SER J 31 39.82 -34.21 14.96
CA SER J 31 39.36 -35.57 15.05
C SER J 31 38.54 -35.83 16.30
N MET J 32 38.71 -34.97 17.31
CA MET J 32 38.00 -35.16 18.55
C MET J 32 36.82 -34.21 18.70
N THR J 33 36.61 -33.32 17.74
CA THR J 33 35.61 -32.30 17.97
C THR J 33 34.60 -31.96 16.89
N LEU J 34 34.82 -32.35 15.64
CA LEU J 34 33.90 -31.86 14.60
C LEU J 34 32.52 -32.48 14.64
N THR J 35 31.74 -32.09 15.62
CA THR J 35 30.42 -32.62 15.88
C THR J 35 29.45 -31.46 15.96
N VAL J 36 29.60 -30.74 17.04
CA VAL J 36 28.83 -29.56 17.37
C VAL J 36 28.86 -28.56 16.25
N GLN J 37 29.99 -28.46 15.58
CA GLN J 37 30.03 -27.49 14.51
C GLN J 37 28.85 -27.64 13.59
N ALA J 38 28.48 -28.87 13.27
CA ALA J 38 27.42 -29.04 12.32
C ALA J 38 26.07 -28.71 12.89
N ARG J 39 25.83 -29.08 14.16
CA ARG J 39 24.46 -28.90 14.63
C ARG J 39 24.14 -27.45 14.81
N ASN J 40 25.12 -26.63 15.14
CA ASN J 40 24.79 -25.26 15.41
C ASN J 40 24.77 -24.39 14.17
N LEU J 41 24.95 -24.99 13.00
CA LEU J 41 24.84 -24.26 11.76
C LEU J 41 23.46 -24.45 11.16
N LEU J 42 22.61 -25.24 11.83
CA LEU J 42 21.29 -25.56 11.32
C LEU J 42 20.21 -24.93 12.20
N SER J 43 20.60 -23.98 13.01
CA SER J 43 19.67 -23.30 13.89
C SER J 43 18.78 -22.37 13.11
N GLY J 44 17.68 -21.96 13.73
CA GLY J 44 16.44 -21.23 13.86
C GLY J 44 15.93 -21.28 15.30
N THR J 66 6.72 -5.04 8.01
CA THR J 66 6.05 -6.14 7.35
C THR J 66 6.97 -6.75 6.31
N VAL J 67 7.58 -5.88 5.53
CA VAL J 67 8.47 -6.24 4.42
C VAL J 67 9.68 -7.02 4.90
N TRP J 68 10.05 -6.85 6.15
CA TRP J 68 11.16 -7.57 6.73
C TRP J 68 10.86 -9.05 6.79
N GLY J 69 9.58 -9.42 6.66
CA GLY J 69 9.18 -10.79 6.65
C GLY J 69 9.83 -11.49 5.49
N ILE J 70 10.00 -10.80 4.36
CA ILE J 70 10.61 -11.41 3.22
C ILE J 70 12.06 -11.58 3.53
N LYS J 71 12.68 -10.54 4.07
CA LYS J 71 14.09 -10.70 4.36
C LYS J 71 14.35 -11.90 5.25
N GLN J 72 13.52 -12.07 6.28
CA GLN J 72 13.72 -13.17 7.18
C GLN J 72 13.39 -14.50 6.55
N LEU J 73 12.34 -14.57 5.75
CA LEU J 73 12.03 -15.82 5.12
C LEU J 73 13.11 -16.23 4.16
N GLN J 74 13.68 -15.29 3.44
CA GLN J 74 14.69 -15.66 2.49
C GLN J 74 15.88 -16.23 3.21
N ALA J 75 16.28 -15.61 4.31
CA ALA J 75 17.41 -16.11 5.03
C ALA J 75 17.21 -17.53 5.51
N ARG J 76 16.01 -17.80 6.03
CA ARG J 76 15.73 -19.11 6.56
C ARG J 76 15.75 -20.16 5.48
N VAL J 77 15.14 -19.84 4.35
CA VAL J 77 15.08 -20.77 3.26
C VAL J 77 16.43 -21.08 2.72
N LEU J 78 17.24 -20.04 2.54
CA LEU J 78 18.54 -20.26 1.98
C LEU J 78 19.41 -21.09 2.90
N ALA J 79 19.30 -20.88 4.20
CA ALA J 79 20.11 -21.69 5.09
C ALA J 79 19.73 -23.16 4.93
N VAL J 80 18.43 -23.42 4.80
CA VAL J 80 18.00 -24.77 4.60
C VAL J 80 18.49 -25.32 3.28
N GLU J 81 18.38 -24.54 2.23
CA GLU J 81 18.83 -25.05 0.96
C GLU J 81 20.29 -25.40 0.99
N ARG J 82 21.11 -24.58 1.62
CA ARG J 82 22.53 -24.87 1.63
C ARG J 82 22.78 -26.17 2.33
N TYR J 83 22.12 -26.35 3.46
CA TYR J 83 22.29 -27.55 4.21
C TYR J 83 21.94 -28.76 3.40
N LEU J 84 20.78 -28.73 2.79
CA LEU J 84 20.34 -29.88 2.06
C LEU J 84 21.21 -30.18 0.88
N ARG J 85 21.69 -29.16 0.18
CA ARG J 85 22.53 -29.45 -0.97
C ARG J 85 23.79 -30.17 -0.54
N ASP J 86 24.37 -29.76 0.58
CA ASP J 86 25.56 -30.45 1.03
C ASP J 86 25.25 -31.87 1.39
N GLN J 87 24.08 -32.10 1.99
CA GLN J 87 23.73 -33.46 2.36
C GLN J 87 23.60 -34.31 1.14
N GLN J 88 23.13 -33.73 0.05
CA GLN J 88 22.95 -34.48 -1.15
C GLN J 88 24.28 -34.99 -1.67
N LEU J 89 25.32 -34.15 -1.65
CA LEU J 89 26.60 -34.63 -2.12
C LEU J 89 27.18 -35.66 -1.21
N LEU J 90 27.00 -35.47 0.09
CA LEU J 90 27.54 -36.43 1.01
C LEU J 90 26.89 -37.76 0.77
N GLY J 91 25.60 -37.76 0.51
CA GLY J 91 24.89 -38.99 0.25
C GLY J 91 25.47 -39.67 -1.00
N ILE J 92 25.61 -38.91 -2.06
CA ILE J 92 26.06 -39.45 -3.33
C ILE J 92 27.40 -40.11 -3.26
N TRP J 93 28.32 -39.50 -2.57
CA TRP J 93 29.66 -40.04 -2.50
C TRP J 93 29.83 -41.15 -1.48
N GLY J 94 28.84 -41.37 -0.63
CA GLY J 94 29.01 -42.26 0.49
C GLY J 94 29.79 -41.43 1.52
N CYS J 95 30.03 -41.93 2.73
CA CYS J 95 29.60 -43.22 3.26
C CYS J 95 28.33 -43.19 4.13
N SER J 96 27.82 -42.07 4.69
CA SER J 96 28.28 -40.69 4.74
C SER J 96 27.96 -40.18 6.11
N GLY J 97 27.26 -41.02 6.85
CA GLY J 97 26.77 -40.64 8.16
C GLY J 97 27.86 -40.59 9.23
N LYS J 98 29.07 -40.99 8.88
CA LYS J 98 30.16 -41.02 9.84
C LYS J 98 30.94 -39.71 9.89
N LEU J 99 30.65 -38.80 8.99
CA LEU J 99 31.34 -37.50 8.82
C LEU J 99 32.79 -37.61 8.35
N ILE J 100 33.45 -38.73 8.63
CA ILE J 100 34.77 -38.99 8.11
C ILE J 100 34.73 -40.32 7.38
N CYS J 101 34.94 -40.27 6.09
CA CYS J 101 34.76 -41.48 5.31
C CYS J 101 35.92 -41.81 4.40
N CYS J 102 36.19 -43.10 4.24
CA CYS J 102 37.15 -43.52 3.22
C CYS J 102 36.38 -43.88 1.99
N THR J 103 36.82 -43.35 0.86
CA THR J 103 36.14 -43.59 -0.40
C THR J 103 36.85 -44.51 -1.39
N ASN J 104 37.95 -45.07 -0.95
CA ASN J 104 38.75 -46.00 -1.72
C ASN J 104 39.16 -45.53 -3.10
N VAL J 105 39.62 -44.30 -3.13
CA VAL J 105 40.16 -43.65 -4.29
C VAL J 105 41.59 -43.28 -3.88
N PRO J 106 42.61 -43.63 -4.67
CA PRO J 106 44.00 -43.34 -4.41
C PRO J 106 44.28 -41.89 -4.72
N TRP J 107 45.32 -41.34 -4.16
CA TRP J 107 45.76 -40.00 -4.53
C TRP J 107 46.60 -39.93 -5.78
N ASN J 108 46.36 -38.89 -6.57
CA ASN J 108 47.19 -38.61 -7.73
C ASN J 108 48.50 -38.09 -7.17
N SER J 109 49.61 -38.52 -7.72
CA SER J 109 50.91 -38.09 -7.23
C SER J 109 51.16 -36.59 -7.33
N SER J 110 50.42 -35.88 -8.16
CA SER J 110 50.58 -34.45 -8.33
C SER J 110 50.14 -33.69 -7.10
N TRP J 111 49.42 -34.38 -6.21
CA TRP J 111 48.90 -33.83 -4.99
C TRP J 111 49.68 -34.29 -3.76
N SER J 112 50.84 -34.95 -3.97
CA SER J 112 51.62 -35.52 -2.86
C SER J 112 52.94 -34.80 -2.62
N ASN J 113 52.87 -33.49 -2.52
CA ASN J 113 54.03 -32.65 -2.31
C ASN J 113 54.32 -32.35 -0.84
N ARG J 114 53.59 -32.99 0.05
CA ARG J 114 53.78 -32.83 1.48
C ARG J 114 53.73 -34.16 2.19
N ASN J 115 54.37 -34.23 3.35
CA ASN J 115 54.30 -35.43 4.17
C ASN J 115 52.99 -35.49 4.91
N LEU J 116 52.52 -36.69 5.20
CA LEU J 116 51.29 -36.78 5.95
C LEU J 116 51.40 -36.19 7.33
N SER J 117 52.57 -36.32 7.97
CA SER J 117 52.70 -35.79 9.31
C SER J 117 52.66 -34.28 9.29
N GLU J 118 53.16 -33.70 8.21
CA GLU J 118 53.14 -32.26 8.08
C GLU J 118 51.71 -31.79 7.98
N ILE J 119 50.93 -32.53 7.19
CA ILE J 119 49.54 -32.19 6.98
C ILE J 119 48.75 -32.27 8.25
N TRP J 120 48.85 -33.37 8.97
CA TRP J 120 48.05 -33.52 10.15
C TRP J 120 48.52 -32.83 11.42
N ASP J 121 49.82 -32.70 11.62
CA ASP J 121 50.27 -32.07 12.84
C ASP J 121 50.58 -30.59 12.75
N ASN J 122 51.03 -30.09 11.59
CA ASN J 122 51.43 -28.70 11.51
C ASN J 122 50.39 -27.83 10.81
N MET J 123 49.77 -28.36 9.79
CA MET J 123 48.87 -27.53 9.01
C MET J 123 47.49 -27.42 9.62
N THR J 124 46.86 -26.31 9.32
CA THR J 124 45.50 -26.05 9.69
C THR J 124 44.65 -26.32 8.48
N TRP J 125 43.34 -26.35 8.69
CA TRP J 125 42.40 -26.54 7.61
C TRP J 125 42.30 -25.29 6.79
N LEU J 126 42.68 -24.23 7.49
CA LEU J 126 42.53 -22.98 6.86
C LEU J 126 43.63 -23.00 5.84
N GLN J 127 44.81 -23.40 6.33
CA GLN J 127 46.02 -23.31 5.50
C GLN J 127 46.00 -24.30 4.36
N TRP J 128 45.59 -25.53 4.64
CA TRP J 128 45.59 -26.59 3.65
C TRP J 128 44.75 -26.17 2.48
N ASP J 129 43.58 -25.64 2.83
CA ASP J 129 42.53 -25.16 1.96
C ASP J 129 42.93 -24.03 1.05
N LYS J 130 44.08 -23.42 1.28
CA LYS J 130 44.48 -22.34 0.41
C LYS J 130 45.05 -22.89 -0.88
N GLU J 131 45.65 -24.09 -0.82
CA GLU J 131 46.33 -24.67 -1.97
C GLU J 131 45.58 -25.85 -2.54
N ILE J 132 44.98 -26.64 -1.65
CA ILE J 132 44.33 -27.89 -2.02
C ILE J 132 43.01 -27.60 -2.72
N SER J 133 42.66 -26.32 -2.75
CA SER J 133 41.49 -25.72 -3.34
C SER J 133 41.45 -25.95 -4.84
N ASN J 134 42.61 -26.25 -5.41
CA ASN J 134 42.63 -26.49 -6.81
C ASN J 134 42.10 -27.88 -7.05
N TYR J 135 41.66 -28.14 -8.26
CA TYR J 135 41.16 -29.45 -8.67
C TYR J 135 39.94 -29.88 -7.86
N THR J 136 39.07 -28.95 -7.49
CA THR J 136 37.90 -29.31 -6.70
C THR J 136 36.99 -30.32 -7.37
N GLN J 137 36.73 -30.10 -8.64
CA GLN J 137 35.79 -30.94 -9.35
C GLN J 137 36.42 -32.25 -9.74
N ILE J 138 37.74 -32.32 -9.67
CA ILE J 138 38.44 -33.51 -10.06
C ILE J 138 38.14 -34.50 -8.99
N ILE J 139 38.26 -34.03 -7.76
CA ILE J 139 38.01 -34.88 -6.65
C ILE J 139 36.57 -35.31 -6.66
N TYR J 140 35.67 -34.38 -6.89
CA TYR J 140 34.28 -34.78 -6.87
C TYR J 140 33.97 -35.82 -7.94
N GLY J 141 34.52 -35.65 -9.13
CA GLY J 141 34.31 -36.59 -10.20
C GLY J 141 34.79 -37.98 -9.79
N LEU J 142 35.99 -38.03 -9.23
CA LEU J 142 36.55 -39.29 -8.80
C LEU J 142 35.74 -39.94 -7.70
N LEU J 143 35.22 -39.14 -6.78
CA LEU J 143 34.45 -39.71 -5.70
C LEU J 143 33.17 -40.30 -6.22
N GLU J 144 32.50 -39.57 -7.11
CA GLU J 144 31.24 -40.07 -7.63
C GLU J 144 31.44 -41.38 -8.34
N GLU J 145 32.47 -41.44 -9.18
CA GLU J 145 32.69 -42.66 -9.91
C GLU J 145 33.12 -43.83 -9.05
N SER J 146 33.97 -43.65 -8.03
CA SER J 146 34.33 -44.88 -7.32
C SER J 146 33.10 -45.45 -6.63
N GLN J 147 32.19 -44.56 -6.22
CA GLN J 147 30.98 -45.02 -5.58
C GLN J 147 30.09 -45.76 -6.57
N ASN J 148 30.02 -45.26 -7.81
CA ASN J 148 29.20 -45.92 -8.80
C ASN J 148 29.68 -47.34 -9.07
N GLN J 149 30.99 -47.52 -9.05
CA GLN J 149 31.55 -48.83 -9.31
C GLN J 149 31.22 -49.79 -8.20
N GLN J 150 31.30 -49.32 -6.96
CA GLN J 150 30.95 -50.16 -5.85
C GLN J 150 29.53 -50.60 -5.96
N GLU J 151 28.65 -49.67 -6.31
CA GLU J 151 27.25 -49.97 -6.41
C GLU J 151 26.97 -51.02 -7.44
N LYS J 152 27.64 -50.96 -8.58
CA LYS J 152 27.40 -52.01 -9.55
C LYS J 152 27.82 -53.34 -9.00
N ASN J 153 28.97 -53.40 -8.34
CA ASN J 153 29.42 -54.67 -7.83
C ASN J 153 28.43 -55.21 -6.81
N GLU J 154 27.87 -54.34 -5.98
CA GLU J 154 26.89 -54.80 -5.01
C GLU J 154 25.64 -55.32 -5.69
N GLN J 155 25.21 -54.68 -6.78
CA GLN J 155 24.02 -55.15 -7.45
C GLN J 155 24.29 -56.52 -8.05
N ASP J 156 25.51 -56.73 -8.56
CA ASP J 156 25.81 -58.02 -9.11
C ASP J 156 25.83 -59.04 -8.00
N LEU J 157 26.39 -58.71 -6.85
CA LEU J 157 26.39 -59.66 -5.76
C LEU J 157 24.97 -59.97 -5.31
N LEU J 158 24.06 -58.98 -5.29
CA LEU J 158 22.68 -59.30 -4.90
C LEU J 158 22.08 -60.29 -5.90
N ALA J 159 22.35 -60.05 -7.20
CA ALA J 159 21.83 -60.89 -8.27
C ALA J 159 22.45 -62.30 -8.28
N LEU J 160 23.73 -62.39 -7.99
CA LEU J 160 24.46 -63.65 -7.89
C LEU J 160 24.04 -64.46 -6.69
N ASP J 161 23.75 -63.77 -5.60
CA ASP J 161 23.27 -64.36 -4.37
C ASP J 161 21.75 -64.26 -4.26
N GLN K 1 26.46 54.78 45.84
CA GLN K 1 25.38 53.92 45.38
C GLN K 1 24.47 54.67 44.42
N VAL K 2 23.49 53.97 43.85
CA VAL K 2 22.61 54.58 42.86
C VAL K 2 21.38 55.13 43.56
N GLN K 3 20.80 56.16 42.94
CA GLN K 3 19.60 56.83 43.42
C GLN K 3 18.63 56.97 42.26
N LEU K 4 17.44 56.44 42.41
CA LEU K 4 16.41 56.65 41.42
C LEU K 4 15.75 58.00 41.63
N VAL K 5 15.21 58.56 40.55
CA VAL K 5 14.54 59.87 40.57
C VAL K 5 13.15 59.67 39.99
N GLN K 6 12.13 59.99 40.77
CA GLN K 6 10.76 59.82 40.32
C GLN K 6 10.12 61.15 39.96
N SER K 7 8.84 61.09 39.59
CA SER K 7 8.05 62.25 39.21
C SER K 7 7.47 62.92 40.45
N GLY K 8 6.69 63.96 40.25
CA GLY K 8 6.13 64.70 41.36
C GLY K 8 4.65 64.43 41.55
N ALA K 9 3.93 65.43 42.05
CA ALA K 9 2.52 65.28 42.36
C ALA K 9 1.69 65.23 41.07
N GLN K 10 0.64 64.41 41.11
CA GLN K 10 -0.33 64.32 40.01
C GLN K 10 -1.73 64.25 40.59
N MET K 11 -2.57 65.24 40.26
CA MET K 11 -3.94 65.33 40.74
C MET K 11 -4.87 65.37 39.54
N LYS K 12 -5.70 64.33 39.39
CA LYS K 12 -6.57 64.25 38.22
C LYS K 12 -7.94 63.71 38.59
N ASN K 13 -8.87 63.95 37.67
CA ASN K 13 -10.23 63.42 37.71
C ASN K 13 -10.24 62.01 37.11
N PRO K 14 -11.36 61.29 37.23
CA PRO K 14 -11.44 60.01 36.51
C PRO K 14 -11.22 60.20 35.02
N GLY K 15 -10.55 59.24 34.39
CA GLY K 15 -10.14 59.40 33.01
C GLY K 15 -8.94 60.31 32.87
N ALA K 16 -7.83 59.93 33.51
CA ALA K 16 -6.71 60.86 33.66
C ALA K 16 -5.65 60.69 32.57
N SER K 17 -5.21 59.44 32.35
CA SER K 17 -4.09 59.09 31.48
C SER K 17 -2.79 59.74 31.96
N VAL K 18 -2.41 59.35 33.19
CA VAL K 18 -1.28 59.92 33.93
C VAL K 18 0.02 59.32 33.40
N LYS K 19 1.03 60.16 33.19
CA LYS K 19 2.35 59.70 32.80
C LYS K 19 3.27 59.79 34.00
N VAL K 20 3.91 58.68 34.35
CA VAL K 20 4.80 58.59 35.50
C VAL K 20 6.18 58.19 35.01
N SER K 21 7.19 59.02 35.29
CA SER K 21 8.55 58.77 34.87
C SER K 21 9.39 58.22 36.02
N CYS K 22 10.50 57.58 35.66
CA CYS K 22 11.51 57.19 36.63
C CYS K 22 12.86 57.21 35.92
N ALA K 23 13.74 58.11 36.36
CA ALA K 23 15.04 58.32 35.73
C ALA K 23 16.14 57.88 36.66
N PRO K 24 16.76 56.71 36.45
CA PRO K 24 17.87 56.28 37.30
C PRO K 24 19.10 57.15 37.15
N SER K 25 19.88 57.20 38.24
CA SER K 25 21.09 58.01 38.31
C SER K 25 22.22 57.17 38.91
N GLY K 26 23.10 56.65 38.05
CA GLY K 26 24.26 55.94 38.53
C GLY K 26 24.61 54.69 37.74
N TYR K 27 23.62 53.91 37.33
CA TYR K 27 23.89 52.72 36.54
C TYR K 27 23.43 52.94 35.12
N THR K 28 23.96 52.12 34.22
CA THR K 28 23.56 52.22 32.83
C THR K 28 22.14 51.70 32.69
N PHE K 29 21.28 52.54 32.10
CA PHE K 29 19.85 52.25 32.01
C PHE K 29 19.55 50.98 31.22
N THR K 30 20.42 50.62 30.27
CA THR K 30 20.18 49.44 29.45
C THR K 30 20.94 48.22 29.98
N ASP K 31 21.17 48.17 31.28
CA ASP K 31 21.88 47.06 31.89
C ASP K 31 20.98 46.15 32.72
N PHE K 32 20.22 46.68 33.67
CA PHE K 32 19.32 45.89 34.51
C PHE K 32 17.87 46.10 34.10
N TYR K 33 17.02 45.13 34.45
CA TYR K 33 15.58 45.20 34.23
C TYR K 33 14.90 46.20 35.14
N ILE K 34 13.64 46.50 34.78
CA ILE K 34 12.82 47.52 35.41
C ILE K 34 11.49 46.87 35.80
N HIS K 35 11.12 46.98 37.07
CA HIS K 35 9.83 46.55 37.58
C HIS K 35 9.09 47.74 38.17
N TRP K 36 7.78 47.80 37.97
CA TRP K 36 6.92 48.80 38.62
C TRP K 36 5.99 48.13 39.63
N LEU K 37 5.78 48.78 40.77
CA LEU K 37 4.86 48.25 41.77
C LEU K 37 3.90 49.33 42.24
N ARG K 38 2.80 48.88 42.84
CA ARG K 38 1.82 49.73 43.48
C ARG K 38 1.57 49.24 44.90
N GLN K 39 1.39 50.18 45.83
CA GLN K 39 1.05 49.86 47.21
C GLN K 39 -0.10 50.76 47.64
N ALA K 40 -1.32 50.25 47.61
CA ALA K 40 -2.47 51.02 48.05
C ALA K 40 -2.40 51.20 49.56
N PRO K 41 -2.96 52.29 50.10
CA PRO K 41 -2.97 52.47 51.56
C PRO K 41 -3.80 51.37 52.21
N GLY K 42 -3.14 50.57 53.06
CA GLY K 42 -3.76 49.45 53.74
C GLY K 42 -3.41 48.11 53.12
N GLN K 43 -3.12 48.08 51.82
CA GLN K 43 -2.80 46.84 51.12
C GLN K 43 -1.29 46.63 51.13
N GLY K 44 -0.85 45.53 50.55
CA GLY K 44 0.55 45.22 50.42
C GLY K 44 1.11 45.63 49.08
N LEU K 45 2.22 45.00 48.71
CA LEU K 45 2.95 45.39 47.51
C LEU K 45 2.34 44.63 46.34
N GLN K 46 1.78 45.35 45.39
CA GLN K 46 1.19 44.73 44.22
C GLN K 46 2.09 45.05 43.04
N TRP K 47 2.57 44.01 42.38
CA TRP K 47 3.47 44.17 41.26
C TRP K 47 2.67 44.53 40.01
N MET K 48 3.20 45.48 39.23
CA MET K 48 2.50 45.96 38.04
C MET K 48 2.99 45.29 36.76
N GLY K 49 4.27 45.42 36.44
CA GLY K 49 4.80 44.92 35.18
C GLY K 49 6.30 45.10 35.16
N TRP K 50 6.96 44.36 34.26
CA TRP K 50 8.39 44.56 34.06
C TRP K 50 8.68 45.07 32.66
N MET K 51 9.80 45.76 32.50
CA MET K 51 10.21 46.21 31.19
C MET K 51 11.64 45.77 30.94
N ASN K 52 11.90 45.33 29.70
CA ASN K 52 13.25 45.09 29.23
C ASN K 52 13.73 46.34 28.54
N PRO K 53 14.67 47.10 29.11
CA PRO K 53 15.10 48.34 28.48
C PRO K 53 15.95 48.13 27.25
N GLN K 54 16.34 46.90 26.96
CA GLN K 54 17.14 46.64 25.77
C GLN K 54 16.29 46.71 24.52
N THR K 55 15.16 46.02 24.50
CA THR K 55 14.30 45.97 23.33
C THR K 55 12.90 46.50 23.56
N GLY K 56 12.58 46.99 24.76
CA GLY K 56 11.29 47.55 25.03
C GLY K 56 10.19 46.57 25.39
N ARG K 57 10.47 45.27 25.36
CA ARG K 57 9.50 44.22 25.64
C ARG K 57 9.06 44.23 27.10
N THR K 58 7.75 44.16 27.33
CA THR K 58 7.21 44.17 28.68
C THR K 58 6.20 43.06 28.87
N ASN K 59 5.74 42.94 30.12
CA ASN K 59 4.71 42.00 30.54
C ASN K 59 4.12 42.53 31.85
N THR K 60 2.81 42.68 31.89
CA THR K 60 2.14 43.25 33.04
C THR K 60 1.29 42.20 33.73
N ALA K 61 0.65 42.60 34.82
CA ALA K 61 -0.17 41.69 35.60
C ALA K 61 -1.47 41.38 34.84
N ARG K 62 -2.31 40.52 35.40
CA ARG K 62 -3.50 40.10 34.66
C ARG K 62 -4.59 41.14 34.69
N ASN K 63 -4.69 41.92 35.77
CA ASN K 63 -5.79 42.86 35.94
C ASN K 63 -5.55 44.22 35.27
N PHE K 64 -4.44 44.38 34.55
CA PHE K 64 -4.15 45.64 33.87
C PHE K 64 -4.14 45.52 32.35
N GLN K 65 -4.73 44.46 31.78
CA GLN K 65 -4.61 44.21 30.35
C GLN K 65 -5.42 45.25 29.60
N GLY K 66 -4.83 46.43 29.45
CA GLY K 66 -5.50 47.52 28.78
C GLY K 66 -5.36 48.86 29.45
N ARG K 67 -5.17 48.87 30.78
CA ARG K 67 -5.10 50.15 31.47
C ARG K 67 -3.68 50.67 31.63
N VAL K 68 -2.69 49.78 31.72
CA VAL K 68 -1.32 50.15 32.04
C VAL K 68 -0.45 49.83 30.84
N THR K 69 0.18 50.85 30.25
CA THR K 69 1.18 50.64 29.21
C THR K 69 2.50 51.24 29.68
N MET K 70 3.60 50.64 29.25
CA MET K 70 4.94 50.98 29.71
C MET K 70 5.84 51.12 28.49
N THR K 71 6.53 52.25 28.40
CA THR K 71 7.45 52.51 27.30
C THR K 71 8.79 53.02 27.83
N ARG K 72 9.80 52.91 26.99
CA ARG K 72 11.16 53.31 27.32
C ARG K 72 11.55 54.53 26.49
N ASP K 73 12.56 55.23 26.98
CA ASP K 73 13.20 56.30 26.20
C ASP K 73 14.68 56.28 26.56
N THR K 74 15.47 55.64 25.71
CA THR K 74 16.87 55.34 26.02
C THR K 74 17.81 56.46 25.63
N SER K 75 17.29 57.55 25.07
CA SER K 75 18.13 58.73 24.83
C SER K 75 18.52 59.40 26.14
N ILE K 76 17.54 59.63 27.01
CA ILE K 76 17.82 60.17 28.33
C ILE K 76 18.27 59.06 29.24
N GLY K 77 17.59 57.93 29.20
CA GLY K 77 17.86 56.82 30.09
C GLY K 77 16.76 56.62 31.10
N THR K 78 15.56 57.15 30.83
CA THR K 78 14.43 57.02 31.73
C THR K 78 13.39 56.05 31.17
N ALA K 79 12.31 55.87 31.93
CA ALA K 79 11.18 55.03 31.55
C ALA K 79 9.87 55.74 31.85
N TYR K 80 8.86 55.49 31.01
CA TYR K 80 7.56 56.15 31.15
C TYR K 80 6.43 55.12 31.31
N MET K 81 5.53 55.38 32.26
CA MET K 81 4.26 54.68 32.33
C MET K 81 3.12 55.59 31.91
N GLU K 82 2.04 54.96 31.43
CA GLU K 82 0.81 55.67 31.08
C GLU K 82 -0.37 54.91 31.68
N LEU K 83 -1.06 55.54 32.63
CA LEU K 83 -2.11 54.92 33.43
C LEU K 83 -3.49 55.29 32.88
N ARG K 84 -3.99 54.50 31.96
CA ARG K 84 -5.25 54.84 31.30
C ARG K 84 -6.45 54.38 32.13
N SER K 85 -7.54 55.15 32.01
CA SER K 85 -8.87 54.84 32.58
C SER K 85 -8.83 54.62 34.09
N LEU K 86 -8.31 55.62 34.80
CA LEU K 86 -8.24 55.55 36.25
C LEU K 86 -9.49 56.10 36.91
N THR K 87 -9.85 55.49 38.02
CA THR K 87 -10.97 55.88 38.85
C THR K 87 -10.45 56.25 40.24
N SER K 88 -11.35 56.63 41.13
CA SER K 88 -10.97 57.02 42.48
C SER K 88 -10.59 55.84 43.36
N ASP K 89 -10.75 54.61 42.89
CA ASP K 89 -10.30 53.45 43.64
C ASP K 89 -8.81 53.20 43.48
N ASP K 90 -8.16 53.87 42.52
CA ASP K 90 -6.75 53.64 42.23
C ASP K 90 -5.83 54.62 42.93
N THR K 91 -6.25 55.16 44.07
CA THR K 91 -5.41 56.07 44.85
C THR K 91 -4.37 55.23 45.57
N ALA K 92 -3.12 55.26 45.09
CA ALA K 92 -2.12 54.39 45.68
C ALA K 92 -0.72 54.97 45.49
N ILE K 93 0.24 54.42 46.28
CA ILE K 93 1.65 54.78 46.25
C ILE K 93 2.32 53.92 45.18
N TYR K 94 3.09 54.54 44.28
CA TYR K 94 3.79 53.82 43.22
C TYR K 94 5.29 53.77 43.45
N TYR K 95 5.88 52.60 43.21
CA TYR K 95 7.32 52.40 43.39
C TYR K 95 8.03 52.08 42.08
N CYS K 96 9.23 52.65 41.92
CA CYS K 96 10.15 52.35 40.83
C CYS K 96 11.32 51.56 41.37
N THR K 97 11.73 50.50 40.67
CA THR K 97 12.82 49.66 41.14
C THR K 97 13.79 49.29 40.03
N THR K 98 14.83 48.58 40.43
CA THR K 98 15.87 48.05 39.53
C THR K 98 15.91 46.53 39.65
N GLY K 99 15.58 45.84 38.56
CA GLY K 99 15.44 44.40 38.56
C GLY K 99 16.75 43.69 38.28
N GLY K 100 16.65 42.48 37.74
CA GLY K 100 17.83 41.65 37.50
C GLY K 100 18.57 42.03 36.24
N TRP K 101 19.59 41.26 35.91
CA TRP K 101 20.50 41.68 34.85
C TRP K 101 20.04 41.07 33.54
N ILE K 102 20.10 41.86 32.48
CA ILE K 102 19.66 41.38 31.17
C ILE K 102 20.78 40.56 30.56
N SER K 103 20.50 39.30 30.31
CA SER K 103 21.50 38.40 29.75
C SER K 103 21.06 38.01 28.37
N LEU K 104 21.94 37.35 27.65
CA LEU K 104 21.59 36.78 26.37
C LEU K 104 21.42 35.28 26.43
N TYR K 105 21.40 34.69 27.62
CA TYR K 105 21.34 33.24 27.71
C TYR K 105 20.25 32.69 28.62
N TYR K 106 19.71 33.45 29.56
CA TYR K 106 18.76 32.88 30.50
C TYR K 106 17.78 33.97 30.89
N ASP K 107 16.56 33.58 31.24
CA ASP K 107 15.54 34.51 31.69
C ASP K 107 15.79 34.88 33.14
N SER K 108 15.90 36.16 33.44
CA SER K 108 15.97 36.59 34.83
C SER K 108 15.08 37.79 35.04
N SER K 109 14.01 37.88 34.26
CA SER K 109 13.08 38.99 34.40
C SER K 109 12.19 38.82 35.62
N TYR K 110 11.76 37.60 35.90
CA TYR K 110 10.84 37.35 36.99
C TYR K 110 11.51 37.22 38.34
N TYR K 111 12.81 37.43 38.47
CA TYR K 111 13.43 37.22 39.76
C TYR K 111 12.94 38.33 40.68
N PRO K 112 12.51 38.03 41.87
CA PRO K 112 11.93 39.05 42.73
C PRO K 112 12.96 39.86 43.49
N ASN K 113 14.22 39.76 43.08
CA ASN K 113 15.30 40.43 43.78
C ASN K 113 15.28 41.91 43.44
N PHE K 114 14.82 42.74 44.36
CA PHE K 114 14.67 44.17 44.08
C PHE K 114 15.67 44.92 44.96
N ASP K 115 16.84 45.20 44.40
CA ASP K 115 17.92 45.71 45.24
C ASP K 115 17.68 47.15 45.65
N HIS K 116 17.17 47.97 44.74
CA HIS K 116 17.05 49.40 44.96
C HIS K 116 15.59 49.83 44.87
N TRP K 117 15.25 50.87 45.63
CA TRP K 117 13.89 51.39 45.64
C TRP K 117 13.91 52.89 45.44
N GLY K 118 12.93 53.39 44.70
CA GLY K 118 12.69 54.81 44.63
C GLY K 118 12.02 55.33 45.88
N GLN K 119 11.85 56.63 45.95
CA GLN K 119 11.28 57.21 47.15
C GLN K 119 9.77 57.07 47.22
N GLY K 120 9.10 56.87 46.09
CA GLY K 120 7.66 56.71 46.11
C GLY K 120 6.83 57.92 45.77
N THR K 121 5.89 57.76 44.83
CA THR K 121 5.05 58.85 44.40
C THR K 121 3.59 58.48 44.64
N LEU K 122 2.80 59.47 45.02
CA LEU K 122 1.38 59.30 45.29
C LEU K 122 0.57 59.95 44.18
N LEU K 123 -0.34 59.18 43.61
CA LEU K 123 -1.35 59.70 42.71
C LEU K 123 -2.67 59.75 43.44
N THR K 124 -3.41 60.84 43.24
CA THR K 124 -4.76 60.98 43.78
C THR K 124 -5.69 61.22 42.62
N VAL K 125 -6.75 60.41 42.52
CA VAL K 125 -7.75 60.56 41.48
C VAL K 125 -9.09 60.81 42.14
N SER K 126 -9.60 62.03 41.97
CA SER K 126 -10.82 62.48 42.63
C SER K 126 -11.23 63.79 41.98
N ALA L 3 -2.18 35.53 46.73
CA ALA L 3 -1.51 36.68 47.35
C ALA L 3 -0.67 36.27 48.55
N LEU L 4 -0.05 35.09 48.49
CA LEU L 4 0.89 34.57 49.48
C LEU L 4 0.37 34.71 50.92
N THR L 5 -0.53 33.77 51.24
CA THR L 5 -1.15 33.59 52.56
C THR L 5 -0.14 33.76 53.70
N GLN L 6 -0.43 34.73 54.56
CA GLN L 6 0.52 35.17 55.55
C GLN L 6 -0.23 35.66 56.78
N PRO L 7 0.27 35.39 57.98
CA PRO L 7 -0.28 36.05 59.17
C PRO L 7 -0.10 37.55 59.10
N ALA L 8 -1.17 38.28 59.46
CA ALA L 8 -1.13 39.74 59.40
C ALA L 8 -0.16 40.33 60.41
N SER L 9 0.08 39.63 61.52
CA SER L 9 0.95 40.17 62.55
C SER L 9 1.58 39.02 63.32
N VAL L 10 2.66 39.35 64.04
CA VAL L 10 3.35 38.40 64.88
C VAL L 10 3.80 39.17 66.13
N SER L 11 3.73 38.51 67.28
CA SER L 11 4.08 39.11 68.56
C SER L 11 5.34 38.46 69.11
N GLY L 12 5.91 39.09 70.13
CA GLY L 12 7.07 38.50 70.77
C GLY L 12 7.95 39.45 71.54
N SER L 13 8.41 39.00 72.71
CA SER L 13 9.18 39.84 73.61
C SER L 13 10.64 39.83 73.15
N PRO L 14 11.46 40.81 73.58
CA PRO L 14 12.88 40.79 73.21
C PRO L 14 13.56 39.49 73.60
N GLY L 15 14.45 39.02 72.73
CA GLY L 15 15.14 37.77 72.92
C GLY L 15 14.43 36.57 72.35
N GLN L 16 13.16 36.69 71.99
CA GLN L 16 12.41 35.56 71.45
C GLN L 16 12.65 35.43 69.95
N SER L 17 12.81 34.19 69.49
CA SER L 17 13.03 33.90 68.08
C SER L 17 11.69 33.52 67.45
N ILE L 18 11.23 34.33 66.52
CA ILE L 18 9.96 34.10 65.86
C ILE L 18 10.22 33.69 64.42
N THR L 19 9.22 33.05 63.80
CA THR L 19 9.26 32.72 62.39
C THR L 19 7.97 33.18 61.74
N ILE L 20 8.11 33.85 60.60
CA ILE L 20 7.00 34.37 59.80
C ILE L 20 6.95 33.58 58.51
N SER L 21 5.83 32.92 58.26
CA SER L 21 5.72 32.05 57.11
C SER L 21 4.74 32.60 56.09
N CYS L 22 4.95 32.20 54.83
CA CYS L 22 4.04 32.50 53.73
C CYS L 22 3.77 31.23 52.97
N THR L 23 2.50 30.99 52.65
CA THR L 23 2.07 29.76 52.01
C THR L 23 1.40 30.11 50.70
N GLY L 24 1.72 29.38 49.63
CA GLY L 24 1.12 29.57 48.35
C GLY L 24 0.76 28.23 47.70
N THR L 25 0.43 28.30 46.42
CA THR L 25 0.12 27.11 45.65
C THR L 25 1.42 26.37 45.30
N LYS L 26 1.27 25.08 44.97
CA LYS L 26 2.46 24.26 44.69
C LYS L 26 3.05 24.52 43.32
N TYR L 27 2.27 25.03 42.37
CA TYR L 27 2.80 25.36 41.05
C TYR L 27 3.64 26.62 41.11
N ASP L 28 3.27 27.56 41.98
CA ASP L 28 4.07 28.77 42.09
C ASP L 28 5.25 28.60 43.03
N VAL L 29 5.00 28.06 44.22
CA VAL L 29 6.04 28.09 45.24
C VAL L 29 6.98 26.90 45.12
N GLY L 30 6.45 25.71 44.85
CA GLY L 30 7.25 24.50 44.92
C GLY L 30 8.16 24.28 43.74
N SER L 31 7.81 24.81 42.57
CA SER L 31 8.57 24.48 41.36
C SER L 31 9.84 25.29 41.22
N HIS L 32 9.92 26.46 41.85
CA HIS L 32 11.09 27.32 41.70
C HIS L 32 11.45 27.89 43.06
N ASP L 33 12.74 27.86 43.38
CA ASP L 33 13.25 28.40 44.63
C ASP L 33 13.55 29.90 44.55
N LEU L 34 12.51 30.71 44.36
CA LEU L 34 12.66 32.16 44.25
C LEU L 34 11.71 32.82 45.23
N VAL L 35 12.18 33.16 46.42
CA VAL L 35 11.37 33.78 47.46
C VAL L 35 12.23 34.89 48.05
N SER L 36 11.63 36.03 48.38
CA SER L 36 12.37 37.17 48.92
C SER L 36 11.63 37.69 50.15
N TRP L 37 12.35 38.43 50.99
CA TRP L 37 11.72 39.08 52.15
C TRP L 37 12.19 40.52 52.29
N TYR L 38 11.25 41.46 52.34
CA TYR L 38 11.51 42.89 52.35
C TYR L 38 10.89 43.54 53.58
N GLN L 39 11.72 44.12 54.44
CA GLN L 39 11.23 44.89 55.58
C GLN L 39 10.95 46.32 55.12
N GLN L 40 9.79 46.85 55.50
CA GLN L 40 9.48 48.26 55.31
C GLN L 40 9.25 48.89 56.67
N TYR L 41 10.22 49.63 57.16
CA TYR L 41 10.07 50.27 58.46
C TYR L 41 8.99 51.35 58.33
N PRO L 42 8.15 51.55 59.35
CA PRO L 42 7.04 52.52 59.25
C PRO L 42 7.47 53.90 58.76
N GLY L 43 6.76 54.41 57.77
CA GLY L 43 7.06 55.71 57.21
C GLY L 43 8.24 55.75 56.28
N LYS L 44 8.72 54.59 55.83
CA LYS L 44 9.85 54.52 54.90
C LYS L 44 9.53 53.67 53.68
N VAL L 45 10.50 53.61 52.76
CA VAL L 45 10.41 52.79 51.56
C VAL L 45 10.74 51.35 51.97
N PRO L 46 10.49 50.36 51.14
CA PRO L 46 10.86 48.99 51.49
C PRO L 46 12.37 48.89 51.57
N LYS L 47 12.84 47.83 52.25
CA LYS L 47 14.26 47.61 52.42
C LYS L 47 14.56 46.24 51.84
N TYR L 48 15.80 46.02 51.43
CA TYR L 48 16.22 44.77 50.83
C TYR L 48 17.08 44.06 51.86
N MET L 49 16.57 42.96 52.42
CA MET L 49 17.34 42.24 53.42
C MET L 49 17.55 40.76 53.16
N ILE L 50 16.71 40.11 52.38
CA ILE L 50 16.91 38.71 52.05
C ILE L 50 17.03 38.60 50.54
N TYR L 51 18.02 37.82 50.11
CA TYR L 51 18.42 37.59 48.73
C TYR L 51 17.50 36.53 48.16
N GLU L 52 18.09 35.47 47.64
CA GLU L 52 17.43 34.28 47.09
C GLU L 52 16.61 33.57 48.20
N VAL L 53 16.12 32.34 47.95
CA VAL L 53 15.24 31.60 48.89
C VAL L 53 15.82 31.58 50.31
N ASN L 54 17.13 31.46 50.45
CA ASN L 54 17.79 31.52 51.75
C ASN L 54 19.22 32.02 51.61
N LYS L 55 19.36 33.27 51.19
CA LYS L 55 20.65 33.92 51.03
C LYS L 55 20.48 35.33 51.57
N ARG L 56 21.58 36.07 51.65
CA ARG L 56 21.52 37.42 52.20
C ARG L 56 22.24 38.39 51.27
N PRO L 57 21.75 39.62 51.15
CA PRO L 57 22.46 40.64 50.37
C PRO L 57 23.82 41.04 50.94
N SER L 58 24.49 41.94 50.22
CA SER L 58 25.82 42.39 50.61
C SER L 58 25.73 43.36 51.80
N GLY L 59 26.46 43.05 52.87
CA GLY L 59 26.50 43.91 54.03
C GLY L 59 25.25 43.90 54.89
N VAL L 60 24.58 42.76 54.98
CA VAL L 60 23.36 42.63 55.77
C VAL L 60 23.67 41.71 56.93
N SER L 61 22.99 41.92 58.06
CA SER L 61 23.15 41.10 59.26
C SER L 61 22.69 39.66 59.02
N ASN L 62 23.33 38.74 59.73
CA ASN L 62 23.03 37.32 59.68
C ASN L 62 21.89 36.89 60.59
N ARG L 63 21.18 37.82 61.22
CA ARG L 63 20.16 37.45 62.19
C ARG L 63 18.90 36.89 61.54
N PHE L 64 18.70 37.13 60.25
CA PHE L 64 17.58 36.59 59.52
C PHE L 64 18.06 35.55 58.51
N SER L 65 17.29 34.49 58.37
CA SER L 65 17.58 33.43 57.41
C SER L 65 16.25 32.87 56.96
N GLY L 66 16.25 31.79 56.19
CA GLY L 66 15.00 31.22 55.76
C GLY L 66 15.11 29.75 55.40
N SER L 67 14.00 29.20 54.92
CA SER L 67 13.87 27.82 54.48
C SER L 67 12.58 27.71 53.69
N LYS L 68 12.52 26.75 52.77
CA LYS L 68 11.30 26.44 52.06
C LYS L 68 10.90 25.01 52.37
N SER L 69 9.69 24.84 52.86
CA SER L 69 9.17 23.53 53.27
C SER L 69 7.87 23.28 52.52
N GLY L 70 7.90 22.34 51.59
CA GLY L 70 6.74 22.02 50.78
C GLY L 70 6.30 23.15 49.89
N ASN L 71 5.13 23.73 50.18
CA ASN L 71 4.59 24.80 49.37
C ASN L 71 4.51 26.10 50.17
N THR L 72 5.32 26.19 51.23
CA THR L 72 5.38 27.37 52.07
C THR L 72 6.83 27.57 52.47
N ALA L 73 7.13 28.81 52.85
CA ALA L 73 8.46 29.17 53.31
C ALA L 73 8.34 30.11 54.50
N SER L 74 9.41 30.22 55.27
CA SER L 74 9.38 31.05 56.47
C SER L 74 10.67 31.85 56.59
N LEU L 75 10.57 33.01 57.26
CA LEU L 75 11.70 33.86 57.59
C LEU L 75 12.16 33.52 58.99
N THR L 76 13.37 32.99 59.11
CA THR L 76 13.95 32.63 60.42
C THR L 76 14.53 33.89 61.05
N ILE L 77 13.93 34.32 62.16
CA ILE L 77 14.29 35.55 62.84
C ILE L 77 14.87 35.19 64.20
N SER L 78 16.02 35.77 64.53
CA SER L 78 16.67 35.59 65.83
C SER L 78 15.99 36.47 66.89
N GLY L 79 16.68 36.71 68.00
CA GLY L 79 16.06 37.43 69.10
C GLY L 79 15.53 38.79 68.66
N LEU L 80 14.35 39.14 69.15
CA LEU L 80 13.75 40.43 68.84
C LEU L 80 14.34 41.53 69.73
N ARG L 81 14.03 42.78 69.38
CA ARG L 81 14.53 43.96 70.03
C ARG L 81 13.67 45.13 69.61
N ALA L 82 14.01 46.32 70.09
CA ALA L 82 13.15 47.48 69.84
C ALA L 82 13.20 47.92 68.37
N GLU L 83 14.29 47.61 67.66
CA GLU L 83 14.45 48.03 66.28
C GLU L 83 13.75 47.15 65.26
N ASP L 84 13.10 46.06 65.68
CA ASP L 84 12.49 45.14 64.72
C ASP L 84 10.99 45.36 64.57
N GLU L 85 10.49 46.55 64.87
CA GLU L 85 9.06 46.85 64.73
C GLU L 85 8.81 47.36 63.32
N ALA L 86 8.50 46.45 62.41
CA ALA L 86 8.31 46.85 61.02
C ALA L 86 7.40 45.86 60.31
N ASP L 87 6.87 46.29 59.17
CA ASP L 87 6.01 45.43 58.36
C ASP L 87 6.88 44.62 57.41
N TYR L 88 6.91 43.30 57.59
CA TYR L 88 7.64 42.44 56.66
C TYR L 88 6.70 42.00 55.54
N TYR L 89 7.26 41.93 54.34
CA TYR L 89 6.54 41.51 53.15
C TYR L 89 7.25 40.33 52.53
N CYS L 90 6.51 39.48 51.84
CA CYS L 90 7.14 38.37 51.14
C CYS L 90 6.68 38.37 49.70
N CYS L 91 7.59 37.99 48.81
CA CYS L 91 7.31 37.90 47.39
C CYS L 91 7.92 36.60 46.89
N SER L 92 7.36 36.04 45.83
CA SER L 92 7.94 34.86 45.23
C SER L 92 7.52 34.77 43.79
N PHE L 93 8.10 33.80 43.08
CA PHE L 93 7.80 33.62 41.67
C PHE L 93 6.33 33.34 41.46
N GLY L 94 5.74 34.06 40.51
CA GLY L 94 4.34 33.86 40.19
C GLY L 94 4.09 32.75 39.19
N GLY L 95 2.95 32.81 38.51
CA GLY L 95 2.55 31.79 37.57
C GLY L 95 3.47 31.57 36.39
N SER L 96 3.53 32.53 35.47
CA SER L 96 4.31 32.35 34.26
C SER L 96 5.56 33.23 34.24
N ALA L 97 5.41 34.53 34.17
CA ALA L 97 6.56 35.41 34.16
C ALA L 97 6.27 36.65 34.97
N THR L 98 5.66 36.48 36.13
CA THR L 98 5.27 37.57 37.01
C THR L 98 5.74 37.28 38.42
N VAL L 99 5.64 38.26 39.30
CA VAL L 99 6.05 38.08 40.68
C VAL L 99 4.85 38.32 41.59
N VAL L 100 4.59 37.36 42.48
CA VAL L 100 3.44 37.45 43.38
C VAL L 100 3.93 37.95 44.72
N CYS L 101 3.19 38.86 45.35
CA CYS L 101 3.58 39.39 46.63
C CYS L 101 2.43 39.30 47.64
N GLY L 102 2.82 39.15 48.91
CA GLY L 102 1.87 39.06 50.00
C GLY L 102 1.46 40.41 50.54
N GLY L 103 0.73 40.34 51.66
CA GLY L 103 0.18 41.53 52.28
C GLY L 103 1.07 42.16 53.33
N GLY L 104 1.51 41.38 54.31
CA GLY L 104 2.37 41.93 55.33
C GLY L 104 2.23 41.22 56.65
N THR L 105 3.29 41.34 57.46
CA THR L 105 3.28 40.83 58.82
C THR L 105 3.79 41.95 59.72
N LYS L 106 2.89 42.53 60.49
CA LYS L 106 3.22 43.64 61.37
C LYS L 106 3.84 43.08 62.64
N VAL L 107 5.14 43.30 62.82
CA VAL L 107 5.82 42.73 63.98
C VAL L 107 5.58 43.64 65.17
N THR L 108 5.08 43.07 66.26
CA THR L 108 4.79 43.82 67.47
C THR L 108 5.74 43.31 68.54
N VAL L 109 6.70 44.13 68.93
CA VAL L 109 7.65 43.72 69.96
C VAL L 109 7.05 44.05 71.33
N LEU L 110 7.02 43.06 72.22
CA LEU L 110 6.35 43.18 73.50
C LEU L 110 7.34 43.70 74.55
C1 NAG M . 5.70 6.49 -48.47
C2 NAG M . 6.97 7.01 -48.88
C3 NAG M . 6.74 8.41 -49.20
C4 NAG M . 5.87 8.43 -50.38
C5 NAG M . 4.65 7.83 -49.85
C6 NAG M . 3.48 7.93 -50.75
C7 NAG M . 7.64 7.81 -46.84
C8 NAG M . 8.89 8.38 -46.29
N2 NAG M . 7.83 6.93 -47.75
O3 NAG M . 8.01 8.92 -49.47
O4 NAG M . 5.58 9.68 -50.87
O5 NAG M . 4.89 6.53 -49.54
O6 NAG M . 3.99 7.70 -52.05
O7 NAG M . 6.55 8.16 -46.53
C1 NAG M . 6.41 9.86 -52.00
C2 NAG M . 5.75 10.98 -52.65
C3 NAG M . 6.45 11.50 -53.83
C4 NAG M . 7.71 11.99 -53.24
C5 NAG M . 8.38 10.85 -52.56
C6 NAG M . 9.53 11.48 -51.83
C7 NAG M . 3.58 11.39 -52.31
C8 NAG M . 3.94 12.77 -51.85
N2 NAG M . 4.43 10.69 -53.01
O3 NAG M . 5.65 12.54 -54.39
O4 NAG M . 8.68 12.32 -54.19
O5 NAG M . 7.57 10.39 -51.54
O6 NAG M . 9.00 12.48 -50.95
O7 NAG M . 2.53 10.92 -52.03
C1 BMA M . 8.47 13.59 -54.82
C2 BMA M . 9.71 14.41 -54.77
C3 BMA M . 9.48 15.55 -55.72
C4 BMA M . 9.33 15.02 -57.08
C5 BMA M . 8.13 14.19 -57.00
C6 BMA M . 8.11 13.55 -58.33
O2 BMA M . 10.77 13.56 -55.19
O3 BMA M . 10.33 16.68 -55.80
O4 BMA M . 8.90 16.04 -57.93
O5 BMA M . 8.35 13.15 -56.13
O6 BMA M . 6.77 13.54 -58.79
C1 MAN M . 6.66 14.51 -59.82
C2 MAN M . 5.23 14.58 -60.18
C3 MAN M . 4.84 13.22 -60.67
C4 MAN M . 5.66 12.86 -61.88
C5 MAN M . 7.08 12.85 -61.47
C6 MAN M . 7.96 12.35 -62.59
O2 MAN M . 5.15 15.50 -61.25
O3 MAN M . 3.51 13.28 -61.09
O4 MAN M . 5.46 11.52 -62.23
O5 MAN M . 7.39 14.15 -61.00
O6 MAN M . 7.66 10.96 -62.74
C1 NAG N . 13.38 13.21 -38.67
C2 NAG N . 14.25 12.21 -38.07
C3 NAG N . 15.54 12.16 -38.77
C4 NAG N . 15.19 11.70 -40.13
C5 NAG N . 14.27 12.71 -40.70
C6 NAG N . 13.75 12.31 -42.03
C7 NAG N . 14.15 13.62 -36.17
C8 NAG N . 15.05 14.74 -36.55
N2 NAG N . 14.39 12.44 -36.68
O3 NAG N . 16.23 11.11 -38.15
O4 NAG N . 16.40 11.62 -40.86
O5 NAG N . 13.12 12.74 -39.96
O6 NAG N . 14.76 12.89 -42.81
O7 NAG N . 13.17 13.77 -35.48
C1 NAG N . 15.27 12.00 -43.80
C2 NAG N . 16.59 12.52 -44.30
C3 NAG N . 17.08 11.44 -45.24
C4 NAG N . 17.25 10.13 -44.54
C5 NAG N . 15.92 9.73 -44.03
C6 NAG N . 16.14 8.54 -43.15
C7 NAG N . 16.71 15.02 -44.17
C8 NAG N . 17.39 16.25 -44.71
N2 NAG N . 16.60 13.88 -44.87
O3 NAG N . 18.36 11.75 -45.74
O4 NAG N . 17.62 9.15 -45.48
O5 NAG N . 15.51 10.74 -43.19
O6 NAG N . 15.86 7.40 -43.97
O7 NAG N . 16.25 15.06 -43.06
C1 NAG O . 11.85 21.45 -34.17
C2 NAG O . 12.84 22.49 -34.56
C3 NAG O . 14.05 22.37 -33.75
C4 NAG O . 13.71 22.61 -32.37
C5 NAG O . 12.71 21.56 -32.02
C6 NAG O . 12.14 21.87 -30.68
C7 NAG O . 13.52 21.01 -36.15
C8 NAG O . 13.02 20.64 -37.49
N2 NAG O . 13.33 22.25 -35.86
O3 NAG O . 14.74 23.52 -34.04
O4 NAG O . 14.90 22.47 -31.63
O5 NAG O . 11.60 21.69 -32.84
O6 NAG O . 11.84 23.26 -30.64
O7 NAG O . 13.89 20.22 -35.34
C1 NAG O . 15.10 23.68 -30.92
C2 NAG O . 16.43 23.69 -30.26
C3 NAG O . 16.69 24.99 -29.57
C4 NAG O . 16.74 26.07 -30.56
C5 NAG O . 15.39 26.00 -31.22
C6 NAG O . 15.42 26.97 -32.37
C7 NAG O . 15.37 22.03 -28.94
C8 NAG O . 14.46 22.77 -28.01
N2 NAG O . 16.47 22.65 -29.30
O3 NAG O . 17.96 24.97 -28.94
O4 NAG O . 16.85 27.28 -29.81
O5 NAG O . 15.17 24.74 -31.83
O6 NAG O . 16.60 26.65 -33.11
O7 NAG O . 15.10 20.96 -29.40
C1 BMA O . 18.00 28.06 -30.18
C2 BMA O . 17.74 29.55 -30.12
C3 BMA O . 18.89 30.30 -30.69
C4 BMA O . 20.08 29.99 -29.83
C5 BMA O . 20.29 28.47 -29.89
C6 BMA O . 21.53 27.98 -29.14
O2 BMA O . 17.69 29.93 -28.75
O3 BMA O . 18.67 31.70 -30.58
O4 BMA O . 21.12 30.71 -30.45
O5 BMA O . 19.14 27.82 -29.38
O6 BMA O . 21.96 26.66 -29.57
C1 NAG P . -16.73 -6.91 -48.37
C2 NAG P . -16.96 -6.52 -49.80
C3 NAG P . -17.83 -5.29 -49.78
C4 NAG P . -19.13 -5.67 -49.10
C5 NAG P . -18.80 -6.09 -47.70
C6 NAG P . -19.95 -6.35 -46.78
C7 NAG P . -15.39 -5.01 -50.88
C8 NAG P . -14.45 -5.11 -52.03
N2 NAG P . -15.66 -6.15 -50.27
O3 NAG P . -18.07 -4.85 -51.10
O4 NAG P . -20.12 -4.67 -49.14
O5 NAG P . -17.97 -7.21 -47.77
O6 NAG P . -20.87 -7.17 -47.49
O7 NAG P . -15.86 -3.94 -50.56
C1 NAG P . -20.95 -5.07 -50.24
C2 NAG P . -22.43 -5.00 -50.00
C3 NAG P . -23.15 -5.80 -51.04
C4 NAG P . -22.77 -5.24 -52.38
C5 NAG P . -21.26 -5.30 -52.56
C6 NAG P . -20.96 -4.61 -53.87
C7 NAG P . -23.84 -4.57 -48.24
C8 NAG P . -24.00 -4.55 -46.76
N2 NAG P . -22.89 -5.35 -48.70
O3 NAG P . -24.54 -5.63 -50.81
O4 NAG P . -23.34 -6.10 -53.37
O5 NAG P . -20.64 -4.56 -51.51
O6 NAG P . -19.62 -4.10 -53.90
O7 NAG P . -24.50 -3.90 -48.98
C1 NAG Q . 10.79 -4.04 -33.21
C2 NAG Q . 10.62 -2.95 -32.22
C3 NAG Q . 11.05 -1.71 -32.81
C4 NAG Q . 12.49 -1.83 -32.99
C5 NAG Q . 12.63 -2.92 -33.96
C6 NAG Q . 14.10 -3.13 -34.02
C7 NAG Q . 8.47 -2.32 -32.55
C8 NAG Q . 7.37 -1.73 -31.80
N2 NAG Q . 9.31 -2.86 -31.78
O3 NAG Q . 10.68 -0.63 -32.03
O4 NAG Q . 12.94 -0.70 -33.63
O5 NAG Q . 12.15 -4.06 -33.37
O6 NAG Q . 14.53 -2.26 -35.05
O7 NAG Q . 8.55 -2.33 -33.73
C1 NAG Q . 13.68 0.04 -32.72
C2 NAG Q . 14.17 1.10 -33.63
C3 NAG Q . 14.84 2.12 -32.77
C4 NAG Q . 13.91 2.82 -31.87
C5 NAG Q . 13.46 1.61 -31.15
C6 NAG Q . 13.26 1.72 -29.69
C7 NAG Q . 16.44 0.69 -34.26
C8 NAG Q . 17.33 -0.49 -34.22
N2 NAG Q . 15.16 0.44 -34.41
O3 NAG Q . 15.46 3.09 -33.56
O4 NAG Q . 14.77 3.42 -30.98
O5 NAG Q . 12.77 0.65 -31.87
O6 NAG Q . 14.65 1.86 -29.45
O7 NAG Q . 16.85 1.81 -34.15
C1 BMA Q . 14.64 4.82 -30.85
C2 BMA Q . 15.33 5.04 -29.50
C3 BMA Q . 15.64 6.49 -29.30
C4 BMA Q . 16.55 6.86 -30.40
C5 BMA Q . 15.86 6.64 -31.72
C6 BMA Q . 16.78 7.08 -32.85
O2 BMA Q . 16.62 4.42 -29.43
O3 BMA Q . 16.35 6.67 -28.11
O4 BMA Q . 16.99 8.21 -30.27
O5 BMA Q . 15.56 5.26 -31.82
O6 BMA Q . 18.16 7.02 -32.47
C1 MAN Q . 15.55 7.72 -27.66
C2 MAN Q . 16.15 8.25 -26.41
C3 MAN Q . 16.25 7.13 -25.41
C4 MAN Q . 14.87 6.59 -25.23
C5 MAN Q . 14.30 6.15 -26.54
C6 MAN Q . 12.82 6.06 -26.23
O2 MAN Q . 15.17 9.20 -25.96
O3 MAN Q . 16.92 7.41 -24.15
O4 MAN Q . 15.06 5.47 -24.39
O5 MAN Q . 14.27 7.22 -27.43
O6 MAN Q . 12.35 7.30 -25.69
C1 NAG R . -45.68 -9.84 15.48
C2 NAG R . -46.54 -10.47 14.52
C3 NAG R . -47.45 -9.42 14.04
C4 NAG R . -48.29 -9.05 15.18
C5 NAG R . -47.30 -8.48 16.09
C6 NAG R . -47.88 -7.79 17.27
C7 NAG R . -45.31 -9.97 12.65
C8 NAG R . -45.38 -10.35 11.22
N2 NAG R . -45.71 -10.89 13.45
O3 NAG R . -48.17 -10.03 13.03
O4 NAG R . -49.25 -8.10 14.91
O5 NAG R . -46.47 -9.47 16.52
O6 NAG R . -48.98 -8.56 17.66
O7 NAG R . -45.00 -8.90 13.05
C1 NAG R . -50.46 -8.80 14.79
C2 NAG R . -51.43 -7.71 14.92
C3 NAG R . -52.82 -8.11 14.70
C4 NAG R . -52.81 -8.54 13.29
C5 NAG R . -51.81 -9.64 13.15
C6 NAG R . -51.72 -9.87 11.68
C7 NAG R . -50.89 -5.84 15.99
C8 NAG R . -51.22 -5.06 14.76
N2 NAG R . -51.33 -7.05 16.14
O3 NAG R . -53.62 -6.95 14.93
O4 NAG R . -53.97 -9.20 12.90
O5 NAG R . -50.56 -9.16 13.48
O6 NAG R . -51.34 -8.63 11.06
O7 NAG R . -50.21 -5.35 16.84
C1 BMA R . -55.07 -8.33 12.63
C2 BMA R . -55.67 -8.63 11.30
C3 BMA R . -56.99 -7.90 11.27
C4 BMA R . -57.86 -8.43 12.31
C5 BMA R . -57.15 -8.14 13.56
C6 BMA R . -57.98 -8.84 14.56
O2 BMA R . -55.84 -10.05 11.26
O3 BMA R . -57.77 -7.75 10.10
O4 BMA R . -58.98 -7.62 12.43
O5 BMA R . -55.95 -8.81 13.58
O6 BMA R . -58.09 -7.99 15.69
C1 MAN R . -59.42 -7.48 15.72
C2 MAN R . -59.48 -6.50 16.82
C3 MAN R . -59.16 -7.24 18.08
C4 MAN R . -60.19 -8.32 18.29
C5 MAN R . -60.11 -9.24 17.14
C6 MAN R . -61.01 -10.44 17.35
O2 MAN R . -60.81 -6.04 16.87
O3 MAN R . -59.28 -6.36 19.16
O4 MAN R . -59.80 -9.17 19.35
O5 MAN R . -60.40 -8.49 15.98
O6 MAN R . -60.42 -11.19 18.40
C1 NAG S . -42.08 -8.64 1.85
C2 NAG S . -41.28 -9.81 1.53
C3 NAG S . -42.11 -10.90 1.03
C4 NAG S . -42.98 -11.24 2.16
C5 NAG S . -43.76 -10.03 2.49
C6 NAG S . -44.60 -10.22 3.70
C7 NAG S . -40.30 -8.38 -0.09
C8 NAG S . -41.33 -8.33 -1.15
N2 NAG S . -40.22 -9.45 0.66
O3 NAG S . -41.21 -11.96 0.85
O4 NAG S . -43.81 -12.30 1.73
O5 NAG S . -42.91 -9.04 2.90
O6 NAG S . -45.75 -10.70 3.05
O7 NAG S . -39.58 -7.44 0.16
C1 NAG S . -46.26 -11.87 3.67
C2 NAG S . -47.21 -12.55 2.72
C3 NAG S . -47.61 -13.83 3.45
C4 NAG S . -46.41 -14.69 3.73
C5 NAG S . -45.52 -13.92 4.61
C6 NAG S . -44.24 -14.69 4.72
C7 NAG S . -48.32 -10.93 1.18
C8 NAG S . -49.51 -10.68 0.28
N2 NAG S . -48.36 -11.77 2.23
O3 NAG S . -48.44 -14.63 2.64
O4 NAG S . -46.83 -15.81 4.48
O5 NAG S . -45.20 -12.76 3.93
O6 NAG S . -44.35 -15.44 5.93
O7 NAG S . -47.30 -10.33 0.94
C1 NAG T . -41.86 -1.03 -3.86
C2 NAG T . -42.89 -1.11 -4.93
C3 NAG T . -42.39 -1.87 -6.07
C4 NAG T . -41.25 -1.18 -6.63
C5 NAG T . -40.24 -1.11 -5.53
C6 NAG T . -39.13 -0.22 -5.95
C7 NAG T . -43.68 -2.92 -3.81
C8 NAG T . -44.55 -3.11 -2.63
N2 NAG T . -43.98 -1.89 -4.51
O3 NAG T . -43.33 -1.65 -7.04
O4 NAG T . -40.79 -1.96 -7.70
O5 NAG T . -40.78 -0.41 -4.45
O6 NAG T . -39.71 0.94 -6.54
O7 NAG T . -42.69 -3.56 -4.00
C1 NAG T . -40.80 -1.13 -8.85
C2 NAG T . -40.51 -1.92 -10.07
C3 NAG T . -40.59 -1.08 -11.32
C4 NAG T . -41.96 -0.59 -11.48
C5 NAG T . -42.23 0.18 -10.21
C6 NAG T . -43.68 0.56 -10.23
C7 NAG T . -38.37 -2.02 -9.06
C8 NAG T . -37.75 -0.68 -9.29
N2 NAG T . -39.20 -2.44 -9.98
O3 NAG T . -40.30 -1.85 -12.46
O4 NAG T . -41.92 0.30 -12.60
O5 NAG T . -42.10 -0.65 -9.07
O6 NAG T . -44.39 -0.64 -10.49
O7 NAG T . -38.21 -2.66 -8.05
C1 BMA T . -42.85 -0.06 -13.64
C2 BMA T . -43.46 1.15 -14.31
C3 BMA T . -44.55 0.72 -15.26
C4 BMA T . -43.90 -0.14 -16.28
C5 BMA T . -43.27 -1.33 -15.56
C6 BMA T . -42.64 -2.38 -16.48
O2 BMA T . -42.45 1.74 -15.14
O3 BMA T . -45.07 1.85 -15.93
O4 BMA T . -44.98 -0.51 -17.11
O5 BMA T . -42.28 -0.85 -14.65
O6 BMA T . -42.46 -3.66 -15.82
C1 NAG U . -34.65 -3.07 38.18
C2 NAG U . -36.02 -2.95 38.79
C3 NAG U . -36.41 -1.50 38.69
C4 NAG U . -35.39 -0.70 39.45
C5 NAG U . -34.05 -0.92 38.80
C6 NAG U . -32.91 -0.09 39.30
C7 NAG U . -37.98 -3.26 37.38
C8 NAG U . -39.10 -4.24 37.35
N2 NAG U . -36.86 -3.71 37.92
O3 NAG U . -37.70 -1.31 39.23
O4 NAG U . -35.69 0.67 39.60
O5 NAG U . -33.75 -2.27 38.90
O6 NAG U . -32.94 -0.14 40.72
O7 NAG U . -38.12 -2.14 36.96
C1 NAG U . -36.27 0.75 40.90
C2 NAG U . -35.80 1.90 41.75
C3 NAG U . -36.16 1.64 43.18
C4 NAG U . -37.65 1.47 43.24
C5 NAG U . -38.07 0.33 42.34
C6 NAG U . -39.59 0.30 42.37
C7 NAG U . -34.22 3.55 41.63
C8 NAG U . -32.93 3.99 41.02
N2 NAG U . -34.43 2.26 41.65
O3 NAG U . -35.77 2.78 43.91
O4 NAG U . -37.97 1.09 44.57
O5 NAG U . -37.67 0.61 41.00
O6 NAG U . -40.13 -0.30 41.19
O7 NAG U . -35.05 4.32 42.06
C1 NAG V . -28.64 -17.34 10.68
C2 NAG V . -28.29 -16.28 9.71
C3 NAG V . -29.48 -15.86 9.02
C4 NAG V . -29.86 -16.99 8.19
C5 NAG V . -30.20 -18.04 9.15
C6 NAG V . -30.45 -19.24 8.31
C7 NAG V . -28.44 -14.40 10.99
C8 NAG V . -27.86 -13.07 11.04
N2 NAG V . -27.70 -15.20 10.35
O3 NAG V . -29.24 -14.70 8.28
O4 NAG V . -31.04 -16.68 7.56
O5 NAG V . -29.05 -18.35 9.84
O6 NAG V . -31.83 -19.16 8.01
O7 NAG V . -29.46 -14.72 11.49
C1 NAG V . -30.77 -16.51 6.21
C2 NAG V . -32.15 -16.33 5.70
C3 NAG V . -32.04 -15.93 4.27
C4 NAG V . -31.41 -14.61 4.09
C5 NAG V . -30.13 -14.97 4.73
C6 NAG V . -28.89 -14.43 4.11
C7 NAG V . -32.96 -18.34 4.69
C8 NAG V . -32.54 -19.76 4.73
N2 NAG V . -32.70 -17.64 5.76
O3 NAG V . -33.30 -15.88 3.69
O4 NAG V . -31.12 -14.63 2.75
O5 NAG V . -30.15 -15.28 6.07
O6 NAG V . -29.03 -15.27 2.97
O7 NAG V . -33.47 -17.85 3.73
C1 BMA V . -31.64 -13.56 1.98
C2 BMA V . -30.75 -13.62 0.76
C3 BMA V . -31.31 -12.80 -0.36
C4 BMA V . -32.62 -13.43 -0.67
C5 BMA V . -33.50 -13.37 0.55
C6 BMA V . -34.86 -13.96 0.21
O2 BMA V . -30.64 -14.93 0.19
O3 BMA V . -30.53 -12.93 -1.51
O4 BMA V . -33.24 -12.80 -1.79
O5 BMA V . -32.87 -14.11 1.57
O6 BMA V . -34.79 -14.90 -0.87
C1 MAN V . -30.49 -11.56 -1.76
C2 MAN V . -29.78 -11.36 -3.06
C3 MAN V . -28.42 -11.99 -2.99
C4 MAN V . -27.73 -11.33 -1.83
C5 MAN V . -28.53 -11.52 -0.57
C6 MAN V . -27.92 -10.47 0.34
O2 MAN V . -29.66 -9.94 -3.14
O3 MAN V . -27.61 -12.00 -4.20
O4 MAN V . -26.52 -12.05 -1.73
O5 MAN V . -29.80 -10.96 -0.73
O6 MAN V . -27.96 -9.18 -0.30
C1 NAG W . 27.20 28.81 29.20
C2 NAG W . 26.85 28.79 30.60
C3 NAG W . 26.13 30.03 30.85
C4 NAG W . 27.09 31.12 30.68
C5 NAG W . 27.40 31.00 29.26
C6 NAG W . 28.18 32.12 28.70
C7 NAG W . 24.76 27.86 30.38
C8 NAG W . 23.74 27.35 31.31
N2 NAG W . 25.97 27.69 30.78
O3 NAG W . 25.70 29.92 32.17
O4 NAG W . 26.61 32.38 30.93
O5 NAG W . 28.07 29.83 29.05
O6 NAG W . 29.12 32.46 29.71
O7 NAG W . 24.53 28.45 29.37
C1 NAG W . 27.08 32.74 32.20
C2 NAG W . 26.87 34.18 32.19
C3 NAG W . 27.15 34.85 33.46
C4 NAG W . 26.15 34.25 34.35
C5 NAG W . 26.36 32.78 34.36
C6 NAG W . 25.19 32.25 35.13
C7 NAG W . 26.78 35.29 30.26
C8 NAG W . 25.42 35.80 30.64
N2 NAG W . 27.58 34.81 31.16
O3 NAG W . 26.95 36.24 33.25
O4 NAG W . 26.37 34.54 35.71
O5 NAG W . 26.15 32.28 33.09
O6 NAG W . 23.99 32.69 34.47
O7 NAG W . 27.13 35.33 29.12
C1 BMA W . 25.94 35.85 36.09
C2 BMA W . 25.07 35.79 37.30
C3 BMA W . 24.97 37.21 37.80
C4 BMA W . 26.29 37.68 38.20
C5 BMA W . 27.08 37.65 36.96
C6 BMA W . 28.43 37.97 37.44
O2 BMA W . 25.75 34.94 38.22
O3 BMA W . 24.06 37.61 38.81
O4 BMA W . 26.24 39.05 38.44
O5 BMA W . 27.17 36.35 36.52
O6 BMA W . 29.02 38.86 36.51
C1 MAN W . 29.06 40.15 37.12
C2 MAN W . 29.54 41.08 36.07
C3 MAN W . 30.91 40.61 35.68
C4 MAN W . 31.82 40.66 36.88
C5 MAN W . 31.26 39.74 37.90
C6 MAN W . 32.20 39.61 39.08
O2 MAN W . 29.64 42.34 36.70
O3 MAN W . 31.44 41.53 34.75
O4 MAN W . 33.04 40.04 36.59
O5 MAN W . 29.97 40.21 38.21
O6 MAN W . 33.34 38.90 38.60
C1 NAG X . 14.25 24.21 32.55
C2 NAG X . 14.36 22.79 32.80
C3 NAG X . 14.62 22.52 34.22
C4 NAG X . 15.93 23.14 34.47
C5 NAG X . 15.80 24.59 34.17
C6 NAG X . 17.08 25.31 34.27
C7 NAG X . 12.10 22.72 32.12
C8 NAG X . 11.37 23.25 33.30
N2 NAG X . 13.23 22.10 32.31
O3 NAG X . 14.79 21.13 34.29
O4 NAG X . 16.24 22.92 35.83
O5 NAG X . 15.50 24.74 32.84
O6 NAG X . 17.00 25.66 35.63
O7 NAG X . 11.72 22.90 30.98
C1 NAG X . 18.19 25.36 36.34
C2 NAG X . 17.89 25.36 37.82
C3 NAG X . 19.20 24.92 38.46
C4 NAG X . 19.61 23.56 37.99
C5 NAG X . 19.82 23.64 36.53
C6 NAG X . 20.02 22.24 36.05
C7 NAG X . 16.02 26.92 38.39
C8 NAG X . 15.39 27.73 39.48
N2 NAG X . 17.33 26.59 38.39
O3 NAG X . 19.06 24.80 39.85
O4 NAG X . 20.87 23.25 38.54
O5 NAG X . 18.62 24.05 35.99
O6 NAG X . 21.43 22.06 35.97
O7 NAG X . 15.33 26.55 37.47
C1 NAG Y . 5.68 28.00 30.85
C2 NAG Y . 5.01 28.45 32.10
C3 NAG Y . 4.30 27.34 32.73
C4 NAG Y . 3.26 26.88 31.82
C5 NAG Y . 3.98 26.46 30.58
C6 NAG Y . 2.96 26.19 29.53
C7 NAG Y . 7.00 28.02 33.11
C8 NAG Y . 8.27 28.76 33.25
N2 NAG Y . 5.96 28.78 33.08
O3 NAG Y . 3.55 27.95 33.70
O4 NAG Y . 2.62 25.81 32.47
O5 NAG Y . 4.66 27.54 30.05
O6 NAG Y . 2.02 27.25 29.54
O7 NAG Y . 6.94 26.85 32.89
C1 NAG Y . 1.25 26.14 32.55
C2 NAG Y . 0.53 25.14 33.37
C3 NAG Y . -0.92 25.50 33.55
C4 NAG Y . -1.02 26.77 34.28
C5 NAG Y . -0.25 27.74 33.44
C6 NAG Y . -0.16 29.02 34.21
C7 NAG Y . 1.00 23.78 31.50
C8 NAG Y . 0.04 24.20 30.43
N2 NAG Y . 0.58 23.88 32.73
O3 NAG Y . -1.59 24.54 34.33
O4 NAG Y . -2.41 27.11 34.28
O5 NAG Y . 1.11 27.33 33.26
O6 NAG Y . 0.34 28.66 35.49
O7 NAG Y . 2.13 23.45 31.26
C1 BMA Y . -2.93 27.30 35.61
C2 BMA Y . -3.97 28.40 35.66
C3 BMA Y . -4.36 28.68 37.08
C4 BMA Y . -4.96 27.42 37.62
C5 BMA Y . -3.88 26.33 37.51
C6 BMA Y . -4.30 24.98 38.11
O2 BMA Y . -5.17 27.91 35.05
O3 BMA Y . -5.37 29.67 37.13
O4 BMA Y . -5.26 27.76 38.96
O5 BMA Y . -3.55 26.15 36.15
O6 BMA Y . -3.16 24.13 38.40
C1 NAG Z . 41.13 30.39 7.17
C2 NAG Z . 41.87 31.57 7.73
C3 NAG Z . 41.18 32.81 7.23
C4 NAG Z . 41.24 32.79 5.73
C5 NAG Z . 40.52 31.57 5.26
C6 NAG Z . 40.31 31.42 3.77
C7 NAG Z . 41.22 32.45 9.90
C8 NAG Z . 41.88 32.57 11.23
N2 NAG Z . 41.67 31.47 9.14
O3 NAG Z . 41.81 33.96 7.75
O4 NAG Z . 40.77 33.96 5.10
O5 NAG Z . 41.19 30.45 5.76
O6 NAG Z . 41.56 31.71 3.16
O7 NAG Z . 40.35 33.22 9.57
C1 NAG Z . 41.96 34.70 4.82
C2 NAG Z . 42.05 35.33 3.47
C3 NAG Z . 43.47 35.71 3.18
C4 NAG Z . 43.91 36.66 4.27
C5 NAG Z . 43.76 35.99 5.61
C6 NAG Z . 44.11 37.05 6.65
C7 NAG Z . 40.83 35.30 1.53
C8 NAG Z . 39.84 34.57 0.69
N2 NAG Z . 41.51 34.58 2.38
O3 NAG Z . 43.47 36.36 1.93
O4 NAG Z . 45.29 36.90 4.05
O5 NAG Z . 42.40 35.62 5.81
O6 NAG Z . 43.50 36.77 7.91
O7 NAG Z . 41.00 36.49 1.44
C1 NAG AA . 23.22 10.71 24.11
C2 NAG AA . 21.82 10.97 23.73
C3 NAG AA . 21.26 11.94 24.64
C4 NAG AA . 21.17 11.27 25.93
C5 NAG AA . 22.56 11.01 26.28
C6 NAG AA . 22.46 10.20 27.52
C7 NAG AA . 22.03 12.61 22.18
C8 NAG AA . 21.33 13.12 21.01
N2 NAG AA . 21.72 11.42 22.42
O3 NAG AA . 20.03 12.41 24.18
O4 NAG AA . 20.72 12.18 26.84
O5 NAG AA . 23.07 10.14 25.35
O6 NAG AA . 22.45 11.16 28.55
O7 NAG AA . 22.83 13.23 22.81
C1 NAG AA . 19.43 11.82 27.21
C2 NAG AA . 19.19 12.81 28.28
C3 NAG AA . 17.75 12.70 28.66
C4 NAG AA . 16.85 13.12 27.58
C5 NAG AA . 17.30 12.11 26.61
C6 NAG AA . 16.26 11.46 25.77
C7 NAG AA . 19.46 11.81 30.44
C8 NAG AA . 20.08 10.55 30.93
N2 NAG AA . 19.98 12.33 29.37
O3 NAG AA . 17.49 13.51 29.77
O4 NAG AA . 15.65 12.62 28.03
O5 NAG AA . 18.61 12.19 26.16
O6 NAG AA . 15.71 10.75 26.87
O7 NAG AA . 18.50 12.30 30.98
C1 BMA AA . 14.59 13.55 28.16
C2 BMA AA . 13.38 12.62 28.15
C3 BMA AA . 12.16 13.33 28.62
C4 BMA AA . 12.46 13.77 30.01
C5 BMA AA . 13.65 14.68 29.98
C6 BMA AA . 13.91 15.17 31.40
O2 BMA AA . 13.50 11.54 29.09
O3 BMA AA . 11.07 12.45 28.71
O4 BMA AA . 11.32 14.40 30.60
O5 BMA AA . 14.75 13.95 29.49
O6 BMA AA . 13.42 14.26 32.38
C1 MAN AA . 10.19 13.30 28.03
C2 MAN AA . 8.85 12.66 28.05
C3 MAN AA . 8.94 11.29 27.43
C4 MAN AA . 9.47 11.49 26.05
C5 MAN AA . 10.80 12.20 26.10
C6 MAN AA . 10.95 12.67 24.67
O2 MAN AA . 8.07 13.52 27.20
O3 MAN AA . 7.74 10.46 27.47
O4 MAN AA . 9.66 10.17 25.58
O5 MAN AA . 10.65 13.43 26.72
O6 MAN AA . 9.79 13.43 24.28
C1 NAG BA . -3.95 30.11 -27.92
C2 NAG BA . -3.00 30.60 -28.94
C3 NAG BA . -1.95 31.46 -28.37
C4 NAG BA . -2.58 32.66 -27.80
C5 NAG BA . -3.53 32.15 -26.77
C6 NAG BA . -3.98 33.34 -25.95
C7 NAG BA . -2.40 29.22 -30.63
C8 NAG BA . -2.05 27.86 -31.08
N2 NAG BA . -2.21 29.50 -29.38
O3 NAG BA . -1.31 31.96 -29.51
O4 NAG BA . -1.68 33.60 -27.21
O5 NAG BA . -4.50 31.30 -27.37
O6 NAG BA . -2.79 34.06 -25.56
O7 NAG BA . -2.85 30.02 -31.40
C1 NAG CA . -10.99 3.30 -43.15
C2 NAG CA . -12.00 3.97 -42.31
C3 NAG CA . -13.40 3.84 -42.76
C4 NAG CA . -13.45 4.42 -44.11
C5 NAG CA . -12.45 3.75 -44.99
C6 NAG CA . -12.41 4.56 -46.26
C7 NAG CA . -11.70 4.24 -40.11
C8 NAG CA . -12.32 4.00 -38.78
N2 NAG CA . -11.98 3.38 -41.03
O3 NAG CA . -14.04 4.78 -41.96
O4 NAG CA . -14.73 4.11 -44.61
O5 NAG CA . -11.17 3.88 -44.42
O6 NAG CA . -12.16 5.91 -45.87
O7 NAG CA . -11.01 5.20 -40.38
C1 NAG DA . -19.98 9.54 -21.10
C2 NAG DA . -21.12 8.59 -20.97
C3 NAG DA . -21.44 7.82 -22.17
C4 NAG DA . -21.79 8.73 -23.28
C5 NAG DA . -20.62 9.66 -23.38
C6 NAG DA . -20.85 10.43 -24.67
C7 NAG DA . -20.68 7.02 -19.30
C8 NAG DA . -19.82 5.87 -18.93
N2 NAG DA . -20.40 7.47 -20.47
O3 NAG DA . -22.67 7.25 -21.80
O4 NAG DA . -21.91 8.02 -24.52
O5 NAG DA . -20.35 10.37 -22.19
O6 NAG DA . -20.95 9.43 -25.70
O7 NAG DA . -21.51 7.54 -18.60
C1 NAG EA . -10.71 -29.43 -57.41
C2 NAG EA . -11.26 -30.69 -58.04
C3 NAG EA . -10.13 -31.66 -58.26
C4 NAG EA . -9.10 -31.01 -59.15
C5 NAG EA . -8.58 -29.74 -58.49
C6 NAG EA . -7.48 -29.00 -59.26
C7 NAG EA . -13.50 -31.13 -57.13
C8 NAG EA . -14.16 -31.12 -55.79
N2 NAG EA . -12.20 -31.31 -57.12
O3 NAG EA . -10.57 -32.83 -58.95
O4 NAG EA . -8.08 -31.96 -59.39
O5 NAG EA . -9.70 -28.88 -58.27
O6 NAG EA . -7.45 -29.31 -60.66
O7 NAG EA . -14.13 -31.00 -58.16
C1 NAG FA . 14.87 -7.89 -40.78
C2 NAG FA . 16.08 -7.72 -39.89
C3 NAG FA . 17.37 -7.49 -40.59
C4 NAG FA . 17.59 -8.69 -41.43
C5 NAG FA . 16.40 -8.86 -42.35
C6 NAG FA . 16.69 -10.09 -43.18
C7 NAG FA . 15.71 -6.97 -37.72
C8 NAG FA . 15.90 -5.90 -36.69
N2 NAG FA . 15.95 -6.64 -38.96
O3 NAG FA . 18.37 -7.49 -39.58
O4 NAG FA . 18.80 -8.62 -42.20
O5 NAG FA . 15.22 -9.00 -41.58
O6 NAG FA . 18.08 -10.14 -43.56
O7 NAG FA . 15.37 -8.10 -37.43
C1 NAG GA . -4.44 -30.77 -38.34
C2 NAG GA . -3.68 -32.06 -38.14
C3 NAG GA . -4.44 -33.29 -38.38
C4 NAG GA . -5.66 -33.24 -37.55
C5 NAG GA . -6.42 -31.94 -37.78
C6 NAG GA . -7.62 -31.87 -36.84
C7 NAG GA . -1.44 -32.25 -38.41
C8 NAG GA . -0.29 -31.67 -39.16
N2 NAG GA . -2.57 -32.17 -39.02
O3 NAG GA . -3.60 -34.23 -37.75
O4 NAG GA . -6.47 -34.36 -37.87
O5 NAG GA . -5.60 -30.81 -37.56
O6 NAG GA . -7.42 -32.69 -35.68
O7 NAG GA . -1.40 -32.66 -37.28
C1 NAG HA . -37.44 17.29 -0.94
C2 NAG HA . -38.74 16.73 -1.37
C3 NAG HA . -38.88 16.69 -2.84
C4 NAG HA . -38.83 18.07 -3.35
C5 NAG HA . -37.52 18.62 -2.91
C6 NAG HA . -37.29 19.91 -3.66
C7 NAG HA . -39.65 15.02 -0.21
C8 NAG HA . -39.45 13.77 0.53
N2 NAG HA . -38.76 15.34 -1.08
O3 NAG HA . -40.22 16.34 -3.01
O4 NAG HA . -38.96 18.20 -4.78
O5 NAG HA . -37.44 18.60 -1.49
O6 NAG HA . -37.54 19.64 -5.05
O7 NAG HA . -40.60 15.72 0.02
C1 NAG IA . -36.23 0.89 26.09
C2 NAG IA . -35.62 2.24 25.99
C3 NAG IA . -35.67 3.03 27.24
C4 NAG IA . -37.09 3.19 27.59
C5 NAG IA . -37.72 1.84 27.70
C6 NAG IA . -39.20 2.09 27.81
C7 NAG IA . -33.93 2.68 24.59
C8 NAG IA . -32.56 3.22 24.52
N2 NAG IA . -34.26 2.09 25.71
O3 NAG IA . -35.30 4.30 26.75
O4 NAG IA . -37.11 3.77 28.87
O5 NAG IA . -37.56 1.15 26.48
O6 NAG IA . -39.57 2.91 26.70
O7 NAG IA . -34.77 2.77 23.72
C1 NAG JA . -18.53 16.10 18.25
C2 NAG JA . -17.74 16.28 19.48
C3 NAG JA . -18.33 15.74 20.71
C4 NAG JA . -19.65 16.37 20.95
C5 NAG JA . -20.42 16.16 19.69
C6 NAG JA . -21.84 16.57 20.03
C7 NAG JA . -15.66 15.27 19.28
C8 NAG JA . -14.96 13.97 19.16
N2 NAG JA . -16.92 15.14 19.39
O3 NAG JA . -17.49 16.31 21.68
O4 NAG JA . -20.34 15.72 22.02
O5 NAG JA . -19.78 16.70 18.54
O6 NAG JA . -22.21 15.74 21.15
O7 NAG JA . -15.13 16.36 19.22
C1 NAG KA . -32.85 -24.47 50.97
C2 NAG KA . -32.68 -25.07 52.36
C3 NAG KA . -32.64 -26.57 52.25
C4 NAG KA . -33.91 -27.05 51.59
C5 NAG KA . -34.06 -26.41 50.23
C6 NAG KA . -35.29 -26.84 49.43
C7 NAG KA . -31.23 -23.59 53.71
C8 NAG KA . -29.96 -22.84 53.51
N2 NAG KA . -31.40 -24.63 52.90
O3 NAG KA . -32.58 -27.20 53.52
O4 NAG KA . -33.88 -28.46 51.56
O5 NAG KA . -34.05 -24.99 50.40
O6 NAG KA . -36.35 -27.36 50.24
O7 NAG KA . -32.05 -23.28 54.54
C1 NAG LA . -34.12 -24.43 13.66
C2 NAG LA . -33.67 -24.96 12.32
C3 NAG LA . -34.65 -25.87 11.64
C4 NAG LA . -34.84 -27.02 12.57
C5 NAG LA . -35.30 -26.49 13.90
C6 NAG LA . -35.49 -27.70 14.80
C7 NAG LA . -32.11 -23.75 11.11
C8 NAG LA . -31.77 -22.93 9.91
N2 NAG LA . -33.37 -23.95 11.36
O3 NAG LA . -33.98 -26.36 10.49
O4 NAG LA . -35.78 -27.99 12.07
O5 NAG LA . -34.33 -25.58 14.42
O6 NAG LA . -36.07 -28.79 14.05
O7 NAG LA . -31.25 -24.21 11.85
C1 NAG MA . -17.19 -25.78 38.43
C2 NAG MA . -16.55 -27.15 38.54
C3 NAG MA . -16.01 -27.50 39.87
C4 NAG MA . -15.07 -26.42 40.27
C5 NAG MA . -15.75 -25.06 40.17
C6 NAG MA . -14.73 -23.97 40.51
C7 NAG MA . -17.15 -28.92 37.25
C8 NAG MA . -18.30 -29.49 36.50
N2 NAG MA . -17.48 -28.20 38.27
O3 NAG MA . -15.19 -28.59 39.53
O4 NAG MA . -14.66 -26.68 41.60
O5 NAG MA . -16.26 -24.82 38.87
O6 NAG MA . -13.39 -24.41 40.28
O7 NAG MA . -15.99 -28.98 36.92
C1 NAG NA . -1.47 37.90 16.20
C2 NAG NA . -1.30 38.35 17.59
C3 NAG NA . -2.51 38.12 18.41
C4 NAG NA . -3.62 38.91 17.85
C5 NAG NA . -3.77 38.45 16.45
C6 NAG NA . -5.06 39.00 15.92
C7 NAG NA . 0.69 38.09 18.63
C8 NAG NA . 1.88 37.25 18.84
N2 NAG NA . -0.39 37.48 18.24
O3 NAG NA . -2.22 38.79 19.60
O4 NAG NA . -4.87 38.79 18.53
O5 NAG NA . -2.57 38.67 15.73
O6 NAG NA . -6.08 38.70 16.89
O7 NAG NA . 0.75 39.27 18.77
C1 NAG OA . 29.23 31.64 11.76
C2 NAG OA . 28.38 32.11 10.62
C3 NAG OA . 29.07 32.94 9.62
C4 NAG OA . 29.59 34.12 10.34
C5 NAG OA . 30.45 33.67 11.47
C6 NAG OA . 30.73 34.91 12.28
C7 NAG OA . 26.63 30.92 9.90
C8 NAG OA . 26.02 30.30 8.70
N2 NAG OA . 27.92 30.98 9.91
O3 NAG OA . 27.98 33.44 8.89
O4 NAG OA . 30.41 34.80 9.41
O5 NAG OA . 29.72 32.84 12.32
O6 NAG OA . 29.46 35.50 12.59
O7 NAG OA . 26.00 31.39 10.83
C1 NAG PA . 11.67 27.81 -5.08
C2 NAG PA . 12.47 27.64 -6.30
C3 NAG PA . 13.91 27.95 -6.18
C4 NAG PA . 14.08 29.35 -5.76
C5 NAG PA . 13.26 29.49 -4.51
C6 NAG PA . 13.63 30.83 -3.94
C7 NAG PA . 12.36 25.44 -7.06
C8 NAG PA . 12.74 24.04 -6.74
N2 NAG PA . 12.78 26.26 -6.17
O3 NAG PA . 14.30 27.94 -7.53
O4 NAG PA . 15.45 29.62 -5.42
O5 NAG PA . 11.89 29.16 -4.71
O6 NAG PA . 15.06 30.77 -3.75
O7 NAG PA . 11.69 25.79 -8.00
C1 NAG QA . 61.93 17.34 11.86
C2 NAG QA . 63.36 17.10 11.41
C3 NAG QA . 63.97 16.03 12.28
C4 NAG QA . 63.90 16.47 13.73
C5 NAG QA . 62.45 16.72 14.12
C6 NAG QA . 62.22 17.12 15.58
C7 NAG QA . 63.51 17.36 8.97
C8 NAG QA . 62.73 16.94 7.78
N2 NAG QA . 63.35 16.61 10.05
O3 NAG QA . 65.34 15.83 11.99
O4 NAG QA . 64.53 15.48 14.51
O5 NAG QA . 61.93 17.71 13.24
O6 NAG QA . 63.39 17.69 16.20
O7 NAG QA . 64.24 18.33 8.95
C1 NAG RA . 30.26 10.40 30.39
C2 NAG RA . 29.28 9.43 31.02
C3 NAG RA . 29.33 9.36 32.51
C4 NAG RA . 30.70 8.92 32.85
C5 NAG RA . 31.68 9.88 32.23
C6 NAG RA . 33.07 9.39 32.61
C7 NAG RA . 27.35 8.90 29.84
C8 NAG RA . 25.86 8.96 29.73
N2 NAG RA . 27.92 9.71 30.71
O3 NAG RA . 28.45 8.32 32.89
O4 NAG RA . 30.94 8.82 34.26
O5 NAG RA . 31.51 9.92 30.82
O6 NAG RA . 33.08 8.90 33.96
O7 NAG RA . 28.03 8.14 29.18
C1 NAG SA . 48.64 2.76 7.90
C2 NAG SA . 49.26 1.41 8.18
C3 NAG SA . 50.45 1.07 7.38
C4 NAG SA . 50.10 1.23 5.96
C5 NAG SA . 49.49 2.60 5.68
C6 NAG SA . 49.05 2.69 4.23
C7 NAG SA . 49.13 0.36 10.18
C8 NAG SA . 49.00 0.62 11.64
N2 NAG SA . 49.73 1.30 9.52
O3 NAG SA . 50.52 -0.32 7.60
O4 NAG SA . 51.27 1.04 5.18
O5 NAG SA . 48.38 2.85 6.52
O6 NAG SA . 48.80 1.40 3.68
O7 NAG SA . 48.64 -0.57 9.59
#